data_3J07
#
_entry.id   3J07
#
_cell.length_a   1.000
_cell.length_b   1.000
_cell.length_c   1.000
_cell.angle_alpha   90.00
_cell.angle_beta   90.00
_cell.angle_gamma   90.00
#
_symmetry.space_group_name_H-M   'P 1'
#
_entity_poly.entity_id   1
_entity_poly.type   'polypeptide(L)'
_entity_poly.pdbx_seq_one_letter_code
;MDIAIHHPWIRRPFFPFHSPSRLFDQFFGEHLLESDLFPTSTSLSPFYLRPPSFLRAPSWFDTGLSEMRLEKDRFSVNLD
VKHFSPEELKVKVLGDVIEVHGKHEERQDEHGFISREFHRKYRIPADVDPLTITSSLSSDGVLTVNGPRKQVSGPERTIP
ITREEKPAVTAAPKK
;
_entity_poly.pdbx_strand_id   A,B,C,D,E,F,G,H,I,J,K,L,M,N,O,P,Q,R,S,T,U,V,W,X
#
# COMPACT_ATOMS: atom_id res chain seq x y z
N MET A 1 -20.96 0.83 15.01
CA MET A 1 -21.09 2.27 15.35
C MET A 1 -21.89 2.98 14.27
N ASP A 2 -22.02 2.32 13.12
CA ASP A 2 -22.76 2.88 11.98
C ASP A 2 -22.63 4.39 11.93
N ILE A 3 -21.49 4.87 11.45
CA ILE A 3 -21.24 6.31 11.36
C ILE A 3 -22.26 6.97 10.44
N ALA A 4 -22.93 6.17 9.61
CA ALA A 4 -23.92 6.68 8.68
C ALA A 4 -25.34 6.63 9.27
N ILE A 5 -25.46 6.14 10.50
CA ILE A 5 -26.75 6.05 11.16
C ILE A 5 -26.71 6.63 12.57
N HIS A 6 -25.83 6.09 13.41
CA HIS A 6 -25.70 6.55 14.79
C HIS A 6 -25.30 8.01 14.87
N HIS A 7 -24.43 8.47 13.98
CA HIS A 7 -23.97 9.85 14.00
C HIS A 7 -25.14 10.82 13.75
N PRO A 8 -25.90 10.65 12.64
CA PRO A 8 -27.03 11.53 12.33
C PRO A 8 -28.23 11.31 13.24
N TRP A 9 -28.35 10.10 13.80
CA TRP A 9 -29.46 9.78 14.69
C TRP A 9 -29.21 10.32 16.08
N ILE A 10 -27.98 10.16 16.57
CA ILE A 10 -27.62 10.66 17.89
C ILE A 10 -27.70 12.18 17.89
N ARG A 11 -27.38 12.78 16.77
CA ARG A 11 -27.44 14.23 16.65
C ARG A 11 -28.88 14.68 16.44
N ARG A 12 -29.83 13.80 16.74
CA ARG A 12 -31.25 14.14 16.59
C ARG A 12 -31.81 14.69 17.90
N PRO A 13 -31.79 13.90 19.01
CA PRO A 13 -32.31 14.37 20.28
C PRO A 13 -31.32 15.30 20.97
N PHE A 14 -30.63 16.11 20.17
CA PHE A 14 -29.64 17.03 20.71
C PHE A 14 -29.80 18.43 20.13
N PHE A 15 -30.62 18.60 19.07
CA PHE A 15 -30.76 19.92 18.48
C PHE A 15 -31.23 20.94 19.52
N PRO A 16 -32.36 20.70 20.19
CA PRO A 16 -32.87 21.61 21.22
C PRO A 16 -31.86 21.92 22.35
N PHE A 17 -30.67 21.30 22.28
CA PHE A 17 -29.61 21.53 23.27
C PHE A 17 -28.40 22.13 22.57
N HIS A 18 -28.41 22.00 21.25
CA HIS A 18 -27.34 22.49 20.40
C HIS A 18 -27.03 23.96 20.69
N SER A 19 -26.04 24.48 19.98
CA SER A 19 -25.62 25.86 20.16
C SER A 19 -25.20 26.14 21.61
N PRO A 20 -24.50 25.18 22.28
CA PRO A 20 -24.05 25.34 23.63
C PRO A 20 -22.58 25.75 23.65
N SER A 21 -22.17 26.45 22.60
CA SER A 21 -20.79 26.89 22.44
C SER A 21 -19.89 25.68 22.17
N ARG A 22 -19.29 25.65 20.98
CA ARG A 22 -18.42 24.54 20.60
C ARG A 22 -17.35 24.29 21.65
N LEU A 23 -17.10 25.31 22.47
CA LEU A 23 -16.10 25.21 23.53
C LEU A 23 -16.76 25.42 24.89
N PHE A 24 -17.85 24.69 25.10
CA PHE A 24 -18.62 24.79 26.35
C PHE A 24 -17.80 24.39 27.57
N ASP A 25 -16.96 23.37 27.42
CA ASP A 25 -16.14 22.88 28.52
C ASP A 25 -15.12 23.91 29.00
N GLN A 26 -14.77 24.86 28.13
CA GLN A 26 -13.79 25.88 28.49
C GLN A 26 -14.46 27.22 28.80
N PHE A 27 -15.51 27.55 28.07
CA PHE A 27 -16.22 28.80 28.28
C PHE A 27 -16.75 28.89 29.71
N PHE A 28 -17.61 27.96 30.08
CA PHE A 28 -18.17 27.93 31.43
C PHE A 28 -17.08 27.61 32.43
N GLY A 29 -16.10 26.80 32.01
CA GLY A 29 -15.00 26.45 32.89
C GLY A 29 -14.25 27.65 33.40
N GLU A 30 -14.23 28.72 32.61
CA GLU A 30 -13.56 29.95 32.99
C GLU A 30 -14.39 30.74 33.99
N HIS A 31 -15.71 30.77 33.75
CA HIS A 31 -16.62 31.50 34.63
C HIS A 31 -16.72 30.81 35.99
N LEU A 32 -16.52 29.50 36.01
CA LEU A 32 -16.57 28.74 37.25
C LEU A 32 -15.26 28.88 38.00
N LEU A 33 -14.19 29.15 37.27
CA LEU A 33 -12.88 29.33 37.85
C LEU A 33 -12.75 30.73 38.44
N GLU A 34 -13.58 31.65 37.94
CA GLU A 34 -13.58 33.03 38.41
C GLU A 34 -14.33 33.14 39.74
N SER A 35 -15.40 32.36 39.87
CA SER A 35 -16.21 32.37 41.07
C SER A 35 -15.62 31.44 42.13
N ASP A 36 -14.56 30.72 41.76
CA ASP A 36 -13.89 29.80 42.67
C ASP A 36 -12.71 30.48 43.34
N LEU A 37 -12.46 31.73 42.97
CA LEU A 37 -11.36 32.49 43.54
C LEU A 37 -11.82 33.31 44.73
N PHE A 38 -12.75 34.22 44.50
CA PHE A 38 -13.29 35.08 45.55
C PHE A 38 -14.81 35.09 45.52
N PRO A 39 -15.48 35.07 46.70
CA PRO A 39 -16.95 35.10 46.76
C PRO A 39 -17.50 36.23 45.91
N THR A 40 -17.90 35.90 44.68
CA THR A 40 -18.40 36.88 43.73
C THR A 40 -19.85 37.30 43.99
N SER A 41 -20.05 38.07 45.06
CA SER A 41 -21.37 38.61 45.42
C SER A 41 -22.52 37.63 45.20
N THR A 42 -22.26 36.33 45.32
CA THR A 42 -23.32 35.34 45.15
C THR A 42 -23.83 34.91 46.51
N SER A 43 -24.79 34.00 46.54
CA SER A 43 -25.29 33.48 47.80
C SER A 43 -24.31 32.43 48.28
N LEU A 44 -23.03 32.75 48.14
CA LEU A 44 -21.95 31.86 48.49
C LEU A 44 -22.02 30.62 47.63
N SER A 45 -21.03 29.74 47.70
CA SER A 45 -21.03 28.54 46.88
C SER A 45 -19.83 27.65 47.17
N PRO A 46 -20.07 26.40 47.63
CA PRO A 46 -18.98 25.47 47.87
C PRO A 46 -18.34 25.12 46.55
N PHE A 47 -19.19 24.93 45.55
CA PHE A 47 -18.77 24.62 44.19
C PHE A 47 -19.97 24.64 43.24
N TYR A 48 -20.96 25.49 43.52
CA TYR A 48 -22.13 25.60 42.66
C TYR A 48 -21.72 26.20 41.33
N LEU A 49 -22.11 25.54 40.24
CA LEU A 49 -21.76 26.00 38.91
C LEU A 49 -22.99 26.28 38.07
N ARG A 50 -23.11 27.52 37.58
CA ARG A 50 -24.24 27.92 36.74
C ARG A 50 -24.24 27.16 35.43
N PRO A 51 -25.13 26.16 35.27
CA PRO A 51 -25.22 25.36 34.06
C PRO A 51 -26.32 25.86 33.11
N PRO A 52 -26.24 25.50 31.82
CA PRO A 52 -27.25 25.91 30.83
C PRO A 52 -28.54 25.14 31.04
N SER A 53 -29.56 25.82 31.58
CA SER A 53 -30.85 25.20 31.85
C SER A 53 -31.96 25.84 31.03
N PHE A 54 -33.08 25.15 30.96
CA PHE A 54 -34.24 25.63 30.22
C PHE A 54 -35.23 26.32 31.14
N LEU A 55 -34.96 26.23 32.45
CA LEU A 55 -35.80 26.87 33.44
C LEU A 55 -35.74 28.38 33.25
N ARG A 56 -36.88 28.99 32.93
CA ARG A 56 -36.95 30.42 32.70
C ARG A 56 -37.16 31.21 33.98
N ALA A 57 -37.97 30.68 34.89
CA ALA A 57 -38.26 31.38 36.15
C ALA A 57 -37.11 31.29 37.15
N PRO A 58 -36.67 30.07 37.55
CA PRO A 58 -35.62 29.91 38.53
C PRO A 58 -34.23 29.71 37.92
N SER A 59 -33.20 29.98 38.72
CA SER A 59 -31.82 29.81 38.30
C SER A 59 -31.23 28.58 38.96
N TRP A 60 -30.88 27.58 38.15
CA TRP A 60 -30.34 26.33 38.67
C TRP A 60 -28.82 26.38 38.83
N PHE A 61 -28.31 25.68 39.84
CA PHE A 61 -26.88 25.62 40.12
C PHE A 61 -26.47 24.18 40.43
N ASP A 62 -25.40 23.70 39.80
CA ASP A 62 -24.92 22.34 40.03
C ASP A 62 -24.39 22.23 41.45
N THR A 63 -25.02 21.37 42.26
CA THR A 63 -24.62 21.21 43.66
C THR A 63 -24.51 19.76 44.09
N GLY A 64 -24.01 19.55 45.30
CA GLY A 64 -23.87 18.23 45.87
C GLY A 64 -24.96 17.93 46.88
N LEU A 65 -24.65 18.18 48.16
CA LEU A 65 -25.60 17.95 49.25
C LEU A 65 -25.93 16.47 49.44
N SER A 66 -26.67 15.90 48.49
CA SER A 66 -27.06 14.50 48.55
C SER A 66 -25.89 13.55 48.28
N GLU A 67 -24.67 13.98 48.63
CA GLU A 67 -23.49 13.15 48.45
C GLU A 67 -22.54 13.31 49.64
N MET A 68 -23.08 13.81 50.75
CA MET A 68 -22.29 14.01 51.96
C MET A 68 -23.00 13.43 53.18
N ARG A 69 -24.24 13.88 53.40
CA ARG A 69 -25.04 13.40 54.53
C ARG A 69 -26.48 13.16 54.10
N LEU A 70 -27.27 12.50 54.95
CA LEU A 70 -28.66 12.23 54.62
C LEU A 70 -29.54 12.01 55.85
N GLU A 71 -29.60 10.77 56.35
CA GLU A 71 -30.44 10.46 57.51
C GLU A 71 -29.62 9.97 58.71
N LYS A 72 -29.30 10.91 59.61
CA LYS A 72 -28.55 10.61 60.82
C LYS A 72 -29.13 11.38 62.01
N ASP A 73 -28.71 11.02 63.23
CA ASP A 73 -29.24 11.71 64.42
C ASP A 73 -28.21 11.84 65.55
N ARG A 74 -28.16 10.85 66.43
CA ARG A 74 -27.26 10.86 67.58
C ARG A 74 -27.27 9.51 68.29
N PHE A 75 -26.93 8.46 67.56
CA PHE A 75 -26.96 7.12 68.10
C PHE A 75 -25.60 6.42 68.04
N SER A 76 -25.65 5.09 67.99
CA SER A 76 -24.45 4.28 67.93
C SER A 76 -24.59 3.21 66.86
N VAL A 77 -23.74 3.29 65.83
CA VAL A 77 -23.77 2.31 64.76
C VAL A 77 -23.18 1.01 65.26
N ASN A 78 -23.61 -0.12 64.70
CA ASN A 78 -23.10 -1.42 65.12
C ASN A 78 -22.69 -2.28 63.94
N LEU A 79 -21.45 -2.74 63.98
CA LEU A 79 -20.90 -3.59 62.92
C LEU A 79 -21.55 -4.97 62.97
N ASP A 80 -21.21 -5.83 62.03
CA ASP A 80 -21.82 -7.16 61.97
C ASP A 80 -20.79 -8.28 62.03
N VAL A 81 -20.93 -9.12 63.04
CA VAL A 81 -20.09 -10.30 63.23
C VAL A 81 -20.98 -11.41 63.80
N LYS A 82 -21.74 -12.03 62.91
CA LYS A 82 -22.69 -13.09 63.25
C LYS A 82 -22.16 -14.04 64.33
N HIS A 83 -20.94 -14.52 64.15
CA HIS A 83 -20.35 -15.44 65.11
C HIS A 83 -19.22 -14.77 65.89
N PHE A 84 -19.21 -15.00 67.19
CA PHE A 84 -18.21 -14.42 68.08
C PHE A 84 -16.79 -14.72 67.64
N SER A 85 -15.94 -13.71 67.71
CA SER A 85 -14.54 -13.82 67.36
C SER A 85 -13.74 -12.72 68.06
N PRO A 86 -13.88 -12.62 69.41
CA PRO A 86 -13.21 -11.58 70.21
C PRO A 86 -11.71 -11.47 69.93
N GLU A 87 -10.98 -12.54 70.19
CA GLU A 87 -9.54 -12.55 70.00
C GLU A 87 -9.15 -12.49 68.53
N GLU A 88 -10.04 -12.94 67.65
CA GLU A 88 -9.75 -12.97 66.22
C GLU A 88 -10.45 -11.84 65.45
N LEU A 89 -10.71 -10.72 66.11
CA LEU A 89 -11.33 -9.58 65.44
C LEU A 89 -10.55 -8.30 65.69
N LYS A 90 -10.52 -7.43 64.71
CA LYS A 90 -9.81 -6.17 64.82
C LYS A 90 -10.64 -5.02 64.26
N VAL A 91 -11.05 -4.11 65.15
CA VAL A 91 -11.83 -2.96 64.74
C VAL A 91 -10.91 -1.78 64.47
N LYS A 92 -11.09 -1.14 63.32
CA LYS A 92 -10.24 0.00 62.96
C LYS A 92 -11.07 1.23 62.63
N VAL A 93 -10.73 2.33 63.29
CA VAL A 93 -11.40 3.60 63.06
C VAL A 93 -10.47 4.55 62.31
N LEU A 94 -10.33 4.31 61.01
CA LEU A 94 -9.48 5.14 60.17
C LEU A 94 -10.23 6.36 59.66
N GLY A 95 -10.27 7.40 60.49
CA GLY A 95 -10.96 8.62 60.11
C GLY A 95 -12.46 8.44 60.15
N ASP A 96 -13.13 8.88 59.10
CA ASP A 96 -14.59 8.77 59.03
C ASP A 96 -14.98 7.43 58.42
N VAL A 97 -14.07 6.46 58.52
CA VAL A 97 -14.32 5.13 57.99
C VAL A 97 -14.17 4.05 59.05
N ILE A 98 -15.30 3.45 59.43
CA ILE A 98 -15.30 2.40 60.44
C ILE A 98 -15.31 1.03 59.76
N GLU A 99 -14.37 0.18 60.15
CA GLU A 99 -14.28 -1.17 59.58
C GLU A 99 -14.07 -2.22 60.65
N VAL A 100 -14.50 -3.44 60.36
CA VAL A 100 -14.35 -4.56 61.28
C VAL A 100 -13.77 -5.76 60.55
N HIS A 101 -12.80 -6.42 61.17
CA HIS A 101 -12.17 -7.59 60.58
C HIS A 101 -12.17 -8.75 61.56
N GLY A 102 -13.20 -9.58 61.49
CA GLY A 102 -13.29 -10.73 62.40
C GLY A 102 -13.37 -12.04 61.66
N LYS A 103 -12.45 -12.95 61.97
CA LYS A 103 -12.42 -14.26 61.33
C LYS A 103 -12.42 -15.37 62.38
N HIS A 104 -13.42 -16.23 62.33
CA HIS A 104 -13.53 -17.32 63.27
C HIS A 104 -13.84 -18.65 62.58
N GLU A 105 -13.13 -19.69 62.96
CA GLU A 105 -13.34 -21.01 62.38
C GLU A 105 -14.45 -21.74 63.13
N GLU A 106 -15.62 -21.84 62.49
CA GLU A 106 -16.76 -22.51 63.11
C GLU A 106 -17.07 -23.84 62.44
N ARG A 107 -16.70 -23.98 61.18
CA ARG A 107 -16.93 -25.22 60.44
C ARG A 107 -15.66 -26.05 60.40
N GLN A 108 -15.79 -27.34 60.72
CA GLN A 108 -14.63 -28.23 60.73
C GLN A 108 -14.91 -29.51 59.94
N ASP A 109 -13.86 -30.01 59.27
CA ASP A 109 -13.96 -31.24 58.49
C ASP A 109 -12.91 -32.25 58.96
N GLU A 110 -12.66 -33.27 58.13
CA GLU A 110 -11.66 -34.29 58.47
C GLU A 110 -10.30 -33.66 58.71
N HIS A 111 -9.64 -33.23 57.63
CA HIS A 111 -8.33 -32.60 57.74
C HIS A 111 -8.38 -31.19 57.16
N GLY A 112 -9.59 -30.66 57.03
CA GLY A 112 -9.77 -29.33 56.52
C GLY A 112 -10.60 -28.47 57.44
N PHE A 113 -10.07 -27.32 57.83
CA PHE A 113 -10.78 -26.43 58.73
C PHE A 113 -11.31 -25.21 57.98
N ILE A 114 -12.61 -24.97 58.09
CA ILE A 114 -13.24 -23.83 57.44
C ILE A 114 -13.22 -22.62 58.36
N SER A 115 -13.00 -21.45 57.79
CA SER A 115 -12.96 -20.22 58.57
C SER A 115 -13.83 -19.13 57.94
N ARG A 116 -14.80 -18.66 58.71
CA ARG A 116 -15.69 -17.60 58.24
C ARG A 116 -15.12 -16.24 58.62
N GLU A 117 -15.38 -15.24 57.79
CA GLU A 117 -14.87 -13.90 58.06
C GLU A 117 -15.89 -12.82 57.68
N PHE A 118 -16.13 -11.91 58.60
CA PHE A 118 -17.06 -10.81 58.38
C PHE A 118 -16.30 -9.49 58.33
N HIS A 119 -16.40 -8.79 57.21
CA HIS A 119 -15.70 -7.51 57.06
C HIS A 119 -16.65 -6.41 56.60
N ARG A 120 -16.86 -5.44 57.48
CA ARG A 120 -17.74 -4.31 57.17
C ARG A 120 -16.93 -3.07 56.80
N LYS A 121 -17.43 -2.34 55.81
CA LYS A 121 -16.77 -1.12 55.35
C LYS A 121 -17.74 0.05 55.44
N TYR A 122 -17.63 0.82 56.51
CA TYR A 122 -18.51 1.96 56.72
C TYR A 122 -17.81 3.28 56.45
N ARG A 123 -18.34 4.05 55.51
CA ARG A 123 -17.80 5.37 55.19
C ARG A 123 -18.83 6.42 55.59
N ILE A 124 -19.15 6.45 56.87
CA ILE A 124 -20.13 7.38 57.41
C ILE A 124 -19.48 8.55 58.14
N PRO A 125 -19.21 9.67 57.44
CA PRO A 125 -18.60 10.85 58.06
C PRO A 125 -19.56 11.55 59.01
N ALA A 126 -20.83 11.60 58.63
CA ALA A 126 -21.85 12.26 59.44
C ALA A 126 -22.27 11.38 60.62
N ASP A 127 -21.57 10.26 60.79
CA ASP A 127 -21.87 9.35 61.89
C ASP A 127 -20.62 9.00 62.66
N VAL A 128 -19.45 9.31 62.09
CA VAL A 128 -18.19 8.98 62.73
C VAL A 128 -17.26 10.18 62.93
N ASP A 129 -16.53 10.10 64.03
CA ASP A 129 -15.53 11.08 64.42
C ASP A 129 -14.49 10.33 65.25
N PRO A 130 -13.39 9.88 64.60
CA PRO A 130 -12.34 9.08 65.25
C PRO A 130 -11.99 9.53 66.67
N LEU A 131 -12.09 10.83 66.93
CA LEU A 131 -11.76 11.37 68.23
C LEU A 131 -12.67 10.85 69.35
N THR A 132 -13.97 10.79 69.09
CA THR A 132 -14.92 10.36 70.12
C THR A 132 -15.49 8.96 69.88
N ILE A 133 -15.77 8.62 68.63
CA ILE A 133 -16.35 7.32 68.31
C ILE A 133 -15.50 6.17 68.85
N THR A 134 -16.10 5.38 69.75
CA THR A 134 -15.43 4.23 70.35
C THR A 134 -16.04 2.94 69.83
N SER A 135 -15.69 1.82 70.47
CA SER A 135 -16.22 0.53 70.06
C SER A 135 -16.52 -0.36 71.26
N SER A 136 -17.60 -1.13 71.16
CA SER A 136 -18.00 -2.05 72.22
C SER A 136 -18.38 -3.40 71.61
N LEU A 137 -17.71 -4.45 72.04
CA LEU A 137 -17.97 -5.79 71.51
C LEU A 137 -18.86 -6.61 72.44
N SER A 138 -19.67 -7.47 71.83
CA SER A 138 -20.56 -8.36 72.57
C SER A 138 -19.98 -9.77 72.58
N SER A 139 -20.64 -10.69 73.27
CA SER A 139 -20.17 -12.07 73.36
C SER A 139 -20.59 -12.89 72.14
N ASP A 140 -21.47 -12.34 71.31
CA ASP A 140 -21.94 -13.04 70.12
C ASP A 140 -21.25 -12.51 68.87
N GLY A 141 -20.49 -11.42 69.04
CA GLY A 141 -19.79 -10.83 67.92
C GLY A 141 -20.36 -9.48 67.54
N VAL A 142 -21.52 -9.16 68.09
CA VAL A 142 -22.18 -7.90 67.81
C VAL A 142 -21.31 -6.71 68.22
N LEU A 143 -20.64 -6.11 67.25
CA LEU A 143 -19.79 -4.95 67.50
C LEU A 143 -20.64 -3.69 67.41
N THR A 144 -20.41 -2.74 68.32
CA THR A 144 -21.18 -1.51 68.33
C THR A 144 -20.31 -0.28 68.58
N VAL A 145 -20.15 0.53 67.55
CA VAL A 145 -19.38 1.76 67.66
C VAL A 145 -20.29 2.90 68.12
N ASN A 146 -20.10 3.33 69.36
CA ASN A 146 -20.94 4.39 69.94
C ASN A 146 -20.20 5.72 69.99
N GLY A 147 -20.98 6.80 70.02
CA GLY A 147 -20.42 8.14 70.08
C GLY A 147 -21.22 9.14 69.27
N PRO A 148 -20.92 10.45 69.39
CA PRO A 148 -21.61 11.51 68.64
C PRO A 148 -21.40 11.37 67.14
N ARG A 149 -21.50 12.48 66.40
CA ARG A 149 -21.34 12.45 64.96
C ARG A 149 -21.22 13.86 64.37
N LYS A 150 -21.70 14.00 63.12
CA LYS A 150 -21.68 15.27 62.39
C LYS A 150 -20.29 15.52 61.79
N GLN A 151 -20.17 15.25 60.49
CA GLN A 151 -18.92 15.45 59.76
C GLN A 151 -19.06 14.99 58.31
N VAL A 152 -18.17 15.45 57.45
CA VAL A 152 -18.19 15.07 56.04
C VAL A 152 -16.80 14.66 55.57
N SER A 153 -16.73 13.59 54.79
CA SER A 153 -15.47 13.09 54.27
C SER A 153 -15.65 12.47 52.89
N GLY A 154 -14.62 11.82 52.40
CA GLY A 154 -14.67 11.19 51.10
C GLY A 154 -13.35 11.29 50.36
N PRO A 155 -12.52 10.23 50.37
CA PRO A 155 -11.21 10.25 49.70
C PRO A 155 -11.30 10.26 48.18
N GLU A 156 -10.85 11.36 47.59
CA GLU A 156 -10.84 11.52 46.14
C GLU A 156 -9.40 11.76 45.67
N ARG A 157 -9.18 11.77 44.37
CA ARG A 157 -7.85 12.01 43.83
C ARG A 157 -7.87 13.06 42.73
N THR A 158 -8.29 14.27 43.11
CA THR A 158 -8.35 15.37 42.15
C THR A 158 -7.44 16.51 42.61
N ILE A 159 -6.15 16.34 42.38
CA ILE A 159 -5.16 17.36 42.75
C ILE A 159 -4.20 17.64 41.59
N PRO A 160 -4.63 18.42 40.60
CA PRO A 160 -3.79 18.76 39.45
C PRO A 160 -2.70 19.76 39.82
N ILE A 161 -1.49 19.26 40.02
CA ILE A 161 -0.36 20.11 40.38
C ILE A 161 0.30 20.68 39.13
N THR A 162 1.29 21.55 39.31
CA THR A 162 2.01 22.18 38.21
C THR A 162 1.26 23.38 37.65
N ARG A 163 1.90 24.09 36.72
CA ARG A 163 1.35 25.31 36.14
C ARG A 163 1.18 26.33 37.24
N GLU A 164 2.01 27.36 37.21
CA GLU A 164 1.99 28.34 38.26
C GLU A 164 2.64 29.67 37.87
N GLU A 165 2.29 30.18 36.70
CA GLU A 165 2.82 31.48 36.23
C GLU A 165 4.35 31.50 36.12
N LYS A 166 4.86 32.00 34.99
CA LYS A 166 6.32 32.15 34.75
C LYS A 166 7.08 30.85 34.46
N PRO A 167 6.81 30.18 33.32
CA PRO A 167 7.52 28.96 32.90
C PRO A 167 8.35 29.20 31.63
N ALA A 168 7.77 28.81 30.48
CA ALA A 168 8.36 28.97 29.15
C ALA A 168 9.26 27.81 28.74
N VAL A 169 8.98 27.29 27.55
CA VAL A 169 9.76 26.22 26.95
C VAL A 169 10.03 26.59 25.50
N THR A 170 10.70 25.73 24.76
CA THR A 170 10.99 26.03 23.37
C THR A 170 11.29 24.77 22.59
N ALA A 171 11.38 24.91 21.28
CA ALA A 171 11.67 23.80 20.40
C ALA A 171 12.29 24.31 19.10
N ALA A 172 12.32 23.45 18.10
CA ALA A 172 12.88 23.82 16.80
C ALA A 172 12.56 22.75 15.76
N PRO A 173 12.61 23.10 14.45
CA PRO A 173 12.33 22.15 13.38
C PRO A 173 13.27 20.96 13.41
N LYS A 174 12.74 19.78 13.16
CA LYS A 174 13.53 18.56 13.16
C LYS A 174 13.03 17.57 12.10
N LYS A 175 13.81 16.52 11.85
CA LYS A 175 13.42 15.51 10.85
C LYS A 175 14.36 14.29 10.94
N MET B 1 8.13 -16.01 21.34
CA MET B 1 7.14 -15.14 22.05
C MET B 1 6.46 -14.18 21.07
N ASP B 2 6.08 -14.70 19.91
CA ASP B 2 5.41 -13.89 18.90
C ASP B 2 3.99 -13.54 19.34
N ILE B 3 3.88 -12.46 20.12
CA ILE B 3 2.58 -12.01 20.61
C ILE B 3 1.73 -11.40 19.49
N ALA B 4 2.40 -10.84 18.49
CA ALA B 4 1.71 -10.21 17.37
C ALA B 4 1.68 -11.12 16.13
N ILE B 5 1.93 -12.41 16.34
CA ILE B 5 1.94 -13.37 15.24
C ILE B 5 1.24 -14.66 15.62
N HIS B 6 1.76 -15.33 16.64
CA HIS B 6 1.20 -16.60 17.09
C HIS B 6 -0.15 -16.42 17.80
N HIS B 7 -0.23 -15.40 18.67
CA HIS B 7 -1.46 -15.14 19.41
C HIS B 7 -2.68 -15.04 18.49
N PRO B 8 -2.64 -14.21 17.43
CA PRO B 8 -3.77 -14.06 16.50
C PRO B 8 -3.87 -15.23 15.53
N TRP B 9 -2.84 -16.08 15.52
CA TRP B 9 -2.81 -17.24 14.65
C TRP B 9 -3.36 -18.48 15.35
N ILE B 10 -3.31 -18.48 16.68
CA ILE B 10 -3.80 -19.61 17.47
C ILE B 10 -5.28 -19.43 17.79
N ARG B 11 -5.72 -18.18 17.83
CA ARG B 11 -7.11 -17.87 18.11
C ARG B 11 -7.95 -17.96 16.84
N ARG B 12 -7.26 -18.13 15.71
CA ARG B 12 -7.92 -18.23 14.42
C ARG B 12 -8.66 -19.57 14.27
N PRO B 13 -7.98 -20.72 14.52
CA PRO B 13 -8.61 -22.04 14.41
C PRO B 13 -9.68 -22.26 15.47
N PHE B 14 -9.74 -21.35 16.44
CA PHE B 14 -10.73 -21.44 17.51
C PHE B 14 -12.03 -20.75 17.10
N PHE B 15 -11.96 -19.97 16.03
CA PHE B 15 -13.13 -19.24 15.54
C PHE B 15 -14.25 -20.17 15.06
N PRO B 16 -13.92 -21.25 14.31
CA PRO B 16 -14.94 -22.20 13.83
C PRO B 16 -15.85 -22.70 14.95
N PHE B 17 -15.43 -22.47 16.20
CA PHE B 17 -16.21 -22.87 17.36
C PHE B 17 -16.04 -21.85 18.50
N HIS B 18 -15.99 -20.58 18.12
CA HIS B 18 -15.80 -19.50 19.10
C HIS B 18 -17.10 -18.74 19.34
N SER B 19 -17.02 -17.73 20.23
CA SER B 19 -18.14 -16.87 20.59
C SER B 19 -19.02 -17.37 21.75
N PRO B 20 -18.74 -18.52 22.42
CA PRO B 20 -19.56 -19.00 23.53
C PRO B 20 -19.14 -18.36 24.85
N SER B 21 -17.86 -18.53 25.21
CA SER B 21 -17.32 -17.96 26.44
C SER B 21 -15.79 -18.01 26.41
N ARG B 22 -15.14 -17.71 27.54
CA ARG B 22 -13.68 -17.75 27.58
C ARG B 22 -13.16 -19.08 28.12
N LEU B 23 -13.98 -19.82 28.87
CA LEU B 23 -13.53 -21.11 29.41
C LEU B 23 -14.53 -22.23 29.14
N PHE B 24 -14.25 -22.98 28.08
CA PHE B 24 -15.06 -24.10 27.61
C PHE B 24 -14.61 -25.39 28.29
N ASP B 25 -14.81 -25.51 29.61
CA ASP B 25 -14.36 -26.72 30.29
C ASP B 25 -15.17 -27.09 31.54
N GLN B 26 -15.25 -26.19 32.53
CA GLN B 26 -15.92 -26.52 33.78
C GLN B 26 -17.45 -26.55 33.71
N PHE B 27 -18.08 -25.90 32.74
CA PHE B 27 -19.54 -25.95 32.67
C PHE B 27 -19.95 -27.30 32.13
N PHE B 28 -19.31 -27.69 31.03
CA PHE B 28 -19.56 -28.98 30.43
C PHE B 28 -18.98 -30.06 31.32
N GLY B 29 -18.05 -29.65 32.19
CA GLY B 29 -17.42 -30.58 33.11
C GLY B 29 -18.23 -30.79 34.37
N GLU B 30 -18.90 -29.73 34.81
CA GLU B 30 -19.74 -29.81 36.00
C GLU B 30 -21.11 -30.34 35.64
N HIS B 31 -21.51 -30.11 34.39
CA HIS B 31 -22.79 -30.58 33.89
C HIS B 31 -22.75 -32.10 33.82
N LEU B 32 -21.60 -32.60 33.39
CA LEU B 32 -21.38 -34.04 33.29
C LEU B 32 -21.10 -34.61 34.67
N LEU B 33 -20.60 -33.75 35.56
CA LEU B 33 -20.29 -34.17 36.92
C LEU B 33 -21.57 -34.44 37.70
N GLU B 34 -22.52 -33.52 37.59
CA GLU B 34 -23.79 -33.66 38.29
C GLU B 34 -24.70 -34.65 37.57
N SER B 35 -24.29 -35.07 36.38
CA SER B 35 -25.07 -36.02 35.59
C SER B 35 -24.45 -37.42 35.64
N ASP B 36 -23.15 -37.48 35.94
CA ASP B 36 -22.45 -38.76 36.02
C ASP B 36 -22.52 -39.32 37.43
N LEU B 37 -22.71 -38.44 38.40
CA LEU B 37 -22.82 -38.86 39.80
C LEU B 37 -24.23 -39.33 40.10
N PHE B 38 -25.08 -39.29 39.07
CA PHE B 38 -26.46 -39.71 39.20
C PHE B 38 -26.72 -40.97 38.37
N PRO B 39 -27.37 -42.00 38.95
CA PRO B 39 -27.67 -43.25 38.25
C PRO B 39 -28.38 -43.03 36.92
N THR B 40 -27.61 -42.95 35.84
CA THR B 40 -28.16 -42.75 34.50
C THR B 40 -27.86 -43.96 33.62
N SER B 41 -28.90 -44.54 33.04
CA SER B 41 -28.78 -45.72 32.17
C SER B 41 -28.56 -46.99 33.00
N THR B 42 -27.70 -46.90 34.02
CA THR B 42 -27.40 -48.04 34.88
C THR B 42 -28.00 -47.87 36.29
N SER B 43 -27.45 -48.60 37.27
CA SER B 43 -27.93 -48.53 38.66
C SER B 43 -27.32 -47.35 39.43
N LEU B 44 -27.25 -47.46 40.77
CA LEU B 44 -26.75 -46.34 41.60
C LEU B 44 -25.73 -46.75 42.69
N SER B 45 -25.19 -45.73 43.41
CA SER B 45 -24.19 -45.93 44.48
C SER B 45 -23.60 -44.60 45.00
N PRO B 46 -24.10 -44.05 46.16
CA PRO B 46 -23.65 -42.77 46.73
C PRO B 46 -22.81 -42.83 48.04
N PHE B 47 -22.61 -41.64 48.66
CA PHE B 47 -21.86 -41.47 49.94
C PHE B 47 -21.60 -39.96 50.21
N TYR B 48 -22.16 -39.39 51.31
CA TYR B 48 -21.97 -37.94 51.60
C TYR B 48 -22.05 -37.58 53.10
N LEU B 49 -22.06 -36.25 53.37
CA LEU B 49 -22.15 -35.67 54.73
C LEU B 49 -23.09 -34.45 54.71
N ARG B 50 -23.19 -33.72 55.84
CA ARG B 50 -24.06 -32.55 55.89
C ARG B 50 -23.69 -31.58 57.03
N PRO B 51 -23.09 -30.41 56.68
CA PRO B 51 -22.72 -29.38 57.66
C PRO B 51 -23.79 -28.30 57.83
N PRO B 52 -23.62 -27.36 58.78
CA PRO B 52 -24.59 -26.28 59.03
C PRO B 52 -24.67 -25.31 57.85
N SER B 53 -25.89 -24.91 57.50
CA SER B 53 -26.09 -24.00 56.38
C SER B 53 -27.18 -22.98 56.68
N PHE B 54 -27.22 -21.91 55.87
CA PHE B 54 -28.21 -20.86 56.03
C PHE B 54 -29.41 -21.12 55.13
N LEU B 55 -29.21 -22.01 54.16
CA LEU B 55 -30.25 -22.36 53.21
C LEU B 55 -31.38 -23.12 53.91
N ARG B 56 -32.61 -22.75 53.60
CA ARG B 56 -33.77 -23.40 54.20
C ARG B 56 -34.43 -24.36 53.21
N ALA B 57 -34.58 -23.93 51.96
CA ALA B 57 -35.18 -24.77 50.94
C ALA B 57 -34.22 -25.90 50.53
N PRO B 58 -32.99 -25.56 50.09
CA PRO B 58 -32.01 -26.57 49.71
C PRO B 58 -31.10 -26.94 50.87
N SER B 59 -30.00 -27.62 50.56
CA SER B 59 -29.05 -28.02 51.59
C SER B 59 -27.65 -28.18 51.01
N TRP B 60 -26.66 -27.69 51.74
CA TRP B 60 -25.28 -27.77 51.30
C TRP B 60 -24.60 -28.98 51.92
N PHE B 61 -24.28 -29.97 51.09
CA PHE B 61 -23.63 -31.20 51.56
C PHE B 61 -22.14 -31.20 51.21
N ASP B 62 -21.30 -31.42 52.22
CA ASP B 62 -19.86 -31.46 52.00
C ASP B 62 -19.49 -32.80 51.37
N THR B 63 -19.23 -32.78 50.06
CA THR B 63 -18.88 -34.00 49.33
C THR B 63 -17.52 -34.55 49.76
N GLY B 64 -17.42 -35.88 49.74
CA GLY B 64 -16.19 -36.54 50.11
C GLY B 64 -16.23 -38.03 49.84
N LEU B 65 -15.06 -38.62 49.58
CA LEU B 65 -14.98 -40.06 49.29
C LEU B 65 -13.71 -40.66 49.89
N SER B 66 -13.38 -41.88 49.47
CA SER B 66 -12.19 -42.58 49.93
C SER B 66 -12.13 -43.98 49.32
N GLU B 67 -10.94 -44.41 48.91
CA GLU B 67 -10.79 -45.73 48.31
C GLU B 67 -9.31 -46.10 48.10
N MET B 68 -9.11 -47.37 47.75
CA MET B 68 -7.78 -47.91 47.47
C MET B 68 -7.93 -49.28 46.81
N ARG B 69 -7.01 -49.61 45.89
CA ARG B 69 -7.08 -50.88 45.19
C ARG B 69 -5.77 -51.21 44.45
N LEU B 70 -5.89 -51.83 43.27
CA LEU B 70 -4.74 -52.23 42.46
C LEU B 70 -3.61 -51.20 42.55
N GLU B 71 -3.68 -50.17 41.72
CA GLU B 71 -2.70 -49.11 41.72
C GLU B 71 -3.26 -47.88 41.02
N LYS B 72 -4.58 -47.74 41.12
CA LYS B 72 -5.29 -46.63 40.51
C LYS B 72 -6.41 -46.16 41.44
N ASP B 73 -6.54 -44.84 41.60
CA ASP B 73 -7.58 -44.30 42.47
C ASP B 73 -8.01 -42.89 42.07
N ARG B 74 -9.32 -42.69 41.96
CA ARG B 74 -9.88 -41.38 41.63
C ARG B 74 -10.32 -40.69 42.91
N PHE B 75 -10.19 -39.37 42.98
CA PHE B 75 -10.59 -38.65 44.17
C PHE B 75 -10.96 -37.21 43.86
N SER B 76 -11.75 -36.60 44.76
CA SER B 76 -12.17 -35.21 44.57
C SER B 76 -12.62 -34.60 45.89
N VAL B 77 -11.88 -33.59 46.35
CA VAL B 77 -12.21 -32.89 47.58
C VAL B 77 -13.04 -31.64 47.25
N ASN B 78 -13.90 -31.22 48.17
CA ASN B 78 -14.73 -30.05 47.94
C ASN B 78 -14.50 -28.97 48.98
N LEU B 79 -14.03 -27.81 48.55
CA LEU B 79 -13.80 -26.69 49.44
C LEU B 79 -15.14 -26.04 49.76
N ASP B 80 -15.16 -25.02 50.62
CA ASP B 80 -16.42 -24.40 51.00
C ASP B 80 -16.47 -22.91 50.72
N VAL B 81 -17.43 -22.53 49.89
CA VAL B 81 -17.69 -21.14 49.53
C VAL B 81 -19.19 -21.00 49.30
N LYS B 82 -19.93 -20.91 50.41
CA LYS B 82 -21.38 -20.81 50.40
C LYS B 82 -21.91 -19.91 49.28
N HIS B 83 -21.37 -18.71 49.17
CA HIS B 83 -21.80 -17.78 48.14
C HIS B 83 -20.74 -17.63 47.05
N PHE B 84 -21.19 -17.63 45.81
CA PHE B 84 -20.31 -17.53 44.65
C PHE B 84 -19.48 -16.24 44.65
N SER B 85 -18.20 -16.41 44.31
CA SER B 85 -17.27 -15.29 44.21
C SER B 85 -16.23 -15.60 43.11
N PRO B 86 -16.71 -15.94 41.89
CA PRO B 86 -15.84 -16.31 40.77
C PRO B 86 -14.63 -15.40 40.60
N GLU B 87 -14.85 -14.10 40.67
CA GLU B 87 -13.77 -13.13 40.50
C GLU B 87 -13.14 -12.74 41.83
N GLU B 88 -13.87 -12.94 42.92
CA GLU B 88 -13.37 -12.54 44.23
C GLU B 88 -12.85 -13.72 45.06
N LEU B 89 -12.34 -14.74 44.39
CA LEU B 89 -11.78 -15.90 45.10
C LEU B 89 -10.55 -16.43 44.39
N LYS B 90 -9.56 -16.85 45.18
CA LYS B 90 -8.33 -17.39 44.63
C LYS B 90 -7.97 -18.71 45.30
N VAL B 91 -7.85 -19.77 44.51
CA VAL B 91 -7.49 -21.07 45.04
C VAL B 91 -5.98 -21.26 44.97
N LYS B 92 -5.40 -21.82 46.02
CA LYS B 92 -3.96 -22.03 46.05
C LYS B 92 -3.60 -23.45 46.45
N VAL B 93 -2.81 -24.11 45.62
CA VAL B 93 -2.36 -25.47 45.89
C VAL B 93 -0.89 -25.45 46.29
N LEU B 94 -0.63 -24.96 47.50
CA LEU B 94 0.72 -24.87 48.01
C LEU B 94 1.18 -26.22 48.54
N GLY B 95 1.69 -27.06 47.66
CA GLY B 95 2.16 -28.37 48.05
C GLY B 95 1.02 -29.28 48.46
N ASP B 96 1.19 -29.97 49.58
CA ASP B 96 0.16 -30.88 50.07
C ASP B 96 -0.87 -30.12 50.89
N VAL B 97 -1.02 -28.82 50.62
CA VAL B 97 -1.97 -27.99 51.34
C VAL B 97 -2.88 -27.23 50.38
N ILE B 98 -4.18 -27.56 50.42
CA ILE B 98 -5.16 -26.90 49.58
C ILE B 98 -5.92 -25.84 50.37
N GLU B 99 -5.91 -24.60 49.89
CA GLU B 99 -6.59 -23.51 50.57
C GLU B 99 -7.40 -22.65 49.61
N VAL B 100 -8.57 -22.23 50.04
CA VAL B 100 -9.44 -21.39 49.24
C VAL B 100 -9.66 -20.05 49.93
N HIS B 101 -9.62 -18.97 49.17
CA HIS B 101 -9.82 -17.63 49.72
C HIS B 101 -10.85 -16.87 48.89
N GLY B 102 -12.10 -16.88 49.35
CA GLY B 102 -13.15 -16.19 48.63
C GLY B 102 -13.89 -15.19 49.51
N LYS B 103 -14.06 -13.97 49.00
CA LYS B 103 -14.74 -12.92 49.73
C LYS B 103 -15.76 -12.23 48.84
N HIS B 104 -17.04 -12.25 49.25
CA HIS B 104 -18.09 -11.62 48.48
C HIS B 104 -18.99 -10.76 49.37
N GLU B 105 -19.34 -9.58 48.88
CA GLU B 105 -20.22 -8.68 49.61
C GLU B 105 -21.67 -8.97 49.26
N GLU B 106 -22.35 -9.69 50.16
CA GLU B 106 -23.75 -10.05 49.93
C GLU B 106 -24.69 -9.21 50.80
N ARG B 107 -24.19 -8.72 51.93
CA ARG B 107 -25.00 -7.91 52.82
C ARG B 107 -24.68 -6.43 52.62
N GLN B 108 -25.72 -5.62 52.46
CA GLN B 108 -25.54 -4.18 52.24
C GLN B 108 -26.35 -3.36 53.23
N ASP B 109 -25.79 -2.23 53.65
CA ASP B 109 -26.45 -1.32 54.57
C ASP B 109 -26.51 0.09 53.97
N GLU B 110 -26.83 1.07 54.80
CA GLU B 110 -26.92 2.45 54.34
C GLU B 110 -25.62 2.91 53.69
N HIS B 111 -24.63 3.22 54.52
CA HIS B 111 -23.32 3.65 54.02
C HIS B 111 -22.25 2.64 54.44
N GLY B 112 -22.70 1.43 54.75
CA GLY B 112 -21.78 0.38 55.15
C GLY B 112 -22.04 -0.90 54.38
N PHE B 113 -20.99 -1.45 53.77
CA PHE B 113 -21.12 -2.67 52.99
C PHE B 113 -20.45 -3.84 53.70
N ILE B 114 -21.23 -4.90 53.92
CA ILE B 114 -20.72 -6.10 54.57
C ILE B 114 -20.13 -7.06 53.54
N SER B 115 -19.02 -7.70 53.90
CA SER B 115 -18.36 -8.63 52.99
C SER B 115 -17.95 -9.91 53.73
N ARG B 116 -18.64 -11.00 53.43
CA ARG B 116 -18.34 -12.28 54.05
C ARG B 116 -17.17 -12.94 53.33
N GLU B 117 -16.45 -13.80 54.03
CA GLU B 117 -15.30 -14.48 53.45
C GLU B 117 -15.16 -15.91 53.97
N PHE B 118 -14.95 -16.84 53.05
CA PHE B 118 -14.77 -18.24 53.41
C PHE B 118 -13.34 -18.67 53.11
N HIS B 119 -12.67 -19.22 54.11
CA HIS B 119 -11.29 -19.65 53.96
C HIS B 119 -11.07 -21.05 54.54
N ARG B 120 -10.74 -21.99 53.67
CA ARG B 120 -10.49 -23.37 54.08
C ARG B 120 -9.00 -23.68 54.08
N LYS B 121 -8.58 -24.47 55.07
CA LYS B 121 -7.18 -24.87 55.16
C LYS B 121 -7.09 -26.39 55.22
N TYR B 122 -6.72 -26.99 54.10
CA TYR B 122 -6.61 -28.44 53.99
C TYR B 122 -5.15 -28.87 53.92
N ARG B 123 -4.76 -29.74 54.83
CA ARG B 123 -3.41 -30.29 54.85
C ARG B 123 -3.50 -31.80 54.69
N ILE B 124 -3.94 -32.24 53.51
CA ILE B 124 -4.11 -33.65 53.22
C ILE B 124 -3.15 -34.15 52.15
N PRO B 125 -1.90 -34.46 52.51
CA PRO B 125 -0.92 -34.98 51.56
C PRO B 125 -1.33 -36.36 51.07
N ALA B 126 -2.29 -36.96 51.78
CA ALA B 126 -2.79 -38.29 51.44
C ALA B 126 -3.87 -38.21 50.38
N ASP B 127 -4.44 -37.02 50.19
CA ASP B 127 -5.48 -36.82 49.22
C ASP B 127 -5.08 -35.75 48.21
N VAL B 128 -3.92 -35.15 48.42
CA VAL B 128 -3.46 -34.09 47.53
C VAL B 128 -2.02 -34.30 47.05
N ASP B 129 -1.82 -33.91 45.81
CA ASP B 129 -0.53 -33.97 45.14
C ASP B 129 -0.53 -32.87 44.07
N PRO B 130 -0.02 -31.67 44.40
CA PRO B 130 0.00 -30.52 43.50
C PRO B 130 0.36 -30.87 42.06
N LEU B 131 1.16 -31.92 41.88
CA LEU B 131 1.60 -32.34 40.56
C LEU B 131 0.51 -33.13 39.83
N THR B 132 -0.75 -32.96 40.23
CA THR B 132 -1.84 -33.68 39.60
C THR B 132 -3.21 -33.17 40.04
N ILE B 133 -3.27 -32.54 41.21
CA ILE B 133 -4.53 -32.01 41.72
C ILE B 133 -4.90 -30.68 41.08
N THR B 134 -6.08 -30.65 40.47
CA THR B 134 -6.57 -29.43 39.82
C THR B 134 -7.65 -28.80 40.68
N SER B 135 -8.40 -27.86 40.11
CA SER B 135 -9.45 -27.19 40.86
C SER B 135 -10.66 -26.88 39.98
N SER B 136 -11.84 -27.05 40.58
CA SER B 136 -13.10 -26.77 39.90
C SER B 136 -13.92 -25.81 40.75
N LEU B 137 -15.00 -25.28 40.21
CA LEU B 137 -15.83 -24.34 40.97
C LEU B 137 -17.23 -24.22 40.37
N SER B 138 -18.24 -24.14 41.23
CA SER B 138 -19.63 -24.03 40.80
C SER B 138 -20.16 -22.60 40.93
N SER B 139 -21.39 -22.40 40.45
CA SER B 139 -22.04 -21.08 40.47
C SER B 139 -22.45 -20.70 41.89
N ASP B 140 -22.29 -21.62 42.82
CA ASP B 140 -22.64 -21.36 44.20
C ASP B 140 -21.40 -21.38 45.08
N GLY B 141 -20.24 -21.17 44.44
CA GLY B 141 -18.98 -21.15 45.16
C GLY B 141 -18.48 -22.53 45.51
N VAL B 142 -19.21 -23.56 45.09
CA VAL B 142 -18.82 -24.94 45.37
C VAL B 142 -17.49 -25.28 44.68
N LEU B 143 -16.40 -25.17 45.45
CA LEU B 143 -15.08 -25.48 44.93
C LEU B 143 -14.83 -26.99 45.02
N THR B 144 -14.26 -27.56 43.96
CA THR B 144 -13.99 -28.99 43.93
C THR B 144 -12.61 -29.29 43.37
N VAL B 145 -11.66 -29.60 44.24
CA VAL B 145 -10.32 -29.95 43.82
C VAL B 145 -10.22 -31.44 43.52
N ASN B 146 -10.31 -31.78 42.23
CA ASN B 146 -10.27 -33.17 41.81
C ASN B 146 -8.85 -33.62 41.49
N GLY B 147 -8.62 -34.92 41.55
CA GLY B 147 -7.31 -35.49 41.26
C GLY B 147 -7.01 -36.73 42.10
N PRO B 148 -5.90 -37.43 41.80
CA PRO B 148 -5.51 -38.64 42.54
C PRO B 148 -5.18 -38.36 44.01
N ARG B 149 -4.40 -39.25 44.62
CA ARG B 149 -4.03 -39.11 46.03
C ARG B 149 -2.82 -39.99 46.36
N LYS B 150 -2.30 -39.86 47.59
CA LYS B 150 -1.16 -40.65 48.01
C LYS B 150 -1.23 -41.01 49.51
N GLN B 151 -0.39 -40.38 50.35
CA GLN B 151 -0.38 -40.67 51.78
C GLN B 151 0.38 -39.63 52.60
N VAL B 152 0.54 -39.90 53.90
CA VAL B 152 1.25 -39.02 54.84
C VAL B 152 0.47 -37.73 55.13
N SER B 153 0.73 -37.16 56.31
CA SER B 153 0.08 -35.92 56.73
C SER B 153 0.69 -35.38 58.03
N GLY B 154 1.30 -34.20 57.96
CA GLY B 154 1.92 -33.62 59.15
C GLY B 154 2.81 -32.41 58.85
N PRO B 155 2.79 -31.37 59.70
CA PRO B 155 3.59 -30.16 59.53
C PRO B 155 4.92 -30.16 60.30
N GLU B 156 4.88 -30.60 61.57
CA GLU B 156 6.06 -30.65 62.44
C GLU B 156 7.35 -30.94 61.68
N ARG B 157 8.45 -30.37 62.15
CA ARG B 157 9.75 -30.53 61.51
C ARG B 157 10.69 -31.41 62.34
N THR B 158 11.26 -30.81 63.39
CA THR B 158 12.19 -31.51 64.28
C THR B 158 13.52 -31.77 63.58
N ILE B 159 14.43 -30.78 63.66
CA ILE B 159 15.75 -30.90 63.03
C ILE B 159 16.83 -30.25 63.88
N PRO B 160 17.40 -30.99 64.86
CA PRO B 160 18.45 -30.48 65.72
C PRO B 160 19.81 -30.50 65.03
N ILE B 161 20.61 -29.46 65.25
CA ILE B 161 21.92 -29.36 64.64
C ILE B 161 23.02 -29.11 65.68
N THR B 162 24.24 -29.56 65.35
CA THR B 162 25.40 -29.39 66.23
C THR B 162 25.29 -30.21 67.53
N ARG B 163 25.21 -29.52 68.67
CA ARG B 163 25.12 -30.16 69.98
C ARG B 163 26.49 -30.66 70.45
N GLU B 164 27.35 -30.95 69.48
CA GLU B 164 28.70 -31.42 69.75
C GLU B 164 28.69 -32.81 70.41
N GLU B 165 28.82 -32.85 71.74
CA GLU B 165 28.83 -34.11 72.49
C GLU B 165 30.11 -34.91 72.26
N LYS B 166 30.93 -34.48 71.31
CA LYS B 166 32.17 -35.18 71.01
C LYS B 166 33.37 -34.50 71.70
N PRO B 167 33.72 -33.25 71.33
CA PRO B 167 34.81 -32.52 71.98
C PRO B 167 34.28 -31.59 73.05
N ALA B 168 35.18 -31.11 73.92
CA ALA B 168 34.79 -30.21 75.01
C ALA B 168 33.56 -30.73 75.75
N VAL B 169 33.80 -31.57 76.75
CA VAL B 169 32.71 -32.15 77.53
C VAL B 169 32.88 -31.86 79.02
N THR B 170 31.82 -32.05 79.79
CA THR B 170 31.85 -31.81 81.23
C THR B 170 31.76 -33.12 82.01
N ALA B 171 31.96 -33.05 83.32
CA ALA B 171 31.91 -34.23 84.17
C ALA B 171 31.85 -33.83 85.65
N ALA B 172 32.20 -34.76 86.52
CA ALA B 172 32.19 -34.52 87.96
C ALA B 172 32.97 -35.61 88.70
N PRO B 173 33.38 -35.35 89.96
CA PRO B 173 34.13 -36.33 90.76
C PRO B 173 33.35 -37.63 90.93
N LYS B 174 33.98 -38.63 91.54
CA LYS B 174 33.35 -39.92 91.77
C LYS B 174 34.25 -40.82 92.61
N LYS B 175 33.72 -41.96 93.03
CA LYS B 175 34.48 -42.92 93.83
C LYS B 175 33.74 -44.26 93.92
N MET C 1 11.46 -22.34 7.74
CA MET C 1 10.20 -23.11 7.74
C MET C 1 9.52 -23.01 6.38
N ASP C 2 10.19 -23.52 5.35
CA ASP C 2 9.64 -23.51 4.01
C ASP C 2 8.26 -24.15 3.99
N ILE C 3 7.23 -23.32 3.95
CA ILE C 3 5.85 -23.82 3.95
C ILE C 3 5.59 -24.72 2.74
N ALA C 4 6.40 -24.56 1.70
CA ALA C 4 6.25 -25.36 0.49
C ALA C 4 7.10 -26.64 0.53
N ILE C 5 7.69 -26.91 1.69
CA ILE C 5 8.52 -28.10 1.85
C ILE C 5 8.26 -28.77 3.19
N HIS C 6 8.49 -28.03 4.27
CA HIS C 6 8.29 -28.55 5.61
C HIS C 6 6.84 -28.99 5.84
N HIS C 7 5.88 -28.16 5.44
CA HIS C 7 4.47 -28.50 5.63
C HIS C 7 4.13 -29.87 5.02
N PRO C 8 4.43 -30.11 3.73
CA PRO C 8 4.14 -31.39 3.07
C PRO C 8 5.06 -32.52 3.55
N TRP C 9 6.19 -32.14 4.15
CA TRP C 9 7.15 -33.13 4.64
C TRP C 9 6.91 -33.47 6.11
N ILE C 10 6.21 -32.58 6.81
CA ILE C 10 5.90 -32.78 8.21
C ILE C 10 4.53 -33.43 8.34
N ARG C 11 3.95 -33.73 7.18
CA ARG C 11 2.65 -34.38 7.12
C ARG C 11 2.76 -35.72 6.40
N ARG C 12 3.95 -35.96 5.84
CA ARG C 12 4.20 -37.21 5.13
C ARG C 12 4.45 -38.34 6.13
N PRO C 13 5.43 -38.20 7.04
CA PRO C 13 5.69 -39.22 8.07
C PRO C 13 4.53 -39.31 9.04
N PHE C 14 3.54 -38.42 8.88
CA PHE C 14 2.34 -38.42 9.71
C PHE C 14 1.34 -39.37 9.09
N PHE C 15 1.51 -39.52 7.77
CA PHE C 15 0.69 -40.37 6.93
C PHE C 15 -0.31 -41.24 7.73
N PRO C 16 -0.05 -42.53 8.03
CA PRO C 16 -1.04 -43.37 8.76
C PRO C 16 -1.19 -43.14 10.27
N PHE C 17 -1.09 -41.89 10.72
CA PHE C 17 -1.28 -41.56 12.14
C PHE C 17 -2.41 -40.58 12.23
N HIS C 18 -2.81 -40.10 11.06
CA HIS C 18 -3.88 -39.14 10.92
C HIS C 18 -5.23 -39.80 11.21
N SER C 19 -6.30 -39.23 10.66
CA SER C 19 -7.64 -39.73 10.90
C SER C 19 -7.91 -39.91 12.39
N PRO C 20 -7.40 -39.00 13.27
CA PRO C 20 -7.59 -39.06 14.70
C PRO C 20 -8.60 -38.04 15.17
N SER C 21 -9.53 -37.69 14.27
CA SER C 21 -10.55 -36.69 14.55
C SER C 21 -9.92 -35.31 14.63
N ARG C 22 -10.34 -34.41 13.74
CA ARG C 22 -9.80 -33.06 13.70
C ARG C 22 -9.90 -32.37 15.06
N LEU C 23 -10.74 -32.93 15.92
CA LEU C 23 -10.93 -32.38 17.26
C LEU C 23 -10.59 -33.44 18.31
N PHE C 24 -9.40 -34.02 18.16
CA PHE C 24 -8.91 -35.06 19.06
C PHE C 24 -8.72 -34.55 20.49
N ASP C 25 -8.25 -33.32 20.61
CA ASP C 25 -8.00 -32.73 21.93
C ASP C 25 -9.28 -32.53 22.74
N GLN C 26 -10.41 -32.43 22.06
CA GLN C 26 -11.70 -32.22 22.74
C GLN C 26 -12.51 -33.51 22.83
N PHE C 27 -12.42 -34.34 21.78
CA PHE C 27 -13.16 -35.60 21.76
C PHE C 27 -12.75 -36.48 22.93
N PHE C 28 -11.48 -36.85 22.97
CA PHE C 28 -10.96 -37.68 24.05
C PHE C 28 -11.00 -36.91 25.37
N GLY C 29 -10.84 -35.59 25.29
CA GLY C 29 -10.87 -34.77 26.48
C GLY C 29 -12.18 -34.89 27.23
N GLU C 30 -13.25 -35.17 26.51
CA GLU C 30 -14.57 -35.33 27.11
C GLU C 30 -14.70 -36.69 27.77
N HIS C 31 -14.18 -37.72 27.11
CA HIS C 31 -14.22 -39.08 27.63
C HIS C 31 -13.36 -39.21 28.88
N LEU C 32 -12.29 -38.43 28.94
CA LEU C 32 -11.38 -38.46 30.08
C LEU C 32 -11.98 -37.66 31.24
N LEU C 33 -12.83 -36.70 30.90
CA LEU C 33 -13.49 -35.88 31.89
C LEU C 33 -14.66 -36.61 32.51
N GLU C 34 -15.18 -37.59 31.76
CA GLU C 34 -16.31 -38.39 32.23
C GLU C 34 -15.84 -39.45 33.22
N SER C 35 -14.65 -39.99 32.98
CA SER C 35 -14.07 -41.01 33.84
C SER C 35 -13.35 -40.37 35.03
N ASP C 36 -13.29 -39.04 35.04
CA ASP C 36 -12.64 -38.31 36.11
C ASP C 36 -13.65 -37.87 37.16
N LEU C 37 -14.92 -38.07 36.87
CA LEU C 37 -15.99 -37.70 37.78
C LEU C 37 -16.28 -38.84 38.75
N PHE C 38 -16.87 -39.90 38.24
CA PHE C 38 -17.21 -41.07 39.06
C PHE C 38 -16.34 -42.26 38.64
N PRO C 39 -15.83 -43.06 39.60
CA PRO C 39 -15.00 -44.23 39.30
C PRO C 39 -15.73 -45.21 38.39
N THR C 40 -15.71 -44.93 37.09
CA THR C 40 -16.37 -45.77 36.11
C THR C 40 -15.81 -47.18 36.12
N SER C 41 -16.69 -48.16 35.94
CA SER C 41 -16.34 -49.58 35.93
C SER C 41 -15.05 -49.87 35.17
N THR C 42 -13.93 -49.70 35.86
CA THR C 42 -12.61 -49.94 35.31
C THR C 42 -11.67 -50.40 36.41
N SER C 43 -10.41 -50.62 36.07
CA SER C 43 -9.43 -51.01 37.07
C SER C 43 -8.96 -49.76 37.79
N LEU C 44 -9.91 -48.84 38.02
CA LEU C 44 -9.65 -47.57 38.64
C LEU C 44 -8.68 -46.77 37.79
N SER C 45 -8.36 -45.54 38.22
CA SER C 45 -7.44 -44.71 37.46
C SER C 45 -7.16 -43.40 38.16
N PRO C 46 -5.91 -43.14 38.58
CA PRO C 46 -5.57 -41.87 39.19
C PRO C 46 -5.78 -40.77 38.17
N PHE C 47 -5.44 -41.12 36.93
CA PHE C 47 -5.59 -40.24 35.78
C PHE C 47 -5.25 -40.99 34.50
N TYR C 48 -5.51 -42.30 34.49
CA TYR C 48 -5.25 -43.12 33.31
C TYR C 48 -6.16 -42.70 32.18
N LEU C 49 -5.56 -42.20 31.11
CA LEU C 49 -6.33 -41.74 29.95
C LEU C 49 -6.15 -42.68 28.76
N ARG C 50 -7.24 -43.34 28.37
CA ARG C 50 -7.22 -44.26 27.23
C ARG C 50 -6.86 -43.52 25.94
N PRO C 51 -5.62 -43.67 25.45
CA PRO C 51 -5.16 -43.01 24.24
C PRO C 51 -5.24 -43.89 23.00
N PRO C 52 -5.16 -43.30 21.79
CA PRO C 52 -5.21 -44.05 20.55
C PRO C 52 -3.88 -44.75 20.27
N SER C 53 -3.90 -46.08 20.30
CA SER C 53 -2.69 -46.86 20.08
C SER C 53 -2.89 -47.90 19.00
N PHE C 54 -1.78 -48.41 18.46
CA PHE C 54 -1.83 -49.42 17.41
C PHE C 54 -1.85 -50.81 18.02
N LEU C 55 -1.62 -50.89 19.32
CA LEU C 55 -1.64 -52.18 20.02
C LEU C 55 -3.02 -52.81 19.87
N ARG C 56 -3.06 -53.98 19.26
CA ARG C 56 -4.32 -54.68 19.02
C ARG C 56 -4.70 -55.60 20.18
N ALA C 57 -3.73 -56.33 20.70
CA ALA C 57 -3.97 -57.27 21.79
C ALA C 57 -4.24 -56.58 23.13
N PRO C 58 -3.31 -55.73 23.63
CA PRO C 58 -3.47 -55.05 24.90
C PRO C 58 -4.05 -53.65 24.79
N SER C 59 -4.61 -53.17 25.90
CA SER C 59 -5.18 -51.83 25.97
C SER C 59 -4.26 -50.92 26.79
N TRP C 60 -3.69 -49.92 26.14
CA TRP C 60 -2.78 -49.00 26.80
C TRP C 60 -3.50 -47.81 27.44
N PHE C 61 -2.95 -47.32 28.54
CA PHE C 61 -3.50 -46.17 29.26
C PHE C 61 -2.39 -45.25 29.72
N ASP C 62 -2.53 -43.95 29.45
CA ASP C 62 -1.52 -42.98 29.86
C ASP C 62 -1.41 -42.94 31.37
N THR C 63 -0.23 -43.22 31.89
CA THR C 63 -0.03 -43.25 33.34
C THR C 63 1.26 -42.56 33.79
N GLY C 64 1.40 -42.41 35.11
CA GLY C 64 2.57 -41.80 35.68
C GLY C 64 3.52 -42.83 36.27
N LEU C 65 3.38 -43.08 37.58
CA LEU C 65 4.21 -44.06 38.28
C LEU C 65 5.69 -43.65 38.33
N SER C 66 6.36 -43.72 37.17
CA SER C 66 7.78 -43.37 37.08
C SER C 66 8.01 -41.86 37.22
N GLU C 67 7.13 -41.17 37.93
CA GLU C 67 7.27 -39.74 38.14
C GLU C 67 6.92 -39.38 39.59
N MET C 68 6.92 -40.38 40.46
CA MET C 68 6.60 -40.18 41.87
C MET C 68 7.63 -40.86 42.77
N ARG C 69 7.80 -42.16 42.59
CA ARG C 69 8.77 -42.92 43.37
C ARG C 69 9.62 -43.80 42.44
N LEU C 70 10.57 -44.55 43.01
CA LEU C 70 11.41 -45.42 42.20
C LEU C 70 12.18 -46.43 43.04
N GLU C 71 13.36 -46.05 43.53
CA GLU C 71 14.19 -46.97 44.32
C GLU C 71 14.53 -46.40 45.70
N LYS C 72 13.67 -46.69 46.69
CA LYS C 72 13.87 -46.20 48.05
C LYS C 72 13.60 -47.29 49.09
N ASP C 73 14.20 -47.12 50.28
CA ASP C 73 14.04 -48.06 51.39
C ASP C 73 14.34 -47.35 52.70
N ARG C 74 14.11 -48.03 53.85
CA ARG C 74 14.40 -47.43 55.16
C ARG C 74 15.73 -46.70 55.05
N PHE C 75 15.68 -45.37 54.98
CA PHE C 75 16.88 -44.59 54.74
C PHE C 75 17.19 -43.52 55.78
N SER C 76 18.21 -42.74 55.42
CA SER C 76 18.70 -41.63 56.19
C SER C 76 19.62 -40.80 55.29
N VAL C 77 19.01 -40.16 54.30
CA VAL C 77 19.73 -39.35 53.31
C VAL C 77 20.78 -38.45 53.96
N ASN C 78 21.81 -38.10 53.18
CA ASN C 78 22.89 -37.24 53.66
C ASN C 78 23.07 -36.03 52.77
N LEU C 79 23.04 -34.84 53.36
CA LEU C 79 23.24 -33.60 52.61
C LEU C 79 24.74 -33.42 52.36
N ASP C 80 25.10 -32.46 51.51
CA ASP C 80 26.51 -32.26 51.20
C ASP C 80 27.02 -30.88 51.62
N VAL C 81 28.02 -30.92 52.50
CA VAL C 81 28.68 -29.73 52.99
C VAL C 81 30.16 -30.08 53.23
N LYS C 82 30.90 -30.13 52.13
CA LYS C 82 32.33 -30.49 52.14
C LYS C 82 33.07 -29.88 53.32
N HIS C 83 32.92 -28.59 53.53
CA HIS C 83 33.59 -27.91 54.63
C HIS C 83 32.60 -27.53 55.74
N PHE C 84 33.00 -27.81 56.97
CA PHE C 84 32.17 -27.55 58.14
C PHE C 84 31.70 -26.09 58.22
N SER C 85 30.45 -25.94 58.61
CA SER C 85 29.83 -24.64 58.79
C SER C 85 28.71 -24.73 59.83
N PRO C 86 29.03 -25.27 61.03
CA PRO C 86 28.05 -25.47 62.11
C PRO C 86 27.14 -24.27 62.34
N GLU C 87 27.75 -23.13 62.62
CA GLU C 87 27.01 -21.90 62.89
C GLU C 87 26.57 -21.20 61.59
N GLU C 88 27.23 -21.53 60.50
CA GLU C 88 26.92 -20.89 59.22
C GLU C 88 26.11 -21.79 58.28
N LEU C 89 25.33 -22.71 58.84
CA LEU C 89 24.50 -23.58 58.02
C LEU C 89 23.08 -23.62 58.55
N LYS C 90 22.12 -23.72 57.63
CA LYS C 90 20.71 -23.78 57.99
C LYS C 90 19.99 -24.86 57.20
N VAL C 91 19.55 -25.90 57.90
CA VAL C 91 18.82 -26.99 57.26
C VAL C 91 17.34 -26.72 57.33
N LYS C 92 16.65 -26.87 56.20
CA LYS C 92 15.22 -26.62 56.15
C LYS C 92 14.45 -27.80 55.57
N VAL C 93 13.44 -28.25 56.31
CA VAL C 93 12.61 -29.35 55.88
C VAL C 93 11.22 -28.82 55.50
N LEU C 94 11.14 -28.23 54.31
CA LEU C 94 9.89 -27.67 53.83
C LEU C 94 9.08 -28.73 53.08
N GLY C 95 8.30 -29.49 53.84
CA GLY C 95 7.49 -30.53 53.25
C GLY C 95 8.32 -31.72 52.82
N ASP C 96 8.11 -32.18 51.59
CA ASP C 96 8.86 -33.31 51.06
C ASP C 96 10.12 -32.82 50.36
N VAL C 97 10.56 -31.62 50.72
CA VAL C 97 11.76 -31.04 50.13
C VAL C 97 12.81 -30.71 51.19
N ILE C 98 13.91 -31.45 51.16
CA ILE C 98 15.01 -31.23 52.10
C ILE C 98 16.10 -30.38 51.45
N GLU C 99 16.45 -29.28 52.11
CA GLU C 99 17.49 -28.39 51.59
C GLU C 99 18.49 -28.02 52.68
N VAL C 100 19.70 -27.70 52.24
CA VAL C 100 20.76 -27.29 53.16
C VAL C 100 21.44 -26.03 52.66
N HIS C 101 21.65 -25.08 53.54
CA HIS C 101 22.30 -23.82 53.17
C HIS C 101 23.48 -23.52 54.09
N GLY C 102 24.67 -23.92 53.66
CA GLY C 102 25.86 -23.69 54.46
C GLY C 102 26.91 -22.90 53.71
N LYS C 103 27.37 -21.82 54.32
CA LYS C 103 28.39 -20.95 53.72
C LYS C 103 29.53 -20.72 54.69
N HIS C 104 30.75 -21.07 54.27
CA HIS C 104 31.92 -20.89 55.12
C HIS C 104 33.08 -20.28 54.33
N GLU C 105 33.76 -19.32 54.96
CA GLU C 105 34.90 -18.67 54.33
C GLU C 105 36.17 -19.43 54.66
N GLU C 106 36.65 -20.22 53.69
CA GLU C 106 37.85 -21.02 53.87
C GLU C 106 39.05 -20.42 53.13
N ARG C 107 38.77 -19.69 52.06
CA ARG C 107 39.84 -19.05 51.28
C ARG C 107 39.97 -17.58 51.66
N GLN C 108 41.20 -17.14 51.90
CA GLN C 108 41.46 -15.76 52.29
C GLN C 108 42.55 -15.13 51.44
N ASP C 109 42.41 -13.84 51.16
CA ASP C 109 43.38 -13.09 50.37
C ASP C 109 43.86 -11.87 51.16
N GLU C 110 44.48 -10.93 50.47
CA GLU C 110 44.98 -9.71 51.10
C GLU C 110 43.85 -8.95 51.80
N HIS C 111 43.00 -8.31 51.01
CA HIS C 111 41.87 -7.57 51.55
C HIS C 111 40.55 -8.14 51.01
N GLY C 112 40.63 -9.36 50.47
CA GLY C 112 39.45 -10.01 49.93
C GLY C 112 39.25 -11.37 50.52
N PHE C 113 38.08 -11.60 51.11
CA PHE C 113 37.78 -12.88 51.73
C PHE C 113 36.83 -13.69 50.86
N ILE C 114 37.23 -14.92 50.55
CA ILE C 114 36.42 -15.81 49.73
C ILE C 114 35.51 -16.65 50.62
N SER C 115 34.29 -16.88 50.18
CA SER C 115 33.33 -17.67 50.94
C SER C 115 32.63 -18.68 50.04
N ARG C 116 32.84 -19.95 50.32
CA ARG C 116 32.20 -21.01 49.55
C ARG C 116 30.87 -21.38 50.17
N GLU C 117 29.94 -21.84 49.35
CA GLU C 117 28.61 -22.21 49.83
C GLU C 117 28.08 -23.46 49.14
N PHE C 118 27.53 -24.37 49.94
CA PHE C 118 26.96 -25.60 49.43
C PHE C 118 25.46 -25.61 49.65
N HIS C 119 24.69 -25.72 48.57
CA HIS C 119 23.24 -25.72 48.67
C HIS C 119 22.63 -26.92 47.94
N ARG C 120 22.03 -27.82 48.70
CA ARG C 120 21.40 -29.00 48.14
C ARG C 120 19.89 -28.83 48.07
N LYS C 121 19.29 -29.32 46.99
CA LYS C 121 17.86 -29.24 46.79
C LYS C 121 17.29 -30.64 46.55
N TYR C 122 16.76 -31.24 47.60
CA TYR C 122 16.20 -32.58 47.51
C TYR C 122 14.68 -32.57 47.51
N ARG C 123 14.09 -33.12 46.46
CA ARG C 123 12.64 -33.22 46.35
C ARG C 123 12.26 -34.70 46.38
N ILE C 124 12.60 -35.34 47.50
CA ILE C 124 12.33 -36.76 47.69
C ILE C 124 11.14 -36.99 48.61
N PRO C 125 9.92 -37.12 48.05
CA PRO C 125 8.72 -37.36 48.85
C PRO C 125 8.69 -38.77 49.44
N ALA C 126 9.16 -39.73 48.66
CA ALA C 126 9.18 -41.13 49.09
C ALA C 126 10.33 -41.41 50.06
N ASP C 127 11.03 -40.35 50.45
CA ASP C 127 12.15 -40.48 51.37
C ASP C 127 12.02 -39.52 52.53
N VAL C 128 11.14 -38.53 52.39
CA VAL C 128 10.97 -37.52 53.42
C VAL C 128 9.54 -37.40 53.92
N ASP C 129 9.44 -37.06 55.20
CA ASP C 129 8.18 -36.84 55.89
C ASP C 129 8.44 -35.83 57.00
N PRO C 130 8.18 -34.53 56.74
CA PRO C 130 8.42 -33.43 57.67
C PRO C 130 8.37 -33.82 59.14
N LEU C 131 7.34 -34.57 59.53
CA LEU C 131 7.14 -34.98 60.91
C LEU C 131 8.36 -35.70 61.51
N THR C 132 8.61 -36.90 61.02
CA THR C 132 9.68 -37.75 61.55
C THR C 132 11.09 -37.39 61.05
N ILE C 133 11.22 -37.09 59.77
CA ILE C 133 12.54 -36.77 59.21
C ILE C 133 13.23 -35.65 59.98
N THR C 134 14.35 -36.01 60.61
CA THR C 134 15.16 -35.06 61.38
C THR C 134 16.48 -34.80 60.67
N SER C 135 17.40 -34.14 61.37
CA SER C 135 18.70 -33.83 60.79
C SER C 135 19.82 -33.98 61.82
N SER C 136 20.96 -34.48 61.35
CA SER C 136 22.13 -34.66 62.21
C SER C 136 23.37 -34.13 61.51
N LEU C 137 24.08 -33.22 62.16
CA LEU C 137 25.27 -32.61 61.57
C LEU C 137 26.56 -33.21 62.13
N SER C 138 27.57 -33.27 61.27
CA SER C 138 28.88 -33.78 61.65
C SER C 138 29.84 -32.62 61.83
N SER C 139 31.07 -32.91 62.24
CA SER C 139 32.07 -31.87 62.46
C SER C 139 32.76 -31.45 61.17
N ASP C 140 32.56 -32.23 60.11
CA ASP C 140 33.18 -31.93 58.83
C ASP C 140 32.18 -31.25 57.89
N GLY C 141 30.92 -31.22 58.31
CA GLY C 141 29.89 -30.60 57.50
C GLY C 141 28.90 -31.63 56.97
N VAL C 142 29.26 -32.90 57.10
CA VAL C 142 28.41 -33.99 56.62
C VAL C 142 27.07 -33.99 57.32
N LEU C 143 26.05 -33.49 56.63
CA LEU C 143 24.70 -33.45 57.16
C LEU C 143 23.99 -34.75 56.83
N THR C 144 23.14 -35.24 57.73
CA THR C 144 22.44 -36.48 57.51
C THR C 144 21.01 -36.43 58.03
N VAL C 145 20.05 -36.42 57.10
CA VAL C 145 18.64 -36.40 57.46
C VAL C 145 18.13 -37.84 57.60
N ASN C 146 17.96 -38.28 58.84
CA ASN C 146 17.51 -39.64 59.11
C ASN C 146 16.02 -39.70 59.43
N GLY C 147 15.43 -40.87 59.20
CA GLY C 147 14.02 -41.07 59.47
C GLY C 147 13.35 -41.99 58.44
N PRO C 148 12.10 -42.42 58.71
CA PRO C 148 11.35 -43.30 57.78
C PRO C 148 11.11 -42.63 56.43
N ARG C 149 10.02 -43.02 55.76
CA ARG C 149 9.71 -42.46 54.45
C ARG C 149 8.31 -42.84 53.96
N LYS C 150 8.17 -42.92 52.63
CA LYS C 150 6.91 -43.29 51.97
C LYS C 150 5.98 -42.09 51.85
N GLN C 151 5.94 -41.50 50.65
CA GLN C 151 5.09 -40.35 50.37
C GLN C 151 5.34 -39.84 48.94
N VAL C 152 4.40 -39.08 48.42
CA VAL C 152 4.53 -38.50 47.08
C VAL C 152 4.16 -37.03 47.10
N SER C 153 4.92 -36.23 46.37
CA SER C 153 4.68 -34.79 46.30
C SER C 153 5.07 -34.24 44.93
N GLY C 154 5.04 -32.93 44.80
CA GLY C 154 5.39 -32.28 43.54
C GLY C 154 4.56 -31.03 43.30
N PRO C 155 5.12 -29.83 43.57
CA PRO C 155 4.40 -28.57 43.40
C PRO C 155 4.18 -28.20 41.93
N GLU C 156 2.92 -28.18 41.52
CA GLU C 156 2.55 -27.83 40.15
C GLU C 156 1.57 -26.65 40.18
N ARG C 157 1.26 -26.09 39.03
CA ARG C 157 0.34 -24.96 38.95
C ARG C 157 -0.74 -25.21 37.90
N THR C 158 -1.60 -26.18 38.16
CA THR C 158 -2.68 -26.51 37.25
C THR C 158 -4.02 -26.48 37.98
N ILE C 159 -4.54 -25.29 38.20
CA ILE C 159 -5.81 -25.12 38.90
C ILE C 159 -6.70 -24.08 38.21
N PRO C 160 -7.45 -24.50 37.18
CA PRO C 160 -8.36 -23.60 36.47
C PRO C 160 -9.53 -23.19 37.36
N ILE C 161 -9.73 -21.89 37.51
CA ILE C 161 -10.80 -21.37 38.36
C ILE C 161 -11.96 -20.83 37.54
N THR C 162 -13.08 -20.60 38.23
CA THR C 162 -14.30 -20.06 37.63
C THR C 162 -15.05 -21.12 36.81
N ARG C 163 -15.84 -20.67 35.83
CA ARG C 163 -16.64 -21.59 35.02
C ARG C 163 -17.67 -22.23 35.93
N GLU C 164 -18.18 -21.37 36.80
CA GLU C 164 -19.17 -21.72 37.80
C GLU C 164 -20.52 -22.05 37.18
N GLU C 165 -20.56 -23.14 36.43
CA GLU C 165 -21.79 -23.63 35.77
C GLU C 165 -23.05 -22.88 36.21
N LYS C 166 -23.52 -21.90 35.38
CA LYS C 166 -24.75 -21.09 35.62
C LYS C 166 -24.50 -19.56 35.57
N PRO C 167 -24.01 -19.01 34.43
CA PRO C 167 -23.75 -17.59 34.25
C PRO C 167 -24.55 -16.97 33.10
N ALA C 168 -23.86 -16.09 32.31
CA ALA C 168 -24.45 -15.44 31.12
C ALA C 168 -23.81 -14.08 30.79
N VAL C 169 -23.82 -13.76 29.49
CA VAL C 169 -23.34 -12.48 28.96
C VAL C 169 -24.13 -12.20 27.69
N THR C 170 -23.80 -11.13 26.97
CA THR C 170 -24.54 -10.81 25.74
C THR C 170 -23.74 -9.94 24.78
N ALA C 171 -23.71 -8.64 25.05
CA ALA C 171 -23.02 -7.67 24.20
C ALA C 171 -23.90 -7.27 23.03
N ALA C 172 -23.37 -6.45 22.12
CA ALA C 172 -24.14 -6.00 20.96
C ALA C 172 -23.22 -5.48 19.85
N PRO C 173 -23.75 -5.31 18.63
CA PRO C 173 -22.96 -4.82 17.49
C PRO C 173 -22.46 -3.40 17.70
N LYS C 174 -21.23 -3.15 17.26
CA LYS C 174 -20.61 -1.83 17.38
C LYS C 174 -19.60 -1.62 16.26
N LYS C 175 -18.81 -0.55 16.36
CA LYS C 175 -17.79 -0.25 15.35
C LYS C 175 -16.98 0.98 15.76
N MET D 1 13.54 8.36 22.99
CA MET D 1 13.41 6.91 23.31
C MET D 1 12.72 6.16 22.18
N ASP D 2 13.13 6.44 20.95
CA ASP D 2 12.54 5.79 19.78
C ASP D 2 12.96 4.32 19.73
N ILE D 3 12.20 3.48 20.43
CA ILE D 3 12.49 2.05 20.47
C ILE D 3 12.15 1.37 19.14
N ALA D 4 11.19 1.94 18.42
CA ALA D 4 10.77 1.39 17.14
C ALA D 4 11.36 2.17 15.96
N ILE D 5 12.40 2.94 16.23
CA ILE D 5 13.05 3.74 15.19
C ILE D 5 14.57 3.68 15.30
N HIS D 6 15.08 4.16 16.43
CA HIS D 6 16.53 4.17 16.65
C HIS D 6 17.10 2.78 16.87
N HIS D 7 16.40 1.96 17.66
CA HIS D 7 16.86 0.60 17.96
C HIS D 7 17.18 -0.18 16.67
N PRO D 8 16.24 -0.25 15.70
CA PRO D 8 16.47 -0.98 14.45
C PRO D 8 17.37 -0.21 13.49
N TRP D 9 17.65 1.04 13.83
CA TRP D 9 18.50 1.90 12.99
C TRP D 9 19.95 1.86 13.47
N ILE D 10 20.15 1.51 14.73
CA ILE D 10 21.49 1.43 15.30
C ILE D 10 22.07 0.03 15.12
N ARG D 11 21.20 -0.96 15.01
CA ARG D 11 21.62 -2.34 14.83
C ARG D 11 21.87 -2.61 13.34
N ARG D 12 21.52 -1.64 12.51
CA ARG D 12 21.69 -1.74 11.07
C ARG D 12 23.18 -1.64 10.68
N PRO D 13 23.90 -0.60 11.15
CA PRO D 13 25.32 -0.42 10.82
C PRO D 13 26.19 -1.52 11.43
N PHE D 14 25.60 -2.30 12.32
CA PHE D 14 26.32 -3.39 12.98
C PHE D 14 26.25 -4.67 12.13
N PHE D 15 25.34 -4.68 11.17
CA PHE D 15 25.15 -5.84 10.31
C PHE D 15 26.39 -6.16 9.47
N PRO D 16 27.08 -5.15 8.88
CA PRO D 16 28.29 -5.38 8.09
C PRO D 16 29.31 -6.26 8.82
N PHE D 17 29.14 -6.40 10.13
CA PHE D 17 30.04 -7.22 10.93
C PHE D 17 29.27 -7.92 12.06
N HIS D 18 28.01 -8.22 11.79
CA HIS D 18 27.14 -8.88 12.76
C HIS D 18 27.10 -10.38 12.49
N SER D 19 26.23 -11.09 13.25
CA SER D 19 26.02 -12.55 13.13
C SER D 19 26.57 -13.31 14.34
N PRO D 20 27.86 -13.12 14.73
CA PRO D 20 28.43 -13.83 15.87
C PRO D 20 27.77 -13.41 17.18
N SER D 21 28.51 -13.55 18.29
CA SER D 21 27.98 -13.23 19.61
C SER D 21 27.46 -11.80 19.72
N ARG D 22 26.94 -11.47 20.90
CA ARG D 22 26.40 -10.14 21.17
C ARG D 22 27.20 -9.43 22.25
N LEU D 23 28.25 -10.07 22.76
CA LEU D 23 29.09 -9.48 23.80
C LEU D 23 30.57 -9.63 23.47
N PHE D 24 30.96 -9.39 22.22
CA PHE D 24 32.36 -9.54 21.84
C PHE D 24 33.22 -8.35 22.28
N ASP D 25 33.62 -8.37 23.52
CA ASP D 25 34.45 -7.30 24.07
C ASP D 25 35.34 -7.82 25.20
N GLN D 26 35.23 -9.11 25.49
CA GLN D 26 36.03 -9.72 26.55
C GLN D 26 36.79 -10.97 26.09
N PHE D 27 36.35 -11.62 25.01
CA PHE D 27 37.07 -12.79 24.52
C PHE D 27 38.29 -12.31 23.77
N PHE D 28 38.09 -11.25 22.99
CA PHE D 28 39.18 -10.65 22.25
C PHE D 28 40.03 -9.87 23.23
N GLY D 29 39.44 -9.54 24.37
CA GLY D 29 40.14 -8.80 25.40
C GLY D 29 40.92 -9.71 26.33
N GLU D 30 40.38 -10.91 26.56
CA GLU D 30 41.04 -11.87 27.43
C GLU D 30 42.01 -12.71 26.62
N HIS D 31 41.68 -12.92 25.34
CA HIS D 31 42.55 -13.68 24.45
C HIS D 31 43.85 -12.90 24.27
N LEU D 32 43.70 -11.57 24.24
CA LEU D 32 44.84 -10.69 24.12
C LEU D 32 45.49 -10.52 25.49
N LEU D 33 44.71 -10.74 26.53
CA LEU D 33 45.19 -10.62 27.90
C LEU D 33 46.14 -11.77 28.23
N GLU D 34 45.76 -12.98 27.81
CA GLU D 34 46.57 -14.16 28.05
C GLU D 34 47.73 -14.21 27.05
N SER D 35 47.67 -13.36 26.04
CA SER D 35 48.71 -13.29 25.01
C SER D 35 49.64 -12.11 25.26
N ASP D 36 49.15 -11.11 25.98
CA ASP D 36 49.94 -9.92 26.28
C ASP D 36 50.71 -10.12 27.57
N LEU D 37 50.19 -10.96 28.45
CA LEU D 37 50.85 -11.25 29.72
C LEU D 37 51.97 -12.26 29.49
N PHE D 38 52.08 -12.73 28.26
CA PHE D 38 53.12 -13.69 27.88
C PHE D 38 54.17 -13.02 27.02
N PRO D 39 55.47 -13.21 27.33
CA PRO D 39 56.58 -12.61 26.58
C PRO D 39 56.51 -12.86 25.08
N THR D 40 55.79 -12.00 24.36
CA THR D 40 55.67 -12.11 22.91
C THR D 40 56.51 -11.00 22.27
N SER D 41 57.32 -11.37 21.27
CA SER D 41 58.21 -10.42 20.61
C SER D 41 59.37 -10.09 21.55
N THR D 42 59.05 -9.43 22.67
CA THR D 42 60.05 -9.10 23.68
C THR D 42 60.24 -10.31 24.61
N SER D 43 60.57 -10.10 25.89
CA SER D 43 60.75 -11.24 26.79
C SER D 43 60.91 -10.90 28.29
N LEU D 44 60.24 -11.70 29.14
CA LEU D 44 60.30 -11.62 30.62
C LEU D 44 59.39 -10.56 31.27
N SER D 45 58.75 -10.95 32.43
CA SER D 45 57.85 -10.08 33.22
C SER D 45 56.77 -10.86 34.03
N PRO D 46 57.13 -11.53 35.17
CA PRO D 46 56.17 -12.31 35.99
C PRO D 46 55.87 -11.76 37.42
N PHE D 47 54.93 -12.47 38.13
CA PHE D 47 54.51 -12.16 39.53
C PHE D 47 53.12 -12.78 39.84
N TYR D 48 53.05 -13.81 40.74
CA TYR D 48 51.76 -14.47 41.05
C TYR D 48 51.70 -15.11 42.46
N LEU D 49 50.60 -15.85 42.71
CA LEU D 49 50.34 -16.57 43.97
C LEU D 49 49.69 -17.92 43.68
N ARG D 50 49.31 -18.69 44.72
CA ARG D 50 48.69 -20.01 44.50
C ARG D 50 47.87 -20.49 45.72
N PRO D 51 46.51 -20.49 45.62
CA PRO D 51 45.63 -20.94 46.68
C PRO D 51 45.18 -22.40 46.48
N PRO D 52 44.46 -22.99 47.47
CA PRO D 52 43.97 -24.38 47.37
C PRO D 52 43.05 -24.58 46.19
N SER D 53 43.14 -25.75 45.55
CA SER D 53 42.30 -26.04 44.39
C SER D 53 41.96 -27.53 44.32
N PHE D 54 40.90 -27.83 43.57
CA PHE D 54 40.45 -29.20 43.39
C PHE D 54 41.07 -29.80 42.13
N LEU D 55 41.56 -28.91 41.26
CA LEU D 55 42.19 -29.33 40.01
C LEU D 55 43.49 -30.07 40.29
N ARG D 56 43.68 -31.19 39.59
CA ARG D 56 44.87 -32.00 39.75
C ARG D 56 45.84 -31.77 38.59
N ALA D 57 45.32 -31.75 37.37
CA ALA D 57 46.16 -31.54 36.20
C ALA D 57 46.63 -30.09 36.13
N PRO D 58 45.69 -29.10 36.13
CA PRO D 58 46.04 -27.70 36.08
C PRO D 58 46.16 -27.10 37.48
N SER D 59 46.19 -25.77 37.56
CA SER D 59 46.29 -25.09 38.84
C SER D 59 45.69 -23.69 38.77
N TRP D 60 44.92 -23.34 39.79
CA TRP D 60 44.29 -22.02 39.84
C TRP D 60 45.15 -21.06 40.63
N PHE D 61 45.72 -20.06 39.95
CA PHE D 61 46.58 -19.07 40.60
C PHE D 61 45.84 -17.74 40.76
N ASP D 62 45.81 -17.24 42.00
CA ASP D 62 45.15 -15.97 42.29
C ASP D 62 46.05 -14.83 41.79
N THR D 63 45.67 -14.24 40.67
CA THR D 63 46.44 -13.15 40.07
C THR D 63 46.39 -11.89 40.91
N GLY D 64 47.50 -11.16 40.93
CA GLY D 64 47.58 -9.92 41.69
C GLY D 64 48.85 -9.14 41.39
N LEU D 65 48.80 -7.83 41.56
CA LEU D 65 49.96 -6.97 41.30
C LEU D 65 50.02 -5.82 42.31
N SER D 66 50.84 -4.82 41.99
CA SER D 66 51.00 -3.64 42.84
C SER D 66 52.08 -2.73 42.27
N GLU D 67 51.83 -1.41 42.27
CA GLU D 67 52.81 -0.46 41.74
C GLU D 67 52.42 0.98 42.00
N MET D 68 53.38 1.87 41.75
CA MET D 68 53.19 3.31 41.92
C MET D 68 54.33 4.05 41.23
N ARG D 69 54.05 5.22 40.66
CA ARG D 69 55.08 5.98 39.96
C ARG D 69 54.68 7.44 39.71
N LEU D 70 55.01 7.96 38.52
CA LEU D 70 54.70 9.33 38.13
C LEU D 70 53.37 9.80 38.70
N GLU D 71 52.29 9.49 37.99
CA GLU D 71 50.95 9.86 38.45
C GLU D 71 49.90 9.13 37.63
N LYS D 72 50.33 8.04 37.00
CA LYS D 72 49.44 7.23 36.19
C LYS D 72 49.88 5.76 36.21
N ASP D 73 49.00 4.87 36.66
CA ASP D 73 49.31 3.44 36.73
C ASP D 73 48.05 2.59 36.63
N ARG D 74 48.20 1.39 36.08
CA ARG D 74 47.07 0.46 35.92
C ARG D 74 47.09 -0.61 36.99
N PHE D 75 46.01 -1.39 37.05
CA PHE D 75 45.90 -2.46 38.03
C PHE D 75 44.77 -3.41 37.66
N SER D 76 44.78 -4.61 38.24
CA SER D 76 43.76 -5.60 37.96
C SER D 76 43.63 -6.63 39.08
N VAL D 77 42.42 -6.76 39.63
CA VAL D 77 42.16 -7.72 40.69
C VAL D 77 41.38 -8.90 40.11
N ASN D 78 41.55 -10.08 40.70
CA ASN D 78 40.86 -11.27 40.21
C ASN D 78 40.00 -11.91 41.29
N LEU D 79 38.70 -11.98 41.03
CA LEU D 79 37.77 -12.60 41.96
C LEU D 79 37.89 -14.12 41.83
N ASP D 80 37.16 -14.87 42.66
CA ASP D 80 37.27 -16.32 42.60
C ASP D 80 35.94 -17.02 42.34
N VAL D 81 35.90 -17.73 41.22
CA VAL D 81 34.76 -18.53 40.81
C VAL D 81 35.27 -19.73 40.02
N LYS D 82 35.76 -20.73 40.74
CA LYS D 82 36.35 -21.92 40.14
C LYS D 82 35.52 -22.47 38.98
N HIS D 83 34.23 -22.64 39.20
CA HIS D 83 33.36 -23.16 38.15
C HIS D 83 32.55 -22.05 37.49
N PHE D 84 32.53 -22.06 36.17
CA PHE D 84 31.84 -21.04 35.40
C PHE D 84 30.36 -20.96 35.71
N SER D 85 29.87 -19.73 35.76
CA SER D 85 28.46 -19.44 36.01
C SER D 85 28.08 -18.17 35.26
N PRO D 86 28.23 -18.18 33.91
CA PRO D 86 27.94 -17.03 33.05
C PRO D 86 26.69 -16.24 33.45
N GLU D 87 25.54 -16.89 33.39
CA GLU D 87 24.29 -16.23 33.73
C GLU D 87 23.89 -16.47 35.18
N GLU D 88 24.72 -17.22 35.91
CA GLU D 88 24.41 -17.53 37.30
C GLU D 88 25.28 -16.76 38.28
N LEU D 89 25.95 -15.72 37.79
CA LEU D 89 26.80 -14.90 38.66
C LEU D 89 26.51 -13.42 38.47
N LYS D 90 26.65 -12.65 39.56
CA LYS D 90 26.41 -11.23 39.51
C LYS D 90 27.55 -10.47 40.20
N VAL D 91 28.23 -9.61 39.43
CA VAL D 91 29.32 -8.83 39.97
C VAL D 91 28.80 -7.45 40.39
N LYS D 92 29.07 -7.07 41.62
CA LYS D 92 28.62 -5.78 42.12
C LYS D 92 29.77 -4.91 42.61
N VAL D 93 29.84 -3.69 42.08
CA VAL D 93 30.86 -2.75 42.48
C VAL D 93 30.24 -1.65 43.36
N LEU D 94 29.94 -2.02 44.60
CA LEU D 94 29.33 -1.08 45.53
C LEU D 94 30.39 -0.18 46.15
N GLY D 95 30.73 0.88 45.44
CA GLY D 95 31.73 1.82 45.92
C GLY D 95 33.11 1.21 45.93
N ASP D 96 33.79 1.32 47.06
CA ASP D 96 35.14 0.78 47.20
C ASP D 96 35.10 -0.69 47.62
N VAL D 97 33.97 -1.35 47.34
CA VAL D 97 33.80 -2.75 47.70
C VAL D 97 33.42 -3.59 46.49
N ILE D 98 34.29 -4.54 46.14
CA ILE D 98 34.04 -5.44 45.01
C ILE D 98 33.61 -6.81 45.51
N GLU D 99 32.42 -7.25 45.08
CA GLU D 99 31.90 -8.54 45.50
C GLU D 99 31.36 -9.33 44.31
N VAL D 100 31.59 -10.64 44.34
CA VAL D 100 31.11 -11.53 43.29
C VAL D 100 30.17 -12.58 43.88
N HIS D 101 29.06 -12.83 43.20
CA HIS D 101 28.08 -13.80 43.66
C HIS D 101 27.73 -14.78 42.55
N GLY D 102 28.43 -15.91 42.51
CA GLY D 102 28.18 -16.90 41.48
C GLY D 102 27.80 -18.25 42.06
N LYS D 103 26.74 -18.84 41.53
CA LYS D 103 26.26 -20.14 42.00
C LYS D 103 25.97 -21.05 40.82
N HIS D 104 26.61 -22.22 40.81
CA HIS D 104 26.41 -23.19 39.73
C HIS D 104 26.24 -24.60 40.27
N GLU D 105 25.29 -25.33 39.72
CA GLU D 105 25.03 -26.70 40.13
C GLU D 105 25.89 -27.65 39.31
N GLU D 106 26.98 -28.13 39.92
CA GLU D 106 27.89 -29.04 39.24
C GLU D 106 27.74 -30.47 39.73
N ARG D 107 27.29 -30.63 40.97
CA ARG D 107 27.10 -31.96 41.55
C ARG D 107 25.64 -32.35 41.48
N GLN D 108 25.38 -33.56 40.99
CA GLN D 108 24.01 -34.05 40.86
C GLN D 108 23.83 -35.41 41.52
N ASP D 109 22.66 -35.62 42.13
CA ASP D 109 22.33 -36.88 42.78
C ASP D 109 21.03 -37.43 42.22
N GLU D 110 20.46 -38.43 42.90
CA GLU D 110 19.22 -39.05 42.44
C GLU D 110 18.10 -38.01 42.28
N HIS D 111 17.53 -37.58 43.39
CA HIS D 111 16.47 -36.58 43.38
C HIS D 111 16.92 -35.33 44.10
N GLY D 112 18.24 -35.19 44.25
CA GLY D 112 18.81 -34.04 44.91
C GLY D 112 19.90 -33.39 44.09
N PHE D 113 19.80 -32.09 43.87
CA PHE D 113 20.79 -31.38 43.09
C PHE D 113 21.63 -30.46 43.96
N ILE D 114 22.95 -30.64 43.89
CA ILE D 114 23.88 -29.82 44.67
C ILE D 114 24.26 -28.57 43.89
N SER D 115 24.38 -27.45 44.59
CA SER D 115 24.74 -26.19 43.95
C SER D 115 25.78 -25.43 44.76
N ARG D 116 27.00 -25.38 44.24
CA ARG D 116 28.08 -24.67 44.91
C ARG D 116 28.00 -23.18 44.61
N GLU D 117 28.54 -22.36 45.51
CA GLU D 117 28.50 -20.93 45.32
C GLU D 117 29.77 -20.26 45.85
N PHE D 118 30.35 -19.38 45.02
CA PHE D 118 31.55 -18.66 45.40
C PHE D 118 31.21 -17.18 45.61
N HIS D 119 31.55 -16.67 46.80
CA HIS D 119 31.26 -15.28 47.12
C HIS D 119 32.48 -14.59 47.71
N ARG D 120 32.99 -13.58 47.00
CA ARG D 120 34.14 -12.82 47.47
C ARG D 120 33.73 -11.44 47.97
N LYS D 121 34.42 -10.97 48.99
CA LYS D 121 34.15 -9.65 49.56
C LYS D 121 35.46 -8.86 49.64
N TYR D 122 35.60 -7.89 48.74
CA TYR D 122 36.80 -7.07 48.69
C TYR D 122 36.55 -5.65 49.17
N ARG D 123 37.30 -5.24 50.17
CA ARG D 123 37.21 -3.88 50.70
C ARG D 123 38.53 -3.16 50.42
N ILE D 124 38.82 -2.96 49.14
CA ILE D 124 40.06 -2.34 48.73
C ILE D 124 39.85 -0.99 48.03
N PRO D 125 39.61 0.08 48.80
CA PRO D 125 39.44 1.42 48.23
C PRO D 125 40.74 1.91 47.61
N ALA D 126 41.83 1.21 47.94
CA ALA D 126 43.15 1.55 47.44
C ALA D 126 43.39 0.95 46.06
N ASP D 127 42.58 -0.03 45.70
CA ASP D 127 42.71 -0.70 44.42
C ASP D 127 41.42 -0.58 43.63
N VAL D 128 40.41 0.04 44.23
CA VAL D 128 39.12 0.18 43.58
C VAL D 128 38.62 1.63 43.54
N ASP D 129 37.92 1.93 42.46
CA ASP D 129 37.31 3.22 42.20
C ASP D 129 36.17 3.01 41.22
N PRO D 130 34.94 2.80 41.74
CA PRO D 130 33.76 2.52 40.93
C PRO D 130 33.66 3.34 39.64
N LEU D 131 34.20 4.56 39.65
CA LEU D 131 34.15 5.43 38.48
C LEU D 131 35.20 5.08 37.45
N THR D 132 35.70 3.84 37.47
CA THR D 132 36.73 3.44 36.50
C THR D 132 37.00 1.94 36.54
N ILE D 133 36.65 1.29 37.65
CA ILE D 133 36.87 -0.15 37.78
C ILE D 133 35.79 -0.94 37.09
N THR D 134 36.16 -1.62 36.01
CA THR D 134 35.23 -2.45 35.26
C THR D 134 35.32 -3.89 35.73
N SER D 135 34.76 -4.82 34.95
CA SER D 135 34.80 -6.22 35.33
C SER D 135 34.80 -7.13 34.11
N SER D 136 35.55 -8.22 34.21
CA SER D 136 35.64 -9.21 33.15
C SER D 136 35.42 -10.59 33.74
N LEU D 137 35.32 -11.61 32.91
CA LEU D 137 35.11 -12.96 33.40
C LEU D 137 35.67 -14.00 32.43
N SER D 138 36.11 -15.13 32.98
CA SER D 138 36.67 -16.21 32.18
C SER D 138 35.68 -17.37 32.10
N SER D 139 35.86 -18.24 31.10
CA SER D 139 34.97 -19.39 30.91
C SER D 139 35.07 -20.35 32.07
N ASP D 140 36.04 -20.12 32.94
CA ASP D 140 36.23 -20.96 34.10
C ASP D 140 35.82 -20.20 35.36
N GLY D 141 35.01 -19.17 35.15
CA GLY D 141 34.53 -18.35 36.25
C GLY D 141 35.57 -17.36 36.76
N VAL D 142 36.76 -17.38 36.18
CA VAL D 142 37.82 -16.47 36.61
C VAL D 142 37.41 -15.02 36.37
N LEU D 143 36.93 -14.37 37.42
CA LEU D 143 36.51 -12.97 37.34
C LEU D 143 37.72 -12.06 37.49
N THR D 144 37.76 -10.99 36.70
CA THR D 144 38.88 -10.06 36.76
C THR D 144 38.41 -8.61 36.67
N VAL D 145 38.45 -7.92 37.79
CA VAL D 145 38.05 -6.51 37.83
C VAL D 145 39.26 -5.62 37.56
N ASN D 146 39.40 -5.17 36.32
CA ASN D 146 40.52 -4.33 35.92
C ASN D 146 40.20 -2.85 36.07
N GLY D 147 41.25 -2.05 36.26
CA GLY D 147 41.08 -0.62 36.40
C GLY D 147 42.17 0.01 37.26
N PRO D 148 42.18 1.36 37.38
CA PRO D 148 43.19 2.09 38.17
C PRO D 148 43.09 1.78 39.66
N ARG D 149 43.59 2.71 40.48
CA ARG D 149 43.57 2.55 41.92
C ARG D 149 43.89 3.87 42.64
N LYS D 150 43.72 3.87 43.96
CA LYS D 150 44.01 5.07 44.76
C LYS D 150 44.59 4.69 46.13
N GLN D 151 43.82 4.88 47.21
CA GLN D 151 44.30 4.56 48.56
C GLN D 151 43.15 4.52 49.58
N VAL D 152 43.52 4.38 50.86
CA VAL D 152 42.56 4.33 51.98
C VAL D 152 41.84 2.98 52.03
N SER D 153 41.43 2.57 53.24
CA SER D 153 40.71 1.31 53.42
C SER D 153 40.19 1.18 54.86
N GLY D 154 38.87 0.98 55.00
CA GLY D 154 38.28 0.83 56.32
C GLY D 154 36.79 1.10 56.36
N PRO D 155 36.01 0.34 57.17
CA PRO D 155 34.56 0.50 57.29
C PRO D 155 34.12 1.39 58.46
N GLU D 156 34.73 1.18 59.64
CA GLU D 156 34.41 1.94 60.86
C GLU D 156 33.95 3.37 60.56
N ARG D 157 33.01 3.87 61.37
CA ARG D 157 32.46 5.21 61.19
C ARG D 157 32.94 6.17 62.27
N THR D 158 32.32 6.06 63.45
CA THR D 158 32.64 6.91 64.61
C THR D 158 32.13 8.34 64.38
N ILE D 159 30.88 8.57 64.79
CA ILE D 159 30.27 9.88 64.64
C ILE D 159 29.35 10.22 65.83
N PRO D 160 29.92 10.75 66.92
CA PRO D 160 29.14 11.12 68.11
C PRO D 160 28.43 12.45 67.92
N ILE D 161 27.19 12.53 68.40
CA ILE D 161 26.40 13.75 68.26
C ILE D 161 25.86 14.22 69.61
N THR D 162 25.62 15.53 69.72
CA THR D 162 25.08 16.14 70.94
C THR D 162 26.07 16.07 72.12
N ARG D 163 25.69 15.34 73.17
CA ARG D 163 26.50 15.19 74.38
C ARG D 163 26.37 16.42 75.27
N GLU D 164 26.13 17.57 74.65
CA GLU D 164 25.97 18.84 75.35
C GLU D 164 27.29 19.32 75.96
N GLU D 165 27.48 19.06 77.26
CA GLU D 165 28.71 19.46 77.96
C GLU D 165 28.78 20.97 78.17
N LYS D 166 27.88 21.72 77.51
CA LYS D 166 27.88 23.18 77.66
C LYS D 166 26.84 23.62 78.71
N PRO D 167 25.53 23.41 78.48
CA PRO D 167 24.49 23.77 79.45
C PRO D 167 24.11 22.57 80.31
N ALA D 168 23.44 22.83 81.43
CA ALA D 168 23.03 21.76 82.34
C ALA D 168 24.18 20.81 82.64
N VAL D 169 24.95 21.11 83.67
CA VAL D 169 26.10 20.29 84.05
C VAL D 169 25.95 19.76 85.47
N THR D 170 26.90 18.91 85.88
CA THR D 170 26.89 18.33 87.22
C THR D 170 28.20 18.63 87.94
N ALA D 171 28.25 18.39 89.24
CA ALA D 171 29.44 18.65 90.03
C ALA D 171 29.35 17.99 91.41
N ALA D 172 30.17 18.47 92.33
CA ALA D 172 30.19 17.94 93.70
C ALA D 172 30.92 18.89 94.63
N PRO D 173 30.71 18.76 95.96
CA PRO D 173 31.38 19.63 96.94
C PRO D 173 32.90 19.57 96.83
N LYS D 174 33.57 20.41 97.60
CA LYS D 174 35.04 20.46 97.58
C LYS D 174 35.56 21.40 98.66
N LYS D 175 36.88 21.40 98.85
CA LYS D 175 37.50 22.26 99.86
C LYS D 175 39.02 22.28 99.68
N MET E 1 15.31 18.43 10.62
CA MET E 1 16.58 17.75 10.24
C MET E 1 16.61 17.51 8.75
N ASP E 2 16.60 18.59 8.00
CA ASP E 2 16.64 18.51 6.54
C ASP E 2 17.84 17.69 6.09
N ILE E 3 17.59 16.44 5.71
CA ILE E 3 18.65 15.56 5.27
C ILE E 3 19.38 16.13 4.05
N ALA E 4 18.72 17.02 3.34
CA ALA E 4 19.30 17.64 2.15
C ALA E 4 20.04 18.94 2.50
N ILE E 5 20.22 19.19 3.79
CA ILE E 5 20.90 20.40 4.24
C ILE E 5 21.83 20.10 5.42
N HIS E 6 21.24 19.62 6.51
CA HIS E 6 21.99 19.29 7.72
C HIS E 6 23.04 18.21 7.46
N HIS E 7 22.74 17.26 6.57
CA HIS E 7 23.69 16.20 6.27
C HIS E 7 24.94 16.73 5.57
N PRO E 8 24.79 17.47 4.45
CA PRO E 8 25.94 18.03 3.72
C PRO E 8 26.58 19.20 4.46
N TRP E 9 25.84 19.84 5.37
CA TRP E 9 26.36 20.97 6.12
C TRP E 9 27.11 20.49 7.36
N ILE E 10 26.52 19.53 8.07
CA ILE E 10 27.16 18.98 9.26
C ILE E 10 28.41 18.24 8.84
N ARG E 11 28.45 17.81 7.59
CA ARG E 11 29.61 17.12 7.07
C ARG E 11 30.58 18.13 6.47
N ARG E 12 30.43 19.39 6.89
CA ARG E 12 31.31 20.44 6.40
C ARG E 12 32.43 20.74 7.40
N PRO E 13 32.13 21.29 8.59
CA PRO E 13 33.18 21.59 9.57
C PRO E 13 33.81 20.32 10.16
N PHE E 14 33.76 19.23 9.40
CA PHE E 14 34.31 17.96 9.84
C PHE E 14 35.34 17.43 8.84
N PHE E 15 35.47 18.10 7.69
CA PHE E 15 36.42 17.61 6.68
C PHE E 15 37.82 17.42 7.28
N PRO E 16 38.45 18.48 7.79
CA PRO E 16 39.79 18.41 8.39
C PRO E 16 39.98 17.27 9.45
N PHE E 17 38.90 16.53 9.77
CA PHE E 17 38.97 15.42 10.74
C PHE E 17 38.60 14.12 10.03
N HIS E 18 37.92 14.30 8.91
CA HIS E 18 37.46 13.20 8.07
C HIS E 18 38.54 12.15 7.86
N SER E 19 38.17 11.04 7.23
CA SER E 19 39.08 9.94 6.98
C SER E 19 39.82 9.50 8.25
N PRO E 20 39.10 9.39 9.40
CA PRO E 20 39.69 8.96 10.65
C PRO E 20 39.39 7.49 10.89
N SER E 21 39.44 6.71 9.82
CA SER E 21 39.15 5.29 9.86
C SER E 21 37.66 5.09 10.11
N ARG E 22 36.95 4.58 9.10
CA ARG E 22 35.51 4.35 9.21
C ARG E 22 35.17 3.52 10.44
N LEU E 23 36.18 2.82 10.97
CA LEU E 23 36.00 1.99 12.15
C LEU E 23 36.92 2.47 13.26
N PHE E 24 36.90 3.78 13.49
CA PHE E 24 37.75 4.42 14.51
C PHE E 24 37.44 3.91 15.92
N ASP E 25 36.17 3.65 16.19
CA ASP E 25 35.74 3.19 17.52
C ASP E 25 36.28 1.80 17.83
N GLN E 26 36.60 1.01 16.81
CA GLN E 26 37.11 -0.33 17.03
C GLN E 26 38.62 -0.41 16.83
N PHE E 27 39.14 0.37 15.88
CA PHE E 27 40.57 0.37 15.61
C PHE E 27 41.35 0.80 16.85
N PHE E 28 41.09 2.01 17.32
CA PHE E 28 41.77 2.53 18.50
C PHE E 28 41.32 1.74 19.73
N GLY E 29 40.09 1.24 19.70
CA GLY E 29 39.58 0.48 20.82
C GLY E 29 40.40 -0.77 21.10
N GLU E 30 41.02 -1.31 20.04
CA GLU E 30 41.86 -2.50 20.17
C GLU E 30 43.22 -2.13 20.75
N HIS E 31 43.76 -1.01 20.29
CA HIS E 31 45.06 -0.55 20.77
C HIS E 31 44.99 -0.13 22.23
N LEU E 32 43.83 0.35 22.65
CA LEU E 32 43.62 0.77 24.03
C LEU E 32 43.40 -0.45 24.92
N LEU E 33 42.90 -1.52 24.31
CA LEU E 33 42.64 -2.75 25.04
C LEU E 33 43.94 -3.53 25.21
N GLU E 34 44.90 -3.29 24.31
CA GLU E 34 46.19 -3.97 24.38
C GLU E 34 47.06 -3.37 25.47
N SER E 35 46.95 -2.05 25.64
CA SER E 35 47.73 -1.34 26.66
C SER E 35 47.04 -1.43 28.02
N ASP E 36 45.82 -1.97 28.03
CA ASP E 36 45.06 -2.10 29.27
C ASP E 36 45.30 -3.47 29.90
N LEU E 37 46.10 -4.28 29.24
CA LEU E 37 46.41 -5.62 29.73
C LEU E 37 47.70 -5.62 30.54
N PHE E 38 48.78 -5.16 29.92
CA PHE E 38 50.08 -5.11 30.57
C PHE E 38 50.77 -3.78 30.29
N PRO E 39 51.44 -3.17 31.31
CA PRO E 39 52.16 -1.90 31.13
C PRO E 39 53.09 -1.97 29.92
N THR E 40 52.58 -1.52 28.78
CA THR E 40 53.34 -1.58 27.54
C THR E 40 54.40 -0.49 27.41
N SER E 41 55.48 -0.63 28.16
CA SER E 41 56.61 0.31 28.15
C SER E 41 56.21 1.77 28.03
N THR E 42 55.04 2.13 28.55
CA THR E 42 54.59 3.52 28.50
C THR E 42 55.00 4.23 29.78
N SER E 43 54.66 5.50 29.90
CA SER E 43 54.97 6.26 31.10
C SER E 43 53.98 5.88 32.20
N LEU E 44 53.45 4.66 32.08
CA LEU E 44 52.47 4.13 33.01
C LEU E 44 51.22 4.98 33.01
N SER E 45 50.09 4.33 32.79
CA SER E 45 48.82 5.04 32.72
C SER E 45 47.64 4.15 33.03
N PRO E 46 46.77 4.56 33.98
CA PRO E 46 45.58 3.79 34.31
C PRO E 46 44.69 3.66 33.08
N PHE E 47 44.52 4.76 32.34
CA PHE E 47 43.69 4.76 31.14
C PHE E 47 44.08 5.86 30.15
N TYR E 48 45.38 6.07 29.92
CA TYR E 48 45.81 7.08 28.96
C TYR E 48 45.56 6.57 27.56
N LEU E 49 44.50 7.05 26.93
CA LEU E 49 44.15 6.60 25.59
C LEU E 49 44.70 7.55 24.53
N ARG E 50 45.72 7.08 23.79
CA ARG E 50 46.34 7.87 22.73
C ARG E 50 45.32 8.18 21.63
N PRO E 51 44.81 9.43 21.57
CA PRO E 51 43.83 9.84 20.58
C PRO E 51 44.45 10.56 19.39
N PRO E 52 43.70 10.69 18.28
CA PRO E 52 44.19 11.39 17.08
C PRO E 52 44.17 12.90 17.29
N SER E 53 45.35 13.51 17.29
CA SER E 53 45.45 14.96 17.50
C SER E 53 46.24 15.62 16.38
N PHE E 54 46.11 16.94 16.29
CA PHE E 54 46.79 17.73 15.28
C PHE E 54 48.14 18.21 15.81
N LEU E 55 48.35 18.05 17.11
CA LEU E 55 49.60 18.44 17.73
C LEU E 55 50.73 17.64 17.14
N ARG E 56 51.68 18.32 16.50
CA ARG E 56 52.81 17.66 15.85
C ARG E 56 53.99 17.48 16.78
N ALA E 57 54.21 18.45 17.66
CA ALA E 57 55.34 18.40 18.59
C ALA E 57 55.10 17.45 19.77
N PRO E 58 54.03 17.66 20.57
CA PRO E 58 53.74 16.83 21.73
C PRO E 58 52.74 15.71 21.45
N SER E 59 52.78 14.69 22.32
CA SER E 59 51.86 13.56 22.21
C SER E 59 50.80 13.66 23.29
N TRP E 60 49.54 13.77 22.87
CA TRP E 60 48.43 13.91 23.81
C TRP E 60 47.83 12.56 24.20
N PHE E 61 47.37 12.48 25.45
CA PHE E 61 46.76 11.26 25.98
C PHE E 61 45.51 11.62 26.80
N ASP E 62 44.45 10.85 26.64
CA ASP E 62 43.21 11.10 27.37
C ASP E 62 43.42 10.89 28.87
N THR E 63 43.23 11.95 29.66
CA THR E 63 43.42 11.87 31.10
C THR E 63 42.10 11.87 31.87
N GLY E 64 42.21 12.02 33.19
CA GLY E 64 41.04 12.04 34.04
C GLY E 64 41.32 12.72 35.38
N LEU E 65 42.55 13.17 35.57
CA LEU E 65 42.98 13.83 36.80
C LEU E 65 41.95 14.85 37.30
N SER E 66 41.43 15.67 36.39
CA SER E 66 40.46 16.71 36.75
C SER E 66 39.05 16.13 36.94
N GLU E 67 38.96 15.01 37.67
CA GLU E 67 37.68 14.38 37.93
C GLU E 67 37.74 13.49 39.17
N MET E 68 38.75 13.75 40.01
CA MET E 68 38.93 12.97 41.24
C MET E 68 39.08 13.89 42.45
N ARG E 69 40.15 14.69 42.45
CA ARG E 69 40.40 15.63 43.54
C ARG E 69 40.79 16.98 42.96
N LEU E 70 41.04 17.98 43.81
CA LEU E 70 41.42 19.29 43.30
C LEU E 70 42.01 20.20 44.38
N GLU E 71 41.15 20.96 45.07
CA GLU E 71 41.64 21.89 46.09
C GLU E 71 41.29 21.45 47.52
N LYS E 72 42.14 20.62 48.10
CA LYS E 72 41.94 20.13 49.47
C LYS E 72 43.23 20.29 50.28
N ASP E 73 43.15 20.11 51.60
CA ASP E 73 44.33 20.26 52.44
C ASP E 73 44.34 19.31 53.64
N ARG E 74 43.82 19.78 54.78
CA ARG E 74 43.80 18.99 56.01
C ARG E 74 42.93 19.68 57.05
N PHE E 75 41.63 19.73 56.80
CA PHE E 75 40.72 20.41 57.70
C PHE E 75 39.46 19.59 57.98
N SER E 76 38.38 20.31 58.29
CA SER E 76 37.10 19.69 58.60
C SER E 76 36.00 20.33 57.76
N VAL E 77 35.18 19.51 57.13
CA VAL E 77 34.07 19.99 56.32
C VAL E 77 32.87 20.30 57.20
N ASN E 78 32.08 21.29 56.81
CA ASN E 78 30.91 21.68 57.61
C ASN E 78 29.61 21.48 56.84
N LEU E 79 28.71 20.69 57.42
CA LEU E 79 27.41 20.45 56.82
C LEU E 79 26.52 21.66 57.08
N ASP E 80 25.34 21.71 56.46
CA ASP E 80 24.46 22.86 56.64
C ASP E 80 23.11 22.49 57.24
N VAL E 81 22.88 23.03 58.43
CA VAL E 81 21.62 22.86 59.15
C VAL E 81 21.36 24.16 59.92
N LYS E 82 21.00 25.20 59.17
CA LYS E 82 20.76 26.53 59.73
C LYS E 82 19.98 26.48 61.04
N HIS E 83 18.92 25.69 61.09
CA HIS E 83 18.13 25.58 62.31
C HIS E 83 18.41 24.27 63.03
N PHE E 84 18.67 24.38 64.33
CA PHE E 84 19.00 23.23 65.17
C PHE E 84 17.96 22.13 65.10
N SER E 85 18.46 20.90 65.04
CA SER E 85 17.63 19.70 65.01
C SER E 85 18.42 18.52 65.59
N PRO E 86 18.98 18.68 66.81
CA PRO E 86 19.79 17.64 67.47
C PRO E 86 19.16 16.26 67.42
N GLU E 87 17.92 16.16 67.90
CA GLU E 87 17.22 14.88 67.92
C GLU E 87 16.59 14.55 66.57
N GLU E 88 16.40 15.56 65.74
CA GLU E 88 15.77 15.36 64.45
C GLU E 88 16.75 15.38 63.28
N LEU E 89 18.01 15.05 63.55
CA LEU E 89 19.02 15.02 62.50
C LEU E 89 19.82 13.72 62.55
N LYS E 90 20.15 13.19 61.37
CA LYS E 90 20.90 11.95 61.28
C LYS E 90 22.02 12.08 60.26
N VAL E 91 23.26 12.10 60.74
CA VAL E 91 24.42 12.20 59.87
C VAL E 91 24.87 10.82 59.43
N LYS E 92 25.11 10.65 58.14
CA LYS E 92 25.54 9.36 57.61
C LYS E 92 26.83 9.47 56.81
N VAL E 93 27.80 8.64 57.17
CA VAL E 93 29.08 8.61 56.47
C VAL E 93 29.18 7.33 55.65
N LEU E 94 28.55 7.33 54.48
CA LEU E 94 28.56 6.17 53.60
C LEU E 94 29.76 6.22 52.66
N GLY E 95 30.91 5.76 53.16
CA GLY E 95 32.11 5.76 52.35
C GLY E 95 32.68 7.16 52.17
N ASP E 96 32.95 7.54 50.93
CA ASP E 96 33.49 8.85 50.65
C ASP E 96 32.37 9.85 50.41
N VAL E 97 31.18 9.52 50.91
CA VAL E 97 30.02 10.39 50.75
C VAL E 97 29.42 10.79 52.10
N ILE E 98 29.57 12.07 52.44
CA ILE E 98 29.03 12.59 53.70
C ILE E 98 27.69 13.28 53.46
N GLU E 99 26.67 12.84 54.20
CA GLU E 99 25.34 13.42 54.05
C GLU E 99 24.74 13.75 55.40
N VAL E 100 23.84 14.73 55.41
CA VAL E 100 23.15 15.14 56.63
C VAL E 100 21.65 15.24 56.38
N HIS E 101 20.87 14.71 57.31
CA HIS E 101 19.42 14.74 57.18
C HIS E 101 18.77 15.29 58.45
N GLY E 102 18.49 16.59 58.44
CA GLY E 102 17.89 17.22 59.61
C GLY E 102 16.59 17.93 59.26
N LYS E 103 15.53 17.60 59.99
CA LYS E 103 14.23 18.20 59.77
C LYS E 103 13.65 18.76 61.07
N HIS E 104 13.35 20.04 61.08
CA HIS E 104 12.79 20.68 62.27
C HIS E 104 11.61 21.57 61.93
N GLU E 105 10.57 21.49 62.75
CA GLU E 105 9.37 22.30 62.54
C GLU E 105 9.52 23.63 63.27
N GLU E 106 9.82 24.68 62.52
CA GLU E 106 10.00 26.00 63.10
C GLU E 106 8.82 26.93 62.80
N ARG E 107 8.12 26.66 61.71
CA ARG E 107 6.96 27.45 61.33
C ARG E 107 5.68 26.75 61.74
N GLN E 108 4.77 27.48 62.40
CA GLN E 108 3.51 26.91 62.86
C GLN E 108 2.32 27.76 62.41
N ASP E 109 1.22 27.06 62.10
CA ASP E 109 -0.01 27.72 61.68
C ASP E 109 -1.16 27.33 62.59
N GLU E 110 -2.39 27.58 62.15
CA GLU E 110 -3.57 27.24 62.93
C GLU E 110 -3.61 25.74 63.23
N HIS E 111 -3.92 24.96 62.19
CA HIS E 111 -3.97 23.50 62.33
C HIS E 111 -2.97 22.84 61.39
N GLY E 112 -2.02 23.64 60.91
CA GLY E 112 -1.01 23.13 60.01
C GLY E 112 0.38 23.46 60.50
N PHE E 113 1.22 22.43 60.61
CA PHE E 113 2.58 22.63 61.09
C PHE E 113 3.59 22.49 59.95
N ILE E 114 4.41 23.52 59.78
CA ILE E 114 5.42 23.51 58.73
C ILE E 114 6.73 22.92 59.26
N SER E 115 7.39 22.14 58.42
CA SER E 115 8.65 21.51 58.81
C SER E 115 9.70 21.68 57.73
N ARG E 116 10.76 22.42 58.06
CA ARG E 116 11.85 22.64 57.12
C ARG E 116 12.89 21.54 57.27
N GLU E 117 13.58 21.22 56.18
CA GLU E 117 14.59 20.17 56.20
C GLU E 117 15.81 20.56 55.38
N PHE E 118 16.99 20.25 55.91
CA PHE E 118 18.25 20.53 55.23
C PHE E 118 18.97 19.22 54.93
N HIS E 119 19.21 18.97 53.64
CA HIS E 119 19.89 17.74 53.23
C HIS E 119 21.09 18.04 52.34
N ARG E 120 22.28 17.70 52.84
CA ARG E 120 23.50 17.92 52.09
C ARG E 120 24.06 16.61 51.53
N LYS E 121 24.56 16.65 50.31
CA LYS E 121 25.14 15.49 49.67
C LYS E 121 26.57 15.80 49.25
N TYR E 122 27.53 15.32 50.04
CA TYR E 122 28.93 15.58 49.77
C TYR E 122 29.64 14.33 49.25
N ARG E 123 30.15 14.41 48.03
CA ARG E 123 30.90 13.30 47.43
C ARG E 123 32.36 13.72 47.32
N ILE E 124 32.98 13.95 48.48
CA ILE E 124 34.37 14.38 48.54
C ILE E 124 35.29 13.24 49.00
N PRO E 125 35.84 12.46 48.05
CA PRO E 125 36.75 11.36 48.37
C PRO E 125 38.07 11.85 48.93
N ALA E 126 38.58 12.95 48.35
CA ALA E 126 39.84 13.52 48.78
C ALA E 126 39.69 14.34 50.06
N ASP E 127 38.51 14.25 50.67
CA ASP E 127 38.23 14.97 51.90
C ASP E 127 37.60 14.07 52.95
N VAL E 128 37.20 12.87 52.54
CA VAL E 128 36.54 11.95 53.45
C VAL E 128 37.17 10.56 53.47
N ASP E 129 37.11 9.96 54.64
CA ASP E 129 37.59 8.62 54.91
C ASP E 129 36.74 8.07 56.06
N PRO E 130 35.73 7.23 55.74
CA PRO E 130 34.78 6.66 56.70
C PRO E 130 35.40 6.32 58.06
N LEU E 131 36.65 5.88 58.05
CA LEU E 131 37.32 5.50 59.29
C LEU E 131 37.49 6.66 60.27
N THR E 132 38.39 7.57 59.92
CA THR E 132 38.72 8.71 60.80
C THR E 132 37.67 9.82 60.78
N ILE E 133 37.11 10.14 59.62
CA ILE E 133 36.13 11.22 59.53
C ILE E 133 34.98 11.02 60.51
N THR E 134 34.89 11.92 61.49
CA THR E 134 33.83 11.88 62.49
C THR E 134 32.85 13.01 62.25
N SER E 135 31.98 13.27 63.23
CA SER E 135 31.00 14.33 63.10
C SER E 135 30.74 15.03 64.43
N SER E 136 30.73 16.36 64.40
CA SER E 136 30.47 17.16 65.59
C SER E 136 29.30 18.11 65.33
N LEU E 137 28.33 18.13 66.22
CA LEU E 137 27.16 18.99 66.06
C LEU E 137 27.18 20.18 67.01
N SER E 138 26.64 21.29 66.53
CA SER E 138 26.55 22.51 67.32
C SER E 138 25.12 22.69 67.82
N SER E 139 24.90 23.70 68.65
CA SER E 139 23.57 23.96 69.20
C SER E 139 22.68 24.70 68.21
N ASP E 140 23.28 25.24 67.15
CA ASP E 140 22.52 25.97 66.14
C ASP E 140 22.22 25.09 64.94
N GLY E 141 22.83 23.91 64.91
CA GLY E 141 22.62 22.98 63.81
C GLY E 141 23.87 22.83 62.95
N VAL E 142 24.85 23.69 63.19
CA VAL E 142 26.09 23.66 62.43
C VAL E 142 26.83 22.35 62.63
N LEU E 143 26.74 21.48 61.62
CA LEU E 143 27.41 20.19 61.67
C LEU E 143 28.80 20.33 61.08
N THR E 144 29.78 19.63 61.67
CA THR E 144 31.14 19.71 61.19
C THR E 144 31.85 18.36 61.23
N VAL E 145 32.10 17.78 60.08
CA VAL E 145 32.81 16.51 59.98
C VAL E 145 34.31 16.76 59.96
N ASN E 146 34.98 16.38 61.04
CA ASN E 146 36.42 16.59 61.16
C ASN E 146 37.22 15.32 60.93
N GLY E 147 38.47 15.50 60.49
CA GLY E 147 39.34 14.37 60.23
C GLY E 147 40.23 14.59 59.02
N PRO E 148 41.27 13.75 58.81
CA PRO E 148 42.17 13.86 57.66
C PRO E 148 41.45 13.64 56.34
N ARG E 149 42.18 13.21 55.31
CA ARG E 149 41.57 12.98 54.01
C ARG E 149 42.48 12.17 53.08
N LYS E 150 42.38 12.46 51.78
CA LYS E 150 43.17 11.79 50.74
C LYS E 150 42.53 10.47 50.34
N GLN E 151 41.85 10.48 49.19
CA GLN E 151 41.19 9.30 48.65
C GLN E 151 40.41 9.64 47.40
N VAL E 152 40.11 8.63 46.58
CA VAL E 152 39.34 8.83 45.36
C VAL E 152 38.19 7.84 45.29
N SER E 153 37.02 8.33 44.87
CA SER E 153 35.84 7.49 44.76
C SER E 153 34.94 7.97 43.63
N GLY E 154 33.75 7.38 43.54
CA GLY E 154 32.82 7.75 42.50
C GLY E 154 32.04 6.55 41.98
N PRO E 155 30.77 6.39 42.39
CA PRO E 155 29.95 5.24 41.96
C PRO E 155 29.55 5.29 40.48
N GLU E 156 30.03 4.31 39.72
CA GLU E 156 29.72 4.20 38.30
C GLU E 156 29.11 2.83 38.03
N ARG E 157 28.61 2.62 36.81
CA ARG E 157 28.00 1.33 36.48
C ARG E 157 28.51 0.84 35.12
N THR E 158 29.82 0.62 35.05
CA THR E 158 30.44 0.12 33.83
C THR E 158 31.16 -1.19 34.09
N ILE E 159 30.39 -2.27 34.13
CA ILE E 159 30.95 -3.60 34.38
C ILE E 159 30.38 -4.64 33.44
N PRO E 160 30.86 -4.69 32.18
CA PRO E 160 30.40 -5.68 31.20
C PRO E 160 30.70 -7.09 31.68
N ILE E 161 29.71 -7.97 31.61
CA ILE E 161 29.90 -9.34 32.07
C ILE E 161 29.82 -10.34 30.92
N THR E 162 30.27 -11.56 31.18
CA THR E 162 30.27 -12.64 30.21
C THR E 162 31.36 -12.46 29.16
N ARG E 163 31.27 -13.21 28.06
CA ARG E 163 32.28 -13.15 27.01
C ARG E 163 33.60 -13.63 27.59
N GLU E 164 33.65 -14.93 27.81
CA GLU E 164 34.82 -15.55 28.39
C GLU E 164 35.26 -16.79 27.61
N GLU E 165 36.21 -16.58 26.69
CA GLU E 165 36.82 -17.63 25.84
C GLU E 165 36.17 -19.02 25.95
N LYS E 166 35.75 -19.58 24.80
CA LYS E 166 35.15 -20.93 24.70
C LYS E 166 33.62 -20.98 24.91
N PRO E 167 32.81 -20.46 23.96
CA PRO E 167 31.36 -20.51 24.00
C PRO E 167 30.77 -21.36 22.86
N ALA E 168 30.41 -20.70 21.75
CA ALA E 168 29.88 -21.32 20.54
C ALA E 168 28.37 -21.55 20.58
N VAL E 169 27.68 -21.02 19.57
CA VAL E 169 26.25 -21.19 19.41
C VAL E 169 25.96 -21.55 17.97
N THR E 170 24.70 -21.71 17.63
CA THR E 170 24.34 -22.08 16.26
C THR E 170 22.88 -21.75 15.98
N ALA E 171 22.51 -21.91 14.71
CA ALA E 171 21.15 -21.65 14.27
C ALA E 171 20.84 -22.43 13.01
N ALA E 172 19.80 -22.03 12.30
CA ALA E 172 19.40 -22.71 11.07
C ALA E 172 18.33 -21.90 10.34
N PRO E 173 18.13 -22.16 9.03
CA PRO E 173 17.11 -21.43 8.26
C PRO E 173 15.74 -21.50 8.91
N LYS E 174 14.88 -20.55 8.55
CA LYS E 174 13.53 -20.49 9.12
C LYS E 174 12.57 -19.78 8.17
N LYS E 175 11.27 -19.85 8.49
CA LYS E 175 10.24 -19.22 7.68
C LYS E 175 8.86 -19.43 8.32
N MET F 1 -9.76 0.83 26.04
CA MET F 1 -8.40 1.39 26.27
C MET F 1 -7.62 1.48 24.96
N ASP F 2 -8.26 2.04 23.93
CA ASP F 2 -7.63 2.19 22.63
C ASP F 2 -6.54 3.26 22.68
N ILE F 3 -5.34 2.84 23.09
CA ILE F 3 -4.21 3.76 23.20
C ILE F 3 -3.70 4.18 21.82
N ALA F 4 -3.90 3.32 20.83
CA ALA F 4 -3.44 3.59 19.48
C ALA F 4 -4.58 4.04 18.58
N ILE F 5 -5.69 4.46 19.18
CA ILE F 5 -6.85 4.91 18.42
C ILE F 5 -7.48 6.15 19.04
N HIS F 6 -7.94 6.04 20.28
CA HIS F 6 -8.57 7.16 20.98
C HIS F 6 -7.57 8.23 21.37
N HIS F 7 -6.41 7.81 21.87
CA HIS F 7 -5.38 8.76 22.31
C HIS F 7 -5.04 9.78 21.20
N PRO F 8 -4.73 9.33 19.97
CA PRO F 8 -4.40 10.24 18.86
C PRO F 8 -5.65 10.89 18.27
N TRP F 9 -6.82 10.41 18.68
CA TRP F 9 -8.08 10.94 18.18
C TRP F 9 -8.62 12.03 19.11
N ILE F 10 -8.21 11.98 20.37
CA ILE F 10 -8.66 12.97 21.36
C ILE F 10 -7.73 14.18 21.37
N ARG F 11 -6.48 13.96 20.98
CA ARG F 11 -5.49 15.03 20.94
C ARG F 11 -5.61 15.80 19.62
N ARG F 12 -6.46 15.30 18.73
CA ARG F 12 -6.67 15.93 17.44
C ARG F 12 -7.52 17.20 17.55
N PRO F 13 -8.69 17.13 18.24
CA PRO F 13 -9.56 18.31 18.40
C PRO F 13 -8.92 19.39 19.25
N PHE F 14 -7.82 19.04 19.92
CA PHE F 14 -7.09 19.98 20.76
C PHE F 14 -6.12 20.81 19.93
N PHE F 15 -5.69 20.26 18.80
CA PHE F 15 -4.73 20.93 17.92
C PHE F 15 -5.16 22.36 17.55
N PRO F 16 -6.44 22.61 17.22
CA PRO F 16 -6.91 23.95 16.87
C PRO F 16 -6.52 25.00 17.91
N PHE F 17 -6.08 24.53 19.08
CA PHE F 17 -5.66 25.41 20.16
C PHE F 17 -4.59 24.72 21.01
N HIS F 18 -3.83 23.84 20.38
CA HIS F 18 -2.77 23.10 21.07
C HIS F 18 -1.40 23.51 20.56
N SER F 19 -0.47 23.77 21.50
CA SER F 19 0.89 24.18 21.18
C SER F 19 1.64 24.75 22.39
N PRO F 20 0.98 25.59 23.22
CA PRO F 20 1.62 26.20 24.39
C PRO F 20 2.16 25.18 25.40
N SER F 21 1.36 24.81 26.40
CA SER F 21 1.82 23.87 27.42
C SER F 21 0.91 22.65 27.57
N ARG F 22 1.28 21.76 28.48
CA ARG F 22 0.50 20.56 28.77
C ARG F 22 -0.54 20.88 29.83
N LEU F 23 -0.28 21.94 30.60
CA LEU F 23 -1.21 22.38 31.63
C LEU F 23 -1.68 23.79 31.30
N PHE F 24 -2.98 23.89 31.03
CA PHE F 24 -3.63 25.13 30.63
C PHE F 24 -4.58 25.66 31.69
N ASP F 25 -4.77 24.90 32.76
CA ASP F 25 -5.73 25.30 33.79
C ASP F 25 -5.11 25.60 35.17
N GLN F 26 -4.10 26.46 35.21
CA GLN F 26 -3.49 26.82 36.49
C GLN F 26 -2.78 28.17 36.40
N PHE F 27 -2.24 28.51 35.24
CA PHE F 27 -1.59 29.81 35.06
C PHE F 27 -2.67 30.85 34.86
N PHE F 28 -3.62 30.51 33.98
CA PHE F 28 -4.74 31.39 33.71
C PHE F 28 -5.66 31.40 34.92
N GLY F 29 -5.54 30.35 35.74
CA GLY F 29 -6.34 30.24 36.93
C GLY F 29 -5.80 31.08 38.07
N GLU F 30 -4.47 31.07 38.22
CA GLU F 30 -3.83 31.85 39.27
C GLU F 30 -3.68 33.29 38.83
N HIS F 31 -3.56 33.49 37.51
CA HIS F 31 -3.45 34.83 36.95
C HIS F 31 -4.73 35.58 37.23
N LEU F 32 -5.84 34.84 37.20
CA LEU F 32 -7.15 35.41 37.47
C LEU F 32 -7.37 35.47 38.98
N LEU F 33 -6.62 34.64 39.71
CA LEU F 33 -6.71 34.60 41.16
C LEU F 33 -6.09 35.85 41.76
N GLU F 34 -4.92 36.22 41.26
CA GLU F 34 -4.22 37.41 41.74
C GLU F 34 -4.87 38.67 41.20
N SER F 35 -5.76 38.50 40.22
CA SER F 35 -6.46 39.63 39.62
C SER F 35 -7.88 39.76 40.15
N ASP F 36 -8.41 38.66 40.68
CA ASP F 36 -9.77 38.65 41.23
C ASP F 36 -9.74 39.02 42.70
N LEU F 37 -8.60 38.75 43.35
CA LEU F 37 -8.44 39.08 44.77
C LEU F 37 -8.12 40.56 44.93
N PHE F 38 -7.99 41.24 43.80
CA PHE F 38 -7.69 42.67 43.80
C PHE F 38 -8.93 43.46 43.34
N PRO F 39 -9.31 44.53 44.07
CA PRO F 39 -10.48 45.35 43.74
C PRO F 39 -10.45 45.88 42.31
N THR F 40 -10.95 45.08 41.37
CA THR F 40 -11.04 45.47 39.97
C THR F 40 -12.48 45.80 39.62
N SER F 41 -12.70 46.97 39.02
CA SER F 41 -14.04 47.44 38.68
C SER F 41 -14.75 47.92 39.94
N THR F 42 -14.88 47.01 40.92
CA THR F 42 -15.49 47.34 42.21
C THR F 42 -14.40 47.84 43.18
N SER F 43 -14.60 47.70 44.49
CA SER F 43 -13.58 48.17 45.45
C SER F 43 -13.67 47.54 46.85
N LEU F 44 -12.48 47.24 47.42
CA LEU F 44 -12.34 46.70 48.81
C LEU F 44 -12.61 45.19 48.97
N SER F 45 -11.86 44.54 49.93
CA SER F 45 -11.98 43.09 50.26
C SER F 45 -10.66 42.44 50.74
N PRO F 46 -10.15 42.75 51.97
CA PRO F 46 -8.89 42.19 52.51
C PRO F 46 -9.00 41.21 53.72
N PHE F 47 -7.84 40.60 54.08
CA PHE F 47 -7.69 39.66 55.24
C PHE F 47 -6.46 38.73 55.05
N TYR F 48 -5.39 38.90 55.88
CA TYR F 48 -4.16 38.07 55.74
C TYR F 48 -3.35 37.91 57.04
N LEU F 49 -2.15 37.29 56.90
CA LEU F 49 -1.20 37.06 57.99
C LEU F 49 0.24 37.26 57.49
N ARG F 50 1.25 37.02 58.35
CA ARG F 50 2.64 37.21 57.92
C ARG F 50 3.65 36.41 58.79
N PRO F 51 4.24 35.33 58.23
CA PRO F 51 5.23 34.50 58.92
C PRO F 51 6.67 34.92 58.60
N PRO F 52 7.68 34.33 59.26
CA PRO F 52 9.10 34.65 59.01
C PRO F 52 9.54 34.24 57.61
N SER F 53 10.33 35.10 56.97
CA SER F 53 10.81 34.81 55.61
C SER F 53 12.26 35.27 55.43
N PHE F 54 12.88 34.79 54.35
CA PHE F 54 14.25 35.15 54.03
C PHE F 54 14.27 36.33 53.06
N LEU F 55 13.13 36.57 52.43
CA LEU F 55 13.00 37.65 51.47
C LEU F 55 13.12 39.00 52.16
N ARG F 56 13.89 39.90 51.56
CA ARG F 56 14.08 41.24 52.10
C ARG F 56 13.26 42.26 51.35
N ALA F 57 13.28 42.18 50.02
CA ALA F 57 12.53 43.12 49.20
C ALA F 57 11.03 42.83 49.29
N PRO F 58 10.58 41.58 48.99
CA PRO F 58 9.18 41.21 49.07
C PRO F 58 8.85 40.61 50.43
N SER F 59 7.69 39.98 50.52
CA SER F 59 7.25 39.35 51.76
C SER F 59 6.30 38.20 51.49
N TRP F 60 6.49 37.09 52.19
CA TRP F 60 5.64 35.92 52.03
C TRP F 60 4.54 35.92 53.08
N PHE F 61 3.31 36.13 52.63
CA PHE F 61 2.16 36.17 53.53
C PHE F 61 1.36 34.87 53.45
N ASP F 62 1.14 34.23 54.60
CA ASP F 62 0.37 33.00 54.65
C ASP F 62 -1.12 33.32 54.49
N THR F 63 -1.65 33.05 53.31
CA THR F 63 -3.05 33.34 53.01
C THR F 63 -3.99 32.44 53.81
N GLY F 64 -5.14 32.99 54.20
CA GLY F 64 -6.13 32.25 54.95
C GLY F 64 -7.43 33.02 55.10
N LEU F 65 -8.54 32.30 55.22
CA LEU F 65 -9.85 32.92 55.37
C LEU F 65 -10.73 32.13 56.33
N SER F 66 -12.03 32.44 56.31
CA SER F 66 -13.01 31.77 57.17
C SER F 66 -14.38 32.40 56.99
N GLU F 67 -15.43 31.58 56.93
CA GLU F 67 -16.79 32.09 56.76
C GLU F 67 -17.84 31.03 57.07
N MET F 68 -19.09 31.48 57.07
CA MET F 68 -20.23 30.61 57.36
C MET F 68 -21.53 31.31 56.96
N ARG F 69 -22.48 30.58 56.38
CA ARG F 69 -23.76 31.17 55.98
C ARG F 69 -24.81 30.12 55.66
N LEU F 70 -25.71 30.44 54.71
CA LEU F 70 -26.80 29.55 54.31
C LEU F 70 -26.35 28.09 54.23
N GLU F 71 -25.89 27.67 53.06
CA GLU F 71 -25.42 26.31 52.87
C GLU F 71 -24.42 26.25 51.73
N LYS F 72 -23.69 27.34 51.57
CA LYS F 72 -22.69 27.45 50.53
C LYS F 72 -21.46 28.19 51.08
N ASP F 73 -20.27 27.59 50.90
CA ASP F 73 -19.05 28.20 51.41
C ASP F 73 -17.83 27.89 50.54
N ARG F 74 -17.17 28.94 50.07
CA ARG F 74 -15.96 28.78 49.26
C ARG F 74 -14.74 29.02 50.13
N PHE F 75 -13.76 28.14 50.05
CA PHE F 75 -12.55 28.28 50.89
C PHE F 75 -11.29 27.92 50.11
N SER F 76 -10.14 28.31 50.67
CA SER F 76 -8.85 28.04 50.04
C SER F 76 -7.71 28.12 51.05
N VAL F 77 -6.98 27.03 51.21
CA VAL F 77 -5.84 26.99 52.12
C VAL F 77 -4.55 27.10 51.32
N ASN F 78 -3.49 27.62 51.94
CA ASN F 78 -2.22 27.78 51.25
C ASN F 78 -1.08 27.07 51.98
N LEU F 79 -0.46 26.12 51.28
CA LEU F 79 0.67 25.39 51.84
C LEU F 79 1.93 26.26 51.73
N ASP F 80 3.04 25.79 52.27
CA ASP F 80 4.27 26.60 52.22
C ASP F 80 5.44 25.87 51.57
N VAL F 81 5.95 26.48 50.50
CA VAL F 81 7.10 25.98 49.78
C VAL F 81 7.89 27.18 49.26
N LYS F 82 8.52 27.88 50.20
CA LYS F 82 9.30 29.10 49.93
C LYS F 82 9.85 29.15 48.50
N HIS F 83 10.63 28.13 48.13
CA HIS F 83 11.21 28.07 46.80
C HIS F 83 10.47 27.06 45.93
N PHE F 84 10.39 27.37 44.64
CA PHE F 84 9.68 26.51 43.68
C PHE F 84 10.35 25.16 43.49
N SER F 85 9.50 24.14 43.35
CA SER F 85 9.93 22.77 43.12
C SER F 85 8.86 22.05 42.29
N PRO F 86 8.59 22.56 41.07
CA PRO F 86 7.56 22.01 40.17
C PRO F 86 7.51 20.49 40.15
N GLU F 87 8.59 19.85 39.71
CA GLU F 87 8.62 18.39 39.63
C GLU F 87 9.26 17.77 40.86
N GLU F 88 9.69 18.60 41.80
CA GLU F 88 10.34 18.10 43.01
C GLU F 88 9.43 18.14 44.23
N LEU F 89 8.13 18.31 44.01
CA LEU F 89 7.18 18.33 45.12
C LEU F 89 5.96 17.47 44.81
N LYS F 90 5.41 16.87 45.85
CA LYS F 90 4.24 16.01 45.72
C LYS F 90 3.18 16.36 46.73
N VAL F 91 2.02 16.81 46.26
CA VAL F 91 0.92 17.15 47.15
C VAL F 91 0.07 15.91 47.40
N LYS F 92 -0.28 15.67 48.65
CA LYS F 92 -1.08 14.50 48.99
C LYS F 92 -2.28 14.87 49.86
N VAL F 93 -3.46 14.50 49.38
CA VAL F 93 -4.70 14.75 50.11
C VAL F 93 -5.21 13.45 50.71
N LEU F 94 -4.57 13.01 51.79
CA LEU F 94 -4.94 11.78 52.46
C LEU F 94 -6.10 12.02 53.42
N GLY F 95 -7.32 12.01 52.87
CA GLY F 95 -8.50 12.24 53.68
C GLY F 95 -8.60 13.67 54.14
N ASP F 96 -8.83 13.86 55.43
CA ASP F 96 -8.95 15.19 56.01
C ASP F 96 -7.59 15.74 56.38
N VAL F 97 -6.54 15.22 55.73
CA VAL F 97 -5.17 15.66 56.01
C VAL F 97 -4.45 16.09 54.74
N ILE F 98 -4.12 17.37 54.67
CA ILE F 98 -3.39 17.91 53.51
C ILE F 98 -1.91 18.06 53.84
N GLU F 99 -1.06 17.44 53.03
CA GLU F 99 0.38 17.51 53.25
C GLU F 99 1.14 17.78 51.96
N VAL F 100 2.17 18.62 52.06
CA VAL F 100 2.99 18.96 50.91
C VAL F 100 4.43 18.52 51.15
N HIS F 101 5.04 17.93 50.12
CA HIS F 101 6.43 17.46 50.23
C HIS F 101 7.26 17.97 49.06
N GLY F 102 7.94 19.09 49.26
CA GLY F 102 8.76 19.67 48.21
C GLY F 102 10.21 19.82 48.62
N LYS F 103 11.11 19.39 47.76
CA LYS F 103 12.54 19.49 48.03
C LYS F 103 13.29 20.03 46.82
N HIS F 104 13.99 21.15 47.01
CA HIS F 104 14.74 21.77 45.92
C HIS F 104 16.15 22.15 46.37
N GLU F 105 17.12 21.87 45.52
CA GLU F 105 18.51 22.21 45.81
C GLU F 105 18.82 23.62 45.33
N GLU F 106 18.84 24.57 46.26
CA GLU F 106 19.11 25.96 45.91
C GLU F 106 20.52 26.38 46.33
N ARG F 107 21.07 25.72 47.35
CA ARG F 107 22.41 26.04 47.81
C ARG F 107 23.42 25.04 47.25
N GLN F 108 24.51 25.55 46.71
CA GLN F 108 25.53 24.69 46.12
C GLN F 108 26.93 25.00 46.68
N ASP F 109 27.73 23.96 46.84
CA ASP F 109 29.09 24.11 47.35
C ASP F 109 30.08 23.47 46.37
N GLU F 110 31.31 23.29 46.81
CA GLU F 110 32.35 22.69 45.96
C GLU F 110 31.91 21.32 45.44
N HIS F 111 31.99 20.32 46.30
CA HIS F 111 31.58 18.96 45.93
C HIS F 111 30.40 18.52 46.77
N GLY F 112 29.71 19.50 47.35
CA GLY F 112 28.55 19.21 48.18
C GLY F 112 27.37 20.05 47.77
N PHE F 113 26.24 19.40 47.54
CA PHE F 113 25.02 20.10 47.14
C PHE F 113 23.99 20.09 48.25
N ILE F 114 23.52 21.28 48.62
CA ILE F 114 22.52 21.42 49.65
C ILE F 114 21.12 21.37 49.06
N SER F 115 20.20 20.72 49.78
CA SER F 115 18.83 20.60 49.30
C SER F 115 17.83 20.85 50.43
N ARG F 116 17.15 21.99 50.36
CA ARG F 116 16.16 22.34 51.37
C ARG F 116 14.83 21.67 51.05
N GLU F 117 14.05 21.40 52.09
CA GLU F 117 12.76 20.74 51.90
C GLU F 117 11.70 21.32 52.82
N PHE F 118 10.53 21.58 52.26
CA PHE F 118 9.41 22.12 53.03
C PHE F 118 8.29 21.09 53.11
N HIS F 119 7.88 20.75 54.33
CA HIS F 119 6.83 19.76 54.53
C HIS F 119 5.78 20.26 55.51
N ARG F 120 4.56 20.42 55.01
CA ARG F 120 3.45 20.88 55.85
C ARG F 120 2.51 19.74 56.19
N LYS F 121 1.99 19.76 57.42
CA LYS F 121 1.05 18.74 57.87
C LYS F 121 -0.22 19.39 58.37
N TYR F 122 -1.26 19.35 57.54
CA TYR F 122 -2.55 19.95 57.88
C TYR F 122 -3.60 18.89 58.17
N ARG F 123 -4.18 18.97 59.36
CA ARG F 123 -5.25 18.05 59.75
C ARG F 123 -6.50 18.86 60.01
N ILE F 124 -7.04 19.44 58.95
CA ILE F 124 -8.24 20.29 59.05
C ILE F 124 -9.44 19.67 58.35
N PRO F 125 -10.15 18.74 59.00
CA PRO F 125 -11.35 18.13 58.42
C PRO F 125 -12.47 19.16 58.30
N ALA F 126 -12.27 20.30 58.97
CA ALA F 126 -13.25 21.38 58.95
C ALA F 126 -13.04 22.29 57.75
N ASP F 127 -11.89 22.16 57.11
CA ASP F 127 -11.58 22.98 55.94
C ASP F 127 -11.21 22.11 54.75
N VAL F 128 -11.18 20.80 54.96
CA VAL F 128 -10.83 19.88 53.90
C VAL F 128 -11.81 18.73 53.73
N ASP F 129 -12.01 18.36 52.49
CA ASP F 129 -12.87 17.26 52.08
C ASP F 129 -12.32 16.71 50.77
N PRO F 130 -11.49 15.64 50.84
CA PRO F 130 -10.84 15.04 49.67
C PRO F 130 -11.73 14.96 48.43
N LEU F 131 -13.04 14.78 48.63
CA LEU F 131 -13.97 14.67 47.52
C LEU F 131 -14.33 16.03 46.92
N THR F 132 -13.46 17.02 47.11
CA THR F 132 -13.73 18.35 46.57
C THR F 132 -12.51 19.27 46.62
N ILE F 133 -11.58 18.98 47.53
CA ILE F 133 -10.39 19.81 47.66
C ILE F 133 -9.34 19.47 46.61
N THR F 134 -8.91 20.48 45.86
CA THR F 134 -7.90 20.32 44.83
C THR F 134 -6.62 21.05 45.23
N SER F 135 -5.72 21.25 44.27
CA SER F 135 -4.47 21.93 44.56
C SER F 135 -4.03 22.83 43.40
N SER F 136 -3.43 23.96 43.76
CA SER F 136 -2.93 24.92 42.78
C SER F 136 -1.59 25.47 43.26
N LEU F 137 -0.52 25.05 42.60
CA LEU F 137 0.83 25.48 42.98
C LEU F 137 1.22 26.80 42.32
N SER F 138 2.20 27.48 42.92
CA SER F 138 2.71 28.75 42.40
C SER F 138 4.15 28.58 41.94
N SER F 139 4.61 29.49 41.08
CA SER F 139 5.98 29.42 40.56
C SER F 139 6.99 29.70 41.65
N ASP F 140 6.51 30.08 42.82
CA ASP F 140 7.37 30.35 43.95
C ASP F 140 7.14 29.29 45.02
N GLY F 141 6.51 28.19 44.61
CA GLY F 141 6.23 27.09 45.51
C GLY F 141 4.97 27.30 46.33
N VAL F 142 4.36 28.47 46.21
CA VAL F 142 3.14 28.77 46.95
C VAL F 142 2.01 27.84 46.54
N LEU F 143 1.79 26.80 47.34
CA LEU F 143 0.74 25.84 47.07
C LEU F 143 -0.59 26.35 47.62
N THR F 144 -1.68 26.09 46.92
CA THR F 144 -2.99 26.55 47.36
C THR F 144 -4.06 25.48 47.13
N VAL F 145 -4.48 24.84 48.21
CA VAL F 145 -5.52 23.81 48.13
C VAL F 145 -6.89 24.45 48.28
N ASN F 146 -7.53 24.74 47.15
CA ASN F 146 -8.84 25.37 47.15
C ASN F 146 -9.97 24.34 47.23
N GLY F 147 -11.13 24.81 47.68
CA GLY F 147 -12.30 23.94 47.80
C GLY F 147 -13.15 24.29 49.01
N PRO F 148 -14.38 23.77 49.09
CA PRO F 148 -15.29 24.04 50.22
C PRO F 148 -14.74 23.51 51.56
N ARG F 149 -15.64 23.32 52.52
CA ARG F 149 -15.24 22.84 53.84
C ARG F 149 -16.41 22.19 54.59
N LYS F 150 -16.14 21.75 55.82
CA LYS F 150 -17.17 21.14 56.66
C LYS F 150 -16.90 21.40 58.15
N GLN F 151 -16.52 20.36 58.90
CA GLN F 151 -16.24 20.52 60.34
C GLN F 151 -15.52 19.29 60.94
N VAL F 152 -15.33 19.34 62.27
CA VAL F 152 -14.66 18.26 63.02
C VAL F 152 -13.14 18.27 62.81
N SER F 153 -12.42 17.76 63.82
CA SER F 153 -10.96 17.69 63.77
C SER F 153 -10.41 16.88 64.95
N GLY F 154 -9.78 15.74 64.66
CA GLY F 154 -9.22 14.91 65.72
C GLY F 154 -8.63 13.60 65.22
N PRO F 155 -7.43 13.21 65.70
CA PRO F 155 -6.76 11.97 65.28
C PRO F 155 -7.04 10.78 66.21
N GLU F 156 -7.07 11.04 67.52
CA GLU F 156 -7.31 9.99 68.53
C GLU F 156 -8.37 8.98 68.09
N ARG F 157 -8.30 7.78 68.67
CA ARG F 157 -9.23 6.71 68.32
C ARG F 157 -10.11 6.31 69.51
N THR F 158 -9.53 5.53 70.42
CA THR F 158 -10.23 5.06 71.61
C THR F 158 -11.28 4.02 71.24
N ILE F 159 -10.86 2.75 71.19
CA ILE F 159 -11.77 1.66 70.84
C ILE F 159 -11.45 0.40 71.65
N PRO F 160 -12.00 0.28 72.87
CA PRO F 160 -11.78 -0.90 73.72
C PRO F 160 -12.65 -2.08 73.29
N ILE F 161 -12.09 -3.28 73.36
CA ILE F 161 -12.81 -4.48 72.97
C ILE F 161 -12.75 -5.56 74.06
N THR F 162 -13.78 -6.40 74.09
CA THR F 162 -13.87 -7.50 75.05
C THR F 162 -14.08 -7.01 76.49
N ARG F 163 -13.13 -7.33 77.38
CA ARG F 163 -13.19 -6.96 78.80
C ARG F 163 -14.12 -7.89 79.58
N GLU F 164 -15.14 -8.40 78.89
CA GLU F 164 -16.11 -9.31 79.47
C GLU F 164 -16.98 -8.63 80.52
N GLU F 165 -16.60 -8.75 81.80
CA GLU F 165 -17.36 -8.16 82.89
C GLU F 165 -18.72 -8.84 83.05
N LYS F 166 -18.94 -9.90 82.27
CA LYS F 166 -20.21 -10.63 82.33
C LYS F 166 -20.03 -12.03 82.90
N PRO F 167 -19.15 -12.88 82.32
CA PRO F 167 -18.92 -14.24 82.81
C PRO F 167 -17.98 -14.25 84.02
N ALA F 168 -16.94 -15.09 83.97
CA ALA F 168 -15.96 -15.19 85.06
C ALA F 168 -15.64 -13.82 85.65
N VAL F 169 -15.89 -13.68 86.95
CA VAL F 169 -15.65 -12.43 87.66
C VAL F 169 -15.00 -12.70 89.02
N THR F 170 -14.45 -11.65 89.63
CA THR F 170 -13.80 -11.78 90.93
C THR F 170 -14.59 -11.08 92.01
N ALA F 171 -14.21 -11.30 93.27
CA ALA F 171 -14.90 -10.69 94.41
C ALA F 171 -14.06 -10.83 95.68
N ALA F 172 -14.72 -10.70 96.83
CA ALA F 172 -14.05 -10.81 98.13
C ALA F 172 -15.07 -10.96 99.26
N PRO F 173 -14.65 -11.45 100.43
CA PRO F 173 -15.54 -11.62 101.58
C PRO F 173 -16.15 -10.30 102.02
N LYS F 174 -17.09 -10.37 102.96
CA LYS F 174 -17.75 -9.17 103.48
C LYS F 174 -18.63 -9.52 104.68
N LYS F 175 -19.19 -8.48 105.31
CA LYS F 175 -20.06 -8.67 106.47
C LYS F 175 -20.79 -7.38 106.81
N MET G 1 -10.46 -17.70 -15.15
CA MET G 1 -10.36 -17.12 -16.50
C MET G 1 -9.02 -17.46 -17.12
N ASP G 2 -8.07 -17.88 -16.27
CA ASP G 2 -6.74 -18.25 -16.71
C ASP G 2 -6.28 -17.39 -17.89
N ILE G 3 -5.91 -16.15 -17.61
CA ILE G 3 -5.46 -15.23 -18.65
C ILE G 3 -4.27 -15.79 -19.41
N ALA G 4 -3.54 -16.73 -18.77
CA ALA G 4 -2.37 -17.33 -19.39
C ALA G 4 -2.71 -18.64 -20.10
N ILE G 5 -4.01 -18.90 -20.27
CA ILE G 5 -4.46 -20.12 -20.94
C ILE G 5 -5.66 -19.85 -21.85
N HIS G 6 -6.74 -19.34 -21.27
CA HIS G 6 -7.95 -19.04 -22.02
C HIS G 6 -7.71 -17.96 -23.08
N HIS G 7 -6.83 -17.00 -22.79
CA HIS G 7 -6.55 -15.94 -23.73
C HIS G 7 -5.89 -16.48 -25.01
N PRO G 8 -4.78 -17.23 -24.89
CA PRO G 8 -4.10 -17.80 -26.06
C PRO G 8 -4.85 -18.97 -26.68
N TRP G 9 -5.78 -19.56 -25.93
CA TRP G 9 -6.55 -20.70 -26.41
C TRP G 9 -7.82 -20.22 -27.13
N ILE G 10 -8.47 -19.22 -26.57
CA ILE G 10 -9.68 -18.67 -27.17
C ILE G 10 -9.31 -17.94 -28.45
N ARG G 11 -8.02 -17.75 -28.62
CA ARG G 11 -7.50 -17.10 -29.82
C ARG G 11 -6.89 -18.16 -30.74
N ARG G 12 -7.16 -19.43 -30.43
CA ARG G 12 -6.64 -20.51 -31.24
C ARG G 12 -7.54 -20.77 -32.45
N PRO G 13 -8.75 -21.34 -32.29
CA PRO G 13 -9.63 -21.59 -33.42
C PRO G 13 -10.28 -20.29 -33.88
N PHE G 14 -9.50 -19.22 -33.90
CA PHE G 14 -9.97 -17.90 -34.30
C PHE G 14 -9.08 -17.31 -35.38
N PHE G 15 -7.85 -17.85 -35.52
CA PHE G 15 -6.91 -17.28 -36.50
C PHE G 15 -7.52 -17.21 -37.89
N PRO G 16 -8.01 -18.34 -38.43
CA PRO G 16 -8.65 -18.38 -39.74
C PRO G 16 -9.79 -17.33 -39.91
N PHE G 17 -10.03 -16.52 -38.86
CA PHE G 17 -11.05 -15.47 -38.89
C PHE G 17 -10.41 -14.12 -38.57
N HIS G 18 -9.22 -14.19 -37.97
CA HIS G 18 -8.46 -13.00 -37.57
C HIS G 18 -8.36 -11.99 -38.71
N SER G 19 -7.79 -10.84 -38.41
CA SER G 19 -7.64 -9.77 -39.39
C SER G 19 -8.99 -9.33 -39.97
N PRO G 20 -10.04 -9.22 -39.13
CA PRO G 20 -11.35 -8.78 -39.57
C PRO G 20 -11.55 -7.31 -39.28
N SER G 21 -10.45 -6.55 -39.36
CA SER G 21 -10.46 -5.13 -39.08
C SER G 21 -10.68 -4.89 -37.59
N ARG G 22 -9.66 -4.36 -36.91
CA ARG G 22 -9.75 -4.10 -35.48
C ARG G 22 -11.00 -3.29 -35.14
N LEU G 23 -11.50 -2.57 -36.13
CA LEU G 23 -12.70 -1.75 -35.96
C LEU G 23 -13.81 -2.26 -36.88
N PHE G 24 -14.06 -3.56 -36.80
CA PHE G 24 -15.08 -4.21 -37.63
C PHE G 24 -16.48 -3.71 -37.31
N ASP G 25 -16.74 -3.44 -36.03
CA ASP G 25 -18.06 -2.98 -35.60
C ASP G 25 -18.40 -1.60 -36.13
N GLN G 26 -17.39 -0.82 -36.49
CA GLN G 26 -17.61 0.53 -37.01
C GLN G 26 -17.43 0.59 -38.51
N PHE G 27 -16.46 -0.16 -39.03
CA PHE G 27 -16.19 -0.17 -40.47
C PHE G 27 -17.43 -0.61 -41.23
N PHE G 28 -17.89 -1.83 -40.97
CA PHE G 28 -19.08 -2.34 -41.62
C PHE G 28 -20.32 -1.56 -41.19
N GLY G 29 -20.29 -1.08 -39.94
CA GLY G 29 -21.40 -0.31 -39.42
C GLY G 29 -21.68 0.92 -40.25
N GLU G 30 -20.65 1.46 -40.87
CA GLU G 30 -20.78 2.65 -41.70
C GLU G 30 -21.37 2.29 -43.06
N HIS G 31 -20.92 1.16 -43.62
CA HIS G 31 -21.40 0.69 -44.91
C HIS G 31 -22.86 0.27 -44.82
N LEU G 32 -23.27 -0.19 -43.65
CA LEU G 32 -24.65 -0.63 -43.44
C LEU G 32 -25.54 0.59 -43.19
N LEU G 33 -24.93 1.66 -42.70
CA LEU G 33 -25.65 2.89 -42.43
C LEU G 33 -25.85 3.67 -43.72
N GLU G 34 -24.98 3.41 -44.69
CA GLU G 34 -25.07 4.08 -45.98
C GLU G 34 -26.16 3.46 -46.84
N SER G 35 -26.32 2.14 -46.73
CA SER G 35 -27.34 1.43 -47.48
C SER G 35 -28.69 1.49 -46.78
N ASP G 36 -28.70 2.08 -45.58
CA ASP G 36 -29.93 2.20 -44.81
C ASP G 36 -30.59 3.55 -45.05
N LEU G 37 -29.89 4.43 -45.76
CA LEU G 37 -30.40 5.76 -46.09
C LEU G 37 -31.25 5.71 -47.36
N PHE G 38 -30.57 5.54 -48.49
CA PHE G 38 -31.24 5.47 -49.78
C PHE G 38 -31.13 4.06 -50.35
N PRO G 39 -32.22 3.53 -50.96
CA PRO G 39 -32.21 2.19 -51.55
C PRO G 39 -31.12 2.06 -52.61
N THR G 40 -29.89 1.80 -52.15
CA THR G 40 -28.75 1.66 -53.05
C THR G 40 -28.95 0.52 -54.02
N SER G 41 -28.49 0.72 -55.26
CA SER G 41 -28.61 -0.25 -56.34
C SER G 41 -28.31 -1.69 -55.88
N THR G 42 -29.33 -2.33 -55.34
CA THR G 42 -29.23 -3.70 -54.86
C THR G 42 -30.58 -4.38 -54.98
N SER G 43 -30.68 -5.62 -54.54
CA SER G 43 -31.95 -6.32 -54.56
C SER G 43 -32.77 -5.87 -53.37
N LEU G 44 -32.60 -4.59 -53.02
CA LEU G 44 -33.26 -3.98 -51.88
C LEU G 44 -32.87 -4.70 -50.61
N SER G 45 -33.36 -4.23 -49.47
CA SER G 45 -33.02 -4.87 -48.21
C SER G 45 -33.76 -4.25 -47.04
N PRO G 46 -34.58 -5.04 -46.32
CA PRO G 46 -35.27 -4.53 -45.15
C PRO G 46 -34.25 -4.12 -44.11
N PHE G 47 -33.16 -4.88 -44.10
CA PHE G 47 -32.02 -4.65 -43.22
C PHE G 47 -30.91 -5.65 -43.50
N TYR G 48 -30.80 -6.08 -44.75
CA TYR G 48 -29.76 -7.03 -45.14
C TYR G 48 -28.39 -6.38 -45.03
N LEU G 49 -27.50 -7.02 -44.29
CA LEU G 49 -26.16 -6.48 -44.09
C LEU G 49 -25.08 -7.42 -44.62
N ARG G 50 -24.25 -6.91 -45.52
CA ARG G 50 -23.17 -7.71 -46.10
C ARG G 50 -22.12 -8.06 -45.04
N PRO G 51 -22.09 -9.32 -44.57
CA PRO G 51 -21.14 -9.77 -43.56
C PRO G 51 -19.95 -10.50 -44.17
N PRO G 52 -18.83 -10.59 -43.42
CA PRO G 52 -17.63 -11.28 -43.91
C PRO G 52 -17.83 -12.80 -43.89
N SER G 53 -17.91 -13.40 -45.07
CA SER G 53 -18.11 -14.84 -45.17
C SER G 53 -17.02 -15.51 -45.99
N PHE G 54 -16.89 -16.82 -45.83
CA PHE G 54 -15.89 -17.58 -46.55
C PHE G 54 -16.44 -18.06 -47.89
N LEU G 55 -17.74 -17.89 -48.09
CA LEU G 55 -18.38 -18.28 -49.33
C LEU G 55 -17.78 -17.49 -50.48
N ARG G 56 -17.24 -18.19 -51.47
CA ARG G 56 -16.61 -17.56 -52.62
C ARG G 56 -17.57 -17.34 -53.78
N ALA G 57 -18.40 -18.35 -54.05
CA ALA G 57 -19.33 -18.28 -55.16
C ALA G 57 -20.51 -17.34 -54.88
N PRO G 58 -21.28 -17.55 -53.81
CA PRO G 58 -22.43 -16.72 -53.48
C PRO G 58 -22.14 -15.60 -52.50
N SER G 59 -22.99 -14.58 -52.51
CA SER G 59 -22.86 -13.44 -51.61
C SER G 59 -23.92 -13.52 -50.52
N TRP G 60 -23.49 -13.72 -49.28
CA TRP G 60 -24.41 -13.84 -48.16
C TRP G 60 -24.80 -12.49 -47.57
N PHE G 61 -26.03 -12.40 -47.09
CA PHE G 61 -26.56 -11.18 -46.48
C PHE G 61 -27.31 -11.52 -45.20
N ASP G 62 -26.99 -10.84 -44.10
CA ASP G 62 -27.66 -11.08 -42.83
C ASP G 62 -29.13 -10.67 -42.94
N THR G 63 -30.03 -11.64 -42.75
CA THR G 63 -31.46 -11.37 -42.87
C THR G 63 -32.28 -11.99 -41.74
N GLY G 64 -33.58 -11.66 -41.74
CA GLY G 64 -34.49 -12.17 -40.74
C GLY G 64 -35.36 -13.27 -41.30
N LEU G 65 -36.56 -12.91 -41.80
CA LEU G 65 -37.49 -13.87 -42.38
C LEU G 65 -38.03 -14.86 -41.35
N SER G 66 -37.17 -15.77 -40.90
CA SER G 66 -37.55 -16.79 -39.93
C SER G 66 -37.72 -16.20 -38.52
N GLU G 67 -38.20 -14.96 -38.44
CA GLU G 67 -38.41 -14.30 -37.16
C GLU G 67 -39.67 -13.44 -37.21
N MET G 68 -40.48 -13.63 -38.25
CA MET G 68 -41.71 -12.87 -38.43
C MET G 68 -42.91 -13.81 -38.54
N ARG G 69 -42.94 -14.62 -39.60
CA ARG G 69 -44.01 -15.58 -39.79
C ARG G 69 -43.41 -16.95 -40.11
N LEU G 70 -44.25 -17.92 -40.49
CA LEU G 70 -43.74 -19.25 -40.81
C LEU G 70 -44.80 -20.11 -41.51
N GLU G 71 -45.58 -20.86 -40.72
CA GLU G 71 -46.61 -21.75 -41.29
C GLU G 71 -48.01 -21.34 -40.86
N LYS G 72 -48.71 -20.61 -41.72
CA LYS G 72 -50.07 -20.16 -41.42
C LYS G 72 -50.96 -20.14 -42.66
N ASP G 73 -52.27 -20.22 -42.44
CA ASP G 73 -53.27 -20.19 -43.51
C ASP G 73 -54.61 -19.72 -42.95
N ARG G 74 -55.67 -19.70 -43.77
CA ARG G 74 -56.99 -19.29 -43.29
C ARG G 74 -57.23 -19.99 -41.96
N PHE G 75 -57.12 -19.25 -40.87
CA PHE G 75 -57.19 -19.87 -39.56
C PHE G 75 -58.30 -19.38 -38.65
N SER G 76 -58.26 -19.94 -37.45
CA SER G 76 -59.20 -19.66 -36.38
C SER G 76 -58.61 -20.22 -35.08
N VAL G 77 -57.50 -19.63 -34.64
CA VAL G 77 -56.79 -20.07 -33.44
C VAL G 77 -57.74 -20.31 -32.26
N ASN G 78 -57.32 -21.20 -31.35
CA ASN G 78 -58.12 -21.52 -30.17
C ASN G 78 -57.33 -21.34 -28.89
N LEU G 79 -57.88 -20.56 -27.96
CA LEU G 79 -57.23 -20.35 -26.68
C LEU G 79 -57.48 -21.55 -25.77
N ASP G 80 -56.78 -21.63 -24.65
CA ASP G 80 -56.94 -22.78 -23.77
C ASP G 80 -57.50 -22.41 -22.40
N VAL G 81 -58.66 -23.00 -22.11
CA VAL G 81 -59.34 -22.83 -20.83
C VAL G 81 -60.04 -24.14 -20.50
N LYS G 82 -59.24 -25.10 -20.03
CA LYS G 82 -59.73 -26.44 -19.70
C LYS G 82 -61.09 -26.43 -19.00
N HIS G 83 -61.23 -25.60 -17.98
CA HIS G 83 -62.49 -25.52 -17.24
C HIS G 83 -63.21 -24.21 -17.54
N PHE G 84 -64.51 -24.32 -17.78
CA PHE G 84 -65.35 -23.18 -18.12
C PHE G 84 -65.26 -22.05 -17.07
N SER G 85 -65.21 -20.82 -17.59
CA SER G 85 -65.16 -19.63 -16.76
C SER G 85 -65.77 -18.45 -17.53
N PRO G 86 -67.00 -18.62 -18.08
CA PRO G 86 -67.67 -17.59 -18.88
C PRO G 86 -67.62 -16.20 -18.25
N GLU G 87 -68.06 -16.10 -17.01
CA GLU G 87 -68.09 -14.82 -16.31
C GLU G 87 -66.74 -14.48 -15.70
N GLU G 88 -65.90 -15.49 -15.51
CA GLU G 88 -64.59 -15.28 -14.90
C GLU G 88 -63.45 -15.31 -15.91
N LEU G 89 -63.73 -14.98 -17.17
CA LEU G 89 -62.69 -14.94 -18.19
C LEU G 89 -62.76 -13.64 -18.98
N LYS G 90 -61.60 -13.11 -19.34
CA LYS G 90 -61.53 -11.87 -20.09
C LYS G 90 -60.51 -12.00 -21.22
N VAL G 91 -61.01 -12.03 -22.45
CA VAL G 91 -60.16 -12.13 -23.62
C VAL G 91 -59.73 -10.75 -24.07
N LYS G 92 -58.44 -10.59 -24.38
CA LYS G 92 -57.93 -9.30 -24.81
C LYS G 92 -57.14 -9.40 -26.11
N VAL G 93 -57.50 -8.58 -27.08
CA VAL G 93 -56.81 -8.55 -28.36
C VAL G 93 -56.01 -7.26 -28.47
N LEU G 94 -54.84 -7.25 -27.84
CA LEU G 94 -53.97 -6.09 -27.85
C LEU G 94 -53.03 -6.15 -29.04
N GLY G 95 -53.48 -5.66 -30.18
CA GLY G 95 -52.67 -5.67 -31.38
C GLY G 95 -52.55 -7.06 -31.96
N ASP G 96 -51.33 -7.47 -32.26
CA ASP G 96 -51.08 -8.79 -32.82
C ASP G 96 -50.82 -9.79 -31.70
N VAL G 97 -51.29 -9.47 -30.51
CA VAL G 97 -51.12 -10.33 -29.35
C VAL G 97 -52.46 -10.73 -28.73
N ILE G 98 -52.81 -12.01 -28.89
CA ILE G 98 -54.05 -12.53 -28.33
C ILE G 98 -53.79 -13.20 -26.99
N GLU G 99 -54.52 -12.78 -25.97
CA GLU G 99 -54.36 -13.34 -24.63
C GLU G 99 -55.71 -13.68 -24.01
N VAL G 100 -55.69 -14.65 -23.12
CA VAL G 100 -56.90 -15.07 -22.41
C VAL G 100 -56.63 -15.16 -20.91
N HIS G 101 -57.54 -14.61 -20.11
CA HIS G 101 -57.39 -14.64 -18.67
C HIS G 101 -58.64 -15.21 -18.00
N GLY G 102 -58.62 -16.50 -17.72
CA GLY G 102 -59.76 -17.13 -17.09
C GLY G 102 -59.41 -17.84 -15.80
N LYS G 103 -60.13 -17.52 -14.74
CA LYS G 103 -59.88 -18.12 -13.42
C LYS G 103 -61.17 -18.67 -12.82
N HIS G 104 -61.18 -19.96 -12.52
CA HIS G 104 -62.35 -20.60 -11.95
C HIS G 104 -61.99 -21.47 -10.76
N GLU G 105 -62.80 -21.39 -9.70
CA GLU G 105 -62.57 -22.19 -8.51
C GLU G 105 -63.30 -23.53 -8.64
N GLU G 106 -62.53 -24.58 -8.96
CA GLU G 106 -63.12 -25.91 -9.12
C GLU G 106 -62.80 -26.82 -7.95
N ARG G 107 -61.69 -26.54 -7.26
CA ARG G 107 -61.30 -27.33 -6.10
C ARG G 107 -61.69 -26.62 -4.82
N GLN G 108 -62.33 -27.36 -3.90
CA GLN G 108 -62.77 -26.78 -2.63
C GLN G 108 -62.32 -27.63 -1.45
N ASP G 109 -62.00 -26.95 -0.35
CA ASP G 109 -61.58 -27.62 0.88
C ASP G 109 -62.45 -27.19 2.04
N GLU G 110 -62.00 -27.46 3.26
CA GLU G 110 -62.75 -27.09 4.46
C GLU G 110 -63.04 -25.59 4.49
N HIS G 111 -62.01 -24.80 4.77
CA HIS G 111 -62.15 -23.34 4.82
C HIS G 111 -61.22 -22.70 3.80
N GLY G 112 -60.75 -23.51 2.85
CA GLY G 112 -59.86 -23.01 1.83
C GLY G 112 -60.37 -23.33 0.44
N PHE G 113 -60.52 -22.31 -0.39
CA PHE G 113 -61.02 -22.50 -1.75
C PHE G 113 -59.89 -22.37 -2.76
N ILE G 114 -59.71 -23.40 -3.58
CA ILE G 114 -58.68 -23.39 -4.61
C ILE G 114 -59.23 -22.80 -5.90
N SER G 115 -58.41 -22.02 -6.59
CA SER G 115 -58.82 -21.41 -7.84
C SER G 115 -57.75 -21.57 -8.91
N ARG G 116 -58.10 -22.28 -9.98
CA ARG G 116 -57.17 -22.50 -11.08
C ARG G 116 -57.33 -21.40 -12.11
N GLU G 117 -56.25 -21.08 -12.80
CA GLU G 117 -56.28 -20.03 -13.82
C GLU G 117 -55.47 -20.41 -15.04
N PHE G 118 -56.03 -20.14 -16.22
CA PHE G 118 -55.37 -20.42 -17.48
C PHE G 118 -55.09 -19.13 -18.22
N HIS G 119 -53.82 -18.85 -18.48
CA HIS G 119 -53.43 -17.63 -19.17
C HIS G 119 -52.56 -17.93 -20.39
N ARG G 120 -53.07 -17.60 -21.57
CA ARG G 120 -52.34 -17.82 -22.81
C ARG G 120 -51.81 -16.51 -23.38
N LYS G 121 -50.59 -16.56 -23.90
CA LYS G 121 -49.96 -15.39 -24.51
C LYS G 121 -49.55 -15.71 -25.94
N TYR G 122 -50.38 -15.26 -26.88
CA TYR G 122 -50.12 -15.51 -28.30
C TYR G 122 -49.62 -14.26 -29.01
N ARG G 123 -48.40 -14.32 -29.51
CA ARG G 123 -47.83 -13.21 -30.27
C ARG G 123 -47.75 -13.62 -31.73
N ILE G 124 -48.92 -13.88 -32.32
CA ILE G 124 -49.01 -14.30 -33.71
C ILE G 124 -49.50 -13.18 -34.61
N PRO G 125 -48.56 -12.40 -35.21
CA PRO G 125 -48.92 -11.30 -36.10
C PRO G 125 -49.46 -11.81 -37.44
N ALA G 126 -48.88 -12.90 -37.92
CA ALA G 126 -49.30 -13.48 -39.19
C ALA G 126 -50.59 -14.29 -39.05
N ASP G 127 -51.22 -14.20 -37.88
CA ASP G 127 -52.45 -14.92 -37.61
C ASP G 127 -53.51 -13.99 -37.03
N VAL G 128 -53.08 -12.84 -36.52
CA VAL G 128 -54.00 -11.91 -35.90
C VAL G 128 -53.99 -10.52 -36.53
N ASP G 129 -55.17 -9.90 -36.49
CA ASP G 129 -55.40 -8.56 -36.98
C ASP G 129 -56.53 -7.96 -36.14
N PRO G 130 -56.18 -7.16 -35.11
CA PRO G 130 -57.13 -6.55 -34.17
C PRO G 130 -58.52 -6.31 -34.75
N LEU G 131 -58.58 -5.71 -35.93
CA LEU G 131 -59.85 -5.39 -36.57
C LEU G 131 -60.79 -6.58 -36.72
N THR G 132 -60.43 -7.48 -37.63
CA THR G 132 -61.26 -8.64 -37.94
C THR G 132 -61.25 -9.74 -36.88
N ILE G 133 -60.07 -10.10 -36.37
CA ILE G 133 -59.98 -11.17 -35.39
C ILE G 133 -60.94 -10.98 -34.22
N THR G 134 -61.90 -11.90 -34.10
CA THR G 134 -62.88 -11.86 -33.04
C THR G 134 -62.65 -13.02 -32.08
N SER G 135 -63.62 -13.26 -31.19
CA SER G 135 -63.49 -14.35 -30.22
C SER G 135 -64.82 -15.05 -30.01
N SER G 136 -64.76 -16.37 -29.83
CA SER G 136 -65.95 -17.19 -29.59
C SER G 136 -65.68 -18.16 -28.45
N LEU G 137 -66.50 -18.09 -27.41
CA LEU G 137 -66.33 -18.96 -26.25
C LEU G 137 -67.29 -20.15 -26.27
N SER G 138 -66.81 -21.27 -25.72
CA SER G 138 -67.61 -22.48 -25.63
C SER G 138 -68.10 -22.65 -24.20
N SER G 139 -68.89 -23.69 -23.94
CA SER G 139 -69.42 -23.94 -22.61
C SER G 139 -68.42 -24.67 -21.73
N ASP G 140 -67.35 -25.21 -22.33
CA ASP G 140 -66.33 -25.93 -21.59
C ASP G 140 -65.13 -25.05 -21.32
N GLY G 141 -65.11 -23.87 -21.93
CA GLY G 141 -64.01 -22.95 -21.74
C GLY G 141 -63.18 -22.79 -23.01
N VAL G 142 -63.43 -23.67 -23.97
CA VAL G 142 -62.70 -23.64 -25.24
C VAL G 142 -62.92 -22.32 -25.98
N LEU G 143 -61.94 -21.44 -25.89
CA LEU G 143 -62.01 -20.15 -26.57
C LEU G 143 -61.46 -20.29 -27.98
N THR G 144 -62.05 -19.57 -28.93
CA THR G 144 -61.62 -19.66 -30.32
C THR G 144 -61.64 -18.31 -31.01
N VAL G 145 -60.46 -17.79 -31.32
CA VAL G 145 -60.34 -16.52 -32.02
C VAL G 145 -60.32 -16.76 -33.53
N ASN G 146 -61.42 -16.46 -34.19
CA ASN G 146 -61.54 -16.67 -35.63
C ASN G 146 -61.33 -15.38 -36.42
N GLY G 147 -60.96 -15.55 -37.69
CA GLY G 147 -60.73 -14.42 -38.56
C GLY G 147 -59.55 -14.64 -39.51
N PRO G 148 -59.37 -13.79 -40.53
CA PRO G 148 -58.25 -13.91 -41.48
C PRO G 148 -56.91 -13.71 -40.80
N ARG G 149 -55.91 -13.21 -41.53
CA ARG G 149 -54.59 -13.01 -40.96
C ARG G 149 -53.68 -12.16 -41.87
N LYS G 150 -52.38 -12.45 -41.79
CA LYS G 150 -51.34 -11.76 -42.57
C LYS G 150 -50.94 -10.45 -41.92
N GLN G 151 -49.78 -10.46 -41.26
CA GLN G 151 -49.25 -9.28 -40.58
C GLN G 151 -47.98 -9.63 -39.81
N VAL G 152 -47.17 -8.63 -39.52
CA VAL G 152 -45.93 -8.83 -38.76
C VAL G 152 -45.82 -7.81 -37.63
N SER G 153 -45.39 -8.27 -36.48
CA SER G 153 -45.24 -7.41 -35.31
C SER G 153 -44.06 -7.86 -34.45
N GLY G 154 -43.94 -7.27 -33.27
CA GLY G 154 -42.87 -7.61 -32.36
C GLY G 154 -42.35 -6.40 -31.61
N PRO G 155 -42.80 -6.19 -30.36
CA PRO G 155 -42.38 -5.03 -29.55
C PRO G 155 -40.91 -5.08 -29.13
N GLU G 156 -40.13 -4.15 -29.64
CA GLU G 156 -38.71 -4.04 -29.32
C GLU G 156 -38.44 -2.66 -28.73
N ARG G 157 -37.23 -2.45 -28.24
CA ARG G 157 -36.88 -1.16 -27.65
C ARG G 157 -35.53 -0.66 -28.19
N THR G 158 -35.49 -0.43 -29.50
CA THR G 158 -34.27 0.05 -30.14
C THR G 158 -34.53 1.39 -30.82
N ILE G 159 -34.58 2.44 -30.02
CA ILE G 159 -34.81 3.79 -30.54
C ILE G 159 -33.77 4.77 -30.00
N PRO G 160 -32.55 4.76 -30.57
CA PRO G 160 -31.48 5.66 -30.14
C PRO G 160 -31.73 7.09 -30.57
N ILE G 161 -32.19 7.91 -29.63
CA ILE G 161 -32.47 9.31 -29.91
C ILE G 161 -31.22 10.15 -29.69
N THR G 162 -31.31 11.46 -29.97
CA THR G 162 -30.19 12.38 -29.79
C THR G 162 -29.24 12.38 -30.99
N ARG G 163 -28.29 13.31 -30.98
CA ARG G 163 -27.34 13.50 -32.07
C ARG G 163 -28.11 13.82 -33.32
N GLU G 164 -28.10 15.09 -33.68
CA GLU G 164 -28.87 15.56 -34.81
C GLU G 164 -28.22 16.73 -35.54
N GLU G 165 -26.93 16.63 -35.83
CA GLU G 165 -26.22 17.70 -36.56
C GLU G 165 -26.21 19.03 -35.79
N LYS G 166 -25.03 19.66 -35.77
CA LYS G 166 -24.80 20.96 -35.12
C LYS G 166 -25.27 21.07 -33.66
N PRO G 167 -24.43 20.65 -32.69
CA PRO G 167 -24.69 20.75 -31.25
C PRO G 167 -23.83 21.83 -30.58
N ALA G 168 -22.56 21.44 -30.29
CA ALA G 168 -21.55 22.32 -29.68
C ALA G 168 -21.55 22.27 -28.15
N VAL G 169 -20.41 21.87 -27.60
CA VAL G 169 -20.19 21.78 -26.16
C VAL G 169 -18.72 21.52 -25.89
N THR G 170 -18.21 22.01 -24.76
CA THR G 170 -16.79 21.84 -24.45
C THR G 170 -16.55 21.74 -22.95
N ALA G 171 -15.28 21.94 -22.56
CA ALA G 171 -14.88 21.89 -21.16
C ALA G 171 -13.58 22.65 -20.95
N ALA G 172 -12.87 22.33 -19.86
CA ALA G 172 -11.61 23.01 -19.55
C ALA G 172 -10.83 22.22 -18.50
N PRO G 173 -9.50 22.47 -18.38
CA PRO G 173 -8.67 21.77 -17.39
C PRO G 173 -9.23 21.89 -15.98
N LYS G 174 -8.84 20.95 -15.11
CA LYS G 174 -9.30 20.94 -13.73
C LYS G 174 -8.31 20.22 -12.83
N LYS G 175 -8.65 20.15 -11.53
CA LYS G 175 -7.82 19.50 -10.53
C LYS G 175 -8.41 19.69 -9.13
N MET H 1 -25.84 -0.52 10.08
CA MET H 1 -26.11 -0.92 8.67
C MET H 1 -24.81 -1.05 7.88
N ASP H 2 -23.81 -1.66 8.50
CA ASP H 2 -22.51 -1.85 7.87
C ASP H 2 -22.60 -2.92 6.78
N ILE H 3 -22.99 -2.51 5.58
CA ILE H 3 -23.12 -3.43 4.46
C ILE H 3 -21.75 -3.86 3.93
N ALA H 4 -20.76 -2.98 4.08
CA ALA H 4 -19.41 -3.27 3.61
C ALA H 4 -18.49 -3.71 4.74
N ILE H 5 -19.08 -4.12 5.86
CA ILE H 5 -18.30 -4.56 7.01
C ILE H 5 -18.91 -5.81 7.65
N HIS H 6 -20.14 -5.69 8.13
CA HIS H 6 -20.83 -6.79 8.77
C HIS H 6 -21.22 -7.88 7.79
N HIS H 7 -21.74 -7.48 6.64
CA HIS H 7 -22.17 -8.44 5.62
C HIS H 7 -21.07 -9.45 5.27
N PRO H 8 -19.86 -8.99 4.93
CA PRO H 8 -18.75 -9.89 4.58
C PRO H 8 -18.14 -10.55 5.82
N TRP H 9 -18.52 -10.07 7.00
CA TRP H 9 -18.01 -10.61 8.25
C TRP H 9 -18.93 -11.69 8.81
N ILE H 10 -20.20 -11.64 8.41
CA ILE H 10 -21.17 -12.63 8.88
C ILE H 10 -21.19 -13.84 7.96
N ARG H 11 -20.81 -13.63 6.70
CA ARG H 11 -20.78 -14.71 5.72
C ARG H 11 -19.45 -15.46 5.83
N ARG H 12 -18.57 -14.96 6.67
CA ARG H 12 -17.26 -15.57 6.87
C ARG H 12 -17.37 -16.86 7.71
N PRO H 13 -18.04 -16.80 8.89
CA PRO H 13 -18.19 -17.98 9.76
C PRO H 13 -19.04 -19.06 9.11
N PHE H 14 -19.72 -18.71 8.04
CA PHE H 14 -20.56 -19.66 7.31
C PHE H 14 -19.75 -20.48 6.32
N PHE H 15 -18.61 -19.93 5.91
CA PHE H 15 -17.73 -20.60 4.95
C PHE H 15 -17.34 -22.01 5.38
N PRO H 16 -16.97 -22.23 6.67
CA PRO H 16 -16.60 -23.58 7.15
C PRO H 16 -17.62 -24.64 6.76
N PHE H 17 -18.82 -24.21 6.38
CA PHE H 17 -19.88 -25.12 5.96
C PHE H 17 -20.74 -24.48 4.87
N HIS H 18 -20.10 -23.63 4.05
CA HIS H 18 -20.78 -22.94 2.96
C HIS H 18 -20.29 -23.43 1.61
N SER H 19 -21.23 -23.69 0.70
CA SER H 19 -20.89 -24.16 -0.66
C SER H 19 -22.15 -24.55 -1.44
N PRO H 20 -23.07 -25.34 -0.84
CA PRO H 20 -24.29 -25.76 -1.53
C PRO H 20 -25.25 -24.59 -1.75
N SER H 21 -26.55 -24.84 -1.66
CA SER H 21 -27.54 -23.78 -1.85
C SER H 21 -27.31 -22.64 -0.87
N ARG H 22 -28.10 -21.57 -1.01
CA ARG H 22 -27.97 -20.44 -0.12
C ARG H 22 -28.97 -20.57 1.04
N LEU H 23 -29.72 -21.66 1.04
CA LEU H 23 -30.71 -21.88 2.10
C LEU H 23 -31.03 -23.37 2.28
N PHE H 24 -30.50 -23.97 3.36
CA PHE H 24 -30.78 -25.38 3.65
C PHE H 24 -31.66 -25.54 4.88
N ASP H 25 -32.84 -24.95 4.84
CA ASP H 25 -33.73 -25.03 5.98
C ASP H 25 -35.11 -25.58 5.61
N GLN H 26 -35.26 -26.18 4.43
CA GLN H 26 -36.54 -26.73 4.03
C GLN H 26 -36.44 -28.11 3.38
N PHE H 27 -35.35 -28.39 2.67
CA PHE H 27 -35.18 -29.70 2.05
C PHE H 27 -34.86 -30.70 3.14
N PHE H 28 -34.01 -30.28 4.07
CA PHE H 28 -33.66 -31.12 5.20
C PHE H 28 -34.84 -31.18 6.15
N GLY H 29 -35.68 -30.15 6.07
CA GLY H 29 -36.86 -30.09 6.91
C GLY H 29 -38.01 -30.87 6.32
N GLU H 30 -38.03 -30.97 4.99
CA GLU H 30 -39.08 -31.70 4.29
C GLU H 30 -38.65 -33.15 4.13
N HIS H 31 -37.35 -33.38 4.10
CA HIS H 31 -36.80 -34.72 3.98
C HIS H 31 -37.04 -35.44 5.30
N LEU H 32 -36.98 -34.67 6.38
CA LEU H 32 -37.23 -35.20 7.71
C LEU H 32 -38.73 -35.25 7.94
N LEU H 33 -39.46 -34.42 7.21
CA LEU H 33 -40.92 -34.38 7.31
C LEU H 33 -41.52 -35.63 6.69
N GLU H 34 -41.02 -36.00 5.52
CA GLU H 34 -41.49 -37.19 4.82
C GLU H 34 -40.94 -38.45 5.47
N SER H 35 -39.98 -38.28 6.36
CA SER H 35 -39.37 -39.40 7.05
C SER H 35 -39.89 -39.54 8.48
N ASP H 36 -40.40 -38.43 9.02
CA ASP H 36 -40.94 -38.42 10.38
C ASP H 36 -42.42 -38.78 10.36
N LEU H 37 -43.07 -38.51 9.25
CA LEU H 37 -44.49 -38.83 9.10
C LEU H 37 -44.66 -40.32 8.81
N PHE H 38 -43.53 -41.00 8.63
CA PHE H 38 -43.52 -42.43 8.36
C PHE H 38 -43.03 -43.19 9.59
N PRO H 39 -43.75 -44.26 10.01
CA PRO H 39 -43.38 -45.05 11.19
C PRO H 39 -41.96 -45.60 11.13
N THR H 40 -41.00 -44.80 11.58
CA THR H 40 -39.60 -45.22 11.61
C THR H 40 -39.20 -45.51 13.04
N SER H 41 -38.64 -46.70 13.28
CA SER H 41 -38.26 -47.15 14.62
C SER H 41 -39.51 -47.57 15.39
N THR H 42 -40.49 -46.66 15.45
CA THR H 42 -41.76 -46.93 16.12
C THR H 42 -42.75 -47.49 15.10
N SER H 43 -44.07 -47.36 15.32
CA SER H 43 -45.03 -47.90 14.34
C SER H 43 -46.46 -47.31 14.40
N LEU H 44 -46.97 -46.95 13.20
CA LEU H 44 -48.37 -46.45 13.00
C LEU H 44 -48.64 -44.99 13.43
N SER H 45 -49.57 -44.32 12.66
CA SER H 45 -50.01 -42.92 12.90
C SER H 45 -50.43 -42.17 11.60
N PRO H 46 -51.61 -42.49 10.97
CA PRO H 46 -52.08 -41.85 9.73
C PRO H 46 -53.35 -40.95 9.84
N PHE H 47 -53.72 -40.32 8.68
CA PHE H 47 -54.93 -39.44 8.52
C PHE H 47 -54.77 -38.53 7.28
N TYR H 48 -55.62 -38.70 6.23
CA TYR H 48 -55.50 -37.87 4.99
C TYR H 48 -56.82 -37.73 4.20
N LEU H 49 -56.70 -37.12 3.00
CA LEU H 49 -57.82 -36.90 2.06
C LEU H 49 -57.33 -37.12 0.61
N ARG H 50 -58.19 -36.87 -0.38
CA ARG H 50 -57.79 -37.07 -1.79
C ARG H 50 -58.67 -36.27 -2.78
N PRO H 51 -58.11 -35.20 -3.39
CA PRO H 51 -58.83 -34.37 -4.38
C PRO H 51 -58.52 -34.80 -5.82
N PRO H 52 -59.20 -34.20 -6.83
CA PRO H 52 -58.97 -34.54 -8.24
C PRO H 52 -57.60 -34.09 -8.72
N SER H 53 -56.94 -34.94 -9.51
CA SER H 53 -55.62 -34.63 -10.02
C SER H 53 -55.45 -35.10 -11.46
N PHE H 54 -54.38 -34.65 -12.11
CA PHE H 54 -54.09 -35.03 -13.48
C PHE H 54 -53.10 -36.19 -13.51
N LEU H 55 -52.46 -36.43 -12.37
CA LEU H 55 -51.49 -37.50 -12.24
C LEU H 55 -52.17 -38.86 -12.35
N ARG H 56 -51.57 -39.76 -13.12
CA ARG H 56 -52.13 -41.10 -13.31
C ARG H 56 -51.36 -42.12 -12.49
N ALA H 57 -50.04 -42.05 -12.54
CA ALA H 57 -49.19 -42.97 -11.78
C ALA H 57 -49.27 -42.68 -10.29
N PRO H 58 -48.96 -41.43 -9.85
CA PRO H 58 -49.03 -41.04 -8.46
C PRO H 58 -50.38 -40.45 -8.10
N SER H 59 -50.46 -39.81 -6.94
CA SER H 59 -51.69 -39.19 -6.49
C SER H 59 -51.42 -38.04 -5.54
N TRP H 60 -52.12 -36.93 -5.73
CA TRP H 60 -51.95 -35.76 -4.89
C TRP H 60 -52.98 -35.77 -3.77
N PHE H 61 -52.53 -35.95 -2.53
CA PHE H 61 -53.40 -35.99 -1.37
C PHE H 61 -53.32 -34.69 -0.58
N ASP H 62 -54.47 -34.05 -0.35
CA ASP H 62 -54.52 -32.81 0.42
C ASP H 62 -54.34 -33.13 1.90
N THR H 63 -53.14 -32.87 2.41
CA THR H 63 -52.83 -33.15 3.81
C THR H 63 -53.60 -32.24 4.76
N GLY H 64 -53.97 -32.80 5.91
CA GLY H 64 -54.70 -32.04 6.91
C GLY H 64 -54.85 -32.80 8.21
N LEU H 65 -54.95 -32.07 9.33
CA LEU H 65 -55.08 -32.68 10.64
C LEU H 65 -56.04 -31.87 11.53
N SER H 66 -56.02 -32.17 12.83
CA SER H 66 -56.87 -31.48 13.80
C SER H 66 -56.68 -32.09 15.18
N GLU H 67 -56.58 -31.25 16.21
CA GLU H 67 -56.39 -31.74 17.57
C GLU H 67 -56.54 -30.63 18.61
N MET H 68 -56.60 -31.05 19.88
CA MET H 68 -56.71 -30.13 21.00
C MET H 68 -56.44 -30.89 22.30
N ARG H 69 -55.83 -30.24 23.29
CA ARG H 69 -55.53 -30.90 24.55
C ARG H 69 -55.18 -29.89 25.65
N LEU H 70 -54.22 -30.27 26.51
CA LEU H 70 -53.79 -29.43 27.63
C LEU H 70 -53.69 -27.96 27.22
N GLU H 71 -52.57 -27.57 26.65
CA GLU H 71 -52.38 -26.19 26.20
C GLU H 71 -51.25 -26.13 25.18
N LYS H 72 -51.11 -27.22 24.43
CA LYS H 72 -50.08 -27.32 23.41
C LYS H 72 -50.63 -28.10 22.20
N ASP H 73 -50.44 -27.56 20.99
CA ASP H 73 -50.94 -28.24 19.79
C ASP H 73 -50.13 -27.90 18.55
N ARG H 74 -49.74 -28.93 17.80
CA ARG H 74 -49.00 -28.76 16.55
C ARG H 74 -49.98 -28.82 15.39
N PHE H 75 -49.68 -28.11 14.31
CA PHE H 75 -50.57 -28.11 13.15
C PHE H 75 -49.83 -27.73 11.87
N SER H 76 -50.38 -28.13 10.74
CA SER H 76 -49.78 -27.82 9.44
C SER H 76 -50.79 -27.93 8.31
N VAL H 77 -51.05 -26.81 7.63
CA VAL H 77 -51.96 -26.79 6.51
C VAL H 77 -51.17 -26.87 5.20
N ASN H 78 -51.79 -27.43 4.17
CA ASN H 78 -51.11 -27.57 2.89
C ASN H 78 -51.86 -26.86 1.76
N LEU H 79 -51.16 -25.94 1.10
CA LEU H 79 -51.75 -25.21 -0.02
C LEU H 79 -51.64 -26.08 -1.28
N ASP H 80 -52.22 -25.63 -2.39
CA ASP H 80 -52.19 -26.43 -3.61
C ASP H 80 -51.52 -25.72 -4.78
N VAL H 81 -50.44 -26.35 -5.24
CA VAL H 81 -49.68 -25.89 -6.39
C VAL H 81 -49.08 -27.12 -7.08
N LYS H 82 -49.95 -27.91 -7.71
CA LYS H 82 -49.57 -29.15 -8.38
C LYS H 82 -48.23 -29.05 -9.11
N HIS H 83 -48.05 -27.99 -9.89
CA HIS H 83 -46.80 -27.82 -10.62
C HIS H 83 -45.90 -26.81 -9.93
N PHE H 84 -44.63 -27.16 -9.83
CA PHE H 84 -43.64 -26.32 -9.16
C PHE H 84 -43.48 -24.95 -9.81
N SER H 85 -43.37 -23.94 -8.95
CA SER H 85 -43.18 -22.56 -9.37
C SER H 85 -42.35 -21.84 -8.31
N PRO H 86 -41.12 -22.33 -8.05
CA PRO H 86 -40.22 -21.77 -7.03
C PRO H 86 -40.19 -20.25 -6.98
N GLU H 87 -39.73 -19.63 -8.05
CA GLU H 87 -39.64 -18.17 -8.10
C GLU H 87 -40.90 -17.55 -8.70
N GLU H 88 -41.82 -18.39 -9.18
CA GLU H 88 -43.04 -17.89 -9.80
C GLU H 88 -44.23 -17.98 -8.86
N LEU H 89 -43.98 -18.15 -7.56
CA LEU H 89 -45.06 -18.22 -6.58
C LEU H 89 -44.80 -17.28 -5.42
N LYS H 90 -45.87 -16.77 -4.84
CA LYS H 90 -45.76 -15.86 -3.71
C LYS H 90 -46.78 -16.21 -2.63
N VAL H 91 -46.27 -16.59 -1.45
CA VAL H 91 -47.14 -16.93 -0.33
C VAL H 91 -47.35 -15.70 0.54
N LYS H 92 -48.60 -15.44 0.91
CA LYS H 92 -48.91 -14.29 1.75
C LYS H 92 -49.74 -14.68 2.95
N VAL H 93 -49.25 -14.29 4.13
CA VAL H 93 -49.95 -14.55 5.38
C VAL H 93 -50.57 -13.25 5.91
N LEU H 94 -51.63 -12.81 5.24
CA LEU H 94 -52.31 -11.58 5.62
C LEU H 94 -53.25 -11.84 6.79
N GLY H 95 -52.70 -11.80 7.99
CA GLY H 95 -53.50 -12.02 9.19
C GLY H 95 -53.96 -13.47 9.29
N ASP H 96 -55.24 -13.66 9.55
CA ASP H 96 -55.80 -15.00 9.68
C ASP H 96 -56.20 -15.55 8.31
N VAL H 97 -55.56 -15.03 7.26
CA VAL H 97 -55.86 -15.47 5.90
C VAL H 97 -54.60 -15.89 5.16
N ILE H 98 -54.54 -17.18 4.81
CA ILE H 98 -53.39 -17.71 4.08
C ILE H 98 -53.73 -17.88 2.60
N GLU H 99 -52.92 -17.28 1.73
CA GLU H 99 -53.16 -17.35 0.30
C GLU H 99 -51.88 -17.63 -0.47
N VAL H 100 -51.99 -18.45 -1.52
CA VAL H 100 -50.85 -18.78 -2.36
C VAL H 100 -51.11 -18.32 -3.79
N HIS H 101 -50.08 -17.75 -4.42
CA HIS H 101 -50.20 -17.27 -5.80
C HIS H 101 -49.03 -17.79 -6.64
N GLY H 102 -49.24 -18.94 -7.28
CA GLY H 102 -48.19 -19.52 -8.11
C GLY H 102 -48.63 -19.70 -9.55
N LYS H 103 -47.80 -19.23 -10.47
CA LYS H 103 -48.10 -19.33 -11.89
C LYS H 103 -46.90 -19.89 -12.66
N HIS H 104 -47.10 -20.99 -13.37
CA HIS H 104 -46.03 -21.60 -14.14
C HIS H 104 -46.50 -21.99 -15.53
N GLU H 105 -45.66 -21.73 -16.53
CA GLU H 105 -45.97 -22.06 -17.89
C GLU H 105 -45.48 -23.47 -18.21
N GLU H 106 -46.42 -24.43 -18.21
CA GLU H 106 -46.08 -25.82 -18.48
C GLU H 106 -46.51 -26.25 -19.87
N ARG H 107 -47.53 -25.60 -20.41
CA ARG H 107 -48.02 -25.92 -21.75
C ARG H 107 -47.47 -24.92 -22.77
N GLN H 108 -46.94 -25.43 -23.87
CA GLN H 108 -46.37 -24.58 -24.91
C GLN H 108 -46.96 -24.91 -26.28
N ASP H 109 -47.14 -23.86 -27.09
CA ASP H 109 -47.66 -24.01 -28.44
C ASP H 109 -46.71 -23.38 -29.45
N GLU H 110 -47.17 -23.20 -30.68
CA GLU H 110 -46.34 -22.60 -31.72
C GLU H 110 -45.82 -21.23 -31.30
N HIS H 111 -46.67 -20.22 -31.38
CA HIS H 111 -46.30 -18.86 -30.98
C HIS H 111 -47.12 -18.42 -29.78
N GLY H 112 -47.69 -19.39 -29.09
CA GLY H 112 -48.51 -19.11 -27.92
C GLY H 112 -48.08 -19.94 -26.73
N PHE H 113 -47.83 -19.28 -25.61
CA PHE H 113 -47.41 -19.99 -24.40
C PHE H 113 -48.51 -19.98 -23.35
N ILE H 114 -48.86 -21.17 -22.87
CA ILE H 114 -49.89 -21.31 -21.86
C ILE H 114 -49.28 -21.25 -20.46
N SER H 115 -49.97 -20.61 -19.54
CA SER H 115 -49.48 -20.48 -18.17
C SER H 115 -50.58 -20.74 -17.15
N ARG H 116 -50.49 -21.87 -16.46
CA ARG H 116 -51.47 -22.23 -15.46
C ARG H 116 -51.16 -21.52 -14.14
N GLU H 117 -52.18 -21.30 -13.32
CA GLU H 117 -51.98 -20.63 -12.05
C GLU H 117 -52.88 -21.20 -10.97
N PHE H 118 -52.28 -21.49 -9.81
CA PHE H 118 -53.02 -22.01 -8.67
C PHE H 118 -53.10 -20.96 -7.58
N HIS H 119 -54.32 -20.66 -7.14
CA HIS H 119 -54.53 -19.65 -6.11
C HIS H 119 -55.50 -20.14 -5.03
N ARG H 120 -54.97 -20.32 -3.82
CA ARG H 120 -55.80 -20.77 -2.71
C ARG H 120 -56.16 -19.61 -1.79
N LYS H 121 -57.36 -19.66 -1.23
CA LYS H 121 -57.82 -18.63 -0.31
C LYS H 121 -58.29 -19.26 0.98
N TYR H 122 -57.44 -19.19 2.00
CA TYR H 122 -57.75 -19.77 3.30
C TYR H 122 -58.03 -18.69 4.35
N ARG H 123 -59.18 -18.80 4.99
CA ARG H 123 -59.56 -17.88 6.04
C ARG H 123 -59.81 -18.68 7.32
N ILE H 124 -58.74 -19.26 7.85
CA ILE H 124 -58.83 -20.10 9.04
C ILE H 124 -58.11 -19.48 10.24
N PRO H 125 -58.74 -18.54 10.95
CA PRO H 125 -58.14 -17.93 12.13
C PRO H 125 -57.99 -18.96 13.25
N ALA H 126 -58.67 -20.09 13.08
CA ALA H 126 -58.62 -21.18 14.05
C ALA H 126 -57.42 -22.09 13.83
N ASP H 127 -56.81 -21.96 12.66
CA ASP H 127 -55.64 -22.76 12.32
C ASP H 127 -54.46 -21.88 11.94
N VAL H 128 -54.68 -20.57 11.93
CA VAL H 128 -53.62 -19.64 11.54
C VAL H 128 -53.43 -18.50 12.55
N ASP H 129 -52.18 -18.12 12.70
CA ASP H 129 -51.74 -17.02 13.55
C ASP H 129 -50.45 -16.48 12.98
N PRO H 130 -50.53 -15.43 12.12
CA PRO H 130 -49.37 -14.84 11.45
C PRO H 130 -48.13 -14.69 12.34
N LEU H 131 -48.33 -14.57 13.65
CA LEU H 131 -47.20 -14.42 14.58
C LEU H 131 -46.53 -15.75 14.87
N THR H 132 -46.76 -16.76 14.04
CA THR H 132 -46.15 -18.06 14.27
C THR H 132 -46.23 -18.97 13.04
N ILE H 133 -47.23 -18.76 12.20
CA ILE H 133 -47.40 -19.58 11.00
C ILE H 133 -46.37 -19.23 9.93
N THR H 134 -45.64 -20.25 9.49
CA THR H 134 -44.63 -20.08 8.45
C THR H 134 -45.04 -20.82 7.18
N SER H 135 -44.10 -21.00 6.26
CA SER H 135 -44.40 -21.69 5.01
C SER H 135 -43.27 -22.64 4.61
N SER H 136 -43.63 -23.64 3.81
CA SER H 136 -42.68 -24.63 3.33
C SER H 136 -43.08 -25.10 1.93
N LEU H 137 -42.19 -24.92 0.96
CA LEU H 137 -42.47 -25.31 -0.42
C LEU H 137 -41.90 -26.69 -0.73
N SER H 138 -42.68 -27.50 -1.45
CA SER H 138 -42.25 -28.85 -1.85
C SER H 138 -42.02 -28.90 -3.35
N SER H 139 -41.22 -29.88 -3.79
CA SER H 139 -40.88 -30.05 -5.21
C SER H 139 -42.05 -29.76 -6.12
N ASP H 140 -43.13 -30.49 -5.94
CA ASP H 140 -44.31 -30.32 -6.78
C ASP H 140 -45.17 -29.15 -6.29
N GLY H 141 -44.51 -28.04 -5.96
CA GLY H 141 -45.22 -26.86 -5.50
C GLY H 141 -46.08 -27.09 -4.28
N VAL H 142 -45.95 -28.26 -3.66
CA VAL H 142 -46.74 -28.58 -2.48
C VAL H 142 -46.36 -27.66 -1.32
N LEU H 143 -47.17 -26.62 -1.10
CA LEU H 143 -46.92 -25.68 -0.02
C LEU H 143 -47.47 -26.22 1.29
N THR H 144 -46.78 -25.91 2.38
CA THR H 144 -47.21 -26.38 3.69
C THR H 144 -46.97 -25.33 4.76
N VAL H 145 -48.04 -24.64 5.16
CA VAL H 145 -47.95 -23.62 6.20
C VAL H 145 -48.07 -24.26 7.58
N ASN H 146 -46.93 -24.50 8.21
CA ASN H 146 -46.90 -25.13 9.52
C ASN H 146 -46.95 -24.10 10.65
N GLY H 147 -47.39 -24.56 11.82
CA GLY H 147 -47.49 -23.70 12.99
C GLY H 147 -48.68 -24.05 13.86
N PRO H 148 -48.77 -23.50 15.09
CA PRO H 148 -49.87 -23.76 16.02
C PRO H 148 -51.22 -23.28 15.48
N ARG H 149 -52.17 -23.04 16.38
CA ARG H 149 -53.50 -22.61 15.98
C ARG H 149 -54.28 -22.01 17.16
N LYS H 150 -55.48 -21.51 16.88
CA LYS H 150 -56.33 -20.94 17.93
C LYS H 150 -57.83 -21.21 17.65
N GLN H 151 -58.60 -20.16 17.32
CA GLN H 151 -60.03 -20.33 17.04
C GLN H 151 -60.65 -19.11 16.33
N VAL H 152 -61.97 -19.16 16.15
CA VAL H 152 -62.74 -18.09 15.48
C VAL H 152 -62.52 -18.10 13.96
N SER H 153 -63.54 -17.61 13.23
CA SER H 153 -63.48 -17.55 11.77
C SER H 153 -64.66 -16.77 11.20
N GLY H 154 -64.38 -15.69 10.47
CA GLY H 154 -65.44 -14.89 9.88
C GLY H 154 -64.98 -13.52 9.40
N PRO H 155 -65.50 -13.04 8.24
CA PRO H 155 -65.13 -11.74 7.66
C PRO H 155 -66.08 -10.60 8.03
N GLU H 156 -67.40 -10.86 7.96
CA GLU H 156 -68.43 -9.86 8.27
C GLU H 156 -68.00 -8.87 9.34
N ARG H 157 -68.48 -7.63 9.22
CA ARG H 157 -68.12 -6.56 10.15
C ARG H 157 -69.31 -6.17 11.03
N THR H 158 -70.23 -5.39 10.47
CA THR H 158 -71.42 -4.92 11.19
C THR H 158 -71.04 -3.88 12.24
N ILE H 159 -70.99 -2.62 11.82
CA ILE H 159 -70.64 -1.52 12.71
C ILE H 159 -71.45 -0.26 12.41
N PRO H 160 -72.67 -0.14 12.98
CA PRO H 160 -73.52 1.03 12.78
C PRO H 160 -73.06 2.23 13.59
N ILE H 161 -73.18 3.42 13.02
CA ILE H 161 -72.75 4.63 13.71
C ILE H 161 -73.85 5.70 13.69
N THR H 162 -73.86 6.54 14.71
CA THR H 162 -74.84 7.63 14.82
C THR H 162 -76.27 7.12 15.05
N ARG H 163 -77.15 7.38 14.07
CA ARG H 163 -78.56 6.97 14.13
C ARG H 163 -79.36 7.93 15.03
N GLU H 164 -78.67 8.54 15.98
CA GLU H 164 -79.27 9.50 16.91
C GLU H 164 -80.27 8.81 17.84
N GLU H 165 -81.56 8.89 17.51
CA GLU H 165 -82.62 8.27 18.32
C GLU H 165 -82.82 9.01 19.65
N LYS H 166 -81.94 9.96 19.95
CA LYS H 166 -82.05 10.71 21.21
C LYS H 166 -82.73 12.07 20.97
N PRO H 167 -82.09 12.99 20.21
CA PRO H 167 -82.67 14.29 19.90
C PRO H 167 -83.37 14.28 18.53
N ALA H 168 -84.21 15.28 18.27
CA ALA H 168 -84.93 15.37 17.01
C ALA H 168 -85.58 14.03 16.66
N VAL H 169 -86.80 13.83 17.14
CA VAL H 169 -87.53 12.59 16.89
C VAL H 169 -88.83 12.86 16.14
N THR H 170 -89.52 11.78 15.77
CA THR H 170 -90.79 11.89 15.05
C THR H 170 -91.90 11.16 15.80
N ALA H 171 -93.15 11.39 15.42
CA ALA H 171 -94.28 10.75 16.08
C ALA H 171 -95.55 10.92 15.25
N ALA H 172 -96.70 10.75 15.92
CA ALA H 172 -97.99 10.89 15.26
C ALA H 172 -99.11 11.03 16.30
N PRO H 173 -100.30 11.53 15.90
CA PRO H 173 -101.42 11.68 16.82
C PRO H 173 -101.84 10.35 17.45
N LYS H 174 -102.76 10.42 18.41
CA LYS H 174 -103.24 9.22 19.09
C LYS H 174 -104.43 9.56 19.99
N LYS H 175 -105.05 8.53 20.55
CA LYS H 175 -106.19 8.71 21.44
C LYS H 175 -106.51 7.42 22.18
N MET I 1 -15.26 -0.55 21.26
CA MET I 1 -15.27 -2.04 21.30
C MET I 1 -13.85 -2.57 21.33
N ASP I 2 -13.12 -2.20 22.37
CA ASP I 2 -11.74 -2.64 22.55
C ASP I 2 -11.67 -4.16 22.45
N ILE I 3 -11.23 -4.65 21.29
CA ILE I 3 -11.12 -6.09 21.06
C ILE I 3 -10.20 -6.75 22.08
N ALA I 4 -9.29 -5.96 22.65
CA ALA I 4 -8.35 -6.47 23.63
C ALA I 4 -8.88 -6.37 25.06
N ILE I 5 -10.17 -6.05 25.18
CA ILE I 5 -10.79 -5.92 26.50
C ILE I 5 -12.21 -6.50 26.50
N HIS I 6 -13.08 -5.95 25.66
CA HIS I 6 -14.46 -6.40 25.57
C HIS I 6 -14.56 -7.87 25.15
N HIS I 7 -13.69 -8.31 24.25
CA HIS I 7 -13.72 -9.69 23.79
C HIS I 7 -13.47 -10.68 24.94
N PRO I 8 -12.36 -10.53 25.70
CA PRO I 8 -12.06 -11.44 26.81
C PRO I 8 -12.91 -11.16 28.05
N TRP I 9 -13.54 -9.99 28.11
CA TRP I 9 -14.36 -9.63 29.26
C TRP I 9 -15.82 -10.06 29.05
N ILE I 10 -16.28 -10.02 27.81
CA ILE I 10 -17.64 -10.42 27.49
C ILE I 10 -17.78 -11.93 27.55
N ARG I 11 -16.67 -12.63 27.33
CA ARG I 11 -16.66 -14.07 27.39
C ARG I 11 -16.39 -14.53 28.82
N ARG I 12 -16.14 -13.56 29.70
CA ARG I 12 -15.84 -13.85 31.10
C ARG I 12 -17.09 -14.33 31.85
N PRO I 13 -18.19 -13.55 31.90
CA PRO I 13 -19.40 -14.00 32.58
C PRO I 13 -20.06 -15.14 31.82
N PHE I 14 -19.56 -15.38 30.60
CA PHE I 14 -20.05 -16.47 29.77
C PHE I 14 -19.40 -17.75 30.25
N PHE I 15 -18.40 -17.56 31.11
CA PHE I 15 -17.61 -18.64 31.71
C PHE I 15 -18.45 -19.91 31.89
N PRO I 16 -19.32 -19.98 32.92
CA PRO I 16 -20.16 -21.17 33.20
C PRO I 16 -21.25 -21.46 32.15
N PHE I 17 -21.26 -20.72 31.04
CA PHE I 17 -22.27 -20.94 30.00
C PHE I 17 -21.61 -21.49 28.74
N HIS I 18 -20.28 -21.60 28.78
CA HIS I 18 -19.53 -22.11 27.65
C HIS I 18 -19.96 -23.52 27.29
N SER I 19 -19.28 -24.12 26.34
CA SER I 19 -19.60 -25.48 25.91
C SER I 19 -21.08 -25.65 25.52
N PRO I 20 -21.68 -24.68 24.81
CA PRO I 20 -23.06 -24.77 24.39
C PRO I 20 -23.18 -25.23 22.95
N SER I 21 -22.21 -26.05 22.52
CA SER I 21 -22.17 -26.55 21.14
C SER I 21 -21.93 -25.40 20.18
N ARG I 22 -20.76 -25.42 19.53
CA ARG I 22 -20.39 -24.37 18.58
C ARG I 22 -21.50 -24.14 17.56
N LEU I 23 -22.26 -25.17 17.28
CA LEU I 23 -23.36 -25.09 16.33
C LEU I 23 -24.69 -25.30 17.05
N PHE I 24 -24.91 -24.51 18.10
CA PHE I 24 -26.12 -24.59 18.91
C PHE I 24 -27.36 -24.18 18.12
N ASP I 25 -27.22 -23.19 17.24
CA ASP I 25 -28.33 -22.69 16.45
C ASP I 25 -28.83 -23.73 15.44
N GLN I 26 -27.98 -24.67 15.06
CA GLN I 26 -28.37 -25.69 14.09
C GLN I 26 -28.66 -27.02 14.77
N PHE I 27 -27.88 -27.37 15.78
CA PHE I 27 -28.08 -28.62 16.51
C PHE I 27 -29.50 -28.71 17.07
N PHE I 28 -29.84 -27.76 17.94
CA PHE I 28 -31.18 -27.72 18.52
C PHE I 28 -32.21 -27.40 17.46
N GLY I 29 -31.79 -26.64 16.45
CA GLY I 29 -32.70 -26.28 15.37
C GLY I 29 -33.24 -27.49 14.64
N GLU I 30 -32.46 -28.56 14.61
CA GLU I 30 -32.87 -29.79 13.94
C GLU I 30 -33.85 -30.57 14.82
N HIS I 31 -33.57 -30.59 16.12
CA HIS I 31 -34.42 -31.30 17.07
C HIS I 31 -35.79 -30.62 17.19
N LEU I 32 -35.80 -29.30 17.00
CA LEU I 32 -37.04 -28.54 17.08
C LEU I 32 -37.82 -28.68 15.78
N LEU I 33 -37.09 -28.97 14.71
CA LEU I 33 -37.70 -29.14 13.39
C LEU I 33 -38.29 -30.55 13.29
N GLU I 34 -37.77 -31.47 14.09
CA GLU I 34 -38.25 -32.85 14.10
C GLU I 34 -39.56 -32.95 14.88
N SER I 35 -39.66 -32.17 15.94
CA SER I 35 -40.86 -32.17 16.78
C SER I 35 -41.92 -31.24 16.20
N ASP I 36 -41.58 -30.55 15.13
CA ASP I 36 -42.50 -29.63 14.48
C ASP I 36 -43.22 -30.32 13.31
N LEU I 37 -42.79 -31.54 13.00
CA LEU I 37 -43.38 -32.31 11.91
C LEU I 37 -44.57 -33.12 12.42
N PHE I 38 -44.28 -34.14 13.21
CA PHE I 38 -45.31 -35.01 13.77
C PHE I 38 -45.37 -34.84 15.29
N PRO I 39 -46.58 -34.82 15.89
CA PRO I 39 -46.74 -34.68 17.33
C PRO I 39 -45.98 -35.76 18.09
N THR I 40 -44.68 -35.55 18.28
CA THR I 40 -43.84 -36.52 18.96
C THR I 40 -44.28 -36.70 20.42
N SER I 41 -44.37 -37.97 20.82
CA SER I 41 -44.79 -38.36 22.17
C SER I 41 -44.37 -37.36 23.25
N THR I 42 -45.18 -36.32 23.42
CA THR I 42 -44.96 -35.29 24.42
C THR I 42 -46.29 -34.69 24.82
N SER I 43 -46.26 -33.66 25.66
CA SER I 43 -47.49 -33.00 26.05
C SER I 43 -47.86 -32.01 24.96
N LEU I 44 -47.64 -32.45 23.71
CA LEU I 44 -47.87 -31.65 22.53
C LEU I 44 -47.05 -30.38 22.61
N SER I 45 -47.27 -29.45 21.68
CA SER I 45 -46.50 -28.21 21.69
C SER I 45 -46.91 -27.29 20.54
N PRO I 46 -47.38 -26.06 20.84
CA PRO I 46 -47.73 -25.11 19.80
C PRO I 46 -46.47 -24.70 19.08
N PHE I 47 -45.37 -24.67 19.84
CA PHE I 47 -44.05 -24.33 19.35
C PHE I 47 -43.04 -24.35 20.49
N TYR I 48 -43.29 -25.18 21.50
CA TYR I 48 -42.38 -25.30 22.64
C TYR I 48 -41.04 -25.87 22.17
N LEU I 49 -39.95 -25.24 22.59
CA LEU I 49 -38.62 -25.68 22.19
C LEU I 49 -37.76 -25.98 23.40
N ARG I 50 -37.42 -27.25 23.61
CA ARG I 50 -36.59 -27.68 24.73
C ARG I 50 -35.22 -26.99 24.68
N PRO I 51 -34.99 -25.98 25.53
CA PRO I 51 -33.73 -25.24 25.56
C PRO I 51 -32.80 -25.71 26.67
N PRO I 52 -31.51 -25.34 26.60
CA PRO I 52 -30.53 -25.73 27.63
C PRO I 52 -30.69 -24.88 28.88
N SER I 53 -31.04 -25.52 30.00
CA SER I 53 -31.25 -24.81 31.25
C SER I 53 -30.46 -25.44 32.39
N PHE I 54 -30.25 -24.67 33.44
CA PHE I 54 -29.52 -25.15 34.61
C PHE I 54 -30.44 -25.88 35.57
N LEU I 55 -31.74 -25.80 35.31
CA LEU I 55 -32.73 -26.48 36.14
C LEU I 55 -32.50 -27.99 36.07
N ARG I 56 -32.37 -28.61 37.24
CA ARG I 56 -32.11 -30.05 37.30
C ARG I 56 -33.38 -30.85 37.52
N ALA I 57 -34.25 -30.38 38.40
CA ALA I 57 -35.48 -31.08 38.71
C ALA I 57 -36.53 -31.00 37.59
N PRO I 58 -36.94 -29.77 37.17
CA PRO I 58 -37.94 -29.59 36.13
C PRO I 58 -37.36 -29.41 34.73
N SER I 59 -38.18 -29.70 33.73
CA SER I 59 -37.79 -29.55 32.33
C SER I 59 -38.47 -28.31 31.74
N TRP I 60 -37.67 -27.32 31.37
CA TRP I 60 -38.20 -26.08 30.83
C TRP I 60 -38.35 -26.14 29.30
N PHE I 61 -39.35 -25.42 28.79
CA PHE I 61 -39.61 -25.36 27.36
C PHE I 61 -39.99 -23.93 26.95
N ASP I 62 -39.35 -23.42 25.90
CA ASP I 62 -39.63 -22.06 25.42
C ASP I 62 -41.07 -21.97 24.95
N THR I 63 -41.86 -21.10 25.57
CA THR I 63 -43.27 -20.96 25.20
C THR I 63 -43.71 -19.51 25.09
N GLY I 64 -44.95 -19.34 24.60
CA GLY I 64 -45.52 -18.02 24.44
C GLY I 64 -46.52 -17.70 25.55
N LEU I 65 -47.80 -17.96 25.28
CA LEU I 65 -48.88 -17.71 26.25
C LEU I 65 -49.05 -16.23 26.55
N SER I 66 -48.08 -15.65 27.26
CA SER I 66 -48.14 -14.24 27.64
C SER I 66 -47.90 -13.31 26.46
N GLU I 67 -48.29 -13.74 25.27
CA GLU I 67 -48.13 -12.92 24.06
C GLU I 67 -49.35 -13.06 23.15
N MET I 68 -50.45 -13.54 23.73
CA MET I 68 -51.69 -13.71 22.97
C MET I 68 -52.86 -13.00 23.66
N ARG I 69 -53.23 -13.49 24.84
CA ARG I 69 -54.31 -12.89 25.62
C ARG I 69 -53.85 -12.68 27.05
N LEU I 70 -54.77 -12.31 27.95
CA LEU I 70 -54.38 -12.09 29.35
C LEU I 70 -55.59 -11.91 30.27
N GLU I 71 -56.08 -10.67 30.41
CA GLU I 71 -57.21 -10.41 31.32
C GLU I 71 -58.46 -9.89 30.58
N LYS I 72 -59.33 -10.82 30.18
CA LYS I 72 -60.56 -10.45 29.47
C LYS I 72 -61.76 -11.25 29.99
N ASP I 73 -62.97 -10.85 29.60
CA ASP I 73 -64.21 -11.53 30.03
C ASP I 73 -65.29 -11.47 28.93
N ARG I 74 -66.33 -10.65 29.15
CA ARG I 74 -67.39 -10.48 28.14
C ARG I 74 -67.04 -9.22 27.37
N PHE I 75 -66.92 -8.14 28.11
CA PHE I 75 -66.48 -6.84 27.60
C PHE I 75 -67.38 -6.16 26.58
N SER I 76 -66.99 -4.91 26.35
CA SER I 76 -67.61 -3.99 25.41
C SER I 76 -66.68 -2.78 25.28
N VAL I 77 -65.45 -3.05 24.82
CA VAL I 77 -64.41 -2.02 24.66
C VAL I 77 -64.95 -0.69 24.17
N ASN I 78 -64.28 0.39 24.58
CA ASN I 78 -64.67 1.74 24.19
C ASN I 78 -63.51 2.48 23.54
N LEU I 79 -63.76 3.07 22.36
CA LEU I 79 -62.74 3.84 21.67
C LEU I 79 -62.69 5.25 22.27
N ASP I 80 -61.68 6.03 21.92
CA ASP I 80 -61.55 7.37 22.49
C ASP I 80 -61.67 8.47 21.44
N VAL I 81 -62.66 9.32 21.65
CA VAL I 81 -62.91 10.49 20.81
C VAL I 81 -63.47 11.59 21.70
N LYS I 82 -62.56 12.24 22.43
CA LYS I 82 -62.90 13.30 23.38
C LYS I 82 -63.98 14.24 22.84
N HIS I 83 -63.80 14.73 21.62
CA HIS I 83 -64.78 15.63 21.02
C HIS I 83 -65.57 14.94 19.91
N PHE I 84 -66.88 15.14 19.93
CA PHE I 84 -67.78 14.54 18.96
C PHE I 84 -67.39 14.82 17.52
N SER I 85 -67.51 13.80 16.68
CA SER I 85 -67.22 13.88 15.27
C SER I 85 -68.03 12.83 14.51
N PRO I 86 -69.36 12.80 14.73
CA PRO I 86 -70.26 11.81 14.11
C PRO I 86 -70.02 11.64 12.61
N GLU I 87 -70.08 12.73 11.87
CA GLU I 87 -69.89 12.70 10.43
C GLU I 87 -68.42 12.66 10.05
N GLU I 88 -67.55 13.09 10.96
CA GLU I 88 -66.12 13.14 10.68
C GLU I 88 -65.35 12.00 11.35
N LEU I 89 -66.00 10.87 11.59
CA LEU I 89 -65.33 9.73 12.20
C LEU I 89 -65.60 8.45 11.41
N LYS I 90 -64.60 7.59 11.35
CA LYS I 90 -64.73 6.32 10.63
C LYS I 90 -64.15 5.18 11.45
N VAL I 91 -65.03 4.29 11.90
CA VAL I 91 -64.61 3.14 12.67
C VAL I 91 -64.35 1.96 11.74
N LYS I 92 -63.22 1.30 11.92
CA LYS I 92 -62.87 0.17 11.07
C LYS I 92 -62.52 -1.07 11.89
N VAL I 93 -63.18 -2.17 11.58
CA VAL I 93 -62.93 -3.43 12.26
C VAL I 93 -62.20 -4.39 11.30
N LEU I 94 -60.91 -4.17 11.15
CA LEU I 94 -60.09 -4.99 10.27
C LEU I 94 -59.56 -6.21 11.02
N GLY I 95 -60.39 -7.25 11.09
CA GLY I 95 -60.00 -8.45 11.78
C GLY I 95 -60.02 -8.28 13.28
N ASP I 96 -58.93 -8.69 13.94
CA ASP I 96 -58.82 -8.57 15.38
C ASP I 96 -58.23 -7.22 15.76
N VAL I 97 -58.34 -6.26 14.84
CA VAL I 97 -57.80 -4.92 15.07
C VAL I 97 -58.88 -3.85 14.94
N ILE I 98 -59.25 -3.25 16.07
CA ILE I 98 -60.26 -2.20 16.10
C ILE I 98 -59.60 -0.83 16.09
N GLU I 99 -59.98 0.00 15.14
CA GLU I 99 -59.41 1.34 15.03
C GLU I 99 -60.50 2.39 14.84
N VAL I 100 -60.20 3.61 15.27
CA VAL I 100 -61.13 4.72 15.12
C VAL I 100 -60.41 5.94 14.55
N HIS I 101 -61.02 6.58 13.57
CA HIS I 101 -60.43 7.76 12.94
C HIS I 101 -61.41 8.91 12.93
N GLY I 102 -61.32 9.78 13.94
CA GLY I 102 -62.20 10.92 14.03
C GLY I 102 -61.45 12.23 14.10
N LYS I 103 -61.80 13.15 13.20
CA LYS I 103 -61.16 14.46 13.15
C LYS I 103 -62.21 15.57 13.17
N HIS I 104 -62.10 16.47 14.14
CA HIS I 104 -63.04 17.57 14.25
C HIS I 104 -62.32 18.89 14.52
N GLU I 105 -62.77 19.94 13.85
CA GLU I 105 -62.19 21.26 14.01
C GLU I 105 -62.90 22.00 15.14
N GLU I 106 -62.27 22.05 16.31
CA GLU I 106 -62.87 22.72 17.46
C GLU I 106 -62.20 24.06 17.75
N ARG I 107 -60.93 24.19 17.35
CA ARG I 107 -60.20 25.44 17.57
C ARG I 107 -60.19 26.27 16.29
N GLN I 108 -60.51 27.55 16.41
CA GLN I 108 -60.54 28.44 15.25
C GLN I 108 -59.72 29.70 15.49
N ASP I 109 -59.08 30.19 14.42
CA ASP I 109 -58.28 31.40 14.49
C ASP I 109 -58.77 32.41 13.46
N GLU I 110 -57.96 33.42 13.18
CA GLU I 110 -58.32 34.45 12.21
C GLU I 110 -58.59 33.83 10.83
N HIS I 111 -57.53 33.39 10.17
CA HIS I 111 -57.66 32.76 8.86
C HIS I 111 -57.10 31.35 8.90
N GLY I 112 -56.93 30.83 10.11
CA GLY I 112 -56.40 29.49 10.27
C GLY I 112 -57.31 28.64 11.13
N PHE I 113 -57.71 27.48 10.61
CA PHE I 113 -58.60 26.59 11.35
C PHE I 113 -57.85 25.38 11.87
N ILE I 114 -57.94 25.15 13.17
CA ILE I 114 -57.29 24.02 13.80
C ILE I 114 -58.21 22.81 13.81
N SER I 115 -57.64 21.63 13.57
CA SER I 115 -58.42 20.40 13.55
C SER I 115 -57.74 19.31 14.36
N ARG I 116 -58.40 18.87 15.43
CA ARG I 116 -57.86 17.82 16.27
C ARG I 116 -58.32 16.46 15.76
N GLU I 117 -57.52 15.43 15.99
CA GLU I 117 -57.86 14.09 15.54
C GLU I 117 -57.46 13.03 16.57
N PHE I 118 -58.36 12.09 16.79
CA PHE I 118 -58.12 11.00 17.72
C PHE I 118 -58.09 9.67 16.97
N HIS I 119 -56.96 8.97 17.04
CA HIS I 119 -56.80 7.70 16.36
C HIS I 119 -56.36 6.60 17.31
N ARG I 120 -57.21 5.60 17.51
CA ARG I 120 -56.90 4.49 18.38
C ARG I 120 -56.58 3.23 17.58
N LYS I 121 -55.58 2.49 18.05
CA LYS I 121 -55.17 1.25 17.39
C LYS I 121 -55.23 0.11 18.40
N TYR I 122 -56.29 -0.68 18.33
CA TYR I 122 -56.49 -1.79 19.25
C TYR I 122 -56.24 -3.14 18.57
N ARG I 123 -55.25 -3.86 19.05
CA ARG I 123 -54.95 -5.18 18.53
C ARG I 123 -55.31 -6.22 19.58
N ILE I 124 -56.61 -6.27 19.90
CA ILE I 124 -57.12 -7.19 20.91
C ILE I 124 -57.86 -8.37 20.28
N PRO I 125 -57.16 -9.48 20.01
CA PRO I 125 -57.76 -10.68 19.42
C PRO I 125 -58.73 -11.36 20.38
N ALA I 126 -58.34 -11.44 21.64
CA ALA I 126 -59.16 -12.08 22.66
C ALA I 126 -60.32 -11.18 23.10
N ASP I 127 -60.49 -10.07 22.41
CA ASP I 127 -61.57 -9.13 22.72
C ASP I 127 -62.39 -8.80 21.49
N VAL I 128 -61.85 -9.10 20.32
CA VAL I 128 -62.53 -8.79 19.07
C VAL I 128 -62.73 -10.00 18.17
N ASP I 129 -63.83 -9.93 17.43
CA ASP I 129 -64.23 -10.93 16.46
C ASP I 129 -65.07 -10.22 15.39
N PRO I 130 -64.43 -9.80 14.28
CA PRO I 130 -65.06 -9.05 13.19
C PRO I 130 -66.54 -9.34 13.00
N LEU I 131 -66.92 -10.61 13.05
CA LEU I 131 -68.31 -11.00 12.85
C LEU I 131 -69.28 -10.31 13.81
N THR I 132 -69.18 -10.65 15.09
CA THR I 132 -70.11 -10.12 16.10
C THR I 132 -69.76 -8.72 16.60
N ILE I 133 -68.48 -8.43 16.82
CA ILE I 133 -68.07 -7.13 17.33
C ILE I 133 -68.62 -5.99 16.49
N THR I 134 -69.51 -5.21 17.09
CA THR I 134 -70.11 -4.06 16.42
C THR I 134 -69.58 -2.77 17.01
N SER I 135 -70.21 -1.65 16.68
CA SER I 135 -69.78 -0.35 17.19
C SER I 135 -70.97 0.57 17.48
N SER I 136 -70.85 1.33 18.55
CA SER I 136 -71.89 2.27 18.95
C SER I 136 -71.25 3.63 19.23
N LEU I 137 -71.89 4.70 18.75
CA LEU I 137 -71.34 6.03 18.94
C LEU I 137 -72.21 6.89 19.87
N SER I 138 -71.55 7.74 20.65
CA SER I 138 -72.23 8.65 21.55
C SER I 138 -72.22 10.06 20.97
N SER I 139 -72.97 10.96 21.58
CA SER I 139 -73.05 12.34 21.10
C SER I 139 -71.82 13.15 21.50
N ASP I 140 -70.99 12.59 22.37
CA ASP I 140 -69.78 13.29 22.83
C ASP I 140 -68.55 12.74 22.12
N GLY I 141 -68.73 11.65 21.37
CA GLY I 141 -67.62 11.05 20.65
C GLY I 141 -67.24 9.71 21.23
N VAL I 142 -67.77 9.41 22.41
CA VAL I 142 -67.47 8.15 23.09
C VAL I 142 -67.92 6.96 22.25
N LEU I 143 -66.96 6.32 21.60
CA LEU I 143 -67.24 5.15 20.78
C LEU I 143 -67.16 3.89 21.65
N THR I 144 -68.00 2.91 21.36
CA THR I 144 -68.01 1.69 22.14
C THR I 144 -68.26 0.45 21.28
N VAL I 145 -67.22 -0.37 21.13
CA VAL I 145 -67.33 -1.60 20.36
C VAL I 145 -67.77 -2.74 21.27
N ASN I 146 -69.05 -3.09 21.19
CA ASN I 146 -69.60 -4.15 22.04
C ASN I 146 -69.69 -5.48 21.31
N GLY I 147 -69.72 -6.56 22.08
CA GLY I 147 -69.81 -7.89 21.52
C GLY I 147 -68.96 -8.90 22.26
N PRO I 148 -69.13 -10.22 21.99
CA PRO I 148 -68.35 -11.28 22.64
C PRO I 148 -66.86 -11.15 22.34
N ARG I 149 -66.14 -12.28 22.41
CA ARG I 149 -64.70 -12.25 22.15
C ARG I 149 -64.11 -13.66 22.06
N LYS I 150 -62.85 -13.78 22.51
CA LYS I 150 -62.10 -15.04 22.49
C LYS I 150 -61.51 -15.32 21.12
N GLN I 151 -60.20 -15.04 20.99
CA GLN I 151 -59.49 -15.26 19.73
C GLN I 151 -58.03 -14.81 19.88
N VAL I 152 -57.18 -15.29 18.97
CA VAL I 152 -55.78 -14.91 18.97
C VAL I 152 -55.34 -14.50 17.56
N SER I 153 -54.56 -13.42 17.49
CA SER I 153 -54.08 -12.92 16.21
C SER I 153 -52.70 -12.30 16.36
N GLY I 154 -52.24 -11.63 15.31
CA GLY I 154 -50.93 -11.01 15.33
C GLY I 154 -50.23 -11.13 13.99
N PRO I 155 -50.26 -10.07 13.15
CA PRO I 155 -49.63 -10.10 11.83
C PRO I 155 -48.11 -10.01 11.86
N GLU I 156 -47.46 -11.08 11.42
CA GLU I 156 -46.00 -11.14 11.36
C GLU I 156 -45.57 -11.51 9.95
N ARG I 157 -44.27 -11.44 9.67
CA ARG I 157 -43.77 -11.77 8.35
C ARG I 157 -42.66 -12.81 8.41
N THR I 158 -43.03 -14.04 8.78
CA THR I 158 -42.08 -15.13 8.86
C THR I 158 -42.56 -16.31 8.04
N ILE I 159 -42.31 -16.26 6.74
CA ILE I 159 -42.72 -17.33 5.84
C ILE I 159 -41.63 -17.69 4.84
N PRO I 160 -40.63 -18.50 5.23
CA PRO I 160 -39.56 -18.92 4.34
C PRO I 160 -40.13 -19.75 3.20
N ILE I 161 -39.88 -19.30 1.97
CA ILE I 161 -40.42 -19.99 0.80
C ILE I 161 -39.33 -20.69 -0.01
N THR I 162 -39.75 -21.63 -0.84
CA THR I 162 -38.89 -22.38 -1.73
C THR I 162 -37.86 -23.26 -0.98
N ARG I 163 -37.52 -24.36 -1.67
CA ARG I 163 -36.60 -25.43 -1.24
C ARG I 163 -37.28 -26.73 -1.58
N GLU I 164 -38.18 -26.60 -2.53
CA GLU I 164 -38.97 -27.69 -3.07
C GLU I 164 -38.11 -28.88 -3.44
N GLU I 165 -37.74 -29.68 -2.43
CA GLU I 165 -36.88 -30.87 -2.57
C GLU I 165 -36.75 -31.36 -4.02
N LYS I 166 -35.50 -31.69 -4.42
CA LYS I 166 -35.18 -32.22 -5.77
C LYS I 166 -34.86 -31.10 -6.79
N PRO I 167 -33.79 -30.31 -6.56
CA PRO I 167 -33.35 -29.24 -7.45
C PRO I 167 -31.97 -29.50 -8.10
N ALA I 168 -30.92 -28.88 -7.51
CA ALA I 168 -29.52 -28.99 -7.95
C ALA I 168 -29.09 -27.87 -8.89
N VAL I 169 -27.86 -27.38 -8.66
CA VAL I 169 -27.25 -26.35 -9.50
C VAL I 169 -25.82 -26.75 -9.79
N THR I 170 -25.08 -25.88 -10.46
CA THR I 170 -23.69 -26.17 -10.78
C THR I 170 -22.93 -24.89 -11.10
N ALA I 171 -21.62 -25.01 -11.21
CA ALA I 171 -20.76 -23.89 -11.53
C ALA I 171 -19.49 -24.37 -12.21
N ALA I 172 -18.48 -23.51 -12.26
CA ALA I 172 -17.22 -23.85 -12.89
C ALA I 172 -16.16 -22.80 -12.55
N PRO I 173 -14.86 -23.16 -12.65
CA PRO I 173 -13.77 -22.23 -12.36
C PRO I 173 -13.81 -21.01 -13.28
N LYS I 174 -13.42 -19.86 -12.72
CA LYS I 174 -13.41 -18.61 -13.47
C LYS I 174 -12.41 -17.63 -12.86
N LYS I 175 -12.38 -16.41 -13.39
CA LYS I 175 -11.48 -15.37 -12.90
C LYS I 175 -11.69 -14.07 -13.67
N MET J 1 -21.68 16.01 -8.19
CA MET J 1 -22.34 15.19 -7.15
C MET J 1 -21.35 14.23 -6.49
N ASP J 2 -20.18 14.75 -6.14
CA ASP J 2 -19.13 13.95 -5.52
C ASP J 2 -19.54 13.59 -4.09
N ILE J 3 -20.31 12.52 -3.94
CA ILE J 3 -20.77 12.08 -2.63
C ILE J 3 -19.63 11.47 -1.82
N ALA J 4 -18.64 10.91 -2.52
CA ALA J 4 -17.50 10.28 -1.85
C ALA J 4 -16.28 11.19 -1.85
N ILE J 5 -16.48 12.48 -2.10
CA ILE J 5 -15.39 13.44 -2.13
C ILE J 5 -15.76 14.73 -1.44
N HIS J 6 -16.79 15.41 -1.96
CA HIS J 6 -17.24 16.68 -1.40
C HIS J 6 -17.92 16.50 -0.04
N HIS J 7 -18.77 15.49 0.08
CA HIS J 7 -19.49 15.23 1.32
C HIS J 7 -18.54 15.14 2.53
N PRO J 8 -17.48 14.30 2.47
CA PRO J 8 -16.53 14.17 3.58
C PRO J 8 -15.57 15.34 3.65
N TRP J 9 -15.58 16.18 2.62
CA TRP J 9 -14.69 17.34 2.57
C TRP J 9 -15.38 18.59 3.12
N ILE J 10 -16.71 18.58 3.10
CA ILE J 10 -17.49 19.72 3.60
C ILE J 10 -17.78 19.55 5.09
N ARG J 11 -17.82 18.30 5.55
CA ARG J 11 -18.07 18.01 6.95
C ARG J 11 -16.78 18.09 7.74
N ARG J 12 -15.67 18.30 7.04
CA ARG J 12 -14.36 18.40 7.67
C ARG J 12 -14.17 19.76 8.36
N PRO J 13 -14.44 20.89 7.67
CA PRO J 13 -14.28 22.23 8.26
C PRO J 13 -15.29 22.48 9.37
N PHE J 14 -16.26 21.59 9.49
CA PHE J 14 -17.29 21.71 10.53
C PHE J 14 -16.81 21.09 11.83
N PHE J 15 -15.86 20.15 11.72
CA PHE J 15 -15.33 19.44 12.88
C PHE J 15 -14.80 20.39 13.97
N PRO J 16 -14.07 21.47 13.61
CA PRO J 16 -13.55 22.43 14.59
C PRO J 16 -14.62 22.90 15.56
N PHE J 17 -15.89 22.69 15.19
CA PHE J 17 -17.02 23.08 16.04
C PHE J 17 -18.16 22.07 15.90
N HIS J 18 -17.81 20.86 15.48
CA HIS J 18 -18.79 19.79 15.29
C HIS J 18 -18.71 18.78 16.43
N SER J 19 -19.88 18.32 16.87
CA SER J 19 -19.98 17.35 17.97
C SER J 19 -21.41 17.27 18.49
N PRO J 20 -22.10 18.42 18.68
CA PRO J 20 -23.48 18.43 19.18
C PRO J 20 -24.45 17.81 18.18
N SER J 21 -25.67 18.33 18.14
CA SER J 21 -26.71 17.81 17.25
C SER J 21 -26.44 18.17 15.79
N ARG J 22 -27.33 17.73 14.90
CA ARG J 22 -27.22 18.04 13.49
C ARG J 22 -28.05 19.27 13.15
N LEU J 23 -28.84 19.71 14.12
CA LEU J 23 -29.65 20.91 13.98
C LEU J 23 -29.18 21.91 15.03
N PHE J 24 -28.52 22.96 14.58
CA PHE J 24 -27.94 23.98 15.46
C PHE J 24 -28.50 25.38 15.20
N ASP J 25 -29.42 25.49 14.25
CA ASP J 25 -29.94 26.81 13.89
C ASP J 25 -31.39 27.08 14.32
N GLN J 26 -31.88 26.47 15.40
CA GLN J 26 -33.24 26.76 15.84
C GLN J 26 -33.40 26.78 17.35
N PHE J 27 -32.52 26.10 18.09
CA PHE J 27 -32.61 26.14 19.55
C PHE J 27 -32.02 27.45 20.00
N PHE J 28 -30.95 27.84 19.33
CA PHE J 28 -30.29 29.11 19.62
C PHE J 28 -31.15 30.23 19.07
N GLY J 29 -31.94 29.88 18.07
CA GLY J 29 -32.83 30.85 17.45
C GLY J 29 -34.09 31.06 18.25
N GLU J 30 -34.58 29.98 18.86
CA GLU J 30 -35.78 30.06 19.68
C GLU J 30 -35.42 30.55 21.08
N HIS J 31 -34.22 30.20 21.52
CA HIS J 31 -33.74 30.64 22.82
C HIS J 31 -33.59 32.15 22.82
N LEU J 32 -33.16 32.67 21.67
CA LEU J 32 -33.00 34.10 21.49
C LEU J 32 -34.35 34.73 21.22
N LEU J 33 -35.28 33.93 20.70
CA LEU J 33 -36.63 34.39 20.40
C LEU J 33 -37.38 34.65 21.69
N GLU J 34 -37.25 33.74 22.66
CA GLU J 34 -37.91 33.89 23.95
C GLU J 34 -37.18 34.89 24.82
N SER J 35 -35.98 35.27 24.40
CA SER J 35 -35.17 36.24 25.15
C SER J 35 -35.24 37.62 24.50
N ASP J 36 -35.60 37.66 23.23
CA ASP J 36 -35.70 38.93 22.51
C ASP J 36 -37.10 39.51 22.66
N LEU J 37 -38.09 38.63 22.80
CA LEU J 37 -39.47 39.07 22.97
C LEU J 37 -39.70 39.59 24.38
N PHE J 38 -38.66 39.47 25.22
CA PHE J 38 -38.72 39.93 26.60
C PHE J 38 -37.88 41.20 26.76
N PRO J 39 -38.43 42.25 27.41
CA PRO J 39 -37.73 43.52 27.61
C PRO J 39 -36.37 43.37 28.30
N THR J 40 -35.34 43.11 27.49
CA THR J 40 -33.99 42.97 28.01
C THR J 40 -33.20 44.23 27.66
N SER J 41 -32.55 44.83 28.67
CA SER J 41 -31.80 46.07 28.49
C SER J 41 -32.78 47.24 28.38
N THR J 42 -33.65 47.17 27.38
CA THR J 42 -34.68 48.20 27.17
C THR J 42 -35.92 47.84 27.99
N SER J 43 -37.12 48.31 27.58
CA SER J 43 -38.32 47.98 28.36
C SER J 43 -39.66 48.13 27.61
N LEU J 44 -40.53 47.11 27.76
CA LEU J 44 -41.91 47.08 27.21
C LEU J 44 -42.05 46.79 25.71
N SER J 45 -43.16 46.07 25.34
CA SER J 45 -43.51 45.71 23.94
C SER J 45 -44.31 44.38 23.82
N PRO J 46 -45.62 44.34 24.23
CA PRO J 46 -46.46 43.13 24.18
C PRO J 46 -47.64 43.13 23.16
N PHE J 47 -48.36 41.96 23.10
CA PHE J 47 -49.55 41.73 22.22
C PHE J 47 -49.80 40.21 22.02
N TYR J 48 -50.91 39.66 22.55
CA TYR J 48 -51.19 38.20 22.42
C TYR J 48 -52.70 37.83 22.48
N LEU J 49 -52.95 36.50 22.52
CA LEU J 49 -54.31 35.92 22.61
C LEU J 49 -54.29 34.69 23.54
N ARG J 50 -55.42 33.98 23.67
CA ARG J 50 -55.47 32.80 24.55
C ARG J 50 -56.61 31.83 24.20
N PRO J 51 -56.29 30.65 23.62
CA PRO J 51 -57.27 29.63 23.26
C PRO J 51 -57.42 28.56 24.35
N PRO J 52 -58.39 27.62 24.21
CA PRO J 52 -58.60 26.55 25.19
C PRO J 52 -57.45 25.56 25.23
N SER J 53 -57.06 25.14 26.43
CA SER J 53 -55.96 24.20 26.59
C SER J 53 -56.24 23.20 27.71
N PHE J 54 -55.42 22.15 27.76
CA PHE J 54 -55.56 21.12 28.78
C PHE J 54 -54.63 21.39 29.94
N LEU J 55 -53.67 22.27 29.71
CA LEU J 55 -52.70 22.64 30.74
C LEU J 55 -53.38 23.41 31.86
N ARG J 56 -53.05 23.05 33.10
CA ARG J 56 -53.62 23.69 34.27
C ARG J 56 -52.64 24.67 34.89
N ALA J 57 -51.38 24.23 35.04
CA ALA J 57 -50.34 25.08 35.62
C ALA J 57 -49.96 26.20 34.65
N PRO J 58 -49.53 25.86 33.42
CA PRO J 58 -49.16 26.86 32.42
C PRO J 58 -50.34 27.22 31.53
N SER J 59 -50.06 27.89 30.41
CA SER J 59 -51.10 28.29 29.49
C SER J 59 -50.55 28.45 28.08
N TRP J 60 -51.28 27.93 27.10
CA TRP J 60 -50.87 28.00 25.71
C TRP J 60 -51.51 29.21 25.03
N PHE J 61 -50.68 30.21 24.72
CA PHE J 61 -51.17 31.42 24.07
C PHE J 61 -50.85 31.43 22.58
N ASP J 62 -51.87 31.62 21.75
CA ASP J 62 -51.68 31.64 20.31
C ASP J 62 -51.06 32.98 19.91
N THR J 63 -49.76 32.96 19.63
CA THR J 63 -49.04 34.16 19.26
C THR J 63 -49.49 34.72 17.92
N GLY J 64 -49.47 36.05 17.81
CA GLY J 64 -49.88 36.71 16.58
C GLY J 64 -49.60 38.20 16.63
N LEU J 65 -49.35 38.79 15.45
CA LEU J 65 -49.08 40.22 15.36
C LEU J 65 -49.73 40.82 14.12
N SER J 66 -49.30 42.04 13.78
CA SER J 66 -49.81 42.75 12.60
C SER J 66 -49.19 44.14 12.51
N GLU J 67 -48.79 44.53 11.30
CA GLU J 67 -48.18 45.84 11.10
C GLU J 67 -48.03 46.19 9.62
N MET J 68 -47.71 47.45 9.37
CA MET J 68 -47.52 47.95 8.01
C MET J 68 -46.89 49.35 8.06
N ARG J 69 -45.81 49.54 7.31
CA ARG J 69 -45.11 50.83 7.29
C ARG J 69 -44.06 50.90 6.19
N LEU J 70 -43.68 52.12 5.83
CA LEU J 70 -42.68 52.38 4.78
C LEU J 70 -42.80 51.36 3.64
N GLU J 71 -41.99 50.31 3.71
CA GLU J 71 -42.02 49.26 2.70
C GLU J 71 -41.26 48.04 3.19
N LYS J 72 -41.20 47.89 4.51
CA LYS J 72 -40.49 46.76 5.12
C LYS J 72 -41.09 46.41 6.48
N ASP J 73 -41.33 45.13 6.70
CA ASP J 73 -41.90 44.66 7.97
C ASP J 73 -41.83 43.14 8.08
N ARG J 74 -41.57 42.66 9.30
CA ARG J 74 -41.49 41.23 9.56
C ARG J 74 -42.82 40.71 10.09
N PHE J 75 -42.92 39.39 10.22
CA PHE J 75 -44.13 38.77 10.73
C PHE J 75 -43.85 37.34 11.16
N SER J 76 -44.72 36.79 12.00
CA SER J 76 -44.55 35.43 12.47
C SER J 76 -45.88 34.81 12.91
N VAL J 77 -46.27 33.73 12.25
CA VAL J 77 -47.49 33.02 12.58
C VAL J 77 -47.14 31.78 13.38
N ASN J 78 -48.03 31.37 14.28
CA ASN J 78 -47.77 30.19 15.11
C ASN J 78 -48.81 29.10 14.91
N LEU J 79 -48.36 27.94 14.45
CA LEU J 79 -49.25 26.80 14.26
C LEU J 79 -49.56 26.17 15.61
N ASP J 80 -50.47 25.20 15.64
CA ASP J 80 -50.83 24.59 16.92
C ASP J 80 -50.53 23.10 16.98
N VAL J 81 -49.66 22.75 17.91
CA VAL J 81 -49.28 21.37 18.18
C VAL J 81 -48.92 21.27 19.66
N LYS J 82 -49.97 21.26 20.50
CA LYS J 82 -49.81 21.22 21.96
C LYS J 82 -48.75 20.21 22.40
N HIS J 83 -48.80 19.00 21.86
CA HIS J 83 -47.83 17.97 22.23
C HIS J 83 -46.78 17.81 21.14
N PHE J 84 -45.52 17.79 21.56
CA PHE J 84 -44.40 17.69 20.64
C PHE J 84 -44.43 16.40 19.81
N SER J 85 -44.05 16.57 18.54
CA SER J 85 -43.98 15.47 17.59
C SER J 85 -42.86 15.76 16.58
N PRO J 86 -41.61 15.90 17.08
CA PRO J 86 -40.44 16.22 16.26
C PRO J 86 -40.41 15.50 14.92
N GLU J 87 -40.33 14.17 14.95
CA GLU J 87 -40.27 13.39 13.71
C GLU J 87 -41.64 12.91 13.28
N GLU J 88 -42.67 13.26 14.04
CA GLU J 88 -44.03 12.83 13.72
C GLU J 88 -44.89 13.96 13.16
N LEU J 89 -44.26 15.05 12.74
CA LEU J 89 -45.00 16.17 12.16
C LEU J 89 -44.35 16.64 10.86
N LYS J 90 -45.18 17.10 9.95
CA LYS J 90 -44.71 17.60 8.66
C LYS J 90 -45.33 18.95 8.33
N VAL J 91 -44.50 19.97 8.20
CA VAL J 91 -44.97 21.30 7.86
C VAL J 91 -44.91 21.51 6.36
N LYS J 92 -46.01 21.93 5.77
CA LYS J 92 -46.06 22.15 4.33
C LYS J 92 -46.48 23.57 3.98
N VAL J 93 -45.67 24.22 3.17
CA VAL J 93 -45.95 25.58 2.72
C VAL J 93 -46.37 25.55 1.25
N LEU J 94 -47.60 25.10 1.01
CA LEU J 94 -48.13 25.01 -0.34
C LEU J 94 -48.64 26.37 -0.81
N GLY J 95 -47.73 27.19 -1.31
CA GLY J 95 -48.10 28.51 -1.78
C GLY J 95 -48.49 29.43 -0.65
N ASP J 96 -49.66 30.05 -0.78
CA ASP J 96 -50.16 30.97 0.24
C ASP J 96 -50.94 30.21 1.30
N VAL J 97 -50.68 28.92 1.42
CA VAL J 97 -51.37 28.08 2.40
C VAL J 97 -50.39 27.35 3.31
N ILE J 98 -50.46 27.66 4.61
CA ILE J 98 -49.60 27.03 5.60
C ILE J 98 -50.37 25.97 6.37
N GLU J 99 -49.89 24.73 6.34
CA GLU J 99 -50.55 23.64 7.04
C GLU J 99 -49.57 22.79 7.83
N VAL J 100 -49.99 22.35 9.01
CA VAL J 100 -49.16 21.52 9.87
C VAL J 100 -49.85 20.18 10.11
N HIS J 101 -49.08 19.10 10.05
CA HIS J 101 -49.63 17.77 10.26
C HIS J 101 -48.78 17.00 11.27
N GLY J 102 -49.17 17.07 12.54
CA GLY J 102 -48.44 16.38 13.58
C GLY J 102 -49.29 15.39 14.33
N LYS J 103 -48.77 14.18 14.51
CA LYS J 103 -49.48 13.12 15.22
C LYS J 103 -48.57 12.44 16.23
N HIS J 104 -48.98 12.44 17.50
CA HIS J 104 -48.19 11.82 18.55
C HIS J 104 -49.07 10.97 19.47
N GLU J 105 -48.57 9.79 19.82
CA GLU J 105 -49.29 8.90 20.72
C GLU J 105 -48.92 9.20 22.16
N GLU J 106 -49.80 9.91 22.85
CA GLU J 106 -49.55 10.29 24.25
C GLU J 106 -50.39 9.46 25.21
N ARG J 107 -51.54 8.97 24.75
CA ARG J 107 -52.41 8.15 25.58
C ARG J 107 -52.22 6.67 25.27
N GLN J 108 -52.05 5.86 26.31
CA GLN J 108 -51.83 4.44 26.13
C GLN J 108 -52.80 3.61 26.98
N ASP J 109 -53.24 2.48 26.41
CA ASP J 109 -54.15 1.58 27.10
C ASP J 109 -53.55 0.17 27.15
N GLU J 110 -54.37 -0.81 27.50
CA GLU J 110 -53.91 -2.20 27.59
C GLU J 110 -53.29 -2.66 26.27
N HIS J 111 -54.15 -2.98 25.30
CA HIS J 111 -53.68 -3.41 23.99
C HIS J 111 -54.10 -2.41 22.92
N GLY J 112 -54.41 -1.20 23.37
CA GLY J 112 -54.82 -0.15 22.46
C GLY J 112 -54.05 1.12 22.69
N PHE J 113 -53.46 1.67 21.63
CA PHE J 113 -52.69 2.89 21.73
C PHE J 113 -53.41 4.05 21.08
N ILE J 114 -53.58 5.13 21.83
CA ILE J 114 -54.25 6.33 21.33
C ILE J 114 -53.23 7.28 20.72
N SER J 115 -53.61 7.92 19.62
CA SER J 115 -52.73 8.85 18.95
C SER J 115 -53.46 10.12 18.54
N ARG J 116 -53.15 11.23 19.21
CA ARG J 116 -53.78 12.50 18.92
C ARG J 116 -53.08 13.15 17.72
N GLU J 117 -53.79 14.02 17.01
CA GLU J 117 -53.23 14.68 15.85
C GLU J 117 -53.74 16.10 15.71
N PHE J 118 -52.81 17.04 15.50
CA PHE J 118 -53.16 18.43 15.32
C PHE J 118 -52.92 18.85 13.88
N HIS J 119 -53.94 19.39 13.23
CA HIS J 119 -53.83 19.81 11.84
C HIS J 119 -54.40 21.20 11.62
N ARG J 120 -53.54 22.14 11.25
CA ARG J 120 -53.95 23.52 11.00
C ARG J 120 -53.98 23.82 9.51
N LYS J 121 -54.94 24.63 9.10
CA LYS J 121 -55.08 25.03 7.71
C LYS J 121 -55.14 26.56 7.62
N TYR J 122 -54.06 27.16 7.17
CA TYR J 122 -53.98 28.62 7.05
C TYR J 122 -53.99 29.08 5.60
N ARG J 123 -54.98 29.91 5.27
CA ARG J 123 -55.09 30.47 3.94
C ARG J 123 -54.84 31.98 4.03
N ILE J 124 -53.62 32.33 4.42
CA ILE J 124 -53.25 33.73 4.58
C ILE J 124 -52.19 34.20 3.59
N PRO J 125 -52.59 34.53 2.35
CA PRO J 125 -51.66 35.03 1.34
C PRO J 125 -51.16 36.41 1.73
N ALA J 126 -51.82 37.01 2.72
CA ALA J 126 -51.48 38.34 3.20
C ALA J 126 -50.37 38.28 4.24
N ASP J 127 -50.17 37.10 4.82
CA ASP J 127 -49.14 36.92 5.83
C ASP J 127 -48.14 35.85 5.39
N VAL J 128 -48.38 35.26 4.23
CA VAL J 128 -47.50 34.20 3.75
C VAL J 128 -47.02 34.43 2.31
N ASP J 129 -45.77 34.04 2.10
CA ASP J 129 -45.10 34.11 0.82
C ASP J 129 -44.06 32.99 0.78
N PRO J 130 -44.42 31.84 0.18
CA PRO J 130 -43.54 30.67 0.13
C PRO J 130 -42.08 30.99 -0.18
N LEU J 131 -41.84 32.07 -0.91
CA LEU J 131 -40.47 32.45 -1.26
C LEU J 131 -39.77 33.22 -0.15
N THR J 132 -40.22 33.04 1.08
CA THR J 132 -39.60 33.75 2.20
C THR J 132 -40.05 33.22 3.56
N ILE J 133 -41.22 32.59 3.60
CA ILE J 133 -41.74 32.04 4.85
C ILE J 133 -41.08 30.71 5.20
N THR J 134 -40.51 30.65 6.40
CA THR J 134 -39.85 29.44 6.87
C THR J 134 -40.63 28.85 8.03
N SER J 135 -40.05 27.88 8.73
CA SER J 135 -40.70 27.24 9.86
C SER J 135 -39.77 27.09 11.05
N SER J 136 -40.34 27.23 12.24
CA SER J 136 -39.58 27.10 13.48
C SER J 136 -40.40 26.34 14.52
N LEU J 137 -40.06 25.08 14.73
CA LEU J 137 -40.78 24.24 15.68
C LEU J 137 -40.18 24.34 17.08
N SER J 138 -41.04 24.16 18.09
CA SER J 138 -40.60 24.20 19.48
C SER J 138 -40.58 22.80 20.07
N SER J 139 -40.13 22.69 21.33
CA SER J 139 -40.06 21.41 22.00
C SER J 139 -41.42 20.95 22.47
N ASP J 140 -42.36 21.87 22.50
CA ASP J 140 -43.72 21.54 22.93
C ASP J 140 -44.65 21.52 21.71
N GLY J 141 -44.05 21.35 20.54
CA GLY J 141 -44.82 21.29 19.31
C GLY J 141 -45.19 22.66 18.77
N VAL J 142 -44.87 23.70 19.54
CA VAL J 142 -45.18 25.07 19.13
C VAL J 142 -44.48 25.42 17.82
N LEU J 143 -45.24 25.34 16.72
CA LEU J 143 -44.70 25.66 15.40
C LEU J 143 -44.81 27.16 15.16
N THR J 144 -43.80 27.73 14.52
CA THR J 144 -43.80 29.16 14.22
C THR J 144 -43.24 29.46 12.84
N VAL J 145 -44.13 29.80 11.91
CA VAL J 145 -43.73 30.13 10.56
C VAL J 145 -43.42 31.63 10.46
N ASN J 146 -42.15 31.97 10.52
CA ASN J 146 -41.73 33.36 10.47
C ASN J 146 -41.42 33.80 9.03
N GLY J 147 -41.47 35.12 8.82
CA GLY J 147 -41.21 35.68 7.50
C GLY J 147 -42.05 36.90 7.21
N PRO J 148 -41.74 37.64 6.13
CA PRO J 148 -42.49 38.85 5.74
C PRO J 148 -43.95 38.56 5.42
N ARG J 149 -44.58 39.45 4.65
CA ARG J 149 -45.98 39.29 4.28
C ARG J 149 -46.35 40.19 3.10
N LYS J 150 -47.59 40.03 2.61
CA LYS J 150 -48.07 40.84 1.49
C LYS J 150 -49.56 41.16 1.65
N GLN J 151 -50.42 40.56 0.82
CA GLN J 151 -51.87 40.80 0.90
C GLN J 151 -52.67 39.80 0.05
N VAL J 152 -53.99 40.05 -0.05
CA VAL J 152 -54.90 39.19 -0.82
C VAL J 152 -55.21 37.90 -0.08
N SER J 153 -56.41 37.35 -0.32
CA SER J 153 -56.84 36.10 0.31
C SER J 153 -58.14 35.59 -0.31
N GLY J 154 -58.10 34.40 -0.91
CA GLY J 154 -59.29 33.84 -1.52
C GLY J 154 -59.02 32.58 -2.34
N PRO J 155 -59.86 31.52 -2.19
CA PRO J 155 -59.70 30.27 -2.92
C PRO J 155 -60.48 30.22 -4.24
N GLU J 156 -61.72 30.72 -4.22
CA GLU J 156 -62.59 30.74 -5.41
C GLU J 156 -61.81 31.04 -6.69
N ARG J 157 -62.34 30.56 -7.81
CA ARG J 157 -61.70 30.75 -9.11
C ARG J 157 -62.58 31.54 -10.07
N THR J 158 -63.63 30.89 -10.59
CA THR J 158 -64.55 31.51 -11.53
C THR J 158 -63.88 31.76 -12.88
N ILE J 159 -63.99 30.78 -13.78
CA ILE J 159 -63.39 30.90 -15.10
C ILE J 159 -64.28 30.24 -16.17
N PRO J 160 -65.27 31.00 -16.70
CA PRO J 160 -66.16 30.49 -17.74
C PRO J 160 -65.51 30.51 -19.13
N ILE J 161 -65.74 29.47 -19.91
CA ILE J 161 -65.16 29.38 -21.24
C ILE J 161 -66.23 29.11 -22.31
N THR J 162 -65.94 29.52 -23.54
CA THR J 162 -66.85 29.33 -24.67
C THR J 162 -68.14 30.15 -24.54
N ARG J 163 -69.28 29.47 -24.44
CA ARG J 163 -70.60 30.11 -24.33
C ARG J 163 -71.09 30.59 -25.70
N GLU J 164 -70.13 30.90 -26.58
CA GLU J 164 -70.42 31.35 -27.93
C GLU J 164 -71.09 32.73 -27.93
N GLU J 165 -72.42 32.76 -28.10
CA GLU J 165 -73.16 34.02 -28.10
C GLU J 165 -72.75 34.90 -29.30
N LYS J 166 -72.16 34.28 -30.31
CA LYS J 166 -71.72 35.03 -31.50
C LYS J 166 -72.38 34.49 -32.78
N PRO J 167 -72.16 33.20 -33.16
CA PRO J 167 -72.74 32.64 -34.36
C PRO J 167 -74.16 32.11 -34.14
N ALA J 168 -74.28 30.81 -33.87
CA ALA J 168 -75.59 30.20 -33.63
C ALA J 168 -76.31 30.85 -32.46
N VAL J 169 -77.47 31.43 -32.72
CA VAL J 169 -78.26 32.10 -31.69
C VAL J 169 -79.74 31.73 -31.80
N THR J 170 -80.51 32.06 -30.77
CA THR J 170 -81.94 31.77 -30.76
C THR J 170 -82.75 33.06 -30.66
N ALA J 171 -84.05 32.97 -30.88
CA ALA J 171 -84.92 34.14 -30.82
C ALA J 171 -86.39 33.73 -30.77
N ALA J 172 -87.27 34.67 -31.11
CA ALA J 172 -88.71 34.42 -31.10
C ALA J 172 -89.44 35.51 -31.88
N PRO J 173 -90.70 35.26 -32.29
CA PRO J 173 -91.49 36.26 -33.04
C PRO J 173 -91.68 37.54 -32.23
N LYS J 174 -92.28 38.55 -32.87
CA LYS J 174 -92.52 39.83 -32.22
C LYS J 174 -93.40 40.72 -33.09
N LYS J 175 -93.78 41.88 -32.56
CA LYS J 175 -94.62 42.82 -33.28
C LYS J 175 -94.67 44.17 -32.57
N MET K 1 -8.01 22.54 -11.31
CA MET K 1 -7.60 23.79 -10.64
C MET K 1 -6.28 23.60 -9.90
N ASP K 2 -5.19 23.96 -10.57
CA ASP K 2 -3.86 23.84 -9.98
C ASP K 2 -3.84 24.52 -8.62
N ILE K 3 -3.80 23.72 -7.55
CA ILE K 3 -3.78 24.26 -6.20
C ILE K 3 -2.54 25.13 -5.95
N ALA K 4 -1.55 25.00 -6.83
CA ALA K 4 -0.32 25.77 -6.70
C ALA K 4 -0.37 27.05 -7.52
N ILE K 5 -1.54 27.33 -8.11
CA ILE K 5 -1.72 28.53 -8.92
C ILE K 5 -3.06 29.20 -8.64
N HIS K 6 -4.13 28.45 -8.83
CA HIS K 6 -5.48 28.96 -8.60
C HIS K 6 -5.69 29.37 -7.14
N HIS K 7 -5.17 28.58 -6.21
CA HIS K 7 -5.34 28.89 -4.79
C HIS K 7 -4.75 30.26 -4.44
N PRO K 8 -3.46 30.53 -4.77
CA PRO K 8 -2.82 31.81 -4.47
C PRO K 8 -3.26 32.92 -5.42
N TRP K 9 -4.01 32.56 -6.47
CA TRP K 9 -4.47 33.55 -7.44
C TRP K 9 -5.93 33.90 -7.21
N ILE K 10 -6.68 32.98 -6.60
CA ILE K 10 -8.09 33.19 -6.31
C ILE K 10 -8.23 33.91 -4.98
N ARG K 11 -7.10 34.04 -4.29
CA ARG K 11 -7.06 34.73 -3.01
C ARG K 11 -6.39 36.09 -3.19
N ARG K 12 -5.87 36.32 -4.39
CA ARG K 12 -5.18 37.56 -4.70
C ARG K 12 -6.19 38.71 -4.90
N PRO K 13 -7.13 38.61 -5.85
CA PRO K 13 -8.13 39.67 -6.02
C PRO K 13 -9.06 39.75 -4.83
N PHE K 14 -8.77 38.95 -3.79
CA PHE K 14 -9.55 38.93 -2.55
C PHE K 14 -8.81 39.75 -1.52
N PHE K 15 -7.58 40.12 -1.87
CA PHE K 15 -6.68 40.89 -1.01
C PHE K 15 -7.46 41.77 0.00
N PRO K 16 -7.88 43.02 -0.34
CA PRO K 16 -8.62 43.85 0.61
C PRO K 16 -10.09 43.49 0.87
N PHE K 17 -10.44 42.20 0.82
CA PHE K 17 -11.81 41.77 1.11
C PHE K 17 -11.74 40.79 2.26
N HIS K 18 -10.52 40.37 2.55
CA HIS K 18 -10.25 39.43 3.61
C HIS K 18 -10.65 40.03 4.95
N SER K 19 -10.24 39.39 6.03
CA SER K 19 -10.58 39.85 7.36
C SER K 19 -12.07 40.06 7.54
N PRO K 20 -12.94 39.19 6.97
CA PRO K 20 -14.37 39.30 7.10
C PRO K 20 -14.87 38.32 8.14
N SER K 21 -13.99 38.04 9.12
CA SER K 21 -14.30 37.09 10.18
C SER K 21 -14.33 35.68 9.61
N ARG K 22 -13.37 34.85 10.01
CA ARG K 22 -13.28 33.47 9.52
C ARG K 22 -14.63 32.76 9.64
N LEU K 23 -15.45 33.24 10.56
CA LEU K 23 -16.78 32.67 10.78
C LEU K 23 -17.85 33.70 10.43
N PHE K 24 -17.71 34.30 9.25
CA PHE K 24 -18.63 35.33 8.78
C PHE K 24 -20.06 34.80 8.62
N ASP K 25 -20.19 33.57 8.14
CA ASP K 25 -21.50 32.96 7.92
C ASP K 25 -22.27 32.77 9.22
N GLN K 26 -21.57 32.70 10.34
CA GLN K 26 -22.21 32.50 11.64
C GLN K 26 -22.30 33.80 12.44
N PHE K 27 -21.25 34.61 12.37
CA PHE K 27 -21.20 35.87 13.10
C PHE K 27 -22.39 36.74 12.71
N PHE K 28 -22.46 37.12 11.44
CA PHE K 28 -23.55 37.94 10.95
C PHE K 28 -24.87 37.16 11.01
N GLY K 29 -24.77 35.85 10.87
CA GLY K 29 -25.96 35.01 10.92
C GLY K 29 -26.70 35.13 12.23
N GLU K 30 -25.95 35.40 13.31
CA GLU K 30 -26.54 35.56 14.63
C GLU K 30 -27.21 36.93 14.76
N HIS K 31 -26.54 37.95 14.22
CA HIS K 31 -27.07 39.31 14.27
C HIS K 31 -28.34 39.43 13.43
N LEU K 32 -28.42 38.63 12.37
CA LEU K 32 -29.58 38.65 11.49
C LEU K 32 -30.72 37.85 12.12
N LEU K 33 -30.35 36.89 12.96
CA LEU K 33 -31.33 36.06 13.64
C LEU K 33 -31.94 36.82 14.81
N GLU K 34 -31.17 37.78 15.34
CA GLU K 34 -31.62 38.59 16.47
C GLU K 34 -32.64 39.63 15.99
N SER K 35 -32.41 40.18 14.81
CA SER K 35 -33.30 41.19 14.24
C SER K 35 -34.49 40.52 13.55
N ASP K 36 -34.48 39.20 13.49
CA ASP K 36 -35.56 38.45 12.87
C ASP K 36 -36.58 38.00 13.91
N LEU K 37 -36.28 38.25 15.17
CA LEU K 37 -37.16 37.88 16.27
C LEU K 37 -38.15 39.00 16.57
N PHE K 38 -37.63 40.07 17.16
CA PHE K 38 -38.45 41.23 17.51
C PHE K 38 -38.06 42.42 16.64
N PRO K 39 -39.06 43.21 16.16
CA PRO K 39 -38.79 44.39 15.33
C PRO K 39 -37.84 45.37 16.02
N THR K 40 -36.54 45.08 15.94
CA THR K 40 -35.53 45.91 16.58
C THR K 40 -35.54 47.32 15.99
N SER K 41 -35.37 48.30 16.87
CA SER K 41 -35.37 49.71 16.50
C SER K 41 -34.64 49.98 15.19
N THR K 42 -35.37 49.84 14.09
CA THR K 42 -34.84 50.08 12.75
C THR K 42 -35.93 50.65 11.87
N SER K 43 -35.63 50.88 10.61
CA SER K 43 -36.63 51.40 9.68
C SER K 43 -37.53 50.26 9.23
N LEU K 44 -37.60 49.23 10.07
CA LEU K 44 -38.39 48.04 9.81
C LEU K 44 -37.90 47.34 8.56
N SER K 45 -37.78 46.02 8.65
CA SER K 45 -37.28 45.24 7.53
C SER K 45 -37.96 43.88 7.47
N PRO K 46 -38.25 43.39 6.25
CA PRO K 46 -38.86 42.09 6.08
C PRO K 46 -37.81 41.02 6.28
N PHE K 47 -36.61 41.32 5.77
CA PHE K 47 -35.46 40.45 5.88
C PHE K 47 -34.18 41.19 5.50
N TYR K 48 -34.12 42.49 5.79
CA TYR K 48 -32.94 43.30 5.48
C TYR K 48 -31.77 42.84 6.35
N LEU K 49 -30.70 42.42 5.70
CA LEU K 49 -29.53 41.94 6.42
C LEU K 49 -28.35 42.87 6.23
N ARG K 50 -27.96 43.57 7.30
CA ARG K 50 -26.84 44.50 7.25
C ARG K 50 -25.54 43.76 6.87
N PRO K 51 -25.08 43.92 5.62
CA PRO K 51 -23.87 43.26 5.13
C PRO K 51 -22.63 44.17 5.19
N PRO K 52 -21.43 43.58 5.09
CA PRO K 52 -20.18 44.35 5.11
C PRO K 52 -19.96 45.05 3.77
N SER K 53 -20.01 46.38 3.77
CA SER K 53 -19.83 47.15 2.56
C SER K 53 -18.72 48.18 2.71
N PHE K 54 -18.24 48.67 1.57
CA PHE K 54 -17.17 49.66 1.56
C PHE K 54 -17.74 51.07 1.59
N LEU K 55 -19.06 51.17 1.45
CA LEU K 55 -19.74 52.46 1.49
C LEU K 55 -19.57 53.08 2.87
N ARG K 56 -18.99 54.28 2.91
CA ARG K 56 -18.73 54.96 4.17
C ARG K 56 -19.87 55.89 4.57
N ALA K 57 -20.44 56.58 3.59
CA ALA K 57 -21.52 57.53 3.87
C ALA K 57 -22.85 56.84 4.17
N PRO K 58 -23.37 55.98 3.26
CA PRO K 58 -24.65 55.31 3.45
C PRO K 58 -24.52 53.90 4.03
N SER K 59 -25.61 53.42 4.62
CA SER K 59 -25.66 52.08 5.19
C SER K 59 -26.49 51.16 4.29
N TRP K 60 -25.84 50.17 3.70
CA TRP K 60 -26.51 49.25 2.80
C TRP K 60 -27.10 48.05 3.54
N PHE K 61 -28.21 47.53 3.02
CA PHE K 61 -28.88 46.38 3.59
C PHE K 61 -29.37 45.45 2.48
N ASP K 62 -29.15 44.15 2.63
CA ASP K 62 -29.59 43.18 1.63
C ASP K 62 -31.11 43.17 1.54
N THR K 63 -31.64 43.43 0.34
CA THR K 63 -33.08 43.49 0.16
C THR K 63 -33.56 42.76 -1.09
N GLY K 64 -34.88 42.64 -1.21
CA GLY K 64 -35.50 42.00 -2.35
C GLY K 64 -36.11 43.00 -3.30
N LEU K 65 -37.41 43.25 -3.14
CA LEU K 65 -38.15 44.22 -3.97
C LEU K 65 -38.20 43.79 -5.44
N SER K 66 -37.06 43.87 -6.13
CA SER K 66 -36.99 43.51 -7.54
C SER K 66 -37.13 42.01 -7.77
N GLU K 67 -37.83 41.31 -6.87
CA GLU K 67 -38.03 39.88 -7.00
C GLU K 67 -39.46 39.51 -6.62
N MET K 68 -40.34 40.51 -6.60
CA MET K 68 -41.74 40.30 -6.25
C MET K 68 -42.66 40.96 -7.28
N ARG K 69 -42.51 42.27 -7.44
CA ARG K 69 -43.32 43.03 -8.40
C ARG K 69 -42.41 43.87 -9.29
N LEU K 70 -42.98 44.56 -10.28
CA LEU K 70 -42.19 45.40 -11.17
C LEU K 70 -43.04 46.45 -11.88
N GLU K 71 -43.65 46.10 -13.02
CA GLU K 71 -44.45 47.07 -13.78
C GLU K 71 -45.83 46.51 -14.13
N LYS K 72 -46.84 46.91 -13.36
CA LYS K 72 -48.22 46.44 -13.58
C LYS K 72 -49.25 47.57 -13.42
N ASP K 73 -50.49 47.29 -13.83
CA ASP K 73 -51.60 48.25 -13.71
C ASP K 73 -52.92 47.48 -13.64
N ARG K 74 -54.06 48.14 -13.91
CA ARG K 74 -55.37 47.47 -13.86
C ARG K 74 -55.24 46.13 -14.57
N PHE K 75 -54.83 46.22 -15.83
CA PHE K 75 -54.55 45.06 -16.66
C PHE K 75 -55.68 44.06 -16.85
N SER K 76 -55.35 43.09 -17.71
CA SER K 76 -56.23 41.99 -18.08
C SER K 76 -55.43 41.04 -18.97
N VAL K 77 -54.41 40.43 -18.37
CA VAL K 77 -53.50 39.51 -19.07
C VAL K 77 -54.26 38.56 -19.99
N ASN K 78 -53.58 38.09 -21.04
CA ASN K 78 -54.19 37.17 -21.98
C ASN K 78 -53.19 36.09 -22.41
N LEU K 79 -53.60 34.83 -22.24
CA LEU K 79 -52.77 33.69 -22.59
C LEU K 79 -52.61 33.59 -24.11
N ASP K 80 -51.80 32.64 -24.56
CA ASP K 80 -51.57 32.48 -25.99
C ASP K 80 -51.90 31.08 -26.50
N VAL K 81 -52.80 31.05 -27.47
CA VAL K 81 -53.22 29.81 -28.12
C VAL K 81 -53.49 30.14 -29.60
N LYS K 82 -52.39 30.18 -30.36
CA LYS K 82 -52.43 30.52 -31.79
C LYS K 82 -53.62 29.91 -32.51
N HIS K 83 -53.84 28.61 -32.31
CA HIS K 83 -54.95 27.93 -32.97
C HIS K 83 -56.03 27.55 -31.96
N PHE K 84 -57.28 27.80 -32.34
CA PHE K 84 -58.42 27.54 -31.49
C PHE K 84 -58.50 26.08 -31.02
N SER K 85 -58.86 25.93 -29.75
CA SER K 85 -59.01 24.62 -29.12
C SER K 85 -60.01 24.72 -27.98
N PRO K 86 -61.22 25.27 -28.25
CA PRO K 86 -62.27 25.47 -27.23
C PRO K 86 -62.49 24.25 -26.35
N GLU K 87 -62.77 23.11 -26.98
CA GLU K 87 -63.03 21.88 -26.25
C GLU K 87 -61.75 21.19 -25.83
N GLU K 88 -60.64 21.51 -26.50
CA GLU K 88 -59.36 20.87 -26.20
C GLU K 88 -58.41 21.77 -25.41
N LEU K 89 -58.95 22.68 -24.62
CA LEU K 89 -58.12 23.57 -23.80
C LEU K 89 -58.62 23.61 -22.37
N LYS K 90 -57.69 23.73 -21.43
CA LYS K 90 -58.03 23.79 -20.02
C LYS K 90 -57.23 24.89 -19.32
N VAL K 91 -57.93 25.92 -18.87
CA VAL K 91 -57.30 27.02 -18.16
C VAL K 91 -57.33 26.77 -16.66
N LYS K 92 -56.18 26.84 -16.02
CA LYS K 92 -56.10 26.61 -14.58
C LYS K 92 -55.52 27.80 -13.84
N VAL K 93 -56.24 28.23 -12.82
CA VAL K 93 -55.80 29.35 -11.99
C VAL K 93 -55.40 28.84 -10.61
N LEU K 94 -54.20 28.26 -10.54
CA LEU K 94 -53.68 27.72 -9.31
C LEU K 94 -52.95 28.80 -8.51
N GLY K 95 -53.72 29.56 -7.74
CA GLY K 95 -53.14 30.62 -6.94
C GLY K 95 -52.70 31.79 -7.79
N ASP K 96 -51.49 32.26 -7.56
CA ASP K 96 -50.94 33.38 -8.31
C ASP K 96 -50.25 32.89 -9.57
N VAL K 97 -50.64 31.70 -10.03
CA VAL K 97 -50.06 31.11 -11.22
C VAL K 97 -51.13 30.76 -12.25
N ILE K 98 -51.13 31.50 -13.36
CA ILE K 98 -52.09 31.27 -14.44
C ILE K 98 -51.45 30.42 -15.54
N GLU K 99 -52.11 29.32 -15.89
CA GLU K 99 -51.60 28.43 -16.93
C GLU K 99 -52.70 28.04 -17.91
N VAL K 100 -52.28 27.72 -19.13
CA VAL K 100 -53.20 27.30 -20.18
C VAL K 100 -52.69 26.03 -20.85
N HIS K 101 -53.60 25.09 -21.08
CA HIS K 101 -53.23 23.83 -21.71
C HIS K 101 -54.17 23.52 -22.88
N GLY K 102 -53.78 23.93 -24.08
CA GLY K 102 -54.60 23.70 -25.24
C GLY K 102 -53.87 22.90 -26.31
N LYS K 103 -54.49 21.82 -26.77
CA LYS K 103 -53.91 20.97 -27.80
C LYS K 103 -54.89 20.72 -28.92
N HIS K 104 -54.52 21.09 -30.13
CA HIS K 104 -55.39 20.90 -31.29
C HIS K 104 -54.62 20.30 -32.46
N GLU K 105 -55.24 19.31 -33.12
CA GLU K 105 -54.63 18.66 -34.28
C GLU K 105 -54.98 19.44 -35.54
N GLU K 106 -54.01 20.20 -36.05
CA GLU K 106 -54.23 21.00 -37.25
C GLU K 106 -53.50 20.41 -38.45
N ARG K 107 -52.42 19.68 -38.21
CA ARG K 107 -51.65 19.06 -39.29
C ARG K 107 -52.04 17.59 -39.42
N GLN K 108 -52.32 17.16 -40.65
CA GLN K 108 -52.70 15.78 -40.90
C GLN K 108 -51.86 15.14 -42.00
N ASP K 109 -51.57 13.86 -41.84
CA ASP K 109 -50.78 13.11 -42.83
C ASP K 109 -51.57 11.89 -43.29
N GLU K 110 -50.89 10.95 -43.93
CA GLU K 110 -51.54 9.73 -44.43
C GLU K 110 -52.20 8.97 -43.28
N HIS K 111 -51.38 8.36 -42.43
CA HIS K 111 -51.89 7.61 -41.29
C HIS K 111 -51.33 8.19 -39.99
N GLY K 112 -50.81 9.41 -40.09
CA GLY K 112 -50.24 10.07 -38.93
C GLY K 112 -50.86 11.43 -38.71
N PHE K 113 -51.40 11.66 -37.51
CA PHE K 113 -52.04 12.93 -37.20
C PHE K 113 -51.17 13.76 -36.27
N ILE K 114 -50.80 14.96 -36.71
CA ILE K 114 -49.98 15.85 -35.91
C ILE K 114 -50.87 16.69 -34.99
N SER K 115 -50.38 16.94 -33.77
CA SER K 115 -51.13 17.72 -32.80
C SER K 115 -50.26 18.80 -32.17
N ARG K 116 -50.68 20.05 -32.31
CA ARG K 116 -49.96 21.17 -31.74
C ARG K 116 -50.48 21.46 -30.34
N GLU K 117 -49.61 21.95 -29.46
CA GLU K 117 -50.01 22.24 -28.09
C GLU K 117 -49.31 23.50 -27.57
N PHE K 118 -50.11 24.40 -27.00
CA PHE K 118 -49.58 25.64 -26.44
C PHE K 118 -49.79 25.66 -24.93
N HIS K 119 -48.69 25.77 -24.19
CA HIS K 119 -48.76 25.77 -22.73
C HIS K 119 -48.02 26.97 -22.14
N ARG K 120 -48.78 27.85 -21.49
CA ARG K 120 -48.20 29.04 -20.88
C ARG K 120 -48.13 28.89 -19.36
N LYS K 121 -47.05 29.37 -18.78
CA LYS K 121 -46.85 29.32 -17.33
C LYS K 121 -46.59 30.73 -16.80
N TYR K 122 -47.63 31.33 -16.24
CA TYR K 122 -47.53 32.69 -15.72
C TYR K 122 -47.51 32.70 -14.20
N ARG K 123 -46.40 33.18 -13.63
CA ARG K 123 -46.26 33.29 -12.19
C ARG K 123 -46.30 34.77 -11.81
N ILE K 124 -47.43 35.41 -12.11
CA ILE K 124 -47.62 36.83 -11.84
C ILE K 124 -48.51 37.06 -10.63
N PRO K 125 -47.92 37.19 -9.43
CA PRO K 125 -48.69 37.43 -8.20
C PRO K 125 -49.28 38.83 -8.16
N ALA K 126 -48.53 39.80 -8.69
CA ALA K 126 -48.97 41.19 -8.70
C ALA K 126 -49.93 41.45 -9.86
N ASP K 127 -50.33 40.39 -10.54
CA ASP K 127 -51.26 40.51 -11.66
C ASP K 127 -52.40 39.52 -11.53
N VAL K 128 -52.28 38.58 -10.60
CA VAL K 128 -53.30 37.57 -10.42
C VAL K 128 -53.77 37.41 -8.98
N ASP K 129 -55.05 37.12 -8.87
CA ASP K 129 -55.74 36.88 -7.61
C ASP K 129 -56.83 35.85 -7.91
N PRO K 130 -56.55 34.55 -7.67
CA PRO K 130 -57.47 33.45 -7.96
C PRO K 130 -58.93 33.76 -7.66
N LEU K 131 -59.17 34.55 -6.62
CA LEU K 131 -60.53 34.88 -6.22
C LEU K 131 -61.28 35.70 -7.28
N THR K 132 -60.63 36.72 -7.84
CA THR K 132 -61.28 37.58 -8.81
C THR K 132 -60.92 37.27 -10.27
N ILE K 133 -59.64 37.04 -10.53
CA ILE K 133 -59.18 36.75 -11.90
C ILE K 133 -60.00 35.65 -12.55
N THR K 134 -60.59 35.99 -13.70
CA THR K 134 -61.41 35.05 -14.45
C THR K 134 -60.74 34.74 -15.79
N SER K 135 -61.47 34.09 -16.69
CA SER K 135 -60.93 33.74 -17.99
C SER K 135 -61.96 33.88 -19.09
N SER K 136 -61.54 34.43 -20.22
CA SER K 136 -62.41 34.63 -21.38
C SER K 136 -61.72 34.12 -22.63
N LEU K 137 -62.33 33.15 -23.30
CA LEU K 137 -61.74 32.57 -24.50
C LEU K 137 -62.34 33.16 -25.78
N SER K 138 -61.50 33.23 -26.82
CA SER K 138 -61.91 33.74 -28.11
C SER K 138 -62.12 32.57 -29.08
N SER K 139 -62.54 32.86 -30.30
CA SER K 139 -62.78 31.82 -31.29
C SER K 139 -61.50 31.41 -32.01
N ASP K 140 -60.44 32.19 -31.83
CA ASP K 140 -59.17 31.90 -32.47
C ASP K 140 -58.20 31.23 -31.49
N GLY K 141 -58.60 31.19 -30.23
CA GLY K 141 -57.76 30.58 -29.21
C GLY K 141 -57.22 31.61 -28.23
N VAL K 142 -57.37 32.88 -28.58
CA VAL K 142 -56.88 33.96 -27.74
C VAL K 142 -57.56 33.95 -26.37
N LEU K 143 -56.86 33.41 -25.38
CA LEU K 143 -57.37 33.36 -24.02
C LEU K 143 -57.04 34.66 -23.31
N THR K 144 -57.97 35.17 -22.50
CA THR K 144 -57.75 36.42 -21.79
C THR K 144 -58.22 36.36 -20.35
N VAL K 145 -57.26 36.39 -19.43
CA VAL K 145 -57.57 36.38 -18.00
C VAL K 145 -57.68 37.81 -17.50
N ASN K 146 -58.92 38.26 -17.28
CA ASN K 146 -59.17 39.63 -16.82
C ASN K 146 -59.46 39.69 -15.33
N GLY K 147 -59.23 40.85 -14.75
CA GLY K 147 -59.48 41.06 -13.32
C GLY K 147 -58.43 41.93 -12.67
N PRO K 148 -58.66 42.36 -11.41
CA PRO K 148 -57.71 43.20 -10.67
C PRO K 148 -56.40 42.46 -10.37
N ARG K 149 -55.69 42.88 -9.33
CA ARG K 149 -54.43 42.23 -8.97
C ARG K 149 -53.89 42.73 -7.62
N LYS K 150 -52.55 42.86 -7.55
CA LYS K 150 -51.85 43.30 -6.36
C LYS K 150 -51.68 42.16 -5.38
N GLN K 151 -50.50 41.53 -5.41
CA GLN K 151 -50.18 40.41 -4.53
C GLN K 151 -48.77 39.89 -4.79
N VAL K 152 -48.22 39.15 -3.85
CA VAL K 152 -46.90 38.58 -3.99
C VAL K 152 -46.91 37.09 -3.66
N SER K 153 -46.19 36.31 -4.45
CA SER K 153 -46.13 34.87 -4.25
C SER K 153 -44.78 34.31 -4.72
N GLY K 154 -44.66 32.99 -4.70
CA GLY K 154 -43.42 32.35 -5.12
C GLY K 154 -43.13 31.10 -4.30
N PRO K 155 -43.35 29.90 -4.87
CA PRO K 155 -43.12 28.63 -4.16
C PRO K 155 -41.64 28.34 -3.91
N GLU K 156 -41.27 28.24 -2.64
CA GLU K 156 -39.90 27.95 -2.24
C GLU K 156 -39.90 26.80 -1.23
N ARG K 157 -38.74 26.21 -0.99
CA ARG K 157 -38.64 25.12 -0.04
C ARG K 157 -37.59 25.40 1.03
N THR K 158 -37.87 26.38 1.88
CA THR K 158 -36.97 26.75 2.96
C THR K 158 -37.68 26.67 4.30
N ILE K 159 -37.87 25.44 4.78
CA ILE K 159 -38.53 25.22 6.06
C ILE K 159 -37.73 24.21 6.91
N PRO K 160 -36.66 24.68 7.57
CA PRO K 160 -35.84 23.81 8.41
C PRO K 160 -36.54 23.44 9.72
N ILE K 161 -37.23 22.31 9.70
CA ILE K 161 -37.94 21.83 10.89
C ILE K 161 -36.95 21.32 11.91
N THR K 162 -37.45 20.93 13.08
CA THR K 162 -36.61 20.40 14.14
C THR K 162 -35.74 21.50 14.75
N ARG K 163 -34.99 21.14 15.79
CA ARG K 163 -34.12 22.08 16.50
C ARG K 163 -34.93 22.91 17.47
N GLU K 164 -35.76 22.22 18.23
CA GLU K 164 -36.62 22.83 19.22
C GLU K 164 -35.81 23.24 20.45
N GLU K 165 -36.37 22.99 21.63
CA GLU K 165 -35.70 23.31 22.89
C GLU K 165 -35.61 22.07 23.78
N LYS K 166 -34.56 21.99 24.58
CA LYS K 166 -34.32 20.87 25.51
C LYS K 166 -34.56 19.46 24.91
N PRO K 167 -33.51 18.86 24.30
CA PRO K 167 -33.53 17.51 23.74
C PRO K 167 -32.70 16.53 24.58
N ALA K 168 -31.36 16.56 24.37
CA ALA K 168 -30.39 15.75 25.08
C ALA K 168 -30.14 14.40 24.43
N VAL K 169 -28.88 14.18 24.05
CA VAL K 169 -28.45 12.93 23.45
C VAL K 169 -27.07 12.58 23.97
N THR K 170 -26.56 11.40 23.62
CA THR K 170 -25.25 10.98 24.08
C THR K 170 -24.67 9.86 23.24
N ALA K 171 -23.53 9.34 23.67
CA ALA K 171 -22.84 8.27 22.97
C ALA K 171 -21.80 7.64 23.89
N ALA K 172 -20.84 6.94 23.30
CA ALA K 172 -19.79 6.28 24.08
C ALA K 172 -18.68 5.77 23.16
N PRO K 173 -17.47 5.54 23.71
CA PRO K 173 -16.34 5.03 22.93
C PRO K 173 -16.67 3.71 22.25
N LYS K 174 -15.98 3.42 21.15
CA LYS K 174 -16.22 2.19 20.41
C LYS K 174 -14.97 1.73 19.67
N LYS K 175 -15.08 0.59 18.98
CA LYS K 175 -13.98 0.02 18.20
C LYS K 175 -14.41 -1.27 17.51
N MET L 1 -22.71 -8.07 -13.60
CA MET L 1 -23.04 -6.64 -13.42
C MET L 1 -21.90 -5.90 -12.73
N ASP L 2 -20.67 -6.19 -13.16
CA ASP L 2 -19.49 -5.54 -12.60
C ASP L 2 -19.43 -4.08 -13.01
N ILE L 3 -20.13 -3.23 -12.26
CA ILE L 3 -20.16 -1.80 -12.55
C ILE L 3 -18.82 -1.13 -12.24
N ALA L 4 -18.10 -1.69 -11.28
CA ALA L 4 -16.81 -1.13 -10.88
C ALA L 4 -15.64 -1.91 -11.49
N ILE L 5 -15.93 -2.68 -12.54
CA ILE L 5 -14.89 -3.47 -13.20
C ILE L 5 -15.04 -3.42 -14.72
N HIS L 6 -16.17 -3.89 -15.21
CA HIS L 6 -16.43 -3.92 -16.65
C HIS L 6 -16.67 -2.53 -17.22
N HIS L 7 -17.45 -1.72 -16.51
CA HIS L 7 -17.76 -0.35 -16.97
C HIS L 7 -16.49 0.44 -17.31
N PRO L 8 -15.49 0.51 -16.39
CA PRO L 8 -14.25 1.26 -16.64
C PRO L 8 -13.31 0.49 -17.57
N TRP L 9 -13.63 -0.77 -17.84
CA TRP L 9 -12.80 -1.60 -18.70
C TRP L 9 -13.31 -1.57 -20.14
N ILE L 10 -14.58 -1.22 -20.31
CA ILE L 10 -15.18 -1.16 -21.65
C ILE L 10 -15.00 0.24 -22.23
N ARG L 11 -14.90 1.23 -21.36
CA ARG L 11 -14.72 2.62 -21.79
C ARG L 11 -13.24 2.90 -22.04
N ARG L 12 -12.40 1.92 -21.72
CA ARG L 12 -10.96 2.06 -21.91
C ARG L 12 -10.58 1.92 -23.39
N PRO L 13 -11.05 0.87 -24.10
CA PRO L 13 -10.73 0.67 -25.52
C PRO L 13 -11.35 1.75 -26.40
N PHE L 14 -12.27 2.52 -25.82
CA PHE L 14 -12.93 3.59 -26.56
C PHE L 14 -12.09 4.86 -26.54
N PHE L 15 -11.25 5.00 -25.51
CA PHE L 15 -10.41 6.18 -25.37
C PHE L 15 -9.58 6.50 -26.62
N PRO L 16 -8.96 5.48 -27.27
CA PRO L 16 -8.17 5.71 -28.50
C PRO L 16 -8.93 6.55 -29.53
N PHE L 17 -10.24 6.66 -29.35
CA PHE L 17 -11.09 7.44 -30.25
C PHE L 17 -12.26 8.06 -29.49
N HIS L 18 -12.04 8.32 -28.20
CA HIS L 18 -13.07 8.90 -27.33
C HIS L 18 -12.67 10.30 -26.89
N SER L 19 -13.64 11.23 -26.95
CA SER L 19 -13.41 12.62 -26.55
C SER L 19 -14.56 13.55 -26.98
N PRO L 20 -15.07 13.42 -28.23
CA PRO L 20 -16.15 14.27 -28.72
C PRO L 20 -17.47 14.10 -27.94
N SER L 21 -18.48 13.50 -28.56
CA SER L 21 -19.78 13.32 -27.91
C SER L 21 -20.01 11.89 -27.45
N ARG L 22 -21.26 11.60 -27.06
CA ARG L 22 -21.62 10.26 -26.59
C ARG L 22 -22.73 9.65 -27.44
N LEU L 23 -23.05 10.25 -28.59
CA LEU L 23 -24.09 9.72 -29.47
C LEU L 23 -23.58 9.57 -30.90
N PHE L 24 -22.26 9.42 -31.03
CA PHE L 24 -21.52 9.26 -32.29
C PHE L 24 -22.31 8.64 -33.45
N ASP L 25 -23.32 7.83 -33.17
CA ASP L 25 -24.06 7.16 -34.23
C ASP L 25 -25.36 7.85 -34.62
N GLN L 26 -25.29 9.12 -35.03
CA GLN L 26 -26.50 9.82 -35.47
C GLN L 26 -26.18 11.06 -36.33
N PHE L 27 -25.11 11.79 -36.01
CA PHE L 27 -24.75 12.96 -36.81
C PHE L 27 -24.08 12.48 -38.08
N PHE L 28 -23.21 11.50 -37.93
CA PHE L 28 -22.52 10.92 -39.08
C PHE L 28 -23.52 10.15 -39.91
N GLY L 29 -24.62 9.75 -39.26
CA GLY L 29 -25.65 9.00 -39.95
C GLY L 29 -26.58 9.89 -40.74
N GLU L 30 -26.90 11.05 -40.19
CA GLU L 30 -27.77 12.00 -40.86
C GLU L 30 -26.97 12.84 -41.86
N HIS L 31 -25.69 13.06 -41.54
CA HIS L 31 -24.83 13.83 -42.42
C HIS L 31 -24.66 13.07 -43.71
N LEU L 32 -24.67 11.75 -43.60
CA LEU L 32 -24.56 10.86 -44.75
C LEU L 32 -25.93 10.69 -45.39
N LEU L 33 -26.98 10.93 -44.58
CA LEU L 33 -28.35 10.81 -45.05
C LEU L 33 -28.68 11.94 -46.01
N GLU L 34 -28.30 13.16 -45.63
CA GLU L 34 -28.55 14.34 -46.45
C GLU L 34 -27.58 14.39 -47.63
N SER L 35 -26.56 13.53 -47.57
CA SER L 35 -25.56 13.47 -48.64
C SER L 35 -25.81 12.28 -49.56
N ASP L 36 -26.51 11.27 -49.04
CA ASP L 36 -26.83 10.08 -49.82
C ASP L 36 -28.13 10.27 -50.59
N LEU L 37 -28.99 11.13 -50.05
CA LEU L 37 -30.27 11.41 -50.70
C LEU L 37 -30.07 12.42 -51.83
N PHE L 38 -28.83 12.90 -51.97
CA PHE L 38 -28.50 13.84 -53.01
C PHE L 38 -27.66 13.17 -54.09
N PRO L 39 -28.00 13.37 -55.38
CA PRO L 39 -27.27 12.75 -56.50
C PRO L 39 -25.77 13.01 -56.48
N THR L 40 -25.04 12.17 -55.76
CA THR L 40 -23.59 12.29 -55.69
C THR L 40 -22.95 11.20 -56.54
N SER L 41 -21.97 11.57 -57.37
CA SER L 41 -21.32 10.63 -58.27
C SER L 41 -22.29 10.28 -59.41
N THR L 42 -23.38 9.59 -59.07
CA THR L 42 -24.41 9.25 -60.03
C THR L 42 -25.36 10.45 -60.20
N SER L 43 -26.65 10.22 -60.49
CA SER L 43 -27.57 11.35 -60.65
C SER L 43 -29.07 10.98 -60.77
N LEU L 44 -29.90 11.78 -60.06
CA LEU L 44 -31.39 11.69 -60.08
C LEU L 44 -32.01 10.61 -59.16
N SER L 45 -33.16 10.98 -58.51
CA SER L 45 -33.94 10.07 -57.59
C SER L 45 -34.72 10.84 -56.49
N PRO L 46 -35.84 11.56 -56.82
CA PRO L 46 -36.63 12.33 -55.84
C PRO L 46 -38.08 11.80 -55.55
N PHE L 47 -38.77 12.51 -54.59
CA PHE L 47 -40.17 12.22 -54.16
C PHE L 47 -40.46 12.83 -52.77
N TYR L 48 -41.35 13.85 -52.69
CA TYR L 48 -41.66 14.52 -51.40
C TYR L 48 -43.07 15.15 -51.31
N LEU L 49 -43.30 15.90 -50.21
CA LEU L 49 -44.56 16.61 -49.94
C LEU L 49 -44.26 17.98 -49.30
N ARG L 50 -45.30 18.73 -48.89
CA ARG L 50 -45.07 20.05 -48.28
C ARG L 50 -46.26 20.53 -47.43
N PRO L 51 -46.12 20.53 -46.08
CA PRO L 51 -47.17 21.01 -45.16
C PRO L 51 -46.98 22.47 -44.76
N PRO L 52 -47.94 23.06 -44.01
CA PRO L 52 -47.85 24.46 -43.56
C PRO L 52 -46.73 24.66 -42.55
N SER L 53 -45.99 25.76 -42.68
CA SER L 53 -44.89 26.07 -41.78
C SER L 53 -44.82 27.54 -41.46
N PHE L 54 -44.02 27.89 -40.44
CA PHE L 54 -43.85 29.27 -40.04
C PHE L 54 -42.60 29.86 -40.68
N LEU L 55 -41.75 28.98 -41.21
CA LEU L 55 -40.52 29.40 -41.87
C LEU L 55 -40.82 30.15 -43.16
N ARG L 56 -40.14 31.27 -43.36
CA ARG L 56 -40.33 32.07 -44.56
C ARG L 56 -39.20 31.85 -45.55
N ALA L 57 -37.96 31.86 -45.06
CA ALA L 57 -36.80 31.66 -45.91
C ALA L 57 -36.73 30.20 -46.38
N PRO L 58 -36.71 29.22 -45.45
CA PRO L 58 -36.66 27.81 -45.81
C PRO L 58 -38.06 27.20 -45.89
N SER L 59 -38.12 25.88 -45.92
CA SER L 59 -39.41 25.19 -45.99
C SER L 59 -39.30 23.80 -45.40
N TRP L 60 -40.30 23.43 -44.60
CA TRP L 60 -40.32 22.13 -43.96
C TRP L 60 -41.13 21.15 -44.81
N PHE L 61 -40.46 20.16 -45.39
CA PHE L 61 -41.12 19.17 -46.23
C PHE L 61 -41.26 17.84 -45.50
N ASP L 62 -42.49 17.33 -45.43
CA ASP L 62 -42.74 16.06 -44.77
C ASP L 62 -42.27 14.91 -45.67
N THR L 63 -41.12 14.35 -45.32
CA THR L 63 -40.54 13.26 -46.11
C THR L 63 -41.38 11.99 -46.03
N GLY L 64 -41.41 11.25 -47.13
CA GLY L 64 -42.15 10.00 -47.19
C GLY L 64 -41.89 9.24 -48.47
N LEU L 65 -42.03 7.91 -48.41
CA LEU L 65 -41.80 7.06 -49.58
C LEU L 65 -42.79 5.90 -49.61
N SER L 66 -42.50 4.92 -50.46
CA SER L 66 -43.35 3.73 -50.60
C SER L 66 -42.80 2.82 -51.71
N GLU L 67 -42.76 1.52 -51.43
CA GLU L 67 -42.25 0.57 -52.42
C GLU L 67 -42.48 -0.88 -52.00
N MET L 68 -42.30 -1.78 -52.97
CA MET L 68 -42.45 -3.22 -52.75
C MET L 68 -41.79 -3.97 -53.90
N ARG L 69 -41.25 -5.15 -53.62
CA ARG L 69 -40.59 -5.94 -54.67
C ARG L 69 -40.35 -7.39 -54.24
N LEU L 70 -39.21 -7.95 -54.67
CA LEU L 70 -38.85 -9.33 -54.35
C LEU L 70 -39.21 -9.71 -52.92
N GLU L 71 -38.34 -9.39 -51.97
CA GLU L 71 -38.61 -9.67 -50.56
C GLU L 71 -37.70 -8.81 -49.68
N LYS L 72 -37.41 -7.62 -50.18
CA LYS L 72 -36.57 -6.67 -49.46
C LYS L 72 -37.05 -5.24 -49.73
N ASP L 73 -37.22 -4.46 -48.67
CA ASP L 73 -37.69 -3.08 -48.81
C ASP L 73 -37.18 -2.17 -47.70
N ARG L 74 -36.68 -1.00 -48.10
CA ARG L 74 -36.19 0.00 -47.15
C ARG L 74 -37.27 1.07 -46.97
N PHE L 75 -37.37 1.63 -45.77
CA PHE L 75 -38.37 2.65 -45.51
C PHE L 75 -37.94 3.58 -44.38
N SER L 76 -38.53 4.78 -44.35
CA SER L 76 -38.21 5.75 -43.32
C SER L 76 -39.30 6.81 -43.19
N VAL L 77 -40.01 6.79 -42.05
CA VAL L 77 -41.06 7.76 -41.80
C VAL L 77 -40.47 8.95 -41.05
N ASN L 78 -41.06 10.13 -41.23
CA ASN L 78 -40.56 11.33 -40.57
C ASN L 78 -41.62 11.99 -39.69
N LEU L 79 -41.35 12.05 -38.40
CA LEU L 79 -42.26 12.69 -37.47
C LEU L 79 -42.13 14.20 -37.62
N ASP L 80 -42.83 14.98 -36.79
CA ASP L 80 -42.76 16.42 -36.92
C ASP L 80 -42.56 17.16 -35.61
N VAL L 81 -41.46 17.88 -35.55
CA VAL L 81 -41.09 18.71 -34.41
C VAL L 81 -40.32 19.92 -34.94
N LYS L 82 -41.06 20.85 -35.53
CA LYS L 82 -40.47 22.06 -36.13
C LYS L 82 -39.33 22.64 -35.31
N HIS L 83 -39.51 22.73 -33.99
CA HIS L 83 -38.47 23.27 -33.13
C HIS L 83 -37.80 22.17 -32.32
N PHE L 84 -36.47 22.18 -32.35
CA PHE L 84 -35.68 21.16 -31.67
C PHE L 84 -35.94 21.11 -30.17
N SER L 85 -35.99 19.88 -29.66
CA SER L 85 -36.18 19.62 -28.25
C SER L 85 -35.46 18.33 -27.87
N PRO L 86 -34.15 18.23 -28.18
CA PRO L 86 -33.34 17.03 -27.93
C PRO L 86 -33.59 16.40 -26.56
N GLU L 87 -33.53 17.22 -25.52
CA GLU L 87 -33.72 16.73 -24.15
C GLU L 87 -35.19 16.79 -23.74
N GLU L 88 -35.99 17.58 -24.44
CA GLU L 88 -37.39 17.75 -24.09
C GLU L 88 -38.34 16.97 -25.00
N LEU L 89 -37.88 15.86 -25.56
CA LEU L 89 -38.74 15.05 -26.43
C LEU L 89 -38.51 13.56 -26.18
N LYS L 90 -39.59 12.79 -26.27
CA LYS L 90 -39.52 11.36 -26.06
C LYS L 90 -40.24 10.62 -27.18
N VAL L 91 -39.52 9.74 -27.86
CA VAL L 91 -40.10 8.95 -28.93
C VAL L 91 -40.51 7.59 -28.40
N LYS L 92 -41.72 7.15 -28.74
CA LYS L 92 -42.21 5.87 -28.27
C LYS L 92 -42.72 5.01 -29.41
N VAL L 93 -42.19 3.78 -29.49
CA VAL L 93 -42.59 2.83 -30.51
C VAL L 93 -43.44 1.73 -29.86
N LEU L 94 -44.66 2.10 -29.49
CA LEU L 94 -45.58 1.16 -28.85
C LEU L 94 -46.22 0.26 -29.91
N GLY L 95 -45.52 -0.81 -30.26
CA GLY L 95 -46.04 -1.74 -31.25
C GLY L 95 -46.08 -1.13 -32.63
N ASP L 96 -47.21 -1.27 -33.30
CA ASP L 96 -47.37 -0.73 -34.64
C ASP L 96 -47.81 0.73 -34.59
N VAL L 97 -47.51 1.39 -33.48
CA VAL L 97 -47.89 2.79 -33.30
C VAL L 97 -46.68 3.66 -32.94
N ILE L 98 -46.35 4.60 -33.82
CA ILE L 98 -45.23 5.51 -33.59
C ILE L 98 -45.75 6.86 -33.12
N GLU L 99 -45.23 7.34 -31.99
CA GLU L 99 -45.65 8.63 -31.45
C GLU L 99 -44.48 9.44 -30.93
N VAL L 100 -44.51 10.74 -31.18
CA VAL L 100 -43.46 11.64 -30.72
C VAL L 100 -44.04 12.67 -29.75
N HIS L 101 -43.30 12.94 -28.67
CA HIS L 101 -43.75 13.90 -27.68
C HIS L 101 -42.64 14.90 -27.36
N GLY L 102 -42.64 16.03 -28.06
CA GLY L 102 -41.62 17.04 -27.83
C GLY L 102 -42.21 18.38 -27.44
N LYS L 103 -41.68 18.97 -26.39
CA LYS L 103 -42.15 20.26 -25.90
C LYS L 103 -40.98 21.19 -25.63
N HIS L 104 -40.97 22.35 -26.28
CA HIS L 104 -39.90 23.32 -26.10
C HIS L 104 -40.45 24.73 -25.91
N GLU L 105 -39.87 25.46 -24.98
CA GLU L 105 -40.28 26.82 -24.70
C GLU L 105 -39.49 27.79 -25.58
N GLU L 106 -40.11 28.24 -26.67
CA GLU L 106 -39.45 29.16 -27.59
C GLU L 106 -39.96 30.58 -27.44
N ARG L 107 -41.19 30.74 -26.96
CA ARG L 107 -41.78 32.06 -26.77
C ARG L 107 -41.68 32.46 -25.30
N GLN L 108 -41.20 33.67 -25.05
CA GLN L 108 -41.04 34.16 -23.68
C GLN L 108 -41.71 35.52 -23.49
N ASP L 109 -42.29 35.72 -22.32
CA ASP L 109 -42.95 36.97 -21.97
C ASP L 109 -42.35 37.54 -20.68
N GLU L 110 -43.02 38.53 -20.10
CA GLU L 110 -42.55 39.15 -18.87
C GLU L 110 -42.36 38.11 -17.76
N HIS L 111 -43.46 37.69 -17.16
CA HIS L 111 -43.42 36.68 -16.10
C HIS L 111 -44.14 35.41 -16.54
N GLY L 112 -44.31 35.28 -17.86
CA GLY L 112 -44.99 34.12 -18.41
C GLY L 112 -44.19 33.49 -19.52
N PHE L 113 -43.95 32.19 -19.41
CA PHE L 113 -43.17 31.47 -20.42
C PHE L 113 -44.07 30.56 -21.25
N ILE L 114 -44.01 30.72 -22.55
CA ILE L 114 -44.80 29.89 -23.46
C ILE L 114 -44.02 28.65 -23.86
N SER L 115 -44.72 27.53 -23.98
CA SER L 115 -44.07 26.27 -24.36
C SER L 115 -44.91 25.51 -25.37
N ARG L 116 -44.41 25.46 -26.60
CA ARG L 116 -45.11 24.76 -27.68
C ARG L 116 -44.80 23.26 -27.60
N GLU L 117 -45.70 22.44 -28.13
CA GLU L 117 -45.50 21.01 -28.10
C GLU L 117 -46.05 20.34 -29.36
N PHE L 118 -45.25 19.43 -29.91
CA PHE L 118 -45.64 18.70 -31.12
C PHE L 118 -45.83 17.22 -30.77
N HIS L 119 -47.00 16.69 -31.12
CA HIS L 119 -47.31 15.29 -30.84
C HIS L 119 -48.01 14.63 -32.02
N ARG L 120 -47.35 13.63 -32.59
CA ARG L 120 -47.93 12.92 -33.73
C ARG L 120 -48.38 11.51 -33.34
N LYS L 121 -49.47 11.08 -33.95
CA LYS L 121 -50.02 9.75 -33.70
C LYS L 121 -50.00 8.93 -34.98
N TYR L 122 -49.08 7.99 -35.06
CA TYR L 122 -48.95 7.15 -36.25
C TYR L 122 -49.39 5.72 -35.99
N ARG L 123 -50.40 5.29 -36.73
CA ARG L 123 -50.91 3.92 -36.63
C ARG L 123 -50.65 3.22 -37.96
N ILE L 124 -49.38 3.01 -38.27
CA ILE L 124 -48.98 2.39 -39.53
C ILE L 124 -48.29 1.04 -39.34
N PRO L 125 -49.05 -0.04 -39.08
CA PRO L 125 -48.47 -1.37 -38.92
C PRO L 125 -47.87 -1.86 -40.24
N ALA L 126 -48.23 -1.16 -41.32
CA ALA L 126 -47.76 -1.50 -42.66
C ALA L 126 -46.40 -0.89 -42.94
N ASP L 127 -46.03 0.09 -42.12
CA ASP L 127 -44.75 0.77 -42.28
C ASP L 127 -43.92 0.65 -41.01
N VAL L 128 -44.50 0.05 -39.97
CA VAL L 128 -43.81 -0.09 -38.70
C VAL L 128 -43.78 -1.51 -38.18
N ASP L 129 -42.68 -1.84 -37.51
CA ASP L 129 -42.45 -3.12 -36.88
C ASP L 129 -41.43 -2.90 -35.77
N PRO L 130 -41.91 -2.67 -34.53
CA PRO L 130 -41.06 -2.39 -33.37
C PRO L 130 -39.76 -3.20 -33.32
N LEU L 131 -39.80 -4.43 -33.82
CA LEU L 131 -38.63 -5.30 -33.80
C LEU L 131 -37.64 -4.95 -34.91
N THR L 132 -37.68 -3.71 -35.40
CA THR L 132 -36.76 -3.30 -36.46
C THR L 132 -36.77 -1.80 -36.70
N ILE L 133 -37.88 -1.14 -36.37
CA ILE L 133 -38.00 0.30 -36.57
C ILE L 133 -37.29 1.07 -35.47
N THR L 134 -36.25 1.81 -35.86
CA THR L 134 -35.50 2.62 -34.93
C THR L 134 -35.98 4.07 -35.00
N SER L 135 -35.19 4.99 -34.46
CA SER L 135 -35.58 6.39 -34.48
C SER L 135 -34.37 7.32 -34.47
N SER L 136 -34.41 8.31 -35.37
CA SER L 136 -33.35 9.31 -35.46
C SER L 136 -33.96 10.69 -35.23
N LEU L 137 -33.12 11.69 -35.03
CA LEU L 137 -33.62 13.04 -34.79
C LEU L 137 -32.72 14.08 -35.44
N SER L 138 -33.30 15.24 -35.79
CA SER L 138 -32.56 16.32 -36.42
C SER L 138 -32.42 17.52 -35.46
N SER L 139 -31.45 18.39 -35.71
CA SER L 139 -31.20 19.55 -34.86
C SER L 139 -32.37 20.52 -34.93
N ASP L 140 -33.28 20.27 -35.85
CA ASP L 140 -34.45 21.12 -36.01
C ASP L 140 -35.69 20.36 -35.56
N GLY L 141 -35.45 19.30 -34.78
CA GLY L 141 -36.55 18.49 -34.27
C GLY L 141 -37.08 17.49 -35.27
N VAL L 142 -36.54 17.51 -36.48
CA VAL L 142 -36.99 16.59 -37.52
C VAL L 142 -36.71 15.14 -37.12
N LEU L 143 -37.74 14.45 -36.65
CA LEU L 143 -37.63 13.06 -36.24
C LEU L 143 -37.79 12.15 -37.45
N THR L 144 -36.98 11.11 -37.52
CA THR L 144 -37.05 10.17 -38.64
C THR L 144 -36.93 8.72 -38.19
N VAL L 145 -38.05 8.02 -38.16
CA VAL L 145 -38.07 6.61 -37.78
C VAL L 145 -37.80 5.73 -39.00
N ASN L 146 -36.59 5.19 -39.08
CA ASN L 146 -36.21 4.36 -40.21
C ASN L 146 -36.37 2.87 -39.91
N GLY L 147 -36.46 2.08 -40.97
CA GLY L 147 -36.63 0.64 -40.84
C GLY L 147 -37.54 0.05 -41.90
N PRO L 148 -37.58 -1.28 -42.06
CA PRO L 148 -38.42 -1.95 -43.05
C PRO L 148 -39.92 -1.73 -42.80
N ARG L 149 -40.74 -2.62 -43.34
CA ARG L 149 -42.19 -2.49 -43.19
C ARG L 149 -42.90 -3.82 -43.46
N LYS L 150 -44.23 -3.83 -43.29
CA LYS L 150 -45.03 -5.03 -43.55
C LYS L 150 -46.42 -4.67 -44.10
N GLN L 151 -47.48 -4.87 -43.31
CA GLN L 151 -48.85 -4.55 -43.77
C GLN L 151 -49.86 -4.50 -42.62
N VAL L 152 -51.14 -4.33 -42.99
CA VAL L 152 -52.25 -4.27 -42.03
C VAL L 152 -52.29 -2.93 -41.28
N SER L 153 -53.49 -2.52 -40.85
CA SER L 153 -53.67 -1.28 -40.11
C SER L 153 -55.10 -1.17 -39.56
N GLY L 154 -55.22 -1.06 -38.22
CA GLY L 154 -56.54 -0.94 -37.62
C GLY L 154 -56.54 -1.18 -36.11
N PRO L 155 -57.35 -0.41 -35.34
CA PRO L 155 -57.43 -0.53 -33.88
C PRO L 155 -58.59 -1.41 -33.40
N GLU L 156 -59.78 -1.21 -33.97
CA GLU L 156 -60.99 -1.97 -33.59
C GLU L 156 -60.68 -3.39 -33.14
N ARG L 157 -61.48 -3.88 -32.19
CA ARG L 157 -61.29 -5.22 -31.64
C ARG L 157 -62.39 -6.19 -32.09
N THR L 158 -63.56 -6.07 -31.46
CA THR L 158 -64.71 -6.92 -31.76
C THR L 158 -64.48 -8.34 -31.27
N ILE L 159 -64.83 -8.59 -30.01
CA ILE L 159 -64.67 -9.91 -29.40
C ILE L 159 -65.82 -10.25 -28.47
N PRO L 160 -66.92 -10.80 -29.01
CA PRO L 160 -68.09 -11.18 -28.20
C PRO L 160 -67.87 -12.51 -27.47
N ILE L 161 -68.34 -12.59 -26.23
CA ILE L 161 -68.17 -13.80 -25.44
C ILE L 161 -69.51 -14.29 -24.88
N THR L 162 -69.60 -15.60 -24.66
CA THR L 162 -70.80 -16.22 -24.09
C THR L 162 -72.00 -16.18 -25.06
N ARG L 163 -73.05 -15.44 -24.66
CA ARG L 163 -74.28 -15.30 -25.47
C ARG L 163 -75.16 -16.55 -25.33
N GLU L 164 -74.52 -17.68 -25.04
CA GLU L 164 -75.21 -18.96 -24.85
C GLU L 164 -75.84 -19.43 -26.16
N GLU L 165 -77.16 -19.25 -26.29
CA GLU L 165 -77.88 -19.67 -27.50
C GLU L 165 -77.86 -21.20 -27.65
N LYS L 166 -77.59 -21.91 -26.56
CA LYS L 166 -77.53 -23.37 -26.60
C LYS L 166 -78.54 -24.01 -25.64
N PRO L 167 -78.45 -23.75 -24.31
CA PRO L 167 -79.37 -24.32 -23.33
C PRO L 167 -80.65 -23.50 -23.19
N ALA L 168 -80.70 -22.62 -22.20
CA ALA L 168 -81.88 -21.79 -21.97
C ALA L 168 -82.20 -20.94 -23.19
N VAL L 169 -83.40 -21.13 -23.74
CA VAL L 169 -83.83 -20.40 -24.92
C VAL L 169 -85.28 -19.91 -24.75
N THR L 170 -85.70 -19.00 -25.63
CA THR L 170 -87.06 -18.46 -25.59
C THR L 170 -87.80 -18.80 -26.89
N ALA L 171 -89.11 -18.58 -26.89
CA ALA L 171 -89.93 -18.87 -28.06
C ALA L 171 -91.30 -18.22 -27.95
N ALA L 172 -92.26 -18.72 -28.74
CA ALA L 172 -93.61 -18.20 -28.73
C ALA L 172 -94.56 -19.16 -29.45
N PRO L 173 -95.89 -19.04 -29.21
CA PRO L 173 -96.88 -19.91 -29.87
C PRO L 173 -96.79 -19.85 -31.39
N LYS L 174 -97.58 -20.70 -32.05
CA LYS L 174 -97.59 -20.74 -33.51
C LYS L 174 -98.68 -21.69 -34.01
N LYS L 175 -98.90 -21.69 -35.32
CA LYS L 175 -99.91 -22.57 -35.92
C LYS L 175 -99.76 -22.59 -37.45
N MET M 1 -15.15 18.04 -11.03
CA MET M 1 -15.17 17.65 -12.46
C MET M 1 -16.26 16.64 -12.71
N ASP M 2 -16.77 16.05 -11.63
CA ASP M 2 -17.83 15.06 -11.70
C ASP M 2 -17.73 14.23 -12.98
N ILE M 3 -16.80 13.29 -13.01
CA ILE M 3 -16.61 12.44 -14.17
C ILE M 3 -17.87 11.67 -14.52
N ALA M 4 -18.76 11.53 -13.53
CA ALA M 4 -20.01 10.80 -13.74
C ALA M 4 -21.16 11.75 -14.09
N ILE M 5 -20.83 13.00 -14.41
CA ILE M 5 -21.83 13.99 -14.77
C ILE M 5 -21.35 14.88 -15.92
N HIS M 6 -20.24 15.58 -15.68
CA HIS M 6 -19.67 16.47 -16.68
C HIS M 6 -19.22 15.71 -17.93
N HIS M 7 -18.76 14.48 -17.77
CA HIS M 7 -18.31 13.71 -18.91
C HIS M 7 -19.48 13.38 -19.86
N PRO M 8 -20.57 12.78 -19.36
CA PRO M 8 -21.73 12.46 -20.21
C PRO M 8 -22.55 13.69 -20.60
N TRP M 9 -22.38 14.79 -19.85
CA TRP M 9 -23.11 16.02 -20.14
C TRP M 9 -22.36 16.88 -21.15
N ILE M 10 -21.03 16.94 -21.00
CA ILE M 10 -20.20 17.70 -21.91
C ILE M 10 -20.13 16.98 -23.25
N ARG M 11 -20.65 15.76 -23.25
CA ARG M 11 -20.71 14.96 -24.45
C ARG M 11 -22.14 14.93 -24.96
N ARG M 12 -22.97 15.80 -24.40
CA ARG M 12 -24.36 15.89 -24.82
C ARG M 12 -24.50 16.83 -26.01
N PRO M 13 -24.22 18.15 -25.85
CA PRO M 13 -24.32 19.08 -26.97
C PRO M 13 -23.12 18.91 -27.90
N PHE M 14 -22.66 17.68 -28.04
CA PHE M 14 -21.53 17.38 -28.89
C PHE M 14 -21.93 16.34 -29.93
N PHE M 15 -23.04 15.64 -29.72
CA PHE M 15 -23.43 14.59 -30.65
C PHE M 15 -23.58 15.13 -32.08
N PRO M 16 -24.49 16.08 -32.32
CA PRO M 16 -24.68 16.66 -33.65
C PRO M 16 -23.36 17.14 -34.32
N PHE M 17 -22.24 17.09 -33.57
CA PHE M 17 -20.93 17.49 -34.11
C PHE M 17 -19.98 16.30 -34.09
N HIS M 18 -20.36 15.27 -33.33
CA HIS M 18 -19.56 14.06 -33.18
C HIS M 18 -19.19 13.45 -34.52
N SER M 19 -18.49 12.32 -34.47
CA SER M 19 -18.05 11.62 -35.68
C SER M 19 -17.23 12.54 -36.60
N PRO M 20 -16.33 13.38 -36.03
CA PRO M 20 -15.50 14.26 -36.80
C PRO M 20 -14.10 13.69 -36.97
N SER M 21 -14.04 12.36 -37.08
CA SER M 21 -12.78 11.63 -37.21
C SER M 21 -11.99 11.73 -35.92
N ARG M 22 -11.81 10.60 -35.25
CA ARG M 22 -11.09 10.55 -33.98
C ARG M 22 -9.73 11.25 -34.10
N LEU M 23 -9.22 11.31 -35.31
CA LEU M 23 -7.93 11.94 -35.58
C LEU M 23 -8.14 13.14 -36.49
N PHE M 24 -9.06 14.03 -36.09
CA PHE M 24 -9.38 15.23 -36.85
C PHE M 24 -8.20 16.20 -36.93
N ASP M 25 -7.45 16.30 -35.85
CA ASP M 25 -6.31 17.22 -35.79
C ASP M 25 -5.20 16.82 -36.76
N GLN M 26 -5.14 15.55 -37.12
CA GLN M 26 -4.11 15.07 -38.04
C GLN M 26 -4.63 14.88 -39.45
N PHE M 27 -5.87 14.39 -39.57
CA PHE M 27 -6.48 14.16 -40.87
C PHE M 27 -6.50 15.46 -41.68
N PHE M 28 -7.20 16.46 -41.17
CA PHE M 28 -7.29 17.75 -41.84
C PHE M 28 -5.92 18.43 -41.85
N GLY M 29 -5.12 18.15 -40.82
CA GLY M 29 -3.80 18.73 -40.72
C GLY M 29 -2.93 18.38 -41.91
N GLU M 30 -3.16 17.21 -42.48
CA GLU M 30 -2.40 16.75 -43.64
C GLU M 30 -2.88 17.44 -44.91
N HIS M 31 -4.20 17.59 -45.03
CA HIS M 31 -4.80 18.24 -46.19
C HIS M 31 -4.43 19.71 -46.23
N LEU M 32 -4.25 20.31 -45.06
CA LEU M 32 -3.89 21.72 -44.97
C LEU M 32 -2.40 21.89 -45.23
N LEU M 33 -1.64 20.83 -44.98
CA LEU M 33 -0.21 20.85 -45.19
C LEU M 33 0.10 20.62 -46.67
N GLU M 34 -0.84 19.97 -47.37
CA GLU M 34 -0.68 19.71 -48.79
C GLU M 34 -0.94 20.96 -49.61
N SER M 35 -1.91 21.75 -49.16
CA SER M 35 -2.27 22.99 -49.85
C SER M 35 -1.34 24.13 -49.42
N ASP M 36 -0.47 23.84 -48.46
CA ASP M 36 0.47 24.84 -47.97
C ASP M 36 1.81 24.72 -48.68
N LEU M 37 1.90 23.78 -49.61
CA LEU M 37 3.12 23.55 -50.36
C LEU M 37 3.08 24.28 -51.69
N PHE M 38 2.09 23.94 -52.51
CA PHE M 38 1.93 24.55 -53.83
C PHE M 38 0.47 24.97 -54.05
N PRO M 39 0.24 26.15 -54.67
CA PRO M 39 -1.13 26.62 -54.96
C PRO M 39 -1.95 25.53 -55.64
N THR M 40 -2.70 24.78 -54.84
CA THR M 40 -3.49 23.66 -55.36
C THR M 40 -4.80 24.10 -56.01
N SER M 41 -4.67 24.71 -57.19
CA SER M 41 -5.82 25.15 -57.99
C SER M 41 -6.93 25.80 -57.18
N THR M 42 -6.61 26.34 -56.01
CA THR M 42 -7.61 26.99 -55.18
C THR M 42 -7.70 28.47 -55.57
N SER M 43 -8.54 29.22 -54.86
CA SER M 43 -8.65 30.65 -55.13
C SER M 43 -7.47 31.37 -54.52
N LEU M 44 -6.35 30.65 -54.44
CA LEU M 44 -5.11 31.17 -53.85
C LEU M 44 -5.35 31.60 -52.43
N SER M 45 -4.83 30.83 -51.49
CA SER M 45 -5.02 31.12 -50.08
C SER M 45 -3.69 31.29 -49.36
N PRO M 46 -3.64 32.17 -48.34
CA PRO M 46 -2.45 32.38 -47.55
C PRO M 46 -2.36 31.30 -46.49
N PHE M 47 -3.54 30.97 -45.95
CA PHE M 47 -3.69 29.94 -44.94
C PHE M 47 -5.16 29.56 -44.75
N TYR M 48 -5.96 29.72 -45.82
CA TYR M 48 -7.38 29.36 -45.76
C TYR M 48 -7.52 27.86 -45.59
N LEU M 49 -7.94 27.44 -44.41
CA LEU M 49 -8.10 26.02 -44.11
C LEU M 49 -9.55 25.59 -44.21
N ARG M 50 -9.82 24.64 -45.11
CA ARG M 50 -11.18 24.12 -45.30
C ARG M 50 -11.62 23.30 -44.08
N PRO M 51 -12.49 23.87 -43.22
CA PRO M 51 -12.97 23.19 -42.02
C PRO M 51 -14.33 22.54 -42.20
N PRO M 52 -14.73 21.63 -41.29
CA PRO M 52 -16.03 20.96 -41.36
C PRO M 52 -17.15 21.87 -40.92
N SER M 53 -18.08 22.16 -41.82
CA SER M 53 -19.19 23.04 -41.51
C SER M 53 -20.53 22.42 -41.91
N PHE M 54 -21.61 22.97 -41.36
CA PHE M 54 -22.94 22.49 -41.66
C PHE M 54 -23.53 23.21 -42.87
N LEU M 55 -22.83 24.24 -43.32
CA LEU M 55 -23.26 25.00 -44.48
C LEU M 55 -23.28 24.09 -45.70
N ARG M 56 -24.45 23.93 -46.31
CA ARG M 56 -24.58 23.06 -47.47
C ARG M 56 -24.37 23.79 -48.79
N ALA M 57 -24.87 25.01 -48.88
CA ALA M 57 -24.74 25.79 -50.11
C ALA M 57 -23.33 26.36 -50.32
N PRO M 58 -22.78 27.13 -49.36
CA PRO M 58 -21.46 27.73 -49.51
C PRO M 58 -20.35 26.92 -48.84
N SER M 59 -19.11 27.15 -49.30
CA SER M 59 -17.94 26.48 -48.75
C SER M 59 -17.15 27.46 -47.88
N TRP M 60 -17.08 27.17 -46.59
CA TRP M 60 -16.38 28.04 -45.65
C TRP M 60 -14.91 27.69 -45.53
N PHE M 61 -14.08 28.70 -45.31
CA PHE M 61 -12.64 28.55 -45.15
C PHE M 61 -12.13 29.41 -44.01
N ASP M 62 -11.41 28.81 -43.07
CA ASP M 62 -10.85 29.55 -41.93
C ASP M 62 -9.86 30.59 -42.42
N THR M 63 -10.11 31.85 -42.11
CA THR M 63 -9.25 32.94 -42.55
C THR M 63 -9.02 33.99 -41.47
N GLY M 64 -8.13 34.94 -41.78
CA GLY M 64 -7.82 36.01 -40.86
C GLY M 64 -8.55 37.30 -41.23
N LEU M 65 -7.85 38.17 -41.99
CA LEU M 65 -8.42 39.44 -42.43
C LEU M 65 -8.66 40.40 -41.26
N SER M 66 -9.65 40.09 -40.43
CA SER M 66 -10.00 40.93 -39.28
C SER M 66 -8.98 40.81 -38.15
N GLU M 67 -7.71 40.61 -38.50
CA GLU M 67 -6.64 40.50 -37.51
C GLU M 67 -5.37 41.14 -38.03
N MET M 68 -5.50 41.95 -39.07
CA MET M 68 -4.36 42.64 -39.67
C MET M 68 -4.64 44.14 -39.82
N ARG M 69 -5.70 44.47 -40.54
CA ARG M 69 -6.09 45.86 -40.75
C ARG M 69 -7.58 46.03 -40.45
N LEU M 70 -8.08 47.26 -40.54
CA LEU M 70 -9.50 47.50 -40.29
C LEU M 70 -9.96 48.88 -40.77
N GLU M 71 -9.74 49.93 -39.96
CA GLU M 71 -10.19 51.26 -40.34
C GLU M 71 -9.04 52.29 -40.33
N LYS M 72 -8.40 52.44 -41.49
CA LYS M 72 -7.30 53.39 -41.64
C LYS M 72 -7.46 54.16 -42.96
N ASP M 73 -6.67 55.22 -43.15
CA ASP M 73 -6.77 56.01 -44.38
C ASP M 73 -5.42 56.57 -44.84
N ARG M 74 -5.11 57.80 -44.43
CA ARG M 74 -3.87 58.47 -44.82
C ARG M 74 -3.64 59.71 -43.96
N PHE M 75 -3.44 59.51 -42.68
CA PHE M 75 -3.27 60.62 -41.76
C PHE M 75 -2.06 60.45 -40.85
N SER M 76 -2.13 61.08 -39.68
CA SER M 76 -1.06 61.03 -38.69
C SER M 76 -1.63 60.65 -37.32
N VAL M 77 -1.01 59.67 -36.68
CA VAL M 77 -1.44 59.24 -35.36
C VAL M 77 -0.89 60.17 -34.30
N ASN M 78 -1.60 60.28 -33.18
CA ASN M 78 -1.16 61.17 -32.10
C ASN M 78 -0.94 60.41 -30.79
N LEU M 79 0.28 60.48 -30.28
CA LEU M 79 0.61 59.84 -29.02
C LEU M 79 0.04 60.66 -27.87
N ASP M 80 0.07 60.13 -26.66
CA ASP M 80 -0.49 60.85 -25.52
C ASP M 80 0.52 61.19 -24.45
N VAL M 81 0.67 62.48 -24.22
CA VAL M 81 1.56 63.02 -23.19
C VAL M 81 0.91 64.28 -22.63
N LYS M 82 -0.11 64.06 -21.80
CA LYS M 82 -0.89 65.14 -21.20
C LYS M 82 -0.03 66.34 -20.77
N HIS M 83 1.05 66.07 -20.05
CA HIS M 83 1.93 67.15 -19.60
C HIS M 83 3.23 67.14 -20.36
N PHE M 84 3.68 68.33 -20.76
CA PHE M 84 4.91 68.48 -21.53
C PHE M 84 6.11 67.86 -20.84
N SER M 85 6.92 67.18 -21.63
CA SER M 85 8.13 66.53 -21.15
C SER M 85 9.12 66.39 -22.31
N PRO M 86 9.44 67.51 -23.00
CA PRO M 86 10.34 67.50 -24.17
C PRO M 86 11.65 66.75 -23.94
N GLU M 87 12.45 67.26 -23.01
CA GLU M 87 13.75 66.66 -22.71
C GLU M 87 13.61 65.30 -22.03
N GLU M 88 12.48 65.07 -21.37
CA GLU M 88 12.28 63.81 -20.65
C GLU M 88 11.35 62.84 -21.39
N LEU M 89 11.34 62.91 -22.72
CA LEU M 89 10.52 62.00 -23.51
C LEU M 89 11.34 61.36 -24.62
N LYS M 90 11.03 60.11 -24.94
CA LYS M 90 11.74 59.38 -25.98
C LYS M 90 10.76 58.61 -26.86
N VAL M 91 10.65 59.04 -28.12
CA VAL M 91 9.77 58.36 -29.06
C VAL M 91 10.54 57.30 -29.82
N LYS M 92 10.00 56.10 -29.88
CA LYS M 92 10.68 55.01 -30.58
C LYS M 92 9.78 54.38 -31.64
N VAL M 93 10.31 54.29 -32.85
CA VAL M 93 9.59 53.68 -33.96
C VAL M 93 10.23 52.34 -34.31
N LEU M 94 9.92 51.33 -33.49
CA LEU M 94 10.47 49.99 -33.69
C LEU M 94 9.58 49.21 -34.65
N GLY M 95 9.82 49.39 -35.95
CA GLY M 95 9.05 48.71 -36.95
C GLY M 95 7.64 49.25 -37.06
N ASP M 96 6.66 48.36 -37.03
CA ASP M 96 5.26 48.77 -37.11
C ASP M 96 4.70 49.04 -35.73
N VAL M 97 5.59 49.32 -34.78
CA VAL M 97 5.19 49.59 -33.41
C VAL M 97 5.67 50.96 -32.94
N ILE M 98 4.73 51.90 -32.79
CA ILE M 98 5.05 53.24 -32.34
C ILE M 98 4.82 53.37 -30.83
N GLU M 99 5.86 53.77 -30.11
CA GLU M 99 5.76 53.93 -28.67
C GLU M 99 6.31 55.28 -28.21
N VAL M 100 5.81 55.75 -27.07
CA VAL M 100 6.27 57.00 -26.50
C VAL M 100 6.56 56.84 -25.02
N HIS M 101 7.69 57.35 -24.57
CA HIS M 101 8.08 57.25 -23.17
C HIS M 101 8.43 58.61 -22.61
N GLY M 102 7.45 59.26 -21.99
CA GLY M 102 7.67 60.58 -21.42
C GLY M 102 7.34 60.64 -19.94
N LYS M 103 8.33 61.06 -19.15
CA LYS M 103 8.15 61.16 -17.70
C LYS M 103 8.50 62.56 -17.22
N HIS M 104 7.54 63.20 -16.56
CA HIS M 104 7.75 64.55 -16.05
C HIS M 104 7.24 64.70 -14.62
N GLU M 105 8.04 65.33 -13.77
CA GLU M 105 7.66 65.55 -12.39
C GLU M 105 6.86 66.85 -12.27
N GLU M 106 5.55 66.72 -12.06
CA GLU M 106 4.69 67.88 -11.94
C GLU M 106 4.18 68.07 -10.51
N ARG M 107 4.12 66.97 -9.76
CA ARG M 107 3.67 67.04 -8.37
C ARG M 107 4.86 67.04 -7.42
N GLN M 108 4.85 67.96 -6.47
CA GLN M 108 5.95 68.07 -5.51
C GLN M 108 5.44 68.08 -4.07
N ASP M 109 6.22 67.47 -3.18
CA ASP M 109 5.88 67.42 -1.76
C ASP M 109 7.02 67.99 -0.93
N GLU M 110 7.00 67.73 0.38
CA GLU M 110 8.03 68.23 1.27
C GLU M 110 9.41 67.74 0.84
N HIS M 111 9.68 66.46 1.04
CA HIS M 111 10.94 65.85 0.65
C HIS M 111 10.71 64.72 -0.33
N GLY M 112 9.51 64.70 -0.91
CA GLY M 112 9.17 63.67 -1.87
C GLY M 112 8.69 64.27 -3.18
N PHE M 113 9.31 63.88 -4.28
CA PHE M 113 8.94 64.40 -5.58
C PHE M 113 8.19 63.35 -6.40
N ILE M 114 7.00 63.72 -6.85
CA ILE M 114 6.18 62.82 -7.64
C ILE M 114 6.48 62.99 -9.13
N SER M 115 6.52 61.88 -9.85
CA SER M 115 6.81 61.92 -11.28
C SER M 115 5.82 61.07 -12.07
N ARG M 116 5.05 61.73 -12.92
CA ARG M 116 4.07 61.02 -13.73
C ARG M 116 4.71 60.60 -15.05
N GLU M 117 4.21 59.50 -15.62
CA GLU M 117 4.75 59.01 -16.87
C GLU M 117 3.66 58.48 -17.79
N PHE M 118 3.77 58.82 -19.08
CA PHE M 118 2.81 58.37 -20.08
C PHE M 118 3.50 57.48 -21.09
N HIS M 119 3.03 56.25 -21.21
CA HIS M 119 3.62 55.29 -22.15
C HIS M 119 2.57 54.68 -23.06
N ARG M 120 2.68 54.95 -24.34
CA ARG M 120 1.75 54.41 -25.33
C ARG M 120 2.39 53.30 -26.15
N LYS M 121 1.61 52.26 -26.42
CA LYS M 121 2.08 51.14 -27.22
C LYS M 121 1.16 50.93 -28.41
N TYR M 122 1.59 51.40 -29.58
CA TYR M 122 0.80 51.29 -30.80
C TYR M 122 1.36 50.24 -31.74
N ARG M 123 0.58 49.19 -31.97
CA ARG M 123 0.98 48.14 -32.89
C ARG M 123 0.12 48.26 -34.15
N ILE M 124 0.27 49.38 -34.84
CA ILE M 124 -0.49 49.66 -36.06
C ILE M 124 0.36 49.50 -37.31
N PRO M 125 0.37 48.30 -37.92
CA PRO M 125 1.15 48.05 -39.13
C PRO M 125 0.59 48.80 -40.34
N ALA M 126 -0.71 48.67 -40.57
CA ALA M 126 -1.36 49.32 -41.69
C ALA M 126 -1.56 50.81 -41.44
N ASP M 127 -0.84 51.33 -40.45
CA ASP M 127 -0.93 52.73 -40.11
C ASP M 127 0.46 53.34 -39.91
N VAL M 128 1.47 52.48 -39.86
CA VAL M 128 2.84 52.94 -39.65
C VAL M 128 3.88 52.16 -40.46
N ASP M 129 4.79 52.93 -41.05
CA ASP M 129 5.91 52.39 -41.81
C ASP M 129 7.17 53.11 -41.32
N PRO M 130 7.99 52.43 -40.49
CA PRO M 130 9.20 53.01 -39.89
C PRO M 130 10.03 53.86 -40.83
N LEU M 131 10.01 53.52 -42.11
CA LEU M 131 10.81 54.25 -43.10
C LEU M 131 10.33 55.68 -43.33
N THR M 132 9.01 55.88 -43.37
CA THR M 132 8.45 57.21 -43.63
C THR M 132 7.85 57.89 -42.41
N ILE M 133 7.29 57.11 -41.49
CA ILE M 133 6.66 57.68 -40.30
C ILE M 133 7.65 58.47 -39.46
N THR M 134 7.34 59.74 -39.23
CA THR M 134 8.17 60.62 -38.43
C THR M 134 7.44 60.99 -37.15
N SER M 135 7.97 61.95 -36.41
CA SER M 135 7.36 62.38 -35.17
C SER M 135 7.45 63.89 -34.99
N SER M 136 6.38 64.48 -34.45
CA SER M 136 6.33 65.91 -34.20
C SER M 136 5.80 66.16 -32.80
N LEU M 137 6.59 66.84 -31.97
CA LEU M 137 6.19 67.12 -30.61
C LEU M 137 5.64 68.53 -30.43
N SER M 138 4.68 68.67 -29.53
CA SER M 138 4.09 69.96 -29.22
C SER M 138 4.63 70.47 -27.88
N SER M 139 4.29 71.70 -27.52
CA SER M 139 4.77 72.30 -26.28
C SER M 139 3.98 71.81 -25.08
N ASP M 140 2.87 71.11 -25.32
CA ASP M 140 2.04 70.60 -24.24
C ASP M 140 2.28 69.11 -24.03
N GLY M 141 3.04 68.51 -24.93
CA GLY M 141 3.33 67.09 -24.84
C GLY M 141 2.67 66.30 -25.93
N VAL M 142 1.74 66.93 -26.64
CA VAL M 142 1.00 66.29 -27.73
C VAL M 142 1.95 65.82 -28.82
N LEU M 143 2.24 64.52 -28.82
CA LEU M 143 3.11 63.92 -29.82
C LEU M 143 2.27 63.50 -31.03
N THR M 144 2.80 63.68 -32.23
CA THR M 144 2.07 63.32 -33.43
C THR M 144 2.97 62.69 -34.48
N VAL M 145 2.78 61.40 -34.72
CA VAL M 145 3.54 60.69 -35.73
C VAL M 145 2.85 60.82 -37.08
N ASN M 146 3.48 61.53 -38.01
CA ASN M 146 2.89 61.75 -39.33
C ASN M 146 3.57 60.91 -40.41
N GLY M 147 2.81 60.62 -41.46
CA GLY M 147 3.32 59.84 -42.57
C GLY M 147 2.27 58.90 -43.15
N PRO M 148 2.54 58.30 -44.33
CA PRO M 148 1.59 57.36 -44.97
C PRO M 148 1.46 56.07 -44.18
N ARG M 149 1.08 54.99 -44.85
CA ARG M 149 0.92 53.70 -44.18
C ARG M 149 0.76 52.55 -45.19
N LYS M 150 0.03 51.51 -44.75
CA LYS M 150 -0.27 50.32 -45.57
C LYS M 150 0.79 49.23 -45.42
N GLN M 151 0.49 48.24 -44.58
CA GLN M 151 1.37 47.09 -44.34
C GLN M 151 0.85 46.28 -43.15
N VAL M 152 1.28 45.03 -43.04
CA VAL M 152 0.84 44.17 -41.94
C VAL M 152 2.03 43.66 -41.14
N SER M 153 1.83 43.52 -39.82
CA SER M 153 2.87 43.03 -38.94
C SER M 153 2.26 42.24 -37.79
N GLY M 154 3.08 41.89 -36.80
CA GLY M 154 2.60 41.14 -35.66
C GLY M 154 3.59 40.07 -35.23
N PRO M 155 4.36 40.31 -34.15
CA PRO M 155 5.36 39.34 -33.66
C PRO M 155 4.75 38.10 -33.01
N GLU M 156 5.06 36.94 -33.58
CA GLU M 156 4.58 35.66 -33.06
C GLU M 156 5.76 34.73 -32.84
N ARG M 157 5.51 33.58 -32.22
CA ARG M 157 6.58 32.61 -31.96
C ARG M 157 6.18 31.22 -32.40
N THR M 158 5.94 31.06 -33.70
CA THR M 158 5.56 29.77 -34.26
C THR M 158 6.55 29.34 -35.33
N ILE M 159 7.71 28.85 -34.91
CA ILE M 159 8.74 28.41 -35.83
C ILE M 159 9.33 27.06 -35.41
N PRO M 160 8.64 25.95 -35.74
CA PRO M 160 9.12 24.61 -35.40
C PRO M 160 10.32 24.22 -36.26
N ILE M 161 11.47 24.07 -35.62
CA ILE M 161 12.69 23.72 -36.33
C ILE M 161 12.90 22.20 -36.35
N THR M 162 14.07 21.76 -36.81
CA THR M 162 14.39 20.35 -36.89
C THR M 162 13.38 19.59 -37.73
N ARG M 163 13.45 18.25 -37.75
CA ARG M 163 12.55 17.45 -38.57
C ARG M 163 12.79 17.81 -40.01
N GLU M 164 13.66 17.06 -40.68
CA GLU M 164 14.02 17.41 -42.04
C GLU M 164 14.53 16.25 -42.91
N GLU M 165 13.77 15.16 -42.98
CA GLU M 165 14.12 14.00 -43.82
C GLU M 165 15.54 13.46 -43.58
N LYS M 166 15.66 12.14 -43.37
CA LYS M 166 16.97 11.46 -43.20
C LYS M 166 17.64 11.62 -41.82
N PRO M 167 17.06 11.09 -40.73
CA PRO M 167 17.64 11.11 -39.39
C PRO M 167 18.00 9.69 -38.90
N ALA M 168 17.04 9.07 -38.17
CA ALA M 168 17.15 7.72 -37.65
C ALA M 168 17.88 7.63 -36.31
N VAL M 169 17.20 6.99 -35.35
CA VAL M 169 17.75 6.74 -34.03
C VAL M 169 17.41 5.32 -33.65
N THR M 170 17.86 4.88 -32.48
CA THR M 170 17.58 3.52 -32.05
C THR M 170 17.69 3.39 -30.54
N ALA M 171 17.30 2.23 -30.05
CA ALA M 171 17.34 1.96 -28.63
C ALA M 171 17.50 0.46 -28.40
N ALA M 172 17.19 0.01 -27.19
CA ALA M 172 17.29 -1.39 -26.84
C ALA M 172 16.61 -1.67 -25.51
N PRO M 173 16.23 -2.93 -25.24
CA PRO M 173 15.58 -3.30 -23.99
C PRO M 173 16.43 -2.90 -22.79
N LYS M 174 15.78 -2.65 -21.66
CA LYS M 174 16.47 -2.24 -20.45
C LYS M 174 15.72 -2.70 -19.20
N LYS M 175 16.24 -2.30 -18.03
CA LYS M 175 15.64 -2.66 -16.74
C LYS M 175 16.49 -2.11 -15.61
N MET N 1 14.46 23.11 5.22
CA MET N 1 13.71 23.55 4.02
C MET N 1 12.76 22.45 3.53
N ASP N 2 12.06 21.82 4.46
CA ASP N 2 11.12 20.76 4.12
C ASP N 2 9.90 21.34 3.40
N ILE N 3 10.03 21.52 2.09
CA ILE N 3 8.95 22.07 1.28
C ILE N 3 7.80 21.08 1.14
N ALA N 4 8.11 19.79 1.19
CA ALA N 4 7.09 18.75 1.05
C ALA N 4 6.67 18.19 2.41
N ILE N 5 6.98 18.92 3.48
CA ILE N 5 6.63 18.47 4.83
C ILE N 5 6.10 19.63 5.68
N HIS N 6 6.94 20.64 5.89
CA HIS N 6 6.57 21.78 6.70
C HIS N 6 5.53 22.67 6.01
N HIS N 7 5.72 22.91 4.71
CA HIS N 7 4.80 23.76 3.95
C HIS N 7 3.35 23.30 4.10
N PRO N 8 3.04 22.01 3.85
CA PRO N 8 1.67 21.49 3.98
C PRO N 8 1.25 21.30 5.42
N TRP N 9 2.22 21.40 6.33
CA TRP N 9 1.95 21.22 7.76
C TRP N 9 1.69 22.56 8.44
N ILE N 10 2.17 23.64 7.83
CA ILE N 10 1.98 24.98 8.38
C ILE N 10 0.68 25.59 7.86
N ARG N 11 0.26 25.15 6.67
CA ARG N 11 -0.97 25.65 6.07
C ARG N 11 -2.16 24.85 6.59
N ARG N 12 -1.87 23.82 7.37
CA ARG N 12 -2.92 22.98 7.95
C ARG N 12 -3.64 23.68 9.11
N PRO N 13 -2.90 24.24 10.08
CA PRO N 13 -3.51 24.93 11.22
C PRO N 13 -4.20 26.23 10.81
N PHE N 14 -3.96 26.64 9.57
CA PHE N 14 -4.56 27.86 9.04
C PHE N 14 -5.95 27.57 8.48
N PHE N 15 -6.18 26.31 8.09
CA PHE N 15 -7.45 25.91 7.51
C PHE N 15 -8.65 26.27 8.39
N PRO N 16 -8.57 26.06 9.73
CA PRO N 16 -9.69 26.40 10.62
C PRO N 16 -10.20 27.82 10.39
N PHE N 17 -9.42 28.64 9.70
CA PHE N 17 -9.79 30.01 9.40
C PHE N 17 -9.22 30.43 8.05
N HIS N 18 -9.04 29.46 7.16
CA HIS N 18 -8.50 29.71 5.83
C HIS N 18 -9.55 29.52 4.75
N SER N 19 -9.59 30.44 3.80
CA SER N 19 -10.56 30.40 2.69
C SER N 19 -10.60 31.73 1.92
N PRO N 20 -10.63 32.89 2.64
CA PRO N 20 -10.68 34.20 2.00
C PRO N 20 -9.41 34.52 1.20
N SER N 21 -9.05 35.80 1.17
CA SER N 21 -7.87 36.24 0.42
C SER N 21 -6.58 35.57 0.89
N ARG N 22 -5.50 35.85 0.15
CA ARG N 22 -4.19 35.32 0.49
C ARG N 22 -3.54 36.24 1.50
N LEU N 23 -4.09 37.44 1.62
CA LEU N 23 -3.61 38.42 2.57
C LEU N 23 -4.78 38.91 3.43
N PHE N 24 -4.62 38.75 4.73
CA PHE N 24 -5.65 39.10 5.70
C PHE N 24 -5.16 40.20 6.65
N ASP N 25 -3.94 40.69 6.44
CA ASP N 25 -3.37 41.69 7.34
C ASP N 25 -3.20 43.07 6.72
N GLN N 26 -4.15 43.52 5.90
CA GLN N 26 -4.05 44.87 5.34
C GLN N 26 -5.43 45.50 5.12
N PHE N 27 -6.43 44.72 4.71
CA PHE N 27 -7.77 45.27 4.54
C PHE N 27 -8.31 45.63 5.91
N PHE N 28 -8.07 44.73 6.87
CA PHE N 28 -8.50 44.95 8.23
C PHE N 28 -7.67 46.06 8.85
N GLY N 29 -6.44 46.19 8.36
CA GLY N 29 -5.54 47.22 8.86
C GLY N 29 -5.87 48.57 8.30
N GLU N 30 -6.40 48.61 7.10
CA GLU N 30 -6.76 49.86 6.45
C GLU N 30 -8.21 50.22 6.78
N HIS N 31 -9.03 49.20 7.00
CA HIS N 31 -10.42 49.41 7.34
C HIS N 31 -10.48 50.02 8.74
N LEU N 32 -9.54 49.59 9.58
CA LEU N 32 -9.44 50.11 10.93
C LEU N 32 -8.71 51.44 10.92
N LEU N 33 -7.92 51.65 9.86
CA LEU N 33 -7.17 52.89 9.70
C LEU N 33 -8.11 54.03 9.37
N GLU N 34 -9.05 53.78 8.47
CA GLU N 34 -10.03 54.79 8.07
C GLU N 34 -11.11 54.94 9.14
N SER N 35 -11.12 54.02 10.10
CA SER N 35 -12.11 54.04 11.17
C SER N 35 -11.49 54.56 12.47
N ASP N 36 -10.17 54.47 12.58
CA ASP N 36 -9.48 54.92 13.77
C ASP N 36 -9.08 56.40 13.63
N LEU N 37 -8.94 56.84 12.38
CA LEU N 37 -8.58 58.22 12.11
C LEU N 37 -9.82 59.11 12.17
N PHE N 38 -10.96 58.49 12.47
CA PHE N 38 -12.22 59.20 12.56
C PHE N 38 -12.74 59.20 14.01
N PRO N 39 -13.15 60.36 14.55
CA PRO N 39 -13.65 60.48 15.92
C PRO N 39 -14.77 59.48 16.22
N THR N 40 -14.38 58.33 16.76
CA THR N 40 -15.35 57.30 17.12
C THR N 40 -15.34 57.06 18.63
N SER N 41 -16.52 57.15 19.23
CA SER N 41 -16.68 56.97 20.69
C SER N 41 -16.19 58.21 21.46
N THR N 42 -15.05 58.76 21.05
CA THR N 42 -14.49 59.94 21.70
C THR N 42 -14.58 61.18 20.81
N SER N 43 -13.74 62.19 21.09
CA SER N 43 -13.74 63.44 20.32
C SER N 43 -12.93 63.33 19.03
N LEU N 44 -12.40 64.46 18.51
CA LEU N 44 -11.67 64.47 17.23
C LEU N 44 -10.35 65.27 17.26
N SER N 45 -9.60 65.22 16.12
CA SER N 45 -8.30 65.91 15.95
C SER N 45 -7.59 65.53 14.62
N PRO N 46 -7.68 66.37 13.56
CA PRO N 46 -7.08 66.09 12.23
C PRO N 46 -5.86 66.98 11.82
N PHE N 47 -5.48 66.85 10.52
CA PHE N 47 -4.35 67.60 9.90
C PHE N 47 -4.02 67.03 8.50
N TYR N 48 -4.19 67.82 7.41
CA TYR N 48 -3.93 67.31 6.04
C TYR N 48 -3.51 68.40 5.02
N LEU N 49 -3.44 67.98 3.74
CA LEU N 49 -3.08 68.85 2.60
C LEU N 49 -3.97 68.52 1.39
N ARG N 50 -3.71 69.13 0.22
CA ARG N 50 -4.52 68.86 -0.96
C ARG N 50 -3.81 69.22 -2.28
N PRO N 51 -3.37 68.19 -3.06
CA PRO N 51 -2.69 68.38 -4.34
C PRO N 51 -3.67 68.32 -5.53
N PRO N 52 -3.20 68.61 -6.77
CA PRO N 52 -4.05 68.57 -7.97
C PRO N 52 -4.48 67.16 -8.31
N SER N 53 -5.75 67.00 -8.69
CA SER N 53 -6.28 65.68 -9.04
C SER N 53 -7.23 65.76 -10.23
N PHE N 54 -7.56 64.60 -10.79
CA PHE N 54 -8.46 64.53 -11.93
C PHE N 54 -9.89 64.25 -11.45
N LEU N 55 -10.00 63.82 -10.19
CA LEU N 55 -11.30 63.51 -9.61
C LEU N 55 -12.12 64.78 -9.44
N ARG N 56 -13.39 64.71 -9.81
CA ARG N 56 -14.29 65.85 -9.70
C ARG N 56 -15.22 65.70 -8.51
N ALA N 57 -15.78 64.51 -8.34
CA ALA N 57 -16.69 64.24 -7.22
C ALA N 57 -15.91 64.17 -5.91
N PRO N 58 -14.89 63.29 -5.81
CA PRO N 58 -14.09 63.15 -4.60
C PRO N 58 -12.85 64.04 -4.66
N SER N 59 -11.91 63.79 -3.77
CA SER N 59 -10.67 64.57 -3.73
C SER N 59 -9.55 63.76 -3.11
N TRP N 60 -8.37 63.82 -3.73
CA TRP N 60 -7.21 63.09 -3.24
C TRP N 60 -6.35 63.99 -2.36
N PHE N 61 -6.34 63.70 -1.06
CA PHE N 61 -5.56 64.49 -0.12
C PHE N 61 -4.27 63.78 0.28
N ASP N 62 -3.15 64.46 0.13
CA ASP N 62 -1.86 63.88 0.50
C ASP N 62 -1.70 63.90 2.01
N THR N 63 -1.89 62.74 2.63
CA THR N 63 -1.80 62.63 4.08
C THR N 63 -0.38 62.86 4.58
N GLY N 64 -0.27 63.46 5.76
CA GLY N 64 1.02 63.74 6.37
C GLY N 64 0.89 64.24 7.79
N LEU N 65 1.90 63.96 8.61
CA LEU N 65 1.90 64.39 10.01
C LEU N 65 3.29 64.83 10.44
N SER N 66 3.47 64.98 11.76
CA SER N 66 4.75 65.39 12.34
C SER N 66 4.63 65.53 13.85
N GLU N 67 5.62 65.03 14.59
CA GLU N 67 5.60 65.12 16.04
C GLU N 67 6.92 64.67 16.67
N MET N 68 7.05 64.97 17.96
CA MET N 68 8.24 64.61 18.73
C MET N 68 7.95 64.76 20.22
N ARG N 69 8.32 63.75 21.01
CA ARG N 69 8.08 63.79 22.45
C ARG N 69 8.74 62.62 23.17
N LEU N 70 8.97 62.80 24.47
CA LEU N 70 9.61 61.78 25.32
C LEU N 70 10.65 60.99 24.55
N GLU N 71 10.26 59.80 24.08
CA GLU N 71 11.16 58.95 23.30
C GLU N 71 10.34 57.95 22.51
N LYS N 72 9.15 58.36 22.10
CA LYS N 72 8.25 57.52 21.34
C LYS N 72 7.47 58.37 20.33
N ASP N 73 7.42 57.94 19.08
CA ASP N 73 6.70 58.70 18.04
C ASP N 73 6.19 57.80 16.91
N ARG N 74 4.92 57.97 16.57
CA ARG N 74 4.30 57.22 15.48
C ARG N 74 4.31 58.09 14.22
N PHE N 75 4.37 57.46 13.05
CA PHE N 75 4.38 58.23 11.81
C PHE N 75 3.93 57.39 10.63
N SER N 76 3.47 58.05 9.57
CA SER N 76 3.02 57.35 8.37
C SER N 76 3.02 58.28 7.16
N VAL N 77 3.85 57.95 6.17
CA VAL N 77 3.93 58.73 4.95
C VAL N 77 3.04 58.09 3.88
N ASN N 78 2.54 58.88 2.95
CA ASN N 78 1.67 58.36 1.89
C ASN N 78 2.23 58.64 0.50
N LEU N 79 2.47 57.57 -0.25
CA LEU N 79 2.97 57.70 -1.61
C LEU N 79 1.81 58.05 -2.53
N ASP N 80 2.09 58.31 -3.80
CA ASP N 80 1.03 58.70 -4.72
C ASP N 80 0.87 57.76 -5.92
N VAL N 81 -0.30 57.14 -5.99
CA VAL N 81 -0.67 56.25 -7.08
C VAL N 81 -2.19 56.35 -7.26
N LYS N 82 -2.63 57.48 -7.82
CA LYS N 82 -4.04 57.76 -8.02
C LYS N 82 -4.84 56.54 -8.50
N HIS N 83 -4.34 55.86 -9.52
CA HIS N 83 -5.02 54.68 -10.04
C HIS N 83 -4.40 53.41 -9.52
N PHE N 84 -5.26 52.47 -9.12
CA PHE N 84 -4.81 51.20 -8.56
C PHE N 84 -3.97 50.38 -9.53
N SER N 85 -2.93 49.77 -8.98
CA SER N 85 -2.04 48.91 -9.73
C SER N 85 -1.46 47.84 -8.79
N PRO N 86 -2.35 47.06 -8.11
CA PRO N 86 -1.94 46.02 -7.16
C PRO N 86 -0.78 45.16 -7.67
N GLU N 87 -0.97 44.56 -8.83
CA GLU N 87 0.04 43.68 -9.41
C GLU N 87 1.15 44.50 -10.09
N GLU N 88 0.75 45.58 -10.74
CA GLU N 88 1.71 46.42 -11.47
C GLU N 88 2.25 47.54 -10.58
N LEU N 89 2.73 47.17 -9.40
CA LEU N 89 3.29 48.15 -8.46
C LEU N 89 4.38 47.51 -7.61
N LYS N 90 5.50 48.22 -7.50
CA LYS N 90 6.63 47.73 -6.72
C LYS N 90 7.17 48.83 -5.80
N VAL N 91 7.02 48.63 -4.50
CA VAL N 91 7.51 49.58 -3.52
C VAL N 91 8.90 49.18 -3.07
N LYS N 92 9.82 50.15 -2.99
CA LYS N 92 11.18 49.86 -2.59
C LYS N 92 11.65 50.78 -1.47
N VAL N 93 12.14 50.18 -0.40
CA VAL N 93 12.65 50.93 0.73
C VAL N 93 14.17 50.82 0.77
N LEU N 94 14.81 51.49 -0.18
CA LEU N 94 16.26 51.47 -0.28
C LEU N 94 16.88 52.44 0.72
N GLY N 95 17.08 51.96 1.94
CA GLY N 95 17.66 52.78 2.98
C GLY N 95 16.73 53.88 3.40
N ASP N 96 17.25 55.10 3.51
CA ASP N 96 16.46 56.24 3.93
C ASP N 96 15.73 56.85 2.73
N VAL N 97 15.52 56.05 1.70
CA VAL N 97 14.84 56.50 0.49
C VAL N 97 13.65 55.62 0.14
N ILE N 98 12.46 56.21 0.16
CA ILE N 98 11.23 55.50 -0.16
C ILE N 98 10.76 55.86 -1.57
N GLU N 99 10.65 54.86 -2.44
CA GLU N 99 10.22 55.08 -3.81
C GLU N 99 9.11 54.12 -4.21
N VAL N 100 8.16 54.63 -4.98
CA VAL N 100 7.04 53.84 -5.46
C VAL N 100 7.05 53.77 -6.98
N HIS N 101 6.80 52.59 -7.54
CA HIS N 101 6.79 52.42 -8.98
C HIS N 101 5.55 51.65 -9.42
N GLY N 102 4.52 52.39 -9.83
CA GLY N 102 3.28 51.76 -10.27
C GLY N 102 2.86 52.23 -11.64
N LYS N 103 2.58 51.27 -12.51
CA LYS N 103 2.15 51.57 -13.88
C LYS N 103 0.89 50.79 -14.24
N HIS N 104 -0.15 51.52 -14.63
CA HIS N 104 -1.41 50.89 -14.99
C HIS N 104 -1.98 51.47 -16.28
N GLU N 105 -2.48 50.60 -17.15
CA GLU N 105 -3.07 51.03 -18.41
C GLU N 105 -4.56 51.31 -18.22
N GLU N 106 -4.91 52.59 -18.11
CA GLU N 106 -6.30 52.98 -17.90
C GLU N 106 -6.91 53.57 -19.17
N ARG N 107 -6.07 54.12 -20.04
CA ARG N 107 -6.55 54.69 -21.30
C ARG N 107 -6.32 53.72 -22.44
N GLN N 108 -7.36 53.51 -23.25
CA GLN N 108 -7.26 52.58 -24.37
C GLN N 108 -7.72 53.23 -25.68
N ASP N 109 -7.04 52.87 -26.76
CA ASP N 109 -7.37 53.39 -28.09
C ASP N 109 -7.63 52.24 -29.05
N GLU N 110 -7.68 52.54 -30.35
CA GLU N 110 -7.93 51.51 -31.36
C GLU N 110 -6.90 50.38 -31.26
N HIS N 111 -5.70 50.63 -31.76
CA HIS N 111 -4.63 49.64 -31.72
C HIS N 111 -3.48 50.15 -30.85
N GLY N 112 -3.78 51.13 -30.01
CA GLY N 112 -2.79 51.70 -29.13
C GLY N 112 -3.27 51.76 -27.70
N PHE N 113 -2.48 51.22 -26.77
CA PHE N 113 -2.85 51.20 -25.37
C PHE N 113 -1.98 52.17 -24.57
N ILE N 114 -2.64 53.06 -23.84
CA ILE N 114 -1.93 54.03 -23.02
C ILE N 114 -1.70 53.47 -21.62
N SER N 115 -0.55 53.77 -21.04
CA SER N 115 -0.22 53.29 -19.71
C SER N 115 0.41 54.38 -18.86
N ARG N 116 -0.33 54.87 -17.87
CA ARG N 116 0.17 55.91 -16.98
C ARG N 116 1.04 55.29 -15.89
N GLU N 117 1.95 56.08 -15.35
CA GLU N 117 2.84 55.58 -14.31
C GLU N 117 3.15 56.65 -13.27
N PHE N 118 3.03 56.28 -11.99
CA PHE N 118 3.31 57.20 -10.90
C PHE N 118 4.59 56.75 -10.18
N HIS N 119 5.54 57.67 -10.07
CA HIS N 119 6.81 57.34 -9.41
C HIS N 119 7.22 58.44 -8.43
N ARG N 120 7.23 58.08 -7.15
CA ARG N 120 7.63 59.03 -6.11
C ARG N 120 9.04 58.77 -5.63
N LYS N 121 9.74 59.82 -5.26
CA LYS N 121 11.11 59.72 -4.76
C LYS N 121 11.23 60.46 -3.44
N TYR N 122 11.26 59.71 -2.35
CA TYR N 122 11.37 60.31 -1.02
C TYR N 122 12.74 60.09 -0.40
N ARG N 123 13.36 61.19 0.01
CA ARG N 123 14.65 61.15 0.67
C ARG N 123 14.49 61.70 2.09
N ILE N 124 13.71 60.99 2.90
CA ILE N 124 13.42 61.43 4.26
C ILE N 124 14.00 60.49 5.31
N PRO N 125 15.30 60.59 5.61
CA PRO N 125 15.93 59.76 6.64
C PRO N 125 15.40 60.13 8.03
N ALA N 126 14.72 61.27 8.10
CA ALA N 126 14.17 61.77 9.34
C ALA N 126 12.79 61.19 9.60
N ASP N 127 12.19 60.60 8.56
CA ASP N 127 10.87 60.01 8.68
C ASP N 127 10.90 58.55 8.27
N VAL N 128 12.07 58.08 7.81
CA VAL N 128 12.20 56.71 7.36
C VAL N 128 13.39 55.99 7.99
N ASP N 129 13.18 54.71 8.23
CA ASP N 129 14.17 53.80 8.78
C ASP N 129 13.82 52.39 8.28
N PRO N 130 14.43 51.95 7.17
CA PRO N 130 14.15 50.64 6.56
C PRO N 130 14.08 49.50 7.57
N LEU N 131 14.70 49.68 8.73
CA LEU N 131 14.71 48.65 9.76
C LEU N 131 13.45 48.71 10.61
N THR N 132 12.40 49.34 10.10
CA THR N 132 11.15 49.45 10.85
C THR N 132 10.00 49.96 9.99
N ILE N 133 10.32 50.61 8.87
CA ILE N 133 9.28 51.15 7.99
C ILE N 133 8.69 50.08 7.08
N THR N 134 7.38 50.02 7.03
CA THR N 134 6.67 49.06 6.19
C THR N 134 5.83 49.79 5.14
N SER N 135 4.92 49.07 4.50
CA SER N 135 4.07 49.68 3.48
C SER N 135 2.66 49.11 3.51
N SER N 136 1.70 49.96 3.16
CA SER N 136 0.30 49.58 3.12
C SER N 136 -0.38 50.27 1.93
N LEU N 137 -0.77 49.49 0.93
CA LEU N 137 -1.39 50.03 -0.26
C LEU N 137 -2.91 50.09 -0.14
N SER N 138 -3.50 51.16 -0.70
CA SER N 138 -4.96 51.34 -0.65
C SER N 138 -5.56 51.06 -2.02
N SER N 139 -6.85 50.72 -2.03
CA SER N 139 -7.56 50.40 -3.27
C SER N 139 -7.23 51.37 -4.40
N ASP N 140 -7.30 52.65 -4.11
CA ASP N 140 -7.01 53.66 -5.12
C ASP N 140 -5.52 53.89 -5.25
N GLY N 141 -4.74 52.82 -5.09
CA GLY N 141 -3.30 52.92 -5.21
C GLY N 141 -2.66 53.79 -4.15
N VAL N 142 -3.46 54.24 -3.19
CA VAL N 142 -2.95 55.09 -2.12
C VAL N 142 -1.98 54.32 -1.22
N LEU N 143 -0.70 54.41 -1.54
CA LEU N 143 0.33 53.74 -0.76
C LEU N 143 0.60 54.49 0.53
N THR N 144 0.85 53.76 1.61
CA THR N 144 1.12 54.38 2.90
C THR N 144 2.22 53.65 3.66
N VAL N 145 3.40 54.26 3.68
CA VAL N 145 4.53 53.67 4.39
C VAL N 145 4.51 54.11 5.86
N ASN N 146 4.01 53.23 6.73
CA ASN N 146 3.91 53.53 8.15
C ASN N 146 5.14 53.05 8.91
N GLY N 147 5.40 53.70 10.04
CA GLY N 147 6.54 53.34 10.87
C GLY N 147 7.11 54.54 11.62
N PRO N 148 8.08 54.31 12.53
CA PRO N 148 8.70 55.39 13.31
C PRO N 148 9.49 56.37 12.45
N ARG N 149 10.42 57.10 13.08
CA ARG N 149 11.23 58.08 12.38
C ARG N 149 12.50 58.41 13.17
N LYS N 150 13.40 59.19 12.58
CA LYS N 150 14.64 59.57 13.26
C LYS N 150 15.08 61.00 12.91
N GLN N 151 16.07 61.14 12.02
CA GLN N 151 16.57 62.47 11.64
C GLN N 151 17.53 62.43 10.44
N VAL N 152 18.16 63.57 10.16
CA VAL N 152 19.13 63.71 9.05
C VAL N 152 18.46 63.59 7.68
N SER N 153 19.08 64.24 6.68
CA SER N 153 18.58 64.22 5.31
C SER N 153 19.59 64.85 4.35
N GLY N 154 20.15 64.04 3.44
CA GLY N 154 21.11 64.56 2.48
C GLY N 154 21.85 63.47 1.70
N PRO N 155 22.10 63.68 0.39
CA PRO N 155 22.79 62.71 -0.47
C PRO N 155 24.31 62.96 -0.61
N GLU N 156 24.68 64.23 -0.83
CA GLU N 156 26.09 64.63 -1.00
C GLU N 156 27.06 63.77 -0.19
N ARG N 157 28.25 63.55 -0.75
CA ARG N 157 29.27 62.72 -0.10
C ARG N 157 30.44 63.57 0.41
N THR N 158 31.34 63.93 -0.50
CA THR N 158 32.52 64.73 -0.18
C THR N 158 33.55 63.92 0.60
N ILE N 159 34.41 63.20 -0.13
CA ILE N 159 35.44 62.38 0.50
C ILE N 159 36.76 62.46 -0.27
N PRO N 160 37.58 63.50 0.00
CA PRO N 160 38.87 63.68 -0.67
C PRO N 160 39.92 62.69 -0.16
N ILE N 161 40.75 62.21 -1.06
CA ILE N 161 41.79 61.24 -0.69
C ILE N 161 43.16 61.66 -1.22
N THR N 162 44.21 61.27 -0.49
CA THR N 162 45.60 61.57 -0.87
C THR N 162 45.91 63.07 -0.76
N ARG N 163 46.21 63.70 -1.90
CA ARG N 163 46.56 65.12 -1.96
C ARG N 163 48.00 65.35 -1.53
N GLU N 164 48.50 64.45 -0.68
CA GLU N 164 49.87 64.52 -0.18
C GLU N 164 50.08 65.73 0.72
N GLU N 165 50.65 66.80 0.18
CA GLU N 165 50.90 68.04 0.94
C GLU N 165 52.03 67.85 1.95
N LYS N 166 52.51 66.62 2.12
CA LYS N 166 53.60 66.35 3.06
C LYS N 166 54.94 66.26 2.33
N PRO N 167 55.15 65.24 1.45
CA PRO N 167 56.39 65.11 0.68
C PRO N 167 56.24 65.71 -0.71
N ALA N 168 57.37 65.94 -1.38
CA ALA N 168 57.36 66.51 -2.72
C ALA N 168 56.46 67.74 -2.78
N VAL N 169 57.02 68.90 -2.47
CA VAL N 169 56.26 70.15 -2.47
C VAL N 169 56.85 71.15 -3.47
N THR N 170 56.15 72.27 -3.66
CA THR N 170 56.59 73.32 -4.58
C THR N 170 56.75 74.64 -3.84
N ALA N 171 57.40 75.60 -4.48
CA ALA N 171 57.62 76.91 -3.88
C ALA N 171 58.09 77.93 -4.91
N ALA N 172 58.70 79.00 -4.43
CA ALA N 172 59.19 80.05 -5.31
C ALA N 172 60.17 80.97 -4.56
N PRO N 173 61.00 81.75 -5.27
CA PRO N 173 61.97 82.65 -4.64
C PRO N 173 61.28 83.68 -3.75
N LYS N 174 62.08 84.45 -3.02
CA LYS N 174 61.54 85.47 -2.12
C LYS N 174 62.67 86.34 -1.56
N LYS N 175 62.30 87.40 -0.84
CA LYS N 175 63.27 88.30 -0.25
C LYS N 175 62.62 89.24 0.77
N MET O 1 13.30 13.88 17.57
CA MET O 1 12.11 14.64 18.07
C MET O 1 11.01 13.69 18.48
N ASP O 2 11.29 12.88 19.51
CA ASP O 2 10.33 11.92 20.02
C ASP O 2 9.02 12.63 20.35
N ILE O 3 8.01 12.45 19.48
CA ILE O 3 6.71 13.08 19.69
C ILE O 3 6.07 12.60 20.99
N ALA O 4 6.50 11.44 21.48
CA ALA O 4 5.95 10.88 22.71
C ALA O 4 6.75 11.31 23.94
N ILE O 5 7.69 12.23 23.75
CA ILE O 5 8.51 12.72 24.84
C ILE O 5 8.72 14.23 24.76
N HIS O 6 9.28 14.69 23.66
CA HIS O 6 9.53 16.11 23.45
C HIS O 6 8.24 16.92 23.42
N HIS O 7 7.16 16.36 22.90
CA HIS O 7 5.90 17.07 22.84
C HIS O 7 5.36 17.39 24.24
N PRO O 8 5.21 16.39 25.12
CA PRO O 8 4.70 16.63 26.48
C PRO O 8 5.73 17.31 27.38
N TRP O 9 7.01 17.18 27.05
CA TRP O 9 8.07 17.79 27.84
C TRP O 9 8.26 19.25 27.46
N ILE O 10 8.18 19.55 26.17
CA ILE O 10 8.33 20.93 25.69
C ILE O 10 7.11 21.74 26.08
N ARG O 11 6.06 21.05 26.48
CA ARG O 11 4.84 21.70 26.93
C ARG O 11 4.79 21.71 28.45
N ARG O 12 5.80 21.09 29.08
CA ARG O 12 5.86 21.03 30.53
C ARG O 12 6.21 22.39 31.14
N PRO O 13 7.45 22.91 30.99
CA PRO O 13 7.80 24.21 31.56
C PRO O 13 7.13 25.36 30.83
N PHE O 14 5.94 25.11 30.31
CA PHE O 14 5.18 26.11 29.57
C PHE O 14 3.83 26.38 30.25
N PHE O 15 3.43 25.52 31.21
CA PHE O 15 2.12 25.67 31.86
C PHE O 15 1.93 27.08 32.41
N PRO O 16 2.82 27.54 33.31
CA PRO O 16 2.73 28.88 33.88
C PRO O 16 2.69 30.02 32.82
N PHE O 17 2.67 29.64 31.54
CA PHE O 17 2.60 30.61 30.43
C PHE O 17 1.41 30.28 29.54
N HIS O 18 0.89 29.06 29.70
CA HIS O 18 -0.24 28.58 28.90
C HIS O 18 -1.41 29.55 28.93
N SER O 19 -2.48 29.19 28.23
CA SER O 19 -3.66 30.04 28.16
C SER O 19 -3.34 31.45 27.67
N PRO O 20 -2.46 31.60 26.65
CA PRO O 20 -2.10 32.90 26.11
C PRO O 20 -2.90 33.18 24.84
N SER O 21 -4.13 32.65 24.81
CA SER O 21 -5.01 32.80 23.66
C SER O 21 -4.45 32.02 22.47
N ARG O 22 -5.20 30.98 22.06
CA ARG O 22 -4.76 30.14 20.95
C ARG O 22 -4.42 30.98 19.72
N LEU O 23 -5.00 32.17 19.66
CA LEU O 23 -4.76 33.09 18.55
C LEU O 23 -4.08 34.36 19.06
N PHE O 24 -2.99 34.16 19.80
CA PHE O 24 -2.24 35.27 20.38
C PHE O 24 -1.59 36.15 19.31
N ASP O 25 -1.11 35.52 18.25
CA ASP O 25 -0.45 36.26 17.16
C ASP O 25 -1.40 37.19 16.43
N GLN O 26 -2.70 36.92 16.48
CA GLN O 26 -3.68 37.75 15.80
C GLN O 26 -4.40 38.67 16.77
N PHE O 27 -4.69 38.17 17.97
CA PHE O 27 -5.39 38.97 18.98
C PHE O 27 -4.62 40.24 19.28
N PHE O 28 -3.39 40.08 19.77
CA PHE O 28 -2.54 41.23 20.09
C PHE O 28 -2.16 41.96 18.82
N GLY O 29 -2.03 41.21 17.72
CA GLY O 29 -1.68 41.81 16.45
C GLY O 29 -2.67 42.87 16.01
N GLU O 30 -3.91 42.71 16.43
CA GLU O 30 -4.96 43.67 16.09
C GLU O 30 -4.85 44.92 16.96
N HIS O 31 -4.59 44.70 18.24
CA HIS O 31 -4.45 45.81 19.19
C HIS O 31 -3.23 46.65 18.87
N LEU O 32 -2.20 46.01 18.33
CA LEU O 32 -0.97 46.72 17.99
C LEU O 32 -1.15 47.45 16.65
N LEU O 33 -2.08 46.95 15.86
CA LEU O 33 -2.38 47.53 14.56
C LEU O 33 -3.30 48.74 14.73
N GLU O 34 -4.01 48.77 15.86
CA GLU O 34 -4.92 49.87 16.16
C GLU O 34 -4.15 51.07 16.70
N SER O 35 -3.11 50.79 17.47
CA SER O 35 -2.28 51.84 18.05
C SER O 35 -1.21 52.30 17.07
N ASP O 36 -1.15 51.63 15.92
CA ASP O 36 -0.17 51.98 14.88
C ASP O 36 -0.79 52.92 13.86
N LEU O 37 -2.10 53.14 13.98
CA LEU O 37 -2.82 54.03 13.07
C LEU O 37 -2.76 55.47 13.57
N PHE O 38 -3.47 55.73 14.66
CA PHE O 38 -3.51 57.06 15.25
C PHE O 38 -2.83 57.04 16.62
N PRO O 39 -2.02 58.08 16.95
CA PRO O 39 -1.33 58.15 18.25
C PRO O 39 -2.32 58.09 19.41
N THR O 40 -2.73 56.87 19.76
CA THR O 40 -3.67 56.65 20.84
C THR O 40 -3.13 57.19 22.16
N SER O 41 -4.04 57.75 22.96
CA SER O 41 -3.71 58.34 24.27
C SER O 41 -2.72 57.49 25.07
N THR O 42 -1.45 57.66 24.78
CA THR O 42 -0.38 56.94 25.47
C THR O 42 0.87 57.81 25.48
N SER O 43 1.97 57.28 26.00
CA SER O 43 3.22 58.01 26.00
C SER O 43 3.86 57.85 24.63
N LEU O 44 2.99 57.82 23.62
CA LEU O 44 3.39 57.64 22.23
C LEU O 44 4.14 56.32 22.09
N SER O 45 4.55 55.98 20.88
CA SER O 45 5.26 54.74 20.66
C SER O 45 5.75 54.60 19.23
N PRO O 46 7.07 54.45 19.01
CA PRO O 46 7.60 54.24 17.67
C PRO O 46 7.06 52.92 17.15
N PHE O 47 6.94 51.98 18.08
CA PHE O 47 6.43 50.65 17.80
C PHE O 47 6.34 49.83 19.09
N TYR O 48 6.05 50.51 20.21
CA TYR O 48 5.92 49.85 21.50
C TYR O 48 4.67 48.97 21.48
N LEU O 49 4.84 47.69 21.80
CA LEU O 49 3.73 46.76 21.80
C LEU O 49 3.51 46.15 23.18
N ARG O 50 2.30 46.32 23.72
CA ARG O 50 1.96 45.77 25.04
C ARG O 50 1.95 44.25 25.01
N PRO O 51 2.98 43.60 25.58
CA PRO O 51 3.08 42.15 25.61
C PRO O 51 2.61 41.56 26.94
N PRO O 52 2.27 40.26 26.97
CA PRO O 52 1.83 39.60 28.19
C PRO O 52 3.00 39.35 29.14
N SER O 53 3.01 40.06 30.26
CA SER O 53 4.09 39.93 31.24
C SER O 53 3.55 39.57 32.62
N PHE O 54 4.43 39.05 33.46
CA PHE O 54 4.07 38.67 34.82
C PHE O 54 4.22 39.85 35.77
N LEU O 55 4.84 40.92 35.28
CA LEU O 55 5.03 42.12 36.08
C LEU O 55 3.67 42.68 36.49
N ARG O 56 3.45 42.83 37.79
CA ARG O 56 2.18 43.34 38.30
C ARG O 56 2.20 44.84 38.52
N ALA O 57 3.29 45.35 39.08
CA ALA O 57 3.39 46.78 39.36
C ALA O 57 3.57 47.63 38.11
N PRO O 58 4.61 47.38 37.29
CA PRO O 58 4.88 48.16 36.08
C PRO O 58 4.30 47.53 34.81
N SER O 59 4.11 48.39 33.81
CA SER O 59 3.60 47.95 32.51
C SER O 59 4.73 47.93 31.49
N TRP O 60 5.07 46.74 31.00
CA TRP O 60 6.16 46.58 30.05
C TRP O 60 5.69 46.73 28.61
N PHE O 61 6.58 47.27 27.78
CA PHE O 61 6.31 47.46 26.36
C PHE O 61 7.50 47.00 25.52
N ASP O 62 7.25 46.38 24.37
CA ASP O 62 8.32 45.92 23.51
C ASP O 62 8.94 47.10 22.77
N THR O 63 10.22 47.37 23.04
CA THR O 63 10.89 48.50 22.42
C THR O 63 12.17 48.13 21.68
N GLY O 64 12.83 49.15 21.16
CA GLY O 64 14.08 48.98 20.44
C GLY O 64 15.23 49.66 21.16
N LEU O 65 15.48 50.92 20.80
CA LEU O 65 16.54 51.72 21.42
C LEU O 65 17.93 51.10 21.26
N SER O 66 18.20 50.04 22.04
CA SER O 66 19.50 49.36 22.00
C SER O 66 19.83 48.79 20.62
N GLU O 67 18.98 49.04 19.63
CA GLU O 67 19.22 48.54 18.29
C GLU O 67 19.34 49.69 17.29
N MET O 68 19.73 50.86 17.79
CA MET O 68 19.88 52.05 16.95
C MET O 68 21.18 52.79 17.27
N ARG O 69 21.29 53.26 18.51
CA ARG O 69 22.48 54.00 18.94
C ARG O 69 22.93 53.49 20.31
N LEU O 70 24.13 53.91 20.75
CA LEU O 70 24.64 53.49 22.05
C LEU O 70 25.64 54.48 22.64
N GLU O 71 26.92 54.34 22.32
CA GLU O 71 27.96 55.22 22.87
C GLU O 71 28.74 55.96 21.79
N LYS O 72 28.30 57.19 21.48
CA LYS O 72 28.96 58.00 20.47
C LYS O 72 29.10 59.47 20.91
N ASP O 73 29.95 60.22 20.21
CA ASP O 73 30.18 61.64 20.49
C ASP O 73 30.58 62.37 19.22
N ARG O 74 31.17 63.57 19.34
CA ARG O 74 31.62 64.34 18.16
C ARG O 74 32.29 63.39 17.19
N PHE O 75 33.34 62.76 17.68
CA PHE O 75 34.06 61.71 16.96
C PHE O 75 34.64 62.10 15.60
N SER O 76 35.31 61.08 15.04
CA SER O 76 35.96 61.13 13.75
C SER O 76 36.53 59.73 13.46
N VAL O 77 35.62 58.78 13.21
CA VAL O 77 35.97 57.38 12.96
C VAL O 77 37.17 57.22 12.03
N ASN O 78 37.87 56.09 12.19
CA ASN O 78 39.03 55.78 11.36
C ASN O 78 38.92 54.39 10.75
N LEU O 79 39.13 54.31 9.44
CA LEU O 79 39.09 53.03 8.74
C LEU O 79 40.42 52.31 8.92
N ASP O 80 40.49 51.04 8.52
CA ASP O 80 41.71 50.28 8.71
C ASP O 80 42.33 49.81 7.39
N VAL O 81 43.56 50.24 7.17
CA VAL O 81 44.34 49.86 6.00
C VAL O 81 45.81 49.79 6.43
N LYS O 82 46.16 48.68 7.09
CA LYS O 82 47.50 48.45 7.61
C LYS O 82 48.59 48.92 6.66
N HIS O 83 48.51 48.51 5.40
CA HIS O 83 49.51 48.90 4.41
C HIS O 83 48.93 49.92 3.43
N PHE O 84 49.72 50.95 3.16
CA PHE O 84 49.32 52.03 2.26
C PHE O 84 48.90 51.54 0.88
N SER O 85 47.83 52.14 0.37
CA SER O 85 47.30 51.84 -0.94
C SER O 85 46.58 53.07 -1.51
N PRO O 86 47.28 54.24 -1.53
CA PRO O 86 46.70 55.49 -2.00
C PRO O 86 45.92 55.37 -3.31
N GLU O 87 46.58 54.90 -4.34
CA GLU O 87 45.96 54.75 -5.65
C GLU O 87 45.12 53.47 -5.74
N GLU O 88 45.39 52.52 -4.84
CA GLU O 88 44.67 51.25 -4.86
C GLU O 88 43.61 51.14 -3.77
N LEU O 89 43.04 52.27 -3.37
CA LEU O 89 41.99 52.25 -2.34
C LEU O 89 40.82 53.13 -2.76
N LYS O 90 39.61 52.70 -2.39
CA LYS O 90 38.40 53.44 -2.72
C LYS O 90 37.48 53.53 -1.51
N VAL O 91 37.30 54.73 -1.00
CA VAL O 91 36.42 54.94 0.14
C VAL O 91 35.03 55.31 -0.34
N LYS O 92 34.01 54.59 0.14
CA LYS O 92 32.64 54.85 -0.27
C LYS O 92 31.75 55.16 0.92
N VAL O 93 31.03 56.28 0.82
CA VAL O 93 30.10 56.69 1.86
C VAL O 93 28.68 56.53 1.36
N LEU O 94 28.20 55.29 1.38
CA LEU O 94 26.85 54.98 0.92
C LEU O 94 25.85 55.12 2.07
N GLY O 95 25.36 56.33 2.27
CA GLY O 95 24.41 56.58 3.34
C GLY O 95 25.05 56.55 4.70
N ASP O 96 24.46 55.82 5.62
CA ASP O 96 25.00 55.69 6.97
C ASP O 96 25.97 54.52 7.05
N VAL O 97 26.49 54.11 5.90
CA VAL O 97 27.42 53.00 5.83
C VAL O 97 28.76 53.41 5.22
N ILE O 98 29.80 53.44 6.05
CA ILE O 98 31.14 53.80 5.59
C ILE O 98 31.95 52.55 5.32
N GLU O 99 32.50 52.45 4.10
CA GLU O 99 33.30 51.30 3.71
C GLU O 99 34.60 51.72 3.05
N VAL O 100 35.61 50.86 3.18
CA VAL O 100 36.91 51.11 2.57
C VAL O 100 37.38 49.89 1.80
N HIS O 101 37.87 50.10 0.59
CA HIS O 101 38.34 48.99 -0.24
C HIS O 101 39.75 49.27 -0.74
N GLY O 102 40.75 48.76 -0.02
CA GLY O 102 42.12 48.97 -0.41
C GLY O 102 42.88 47.67 -0.59
N LYS O 103 43.50 47.51 -1.75
CA LYS O 103 44.26 46.30 -2.07
C LYS O 103 45.66 46.66 -2.54
N HIS O 104 46.67 46.13 -1.86
CA HIS O 104 48.05 46.39 -2.23
C HIS O 104 48.88 45.12 -2.23
N GLU O 105 49.72 44.98 -3.25
CA GLU O 105 50.60 43.82 -3.36
C GLU O 105 51.91 44.08 -2.64
N GLU O 106 52.05 43.52 -1.45
CA GLU O 106 53.25 43.71 -0.64
C GLU O 106 54.14 42.47 -0.64
N ARG O 107 53.52 41.30 -0.83
CA ARG O 107 54.26 40.05 -0.87
C ARG O 107 54.51 39.62 -2.31
N GLN O 108 55.75 39.25 -2.61
CA GLN O 108 56.11 38.83 -3.96
C GLN O 108 56.86 37.50 -3.95
N ASP O 109 56.63 36.69 -4.99
CA ASP O 109 57.29 35.41 -5.13
C ASP O 109 57.99 35.32 -6.49
N GLU O 110 58.35 34.11 -6.90
CA GLU O 110 59.03 33.90 -8.18
C GLU O 110 58.17 34.44 -9.33
N HIS O 111 57.10 33.73 -9.66
CA HIS O 111 56.21 34.14 -10.74
C HIS O 111 54.80 34.34 -10.19
N GLY O 112 54.70 34.46 -8.87
CA GLY O 112 53.41 34.67 -8.24
C GLY O 112 53.43 35.89 -7.34
N PHE O 113 52.51 36.82 -7.59
CA PHE O 113 52.43 38.03 -6.80
C PHE O 113 51.25 37.98 -5.83
N ILE O 114 51.55 38.21 -4.55
CA ILE O 114 50.51 38.20 -3.52
C ILE O 114 49.96 39.60 -3.33
N SER O 115 48.64 39.69 -3.12
CA SER O 115 48.00 40.97 -2.92
C SER O 115 47.04 40.92 -1.74
N ARG O 116 47.35 41.72 -0.72
CA ARG O 116 46.50 41.78 0.47
C ARG O 116 45.44 42.85 0.30
N GLU O 117 44.30 42.66 0.95
CA GLU O 117 43.21 43.62 0.84
C GLU O 117 42.50 43.82 2.18
N PHE O 118 42.21 45.06 2.50
CA PHE O 118 41.50 45.40 3.74
C PHE O 118 40.16 46.03 3.42
N HIS O 119 39.09 45.39 3.87
CA HIS O 119 37.74 45.89 3.61
C HIS O 119 36.94 46.05 4.91
N ARG O 120 36.58 47.29 5.22
CA ARG O 120 35.82 47.57 6.43
C ARG O 120 34.37 47.92 6.08
N LYS O 121 33.44 47.42 6.90
CA LYS O 121 32.03 47.68 6.71
C LYS O 121 31.45 48.30 7.97
N TYR O 122 31.29 49.62 7.95
CA TYR O 122 30.77 50.34 9.11
C TYR O 122 29.33 50.80 8.90
N ARG O 123 28.43 50.26 9.70
CA ARG O 123 27.03 50.66 9.63
C ARG O 123 26.70 51.50 10.85
N ILE O 124 27.37 52.65 10.95
CA ILE O 124 27.19 53.55 12.08
C ILE O 124 26.36 54.78 11.70
N PRO O 125 25.03 54.71 11.87
CA PRO O 125 24.15 55.83 11.55
C PRO O 125 24.38 57.02 12.49
N ALA O 126 24.48 56.73 13.77
CA ALA O 126 24.68 57.77 14.78
C ALA O 126 26.11 58.30 14.76
N ASP O 127 26.87 57.94 13.74
CA ASP O 127 28.25 58.38 13.61
C ASP O 127 28.52 58.92 12.21
N VAL O 128 27.62 58.64 11.27
CA VAL O 128 27.81 59.07 9.90
C VAL O 128 26.60 59.81 9.32
N ASP O 129 26.92 60.79 8.48
CA ASP O 129 25.95 61.59 7.77
C ASP O 129 26.56 61.95 6.41
N PRO O 130 26.21 61.19 5.35
CA PRO O 130 26.74 61.37 4.00
C PRO O 130 27.19 62.77 3.66
N LEU O 131 26.35 63.76 3.99
CA LEU O 131 26.64 65.16 3.68
C LEU O 131 27.98 65.64 4.24
N THR O 132 28.05 65.74 5.56
CA THR O 132 29.24 66.27 6.23
C THR O 132 30.40 65.28 6.34
N ILE O 133 30.12 64.02 6.68
CA ILE O 133 31.17 63.03 6.84
C ILE O 133 32.08 62.96 5.61
N THR O 134 33.35 63.29 5.82
CA THR O 134 34.35 63.25 4.75
C THR O 134 35.37 62.16 5.03
N SER O 135 36.47 62.17 4.28
CA SER O 135 37.51 61.16 4.46
C SER O 135 38.90 61.77 4.32
N SER O 136 39.83 61.27 5.13
CA SER O 136 41.22 61.74 5.12
C SER O 136 42.16 60.54 5.15
N LEU O 137 43.00 60.42 4.14
CA LEU O 137 43.93 59.30 4.06
C LEU O 137 45.34 59.67 4.53
N SER O 138 46.02 58.71 5.14
CA SER O 138 47.38 58.90 5.61
C SER O 138 48.35 58.21 4.65
N SER O 139 49.65 58.34 4.91
CA SER O 139 50.65 57.73 4.05
C SER O 139 50.88 56.26 4.38
N ASP O 140 50.36 55.82 5.51
CA ASP O 140 50.52 54.43 5.94
C ASP O 140 49.26 53.62 5.63
N GLY O 141 48.21 54.32 5.20
CA GLY O 141 46.96 53.65 4.88
C GLY O 141 45.87 53.98 5.87
N VAL O 142 46.26 54.60 6.98
CA VAL O 142 45.31 54.97 8.02
C VAL O 142 44.26 55.94 7.50
N LEU O 143 43.07 55.42 7.22
CA LEU O 143 41.97 56.24 6.72
C LEU O 143 41.21 56.81 7.91
N THR O 144 40.72 58.03 7.78
CA THR O 144 39.98 58.66 8.87
C THR O 144 38.78 59.46 8.36
N VAL O 145 37.58 58.98 8.68
CA VAL O 145 36.36 59.66 8.28
C VAL O 145 35.91 60.61 9.40
N ASN O 146 36.17 61.90 9.20
CA ASN O 146 35.82 62.90 10.20
C ASN O 146 34.51 63.61 9.86
N GLY O 147 33.87 64.14 10.90
CA GLY O 147 32.62 64.86 10.73
C GLY O 147 31.62 64.58 11.85
N PRO O 148 30.56 65.41 11.97
CA PRO O 148 29.53 65.24 13.01
C PRO O 148 28.75 63.94 12.81
N ARG O 149 27.52 63.90 13.34
CA ARG O 149 26.69 62.71 13.22
C ARG O 149 25.26 62.95 13.72
N LYS O 150 24.66 61.90 14.30
CA LYS O 150 23.31 61.92 14.86
C LYS O 150 22.25 61.54 13.83
N GLN O 151 21.83 60.27 13.89
CA GLN O 151 20.79 59.72 13.02
C GLN O 151 20.77 58.20 13.13
N VAL O 152 19.66 57.59 12.70
CA VAL O 152 19.52 56.14 12.75
C VAL O 152 19.22 55.57 11.37
N SER O 153 19.75 54.38 11.10
CA SER O 153 19.54 53.72 9.82
C SER O 153 19.40 52.21 10.02
N GLY O 154 19.38 51.48 8.91
CA GLY O 154 19.25 50.03 8.97
C GLY O 154 18.40 49.50 7.84
N PRO O 155 19.02 49.01 6.75
CA PRO O 155 18.27 48.49 5.59
C PRO O 155 17.66 47.12 5.84
N GLU O 156 16.33 47.08 5.92
CA GLU O 156 15.59 45.84 6.12
C GLU O 156 14.62 45.64 4.96
N ARG O 157 13.97 44.48 4.91
CA ARG O 157 13.02 44.20 3.84
C ARG O 157 11.68 43.74 4.39
N THR O 158 10.92 44.68 4.95
CA THR O 158 9.60 44.37 5.50
C THR O 158 8.57 45.35 4.96
N ILE O 159 8.07 45.07 3.76
CA ILE O 159 7.08 45.94 3.12
C ILE O 159 5.98 45.13 2.43
N PRO O 160 4.95 44.69 3.19
CA PRO O 160 3.84 43.93 2.62
C PRO O 160 2.95 44.83 1.77
N ILE O 161 2.83 44.51 0.49
CA ILE O 161 2.04 45.33 -0.43
C ILE O 161 0.71 44.65 -0.78
N THR O 162 -0.18 45.45 -1.39
CA THR O 162 -1.50 45.02 -1.82
C THR O 162 -2.51 44.97 -0.67
N ARG O 163 -3.62 44.26 -0.87
CA ARG O 163 -4.69 44.19 0.12
C ARG O 163 -5.18 45.61 0.35
N GLU O 164 -5.35 46.26 -0.79
CA GLU O 164 -5.76 47.64 -0.88
C GLU O 164 -7.27 47.80 -1.12
N GLU O 165 -8.00 47.95 -0.01
CA GLU O 165 -9.48 48.14 0.01
C GLU O 165 -10.28 47.58 -1.19
N LYS O 166 -11.37 46.89 -0.86
CA LYS O 166 -12.33 46.32 -1.83
C LYS O 166 -11.72 45.65 -3.08
N PRO O 167 -11.45 44.33 -3.02
CA PRO O 167 -10.97 43.52 -4.13
C PRO O 167 -12.02 42.51 -4.62
N ALA O 168 -12.02 41.30 -4.01
CA ALA O 168 -12.96 40.21 -4.30
C ALA O 168 -12.53 39.29 -5.45
N VAL O 169 -12.72 37.99 -5.22
CA VAL O 169 -12.47 36.95 -6.22
C VAL O 169 -13.59 35.94 -6.16
N THR O 170 -13.43 34.82 -6.85
CA THR O 170 -14.45 33.78 -6.84
C THR O 170 -13.87 32.46 -7.32
N ALA O 171 -14.64 31.40 -7.16
CA ALA O 171 -14.23 30.07 -7.58
C ALA O 171 -15.44 29.20 -7.85
N ALA O 172 -15.23 27.91 -7.99
CA ALA O 172 -16.30 26.97 -8.26
C ALA O 172 -15.83 25.53 -8.07
N PRO O 173 -16.76 24.59 -7.85
CA PRO O 173 -16.41 23.18 -7.67
C PRO O 173 -15.69 22.60 -8.88
N LYS O 174 -14.76 21.69 -8.63
CA LYS O 174 -14.00 21.05 -9.69
C LYS O 174 -13.44 19.71 -9.22
N LYS O 175 -12.63 19.08 -10.08
CA LYS O 175 -12.02 17.79 -9.75
C LYS O 175 -11.09 17.34 -10.89
N MET P 1 20.08 11.14 -15.91
CA MET P 1 20.09 12.10 -14.77
C MET P 1 19.05 11.71 -13.72
N ASP P 2 19.02 10.43 -13.37
CA ASP P 2 18.09 9.93 -12.37
C ASP P 2 18.44 10.47 -10.99
N ILE P 3 17.97 11.67 -10.68
CA ILE P 3 18.24 12.30 -9.40
C ILE P 3 17.47 11.63 -8.27
N ALA P 4 16.33 11.05 -8.59
CA ALA P 4 15.49 10.39 -7.60
C ALA P 4 15.66 8.87 -7.63
N ILE P 5 16.74 8.41 -8.26
CA ILE P 5 17.00 6.97 -8.35
C ILE P 5 18.49 6.66 -8.17
N HIS P 6 19.32 7.22 -9.05
CA HIS P 6 20.76 6.98 -8.98
C HIS P 6 21.39 7.68 -7.77
N HIS P 7 21.00 8.92 -7.52
CA HIS P 7 21.55 9.67 -6.39
C HIS P 7 21.44 8.91 -5.06
N PRO P 8 20.23 8.42 -4.70
CA PRO P 8 20.05 7.68 -3.44
C PRO P 8 20.57 6.25 -3.52
N TRP P 9 20.95 5.83 -4.74
CA TRP P 9 21.46 4.48 -4.95
C TRP P 9 22.98 4.46 -4.90
N ILE P 10 23.60 5.61 -5.19
CA ILE P 10 25.05 5.71 -5.18
C ILE P 10 25.54 6.07 -3.78
N ARG P 11 24.69 6.72 -3.00
CA ARG P 11 25.03 7.09 -1.64
C ARG P 11 24.78 5.93 -0.68
N ARG P 12 24.18 4.87 -1.22
CA ARG P 12 23.88 3.67 -0.44
C ARG P 12 25.15 2.88 -0.11
N PRO P 13 26.00 2.57 -1.13
CA PRO P 13 27.23 1.81 -0.90
C PRO P 13 28.25 2.60 -0.09
N PHE P 14 27.99 3.90 0.09
CA PHE P 14 28.88 4.77 0.86
C PHE P 14 28.53 4.71 2.34
N PHE P 15 27.36 4.17 2.65
CA PHE P 15 26.90 4.08 4.03
C PHE P 15 27.79 3.18 4.89
N PRO P 16 28.23 2.00 4.38
CA PRO P 16 29.10 1.09 5.15
C PRO P 16 30.32 1.80 5.74
N PHE P 17 30.62 3.00 5.22
CA PHE P 17 31.75 3.78 5.72
C PHE P 17 31.40 5.27 5.72
N HIS P 18 30.13 5.57 5.88
CA HIS P 18 29.65 6.96 5.90
C HIS P 18 29.61 7.47 7.34
N SER P 19 29.09 8.71 7.51
CA SER P 19 28.94 9.37 8.82
C SER P 19 29.91 10.55 9.04
N PRO P 20 31.19 10.44 8.66
CA PRO P 20 32.14 11.55 8.86
C PRO P 20 31.78 12.75 7.99
N SER P 21 32.78 13.60 7.70
CA SER P 21 32.55 14.80 6.90
C SER P 21 32.15 14.44 5.46
N ARG P 22 32.25 15.40 4.54
CA ARG P 22 31.89 15.16 3.15
C ARG P 22 33.03 15.47 2.18
N LEU P 23 34.27 15.41 2.66
CA LEU P 23 35.43 15.66 1.79
C LEU P 23 36.62 14.80 2.18
N PHE P 24 36.31 13.55 2.55
CA PHE P 24 37.26 12.51 2.98
C PHE P 24 38.61 12.57 2.26
N ASP P 25 38.65 13.11 1.05
CA ASP P 25 39.89 13.14 0.28
C ASP P 25 40.62 14.47 0.35
N GLN P 26 41.14 14.84 1.52
CA GLN P 26 41.89 16.09 1.67
C GLN P 26 42.59 16.18 3.03
N PHE P 27 41.97 15.64 4.08
CA PHE P 27 42.60 15.67 5.41
C PHE P 27 43.57 14.51 5.49
N PHE P 28 43.14 13.36 5.00
CA PHE P 28 43.98 12.18 4.97
C PHE P 28 45.11 12.39 3.99
N GLY P 29 44.87 13.31 3.05
CA GLY P 29 45.87 13.62 2.05
C GLY P 29 46.92 14.58 2.55
N GLU P 30 46.48 15.59 3.31
CA GLU P 30 47.41 16.57 3.86
C GLU P 30 48.09 16.02 5.10
N HIS P 31 47.36 15.18 5.85
CA HIS P 31 47.91 14.57 7.05
C HIS P 31 49.07 13.67 6.65
N LEU P 32 48.93 13.03 5.50
CA LEU P 32 49.98 12.16 4.97
C LEU P 32 51.04 13.01 4.32
N LEU P 33 50.65 14.21 3.90
CA LEU P 33 51.57 15.14 3.26
C LEU P 33 52.58 15.68 4.27
N GLU P 34 52.08 16.03 5.45
CA GLU P 34 52.93 16.55 6.51
C GLU P 34 53.70 15.42 7.18
N SER P 35 53.30 14.18 6.88
CA SER P 35 53.96 13.01 7.45
C SER P 35 54.91 12.36 6.45
N ASP P 36 54.69 12.64 5.16
CA ASP P 36 55.53 12.08 4.11
C ASP P 36 56.70 13.02 3.81
N LEU P 37 56.49 14.30 4.09
CA LEU P 37 57.54 15.29 3.85
C LEU P 37 58.55 15.24 4.99
N PHE P 38 58.26 14.43 5.99
CA PHE P 38 59.14 14.26 7.13
C PHE P 38 59.84 12.90 7.06
N PRO P 39 61.18 12.87 7.26
CA PRO P 39 61.96 11.62 7.20
C PRO P 39 61.45 10.54 8.15
N THR P 40 60.47 9.76 7.67
CA THR P 40 59.92 8.66 8.46
C THR P 40 60.46 7.35 7.91
N SER P 41 60.97 6.50 8.81
CA SER P 41 61.58 5.22 8.42
C SER P 41 62.96 5.48 7.80
N THR P 42 63.00 6.29 6.74
CA THR P 42 64.24 6.67 6.08
C THR P 42 64.81 7.92 6.75
N SER P 43 65.62 8.72 6.04
CA SER P 43 66.18 9.92 6.68
C SER P 43 66.68 11.01 5.70
N LEU P 44 66.31 12.27 6.01
CA LEU P 44 66.75 13.49 5.28
C LEU P 44 66.07 13.75 3.92
N SER P 45 65.88 15.08 3.60
CA SER P 45 65.27 15.56 2.33
C SER P 45 64.54 16.93 2.47
N PRO P 46 65.25 18.08 2.59
CA PRO P 46 64.64 19.42 2.74
C PRO P 46 64.82 20.42 1.56
N PHE P 47 64.18 21.62 1.70
CA PHE P 47 64.24 22.75 0.73
C PHE P 47 63.03 23.71 0.93
N TYR P 48 63.28 24.97 1.40
CA TYR P 48 62.16 25.92 1.63
C TYR P 48 62.58 27.42 1.54
N LEU P 49 61.62 28.30 1.91
CA LEU P 49 61.81 29.76 1.92
C LEU P 49 61.11 30.37 3.15
N ARG P 50 61.07 31.70 3.27
CA ARG P 50 60.43 32.33 4.43
C ARG P 50 60.04 33.81 4.18
N PRO P 51 58.73 34.10 4.02
CA PRO P 51 58.23 35.46 3.80
C PRO P 51 57.79 36.13 5.12
N PRO P 52 57.41 37.44 5.08
CA PRO P 52 56.96 38.16 6.28
C PRO P 52 55.62 37.65 6.80
N SER P 53 55.50 37.52 8.11
CA SER P 53 54.26 37.04 8.72
C SER P 53 53.95 37.78 10.00
N PHE P 54 52.72 37.60 10.50
CA PHE P 54 52.28 38.24 11.74
C PHE P 54 52.47 37.29 12.91
N LEU P 55 52.65 36.02 12.61
CA LEU P 55 52.85 35.00 13.62
C LEU P 55 54.16 35.22 14.37
N ARG P 56 54.12 35.12 15.68
CA ARG P 56 55.31 35.31 16.50
C ARG P 56 55.85 33.97 16.99
N ALA P 57 54.96 33.10 17.45
CA ALA P 57 55.36 31.79 17.93
C ALA P 57 55.78 30.88 16.77
N PRO P 58 54.89 30.68 15.77
CA PRO P 58 55.20 29.86 14.60
C PRO P 58 55.77 30.69 13.47
N SER P 59 55.82 30.10 12.28
CA SER P 59 56.33 30.81 11.11
C SER P 59 55.73 30.24 9.83
N TRP P 60 55.32 31.13 8.93
CA TRP P 60 54.73 30.73 7.66
C TRP P 60 55.80 30.68 6.58
N PHE P 61 56.10 29.47 6.12
CA PHE P 61 57.11 29.29 5.08
C PHE P 61 56.48 28.99 3.73
N ASP P 62 56.84 29.78 2.72
CA ASP P 62 56.31 29.58 1.38
C ASP P 62 56.99 28.38 0.74
N THR P 63 56.28 27.26 0.69
CA THR P 63 56.81 26.03 0.12
C THR P 63 57.04 26.14 -1.38
N GLY P 64 58.08 25.46 -1.86
CA GLY P 64 58.39 25.47 -3.28
C GLY P 64 59.50 24.50 -3.62
N LEU P 65 59.49 24.00 -4.87
CA LEU P 65 60.51 23.05 -5.31
C LEU P 65 60.89 23.31 -6.76
N SER P 66 61.55 22.32 -7.37
CA SER P 66 61.98 22.40 -8.78
C SER P 66 62.79 21.18 -9.15
N GLU P 67 62.55 20.62 -10.34
CA GLU P 67 63.28 19.44 -10.78
C GLU P 67 63.00 19.10 -12.25
N MET P 68 63.80 18.15 -12.76
CA MET P 68 63.67 17.68 -14.13
C MET P 68 64.54 16.43 -14.31
N ARG P 69 64.09 15.47 -15.11
CA ARG P 69 64.85 14.25 -15.32
C ARG P 69 64.37 13.46 -16.55
N LEU P 70 64.32 12.13 -16.41
CA LEU P 70 63.91 11.22 -17.48
C LEU P 70 62.83 11.85 -18.36
N GLU P 71 61.57 11.71 -17.95
CA GLU P 71 60.46 12.28 -18.69
C GLU P 71 59.21 12.27 -17.84
N LYS P 72 59.42 12.32 -16.52
CA LYS P 72 58.32 12.31 -15.57
C LYS P 72 58.76 12.87 -14.22
N ASP P 73 58.02 13.85 -13.72
CA ASP P 73 58.33 14.47 -12.43
C ASP P 73 57.11 15.16 -11.83
N ARG P 74 57.06 15.21 -10.50
CA ARG P 74 55.95 15.86 -9.80
C ARG P 74 56.33 17.27 -9.34
N PHE P 75 55.34 18.00 -8.86
CA PHE P 75 55.55 19.36 -8.40
C PHE P 75 54.38 19.84 -7.55
N SER P 76 54.58 20.90 -6.78
CA SER P 76 53.53 21.44 -5.93
C SER P 76 53.78 22.90 -5.56
N VAL P 77 52.83 23.76 -5.90
CA VAL P 77 52.93 25.18 -5.58
C VAL P 77 52.02 25.49 -4.40
N ASN P 78 52.37 26.50 -3.61
CA ASN P 78 51.57 26.86 -2.45
C ASN P 78 51.10 28.31 -2.51
N LEU P 79 49.79 28.49 -2.51
CA LEU P 79 49.20 29.84 -2.54
C LEU P 79 49.30 30.42 -1.13
N ASP P 80 48.91 31.68 -0.96
CA ASP P 80 49.01 32.30 0.35
C ASP P 80 47.67 32.82 0.88
N VAL P 81 47.28 32.25 2.01
CA VAL P 81 46.07 32.63 2.73
C VAL P 81 46.32 32.41 4.22
N LYS P 82 47.08 33.32 4.83
CA LYS P 82 47.44 33.21 6.24
C LYS P 82 46.28 32.80 7.14
N HIS P 83 45.11 33.39 6.92
CA HIS P 83 43.94 33.06 7.73
C HIS P 83 42.95 32.22 6.93
N PHE P 84 42.53 31.12 7.53
CA PHE P 84 41.61 30.18 6.89
C PHE P 84 40.29 30.83 6.48
N SER P 85 39.83 30.45 5.29
CA SER P 85 38.57 30.93 4.74
C SER P 85 37.97 29.82 3.86
N PRO P 86 37.79 28.61 4.42
CA PRO P 86 37.26 27.45 3.68
C PRO P 86 36.07 27.78 2.79
N GLU P 87 35.07 28.42 3.37
CA GLU P 87 33.86 28.77 2.64
C GLU P 87 33.98 30.13 1.95
N GLU P 88 34.92 30.94 2.41
CA GLU P 88 35.08 32.28 1.86
C GLU P 88 36.27 32.41 0.91
N LEU P 89 36.64 31.31 0.24
CA LEU P 89 37.74 31.36 -0.70
C LEU P 89 37.41 30.55 -1.96
N LYS P 90 37.90 31.04 -3.10
CA LYS P 90 37.67 30.38 -4.37
C LYS P 90 38.96 30.26 -5.17
N VAL P 91 39.35 29.02 -5.45
CA VAL P 91 40.56 28.77 -6.23
C VAL P 91 40.19 28.64 -7.71
N LYS P 92 40.87 29.39 -8.56
CA LYS P 92 40.58 29.34 -9.98
C LYS P 92 41.83 29.02 -10.80
N VAL P 93 41.73 27.96 -11.60
CA VAL P 93 42.82 27.55 -12.47
C VAL P 93 42.49 27.91 -13.92
N LEU P 94 42.66 29.19 -14.25
CA LEU P 94 42.37 29.68 -15.59
C LEU P 94 43.56 29.45 -16.51
N GLY P 95 43.65 28.24 -17.05
CA GLY P 95 44.74 27.90 -17.95
C GLY P 95 46.06 27.79 -17.21
N ASP P 96 47.06 28.50 -17.70
CA ASP P 96 48.39 28.47 -17.09
C ASP P 96 48.50 29.54 -16.00
N VAL P 97 47.35 29.96 -15.47
CA VAL P 97 47.31 30.97 -14.43
C VAL P 97 46.56 30.49 -13.20
N ILE P 98 47.27 30.41 -12.07
CA ILE P 98 46.67 29.97 -10.81
C ILE P 98 46.42 31.18 -9.91
N GLU P 99 45.17 31.39 -9.51
CA GLU P 99 44.82 32.50 -8.64
C GLU P 99 43.93 32.06 -7.48
N VAL P 100 44.16 32.65 -6.32
CA VAL P 100 43.37 32.34 -5.14
C VAL P 100 42.67 33.61 -4.63
N HIS P 101 41.41 33.47 -4.25
CA HIS P 101 40.63 34.60 -3.76
C HIS P 101 39.95 34.25 -2.44
N GLY P 102 40.59 34.59 -1.33
CA GLY P 102 40.03 34.30 -0.03
C GLY P 102 39.88 35.54 0.82
N LYS P 103 38.69 35.71 1.39
CA LYS P 103 38.41 36.87 2.24
C LYS P 103 37.75 36.43 3.55
N HIS P 104 38.37 36.76 4.68
CA HIS P 104 37.84 36.40 5.97
C HIS P 104 37.86 37.58 6.93
N GLU P 105 36.77 37.74 7.69
CA GLU P 105 36.67 38.81 8.66
C GLU P 105 37.22 38.35 10.01
N GLU P 106 38.45 38.76 10.31
CA GLU P 106 39.09 38.37 11.56
C GLU P 106 39.13 39.51 12.56
N ARG P 107 39.10 40.75 12.06
CA ARG P 107 39.11 41.91 12.93
C ARG P 107 37.71 42.47 13.08
N GLN P 108 37.31 42.73 14.33
CA GLN P 108 35.97 43.26 14.61
C GLN P 108 36.03 44.51 15.47
N ASP P 109 35.12 45.44 15.19
CA ASP P 109 35.04 46.69 15.94
C ASP P 109 33.62 46.87 16.50
N GLU P 110 33.31 48.07 16.98
CA GLU P 110 31.99 48.35 17.53
C GLU P 110 30.89 48.04 16.52
N HIS P 111 30.70 48.93 15.55
CA HIS P 111 29.69 48.73 14.51
C HIS P 111 30.35 48.59 13.15
N GLY P 112 31.64 48.27 13.17
CA GLY P 112 32.39 48.11 11.95
C GLY P 112 33.15 46.81 11.93
N PHE P 113 32.97 46.02 10.87
CA PHE P 113 33.65 44.74 10.75
C PHE P 113 34.73 44.78 9.68
N ILE P 114 35.95 44.40 10.06
CA ILE P 114 37.07 44.39 9.13
C ILE P 114 37.17 43.03 8.46
N SER P 115 37.52 43.03 7.18
CA SER P 115 37.64 41.79 6.42
C SER P 115 38.89 41.80 5.55
N ARG P 116 39.87 40.99 5.93
CA ARG P 116 41.12 40.89 5.18
C ARG P 116 40.92 39.96 3.99
N GLU P 117 41.73 40.15 2.94
CA GLU P 117 41.63 39.31 1.76
C GLU P 117 42.98 39.05 1.13
N PHE P 118 43.25 37.79 0.83
CA PHE P 118 44.51 37.40 0.20
C PHE P 118 44.25 36.96 -1.24
N HIS P 119 44.96 37.58 -2.17
CA HIS P 119 44.79 37.26 -3.58
C HIS P 119 46.13 37.08 -4.28
N ARG P 120 46.37 35.86 -4.76
CA ARG P 120 47.61 35.54 -5.46
C ARG P 120 47.38 35.41 -6.95
N LYS P 121 48.36 35.84 -7.73
CA LYS P 121 48.29 35.74 -9.18
C LYS P 121 49.54 35.05 -9.71
N TYR P 122 49.38 33.79 -10.13
CA TYR P 122 50.49 33.00 -10.64
C TYR P 122 50.40 32.78 -12.14
N ARG P 123 51.43 33.20 -12.84
CA ARG P 123 51.52 33.02 -14.29
C ARG P 123 52.66 32.05 -14.59
N ILE P 124 52.52 30.81 -14.12
CA ILE P 124 53.54 29.80 -14.30
C ILE P 124 53.10 28.65 -15.20
N PRO P 125 53.15 28.84 -16.53
CA PRO P 125 52.80 27.78 -17.48
C PRO P 125 53.83 26.66 -17.43
N ALA P 126 54.96 26.94 -16.78
CA ALA P 126 56.05 25.99 -16.66
C ALA P 126 55.84 25.07 -15.46
N ASP P 127 54.96 25.47 -14.56
CA ASP P 127 54.68 24.68 -13.37
C ASP P 127 53.20 24.33 -13.29
N VAL P 128 52.42 24.82 -14.24
CA VAL P 128 50.99 24.57 -14.23
C VAL P 128 50.45 24.07 -15.57
N ASP P 129 49.55 23.09 -15.45
CA ASP P 129 48.87 22.49 -16.58
C ASP P 129 47.44 22.17 -16.13
N PRO P 130 46.47 23.06 -16.40
CA PRO P 130 45.08 22.91 -15.97
C PRO P 130 44.53 21.49 -16.12
N LEU P 131 45.06 20.73 -17.06
CA LEU P 131 44.59 19.36 -17.30
C LEU P 131 45.23 18.36 -16.35
N THR P 132 45.70 18.82 -15.19
CA THR P 132 46.32 17.93 -14.23
C THR P 132 46.59 18.59 -12.88
N ILE P 133 46.56 19.93 -12.86
CA ILE P 133 46.80 20.65 -11.62
C ILE P 133 45.54 20.74 -10.76
N THR P 134 45.65 20.28 -9.53
CA THR P 134 44.52 20.31 -8.59
C THR P 134 44.81 21.30 -7.47
N SER P 135 44.00 21.26 -6.42
CA SER P 135 44.18 22.18 -5.29
C SER P 135 43.93 21.47 -3.96
N SER P 136 44.69 21.88 -2.95
CA SER P 136 44.56 21.35 -1.60
C SER P 136 44.75 22.45 -0.58
N LEU P 137 43.66 22.85 0.07
CA LEU P 137 43.70 23.91 1.06
C LEU P 137 44.08 23.40 2.45
N SER P 138 44.54 24.31 3.31
CA SER P 138 44.92 23.97 4.68
C SER P 138 43.97 24.65 5.67
N SER P 139 43.90 24.13 6.90
CA SER P 139 43.02 24.70 7.92
C SER P 139 43.46 26.11 8.30
N ASP P 140 44.64 26.48 7.83
CA ASP P 140 45.17 27.80 8.11
C ASP P 140 45.18 28.63 6.83
N GLY P 141 44.43 28.16 5.84
CA GLY P 141 44.32 28.85 4.57
C GLY P 141 45.44 28.50 3.60
N VAL P 142 46.43 27.76 4.07
CA VAL P 142 47.56 27.37 3.22
C VAL P 142 47.08 26.54 2.03
N LEU P 143 46.95 27.20 0.88
CA LEU P 143 46.52 26.53 -0.33
C LEU P 143 47.72 25.87 -1.02
N THR P 144 47.49 24.70 -1.61
CA THR P 144 48.57 23.98 -2.28
C THR P 144 48.09 23.35 -3.59
N VAL P 145 48.48 23.93 -4.70
CA VAL P 145 48.12 23.40 -6.01
C VAL P 145 49.17 22.40 -6.47
N ASN P 146 48.89 21.12 -6.24
CA ASN P 146 49.82 20.05 -6.62
C ASN P 146 49.55 19.55 -8.03
N GLY P 147 50.60 19.04 -8.66
CA GLY P 147 50.49 18.51 -10.01
C GLY P 147 51.80 18.59 -10.79
N PRO P 148 51.83 18.05 -12.01
CA PRO P 148 53.03 18.05 -12.86
C PRO P 148 53.43 19.45 -13.31
N ARG P 149 54.17 19.53 -14.41
CA ARG P 149 54.63 20.81 -14.94
C ARG P 149 55.12 20.67 -16.39
N LYS P 150 55.46 21.80 -17.00
CA LYS P 150 55.96 21.79 -18.39
C LYS P 150 56.97 22.93 -18.60
N GLN P 151 56.59 23.97 -19.35
CA GLN P 151 57.48 25.10 -19.61
C GLN P 151 56.75 26.29 -20.25
N VAL P 152 57.52 27.30 -20.65
CA VAL P 152 56.99 28.52 -21.28
C VAL P 152 56.32 29.44 -20.25
N SER P 153 56.35 30.75 -20.52
CA SER P 153 55.75 31.75 -19.65
C SER P 153 55.74 33.13 -20.31
N GLY P 154 54.54 33.68 -20.55
CA GLY P 154 54.44 34.99 -21.17
C GLY P 154 53.00 35.37 -21.55
N PRO P 155 52.58 36.62 -21.26
CA PRO P 155 51.23 37.10 -21.57
C PRO P 155 51.12 37.81 -22.93
N GLU P 156 52.09 38.67 -23.24
CA GLU P 156 52.10 39.43 -24.50
C GLU P 156 51.57 38.63 -25.68
N ARG P 157 50.98 39.34 -26.65
CA ARG P 157 50.39 38.70 -27.82
C ARG P 157 51.19 39.01 -29.09
N THR P 158 51.01 40.22 -29.61
CA THR P 158 51.70 40.65 -30.83
C THR P 158 51.14 39.94 -32.06
N ILE P 159 50.08 40.49 -32.63
CA ILE P 159 49.45 39.91 -33.81
C ILE P 159 48.96 41.00 -34.77
N PRO P 160 49.86 41.48 -35.66
CA PRO P 160 49.51 42.51 -36.64
C PRO P 160 48.77 41.93 -37.84
N ILE P 161 47.75 42.63 -38.31
CA ILE P 161 46.96 42.16 -39.45
C ILE P 161 46.89 43.21 -40.55
N THR P 162 46.70 42.74 -41.79
CA THR P 162 46.58 43.61 -42.95
C THR P 162 47.90 44.33 -43.28
N ARG P 163 47.91 45.66 -43.19
CA ARG P 163 49.08 46.49 -43.49
C ARG P 163 49.25 46.66 -44.99
N GLU P 164 48.78 45.67 -45.76
CA GLU P 164 48.84 45.68 -47.21
C GLU P 164 50.29 45.58 -47.70
N GLU P 165 50.89 46.72 -48.09
CA GLU P 165 52.26 46.74 -48.57
C GLU P 165 52.40 45.98 -49.89
N LYS P 166 51.28 45.64 -50.52
CA LYS P 166 51.31 44.92 -51.78
C LYS P 166 50.78 45.76 -52.95
N PRO P 167 49.49 46.20 -52.91
CA PRO P 167 48.92 47.02 -53.98
C PRO P 167 49.24 48.51 -53.82
N ALA P 168 48.22 49.34 -53.62
CA ALA P 168 48.41 50.77 -53.45
C ALA P 168 49.52 51.09 -52.45
N VAL P 169 50.52 51.84 -52.92
CA VAL P 169 51.66 52.22 -52.07
C VAL P 169 52.00 53.69 -52.26
N THR P 170 53.20 54.08 -51.83
CA THR P 170 53.65 55.45 -51.94
C THR P 170 55.12 55.51 -52.37
N ALA P 171 55.58 56.69 -52.76
CA ALA P 171 56.96 56.87 -53.19
C ALA P 171 57.32 58.35 -53.25
N ALA P 172 58.39 58.66 -54.00
CA ALA P 172 58.85 60.04 -54.15
C ALA P 172 59.85 60.15 -55.30
N PRO P 173 60.08 61.36 -55.82
CA PRO P 173 61.03 61.57 -56.93
C PRO P 173 62.42 61.07 -56.59
N LYS P 174 63.32 61.11 -57.58
CA LYS P 174 64.69 60.66 -57.38
C LYS P 174 65.53 60.94 -58.62
N LYS P 175 66.85 60.73 -58.52
CA LYS P 175 67.75 60.96 -59.63
C LYS P 175 69.12 60.36 -59.34
N MET Q 1 18.09 -3.91 -18.29
CA MET Q 1 19.09 -4.94 -18.00
C MET Q 1 18.52 -6.01 -17.08
N ASP Q 2 18.17 -7.14 -17.68
CA ASP Q 2 17.63 -8.26 -16.92
C ASP Q 2 18.57 -8.64 -15.79
N ILE Q 3 18.21 -8.25 -14.57
CA ILE Q 3 19.04 -8.53 -13.40
C ILE Q 3 19.32 -10.03 -13.25
N ALA Q 4 18.44 -10.85 -13.83
CA ALA Q 4 18.59 -12.30 -13.74
C ALA Q 4 19.40 -12.86 -14.91
N ILE Q 5 20.05 -11.97 -15.66
CA ILE Q 5 20.86 -12.39 -16.80
C ILE Q 5 22.13 -11.55 -16.93
N HIS Q 6 21.95 -10.24 -17.09
CA HIS Q 6 23.09 -9.33 -17.23
C HIS Q 6 23.97 -9.32 -16.00
N HIS Q 7 23.39 -9.50 -14.82
CA HIS Q 7 24.17 -9.50 -13.60
C HIS Q 7 25.14 -10.70 -13.54
N PRO Q 8 24.64 -11.94 -13.71
CA PRO Q 8 25.51 -13.13 -13.67
C PRO Q 8 26.36 -13.28 -14.94
N TRP Q 9 25.97 -12.61 -16.02
CA TRP Q 9 26.71 -12.69 -17.27
C TRP Q 9 27.85 -11.67 -17.30
N ILE Q 10 27.54 -10.44 -16.92
CA ILE Q 10 28.53 -9.36 -16.89
C ILE Q 10 29.55 -9.64 -15.78
N ARG Q 11 29.25 -10.65 -14.97
CA ARG Q 11 30.14 -11.04 -13.89
C ARG Q 11 30.84 -12.35 -14.23
N ARG Q 12 30.85 -12.70 -15.52
CA ARG Q 12 31.49 -13.93 -15.96
C ARG Q 12 32.90 -13.66 -16.47
N PRO Q 13 33.09 -12.94 -17.60
CA PRO Q 13 34.43 -12.64 -18.10
C PRO Q 13 35.26 -11.87 -17.07
N PHE Q 14 34.57 -11.34 -16.06
CA PHE Q 14 35.21 -10.57 -15.00
C PHE Q 14 36.03 -11.48 -14.08
N PHE Q 15 35.82 -12.80 -14.19
CA PHE Q 15 36.54 -13.75 -13.33
C PHE Q 15 38.03 -13.44 -13.29
N PRO Q 16 38.71 -13.50 -14.45
CA PRO Q 16 40.15 -13.26 -14.54
C PRO Q 16 40.60 -11.87 -14.10
N PHE Q 17 39.66 -11.05 -13.66
CA PHE Q 17 40.00 -9.71 -13.18
C PHE Q 17 39.37 -9.49 -11.80
N HIS Q 18 38.67 -10.51 -11.33
CA HIS Q 18 38.02 -10.47 -10.03
C HIS Q 18 39.04 -10.36 -8.91
N SER Q 19 38.58 -10.53 -7.67
CA SER Q 19 39.46 -10.45 -6.51
C SER Q 19 40.39 -9.24 -6.58
N PRO Q 20 39.88 -8.05 -6.97
CA PRO Q 20 40.69 -6.84 -7.06
C PRO Q 20 40.47 -5.93 -5.87
N SER Q 21 40.25 -6.54 -4.71
CA SER Q 21 40.00 -5.79 -3.48
C SER Q 21 38.68 -5.03 -3.59
N ARG Q 22 37.72 -5.41 -2.75
CA ARG Q 22 36.40 -4.78 -2.77
C ARG Q 22 36.51 -3.26 -2.72
N LEU Q 23 37.58 -2.77 -2.10
CA LEU Q 23 37.82 -1.34 -1.97
C LEU Q 23 39.05 -0.96 -2.78
N PHE Q 24 39.04 -1.31 -4.06
CA PHE Q 24 40.15 -1.02 -4.97
C PHE Q 24 40.32 0.47 -5.21
N ASP Q 25 39.20 1.19 -5.30
CA ASP Q 25 39.24 2.63 -5.56
C ASP Q 25 39.86 3.42 -4.41
N GLN Q 26 39.83 2.85 -3.21
CA GLN Q 26 40.40 3.53 -2.04
C GLN Q 26 41.76 2.96 -1.67
N PHE Q 27 41.91 1.65 -1.77
CA PHE Q 27 43.17 1.00 -1.43
C PHE Q 27 44.31 1.58 -2.25
N PHE Q 28 44.22 1.44 -3.58
CA PHE Q 28 45.24 1.99 -4.47
C PHE Q 28 45.24 3.51 -4.42
N GLY Q 29 44.07 4.08 -4.13
CA GLY Q 29 43.95 5.52 -4.05
C GLY Q 29 44.84 6.11 -2.97
N GLU Q 30 45.07 5.34 -1.91
CA GLU Q 30 45.91 5.78 -0.81
C GLU Q 30 47.39 5.68 -1.19
N HIS Q 31 47.74 4.61 -1.88
CA HIS Q 31 49.12 4.39 -2.32
C HIS Q 31 49.52 5.42 -3.37
N LEU Q 32 48.55 5.86 -4.16
CA LEU Q 32 48.82 6.86 -5.19
C LEU Q 32 48.90 8.25 -4.58
N LEU Q 33 48.24 8.41 -3.43
CA LEU Q 33 48.24 9.67 -2.72
C LEU Q 33 49.53 9.83 -1.91
N GLU Q 34 50.14 8.69 -1.56
CA GLU Q 34 51.38 8.68 -0.80
C GLU Q 34 52.56 9.05 -1.69
N SER Q 35 52.51 8.60 -2.94
CA SER Q 35 53.57 8.87 -3.90
C SER Q 35 53.38 10.23 -4.54
N ASP Q 36 52.22 10.85 -4.30
CA ASP Q 36 51.90 12.16 -4.85
C ASP Q 36 52.34 13.27 -3.92
N LEU Q 37 52.87 12.89 -2.76
CA LEU Q 37 53.33 13.85 -1.76
C LEU Q 37 54.81 14.15 -1.94
N PHE Q 38 55.63 13.11 -1.87
CA PHE Q 38 57.07 13.26 -2.02
C PHE Q 38 57.64 12.19 -2.96
N PRO Q 39 58.58 12.55 -3.85
CA PRO Q 39 59.20 11.58 -4.77
C PRO Q 39 59.71 10.36 -4.01
N THR Q 40 58.87 9.34 -3.92
CA THR Q 40 59.20 8.13 -3.17
C THR Q 40 60.12 7.18 -3.95
N SER Q 41 61.41 7.51 -3.98
CA SER Q 41 62.43 6.69 -4.64
C SER Q 41 61.93 6.02 -5.92
N THR Q 42 61.08 6.72 -6.67
CA THR Q 42 60.57 6.18 -7.92
C THR Q 42 61.37 6.75 -9.08
N SER Q 43 61.09 6.28 -10.29
CA SER Q 43 61.79 6.78 -11.47
C SER Q 43 61.26 8.16 -11.85
N LEU Q 44 60.75 8.86 -10.82
CA LEU Q 44 60.17 10.18 -11.00
C LEU Q 44 58.98 10.14 -11.94
N SER Q 45 57.84 10.59 -11.45
CA SER Q 45 56.63 10.56 -12.26
C SER Q 45 55.58 11.53 -11.75
N PRO Q 46 55.00 12.35 -12.65
CA PRO Q 46 53.96 13.29 -12.28
C PRO Q 46 52.78 12.54 -11.67
N PHE Q 47 52.34 11.48 -12.35
CA PHE Q 47 51.23 10.68 -11.88
C PHE Q 47 51.30 9.22 -12.37
N TYR Q 48 52.44 8.56 -12.17
CA TYR Q 48 52.58 7.15 -12.57
C TYR Q 48 51.85 6.28 -11.56
N LEU Q 49 50.59 6.00 -11.83
CA LEU Q 49 49.78 5.20 -10.91
C LEU Q 49 49.97 3.71 -11.18
N ARG Q 50 50.68 3.03 -10.28
CA ARG Q 50 50.92 1.60 -10.40
C ARG Q 50 49.60 0.82 -10.32
N PRO Q 51 49.09 0.32 -11.46
CA PRO Q 51 47.83 -0.41 -11.52
C PRO Q 51 48.03 -1.92 -11.51
N PRO Q 52 46.96 -2.69 -11.22
CA PRO Q 52 47.04 -4.15 -11.21
C PRO Q 52 47.07 -4.71 -12.63
N SER Q 53 48.21 -5.30 -13.00
CA SER Q 53 48.37 -5.85 -14.34
C SER Q 53 48.72 -7.33 -14.29
N PHE Q 54 48.58 -7.99 -15.44
CA PHE Q 54 48.88 -9.41 -15.56
C PHE Q 54 50.29 -9.62 -16.05
N LEU Q 55 50.95 -8.53 -16.43
CA LEU Q 55 52.33 -8.58 -16.89
C LEU Q 55 53.22 -9.03 -15.74
N ARG Q 56 53.89 -10.16 -15.93
CA ARG Q 56 54.74 -10.73 -14.89
C ARG Q 56 56.17 -10.20 -14.97
N ALA Q 57 56.68 -10.02 -16.17
CA ALA Q 57 58.05 -9.54 -16.36
C ALA Q 57 58.19 -8.03 -16.11
N PRO Q 58 57.44 -7.17 -16.82
CA PRO Q 58 57.53 -5.72 -16.66
C PRO Q 58 56.50 -5.13 -15.70
N SER Q 59 56.82 -3.94 -15.19
CA SER Q 59 55.93 -3.23 -14.27
C SER Q 59 55.27 -2.07 -15.01
N TRP Q 60 53.96 -2.14 -15.16
CA TRP Q 60 53.21 -1.11 -15.87
C TRP Q 60 52.79 0.04 -14.94
N PHE Q 61 52.76 1.25 -15.50
CA PHE Q 61 52.35 2.43 -14.76
C PHE Q 61 51.45 3.32 -15.63
N ASP Q 62 50.33 3.75 -15.07
CA ASP Q 62 49.39 4.60 -15.80
C ASP Q 62 49.98 5.98 -16.04
N THR Q 63 49.99 6.42 -17.30
CA THR Q 63 50.56 7.72 -17.64
C THR Q 63 49.82 8.39 -18.79
N GLY Q 64 50.25 9.61 -19.11
CA GLY Q 64 49.66 10.37 -20.19
C GLY Q 64 50.49 10.32 -21.46
N LEU Q 65 51.37 11.31 -21.62
CA LEU Q 65 52.26 11.39 -22.79
C LEU Q 65 51.48 11.64 -24.08
N SER Q 66 50.75 10.62 -24.53
CA SER Q 66 49.97 10.72 -25.77
C SER Q 66 48.71 11.57 -25.58
N GLU Q 67 48.80 12.60 -24.75
CA GLU Q 67 47.68 13.50 -24.50
C GLU Q 67 48.17 14.92 -24.24
N MET Q 68 49.41 15.19 -24.65
CA MET Q 68 50.02 16.50 -24.45
C MET Q 68 50.77 16.97 -25.70
N ARG Q 69 51.69 16.14 -26.18
CA ARG Q 69 52.49 16.45 -27.36
C ARG Q 69 52.51 15.26 -28.31
N LEU Q 70 52.87 15.50 -29.57
CA LEU Q 70 52.93 14.42 -30.55
C LEU Q 70 53.89 14.71 -31.72
N GLU Q 71 53.37 15.27 -32.81
CA GLU Q 71 54.21 15.55 -33.98
C GLU Q 71 54.34 17.04 -34.28
N LYS Q 72 55.44 17.64 -33.80
CA LYS Q 72 55.70 19.07 -34.01
C LYS Q 72 57.19 19.30 -34.27
N ASP Q 73 57.54 20.49 -34.78
CA ASP Q 73 58.95 20.82 -35.06
C ASP Q 73 59.23 22.31 -34.83
N ARG Q 74 59.10 23.11 -35.88
CA ARG Q 74 59.31 24.56 -35.80
C ARG Q 74 58.00 25.24 -36.15
N PHE Q 75 57.45 24.79 -37.27
CA PHE Q 75 56.14 25.22 -37.75
C PHE Q 75 55.92 26.72 -37.89
N SER Q 76 54.72 27.01 -38.39
CA SER Q 76 54.24 28.35 -38.61
C SER Q 76 52.71 28.35 -38.49
N VAL Q 77 52.11 27.16 -38.64
CA VAL Q 77 50.66 26.98 -38.55
C VAL Q 77 49.89 27.87 -39.53
N ASN Q 78 48.67 27.46 -39.87
CA ASN Q 78 47.85 28.22 -40.79
C ASN Q 78 46.35 28.06 -40.48
N LEU Q 79 45.68 29.18 -40.22
CA LEU Q 79 44.26 29.15 -39.95
C LEU Q 79 43.49 29.04 -41.26
N ASP Q 80 42.18 28.88 -41.20
CA ASP Q 80 41.40 28.72 -42.42
C ASP Q 80 40.31 29.76 -42.57
N VAL Q 81 40.41 30.53 -43.65
CA VAL Q 81 39.44 31.55 -44.01
C VAL Q 81 39.36 31.60 -45.53
N LYS Q 82 38.65 30.63 -46.10
CA LYS Q 82 38.49 30.48 -47.54
C LYS Q 82 38.30 31.81 -48.26
N HIS Q 83 37.38 32.64 -47.76
CA HIS Q 83 37.13 33.93 -48.37
C HIS Q 83 37.65 35.07 -47.50
N PHE Q 84 38.32 36.02 -48.14
CA PHE Q 84 38.92 37.16 -47.45
C PHE Q 84 37.92 37.94 -46.60
N SER Q 85 38.37 38.32 -45.43
CA SER Q 85 37.58 39.11 -44.50
C SER Q 85 38.51 39.96 -43.62
N PRO Q 86 39.41 40.75 -44.25
CA PRO Q 86 40.39 41.58 -43.53
C PRO Q 86 39.80 42.36 -42.37
N GLU Q 87 38.81 43.18 -42.66
CA GLU Q 87 38.17 44.00 -41.65
C GLU Q 87 37.13 43.22 -40.85
N GLU Q 88 36.67 42.10 -41.39
CA GLU Q 88 35.65 41.30 -40.74
C GLU Q 88 36.21 40.03 -40.09
N LEU Q 89 37.47 40.07 -39.67
CA LEU Q 89 38.08 38.91 -39.02
C LEU Q 89 38.82 39.33 -37.76
N LYS Q 90 38.80 38.47 -36.76
CA LYS Q 90 39.47 38.74 -35.49
C LYS Q 90 40.23 37.51 -35.01
N VAL Q 91 41.55 37.61 -35.00
CA VAL Q 91 42.39 36.51 -34.54
C VAL Q 91 42.70 36.68 -33.06
N LYS Q 92 42.44 35.64 -32.27
CA LYS Q 92 42.68 35.70 -30.84
C LYS Q 92 43.63 34.61 -30.38
N VAL Q 93 44.67 35.01 -29.66
CA VAL Q 93 45.65 34.08 -29.12
C VAL Q 93 45.49 33.99 -27.61
N LEU Q 94 44.49 33.24 -27.18
CA LEU Q 94 44.21 33.07 -25.76
C LEU Q 94 45.02 31.91 -25.20
N GLY Q 95 46.26 32.20 -24.81
CA GLY Q 95 47.13 31.17 -24.26
C GLY Q 95 47.60 30.20 -25.32
N ASP Q 96 47.50 28.92 -25.03
CA ASP Q 96 47.93 27.88 -25.98
C ASP Q 96 46.78 27.52 -26.93
N VAL Q 97 45.82 28.43 -27.04
CA VAL Q 97 44.67 28.21 -27.91
C VAL Q 97 44.55 29.30 -28.98
N ILE Q 98 44.77 28.91 -30.23
CA ILE Q 98 44.68 29.84 -31.35
C ILE Q 98 43.32 29.72 -32.04
N GLU Q 99 42.63 30.84 -32.17
CA GLU Q 99 41.32 30.86 -32.81
C GLU Q 99 41.20 32.00 -33.81
N VAL Q 100 40.34 31.80 -34.81
CA VAL Q 100 40.10 32.81 -35.82
C VAL Q 100 38.60 32.98 -36.04
N HIS Q 101 38.15 34.23 -36.09
CA HIS Q 101 36.74 34.53 -36.29
C HIS Q 101 36.53 35.49 -37.45
N GLY Q 102 36.26 34.94 -38.64
CA GLY Q 102 36.06 35.76 -39.81
C GLY Q 102 34.73 35.51 -40.47
N LYS Q 103 33.97 36.58 -40.70
CA LYS Q 103 32.65 36.48 -41.31
C LYS Q 103 32.54 37.46 -42.48
N HIS Q 104 32.24 36.95 -43.66
CA HIS Q 104 32.10 37.78 -44.84
C HIS Q 104 30.86 37.42 -45.65
N GLU Q 105 30.15 38.43 -46.11
CA GLU Q 105 28.95 38.23 -46.91
C GLU Q 105 29.32 38.14 -48.40
N GLU Q 106 29.36 36.92 -48.91
CA GLU Q 106 29.71 36.71 -50.32
C GLU Q 106 28.50 36.37 -51.16
N ARG Q 107 27.47 35.79 -50.54
CA ARG Q 107 26.25 35.43 -51.26
C ARG Q 107 25.18 36.48 -51.01
N GLN Q 108 24.53 36.92 -52.09
CA GLN Q 108 23.49 37.94 -51.99
C GLN Q 108 22.22 37.51 -52.72
N ASP Q 109 21.08 37.92 -52.17
CA ASP Q 109 19.78 37.61 -52.77
C ASP Q 109 18.99 38.89 -52.98
N GLU Q 110 17.68 38.76 -53.20
CA GLU Q 110 16.82 39.91 -53.42
C GLU Q 110 16.89 40.88 -52.23
N HIS Q 111 16.27 40.50 -51.12
CA HIS Q 111 16.28 41.32 -49.92
C HIS Q 111 16.91 40.56 -48.77
N GLY Q 112 17.64 39.50 -49.10
CA GLY Q 112 18.31 38.70 -48.09
C GLY Q 112 19.78 38.55 -48.38
N PHE Q 113 20.61 38.91 -47.43
CA PHE Q 113 22.06 38.82 -47.60
C PHE Q 113 22.63 37.65 -46.80
N ILE Q 114 23.35 36.78 -47.50
CA ILE Q 114 23.97 35.63 -46.85
C ILE Q 114 25.37 35.97 -46.37
N SER Q 115 25.73 35.47 -45.20
CA SER Q 115 27.04 35.73 -44.63
C SER Q 115 27.68 34.45 -44.12
N ARG Q 116 28.80 34.07 -44.74
CA ARG Q 116 29.52 32.88 -44.33
C ARG Q 116 30.53 33.22 -43.25
N GLU Q 117 30.84 32.25 -42.40
CA GLU Q 117 31.79 32.49 -41.31
C GLU Q 117 32.67 31.27 -41.07
N PHE Q 118 33.97 31.51 -40.92
CA PHE Q 118 34.93 30.46 -40.66
C PHE Q 118 35.53 30.64 -39.27
N HIS Q 119 35.35 29.64 -38.41
CA HIS Q 119 35.86 29.70 -37.05
C HIS Q 119 36.71 28.47 -36.71
N ARG Q 120 38.00 28.70 -36.50
CA ARG Q 120 38.91 27.61 -36.16
C ARG Q 120 39.23 27.62 -34.68
N LYS Q 121 39.30 26.43 -34.09
CA LYS Q 121 39.64 26.28 -32.68
C LYS Q 121 40.84 25.37 -32.53
N TYR Q 122 42.00 25.97 -32.28
CA TYR Q 122 43.23 25.21 -32.15
C TYR Q 122 43.72 25.11 -30.71
N ARG Q 123 43.77 23.89 -30.21
CA ARG Q 123 44.26 23.62 -28.86
C ARG Q 123 45.64 22.97 -28.98
N ILE Q 124 46.57 23.72 -29.59
CA ILE Q 124 47.93 23.23 -29.82
C ILE Q 124 48.94 23.90 -28.89
N PRO Q 125 49.14 23.35 -27.67
CA PRO Q 125 50.12 23.90 -26.73
C PRO Q 125 51.54 23.56 -27.13
N ALA Q 126 51.69 22.44 -27.84
CA ALA Q 126 53.00 21.98 -28.27
C ALA Q 126 53.57 22.83 -29.39
N ASP Q 127 52.72 23.62 -30.05
CA ASP Q 127 53.19 24.47 -31.13
C ASP Q 127 52.66 25.89 -31.01
N VAL Q 128 52.31 26.31 -29.80
CA VAL Q 128 51.80 27.65 -29.58
C VAL Q 128 52.23 28.25 -28.23
N ASP Q 129 52.80 29.44 -28.33
CA ASP Q 129 53.23 30.21 -27.17
C ASP Q 129 52.76 31.66 -27.40
N PRO Q 130 51.68 32.08 -26.72
CA PRO Q 130 51.10 33.43 -26.90
C PRO Q 130 52.12 34.55 -26.84
N LEU Q 131 53.21 34.30 -26.11
CA LEU Q 131 54.26 35.32 -25.94
C LEU Q 131 55.04 35.57 -27.22
N THR Q 132 55.24 34.54 -28.03
CA THR Q 132 56.03 34.69 -29.26
C THR Q 132 55.26 34.37 -30.54
N ILE Q 133 54.03 33.89 -30.41
CA ILE Q 133 53.23 33.55 -31.58
C ILE Q 133 52.50 34.77 -32.13
N THR Q 134 52.80 35.12 -33.37
CA THR Q 134 52.17 36.25 -34.03
C THR Q 134 51.15 35.76 -35.06
N SER Q 135 50.64 36.69 -35.87
CA SER Q 135 49.66 36.33 -36.89
C SER Q 135 49.85 37.16 -38.16
N SER Q 136 49.75 36.50 -39.30
CA SER Q 136 49.88 37.15 -40.59
C SER Q 136 48.68 36.82 -41.47
N LEU Q 137 48.08 37.83 -42.08
CA LEU Q 137 46.91 37.61 -42.92
C LEU Q 137 47.22 37.80 -44.40
N SER Q 138 46.56 37.01 -45.23
CA SER Q 138 46.71 37.08 -46.68
C SER Q 138 45.51 37.80 -47.28
N SER Q 139 45.59 38.13 -48.56
CA SER Q 139 44.50 38.83 -49.24
C SER Q 139 43.35 37.90 -49.60
N ASP Q 140 43.56 36.60 -49.44
CA ASP Q 140 42.53 35.61 -49.75
C ASP Q 140 41.85 35.11 -48.47
N GLY Q 141 42.44 35.44 -47.33
CA GLY Q 141 41.88 35.02 -46.06
C GLY Q 141 42.81 34.07 -45.33
N VAL Q 142 43.80 33.56 -46.04
CA VAL Q 142 44.76 32.62 -45.46
C VAL Q 142 45.50 33.24 -44.28
N LEU Q 143 45.19 32.76 -43.08
CA LEU Q 143 45.84 33.26 -41.87
C LEU Q 143 47.01 32.36 -41.50
N THR Q 144 48.06 32.94 -40.96
CA THR Q 144 49.25 32.18 -40.57
C THR Q 144 49.82 32.67 -39.25
N VAL Q 145 49.69 31.84 -38.21
CA VAL Q 145 50.20 32.19 -36.89
C VAL Q 145 51.62 31.62 -36.70
N ASN Q 146 52.59 32.30 -37.30
CA ASN Q 146 53.98 31.87 -37.24
C ASN Q 146 54.61 32.13 -35.87
N GLY Q 147 55.72 31.42 -35.60
CA GLY Q 147 56.42 31.59 -34.34
C GLY Q 147 56.99 30.28 -33.81
N PRO Q 148 57.83 30.33 -32.76
CA PRO Q 148 58.43 29.13 -32.16
C PRO Q 148 57.37 28.20 -31.57
N ARG Q 149 57.75 27.41 -30.56
CA ARG Q 149 56.79 26.48 -29.96
C ARG Q 149 57.34 25.79 -28.72
N LYS Q 150 56.77 24.60 -28.42
CA LYS Q 150 57.15 23.77 -27.27
C LYS Q 150 56.45 24.24 -26.00
N GLN Q 151 55.40 23.50 -25.61
CA GLN Q 151 54.63 23.82 -24.41
C GLN Q 151 53.47 22.83 -24.25
N VAL Q 152 52.88 22.80 -23.06
CA VAL Q 152 51.75 21.91 -22.79
C VAL Q 152 50.66 22.66 -22.04
N SER Q 153 49.40 22.40 -22.40
CA SER Q 153 48.26 23.04 -21.76
C SER Q 153 47.04 22.14 -21.79
N GLY Q 154 45.89 22.70 -21.42
CA GLY Q 154 44.66 21.94 -21.40
C GLY Q 154 43.79 22.31 -20.22
N PRO Q 155 42.71 23.08 -20.43
CA PRO Q 155 41.81 23.51 -19.35
C PRO Q 155 40.92 22.40 -18.79
N GLU Q 156 41.15 22.06 -17.53
CA GLU Q 156 40.36 21.03 -16.85
C GLU Q 156 39.70 21.65 -15.62
N ARG Q 157 38.82 20.90 -14.96
CA ARG Q 157 38.16 21.41 -13.77
C ARG Q 157 38.21 20.40 -12.64
N THR Q 158 39.42 20.10 -12.18
CA THR Q 158 39.60 19.15 -11.09
C THR Q 158 40.34 19.81 -9.93
N ILE Q 159 39.60 20.55 -9.11
CA ILE Q 159 40.17 21.24 -7.97
C ILE Q 159 39.32 21.05 -6.72
N PRO Q 160 39.43 19.88 -6.06
CA PRO Q 160 38.66 19.59 -4.85
C PRO Q 160 39.21 20.34 -3.63
N ILE Q 161 38.61 21.48 -3.33
CA ILE Q 161 39.04 22.30 -2.20
C ILE Q 161 38.40 21.78 -0.91
N THR Q 162 38.64 22.49 0.19
CA THR Q 162 38.09 22.12 1.49
C THR Q 162 38.82 20.94 2.12
N ARG Q 163 38.48 20.63 3.37
CA ARG Q 163 39.11 19.56 4.13
C ARG Q 163 40.59 19.85 4.26
N GLU Q 164 41.00 20.21 5.47
CA GLU Q 164 42.37 20.57 5.69
C GLU Q 164 42.81 20.50 7.15
N GLU Q 165 42.67 19.34 7.78
CA GLU Q 165 43.11 19.14 9.16
C GLU Q 165 42.40 20.04 10.18
N LYS Q 166 41.95 19.41 11.27
CA LYS Q 166 41.28 20.08 12.41
C LYS Q 166 39.99 20.87 12.10
N PRO Q 167 38.83 20.17 12.00
CA PRO Q 167 37.50 20.75 11.79
C PRO Q 167 36.57 20.49 12.99
N ALA Q 168 35.78 19.39 12.91
CA ALA Q 168 34.87 18.92 13.95
C ALA Q 168 33.42 19.38 13.76
N VAL Q 169 32.51 18.40 13.84
CA VAL Q 169 31.07 18.65 13.74
C VAL Q 169 30.33 17.73 14.71
N THR Q 170 29.01 17.71 14.60
CA THR Q 170 28.21 16.86 15.47
C THR Q 170 26.75 16.87 15.04
N ALA Q 171 25.93 16.19 15.84
CA ALA Q 171 24.50 16.10 15.57
C ALA Q 171 23.79 15.53 16.80
N ALA Q 172 22.56 15.07 16.60
CA ALA Q 172 21.77 14.51 17.69
C ALA Q 172 20.53 13.81 17.16
N PRO Q 173 19.89 12.95 17.96
CA PRO Q 173 18.67 12.24 17.55
C PRO Q 173 17.63 13.18 16.97
N LYS Q 174 16.69 12.64 16.20
CA LYS Q 174 15.64 13.44 15.59
C LYS Q 174 14.39 12.60 15.32
N LYS Q 175 13.28 13.30 15.01
CA LYS Q 175 12.01 12.64 14.72
C LYS Q 175 10.92 13.68 14.42
N MET R 1 -0.96 23.92 -14.41
CA MET R 1 0.42 23.48 -14.71
C MET R 1 0.71 22.13 -14.07
N ASP R 2 -0.24 21.21 -14.19
CA ASP R 2 -0.09 19.87 -13.64
C ASP R 2 0.95 19.08 -14.44
N ILE R 3 2.21 19.26 -14.08
CA ILE R 3 3.31 18.59 -14.76
C ILE R 3 3.34 17.09 -14.41
N ALA R 4 2.85 16.76 -13.22
CA ALA R 4 2.83 15.36 -12.79
C ALA R 4 1.45 14.73 -12.95
N ILE R 5 0.60 15.36 -13.76
CA ILE R 5 -0.74 14.84 -13.99
C ILE R 5 -1.13 14.94 -15.46
N HIS R 6 -1.17 16.16 -15.99
CA HIS R 6 -1.54 16.39 -17.38
C HIS R 6 -0.46 15.91 -18.35
N HIS R 7 0.80 16.18 -18.04
CA HIS R 7 1.91 15.78 -18.91
C HIS R 7 1.86 14.28 -19.24
N PRO R 8 1.77 13.38 -18.24
CA PRO R 8 1.72 11.94 -18.48
C PRO R 8 0.34 11.48 -18.96
N TRP R 9 -0.63 12.40 -18.93
CA TRP R 9 -1.99 12.09 -19.35
C TRP R 9 -2.22 12.49 -20.81
N ILE R 10 -1.42 13.43 -21.29
CA ILE R 10 -1.53 13.90 -22.67
C ILE R 10 -0.65 13.06 -23.59
N ARG R 11 0.40 12.48 -23.03
CA ARG R 11 1.31 11.64 -23.80
C ARG R 11 0.77 10.21 -23.89
N ARG R 12 -0.32 9.96 -23.18
CA ARG R 12 -0.95 8.65 -23.16
C ARG R 12 -1.73 8.39 -24.47
N PRO R 13 -2.60 9.32 -24.90
CA PRO R 13 -3.38 9.16 -26.13
C PRO R 13 -2.51 9.17 -27.37
N PHE R 14 -1.24 9.51 -27.19
CA PHE R 14 -0.29 9.54 -28.29
C PHE R 14 0.38 8.18 -28.49
N PHE R 15 0.41 7.39 -27.42
CA PHE R 15 1.04 6.08 -27.45
C PHE R 15 0.51 5.18 -28.58
N PRO R 16 -0.82 5.14 -28.83
CA PRO R 16 -1.39 4.32 -29.91
C PRO R 16 -0.71 4.58 -31.26
N PHE R 17 0.08 5.65 -31.31
CA PHE R 17 0.79 6.02 -32.54
C PHE R 17 2.10 6.73 -32.19
N HIS R 18 2.64 6.43 -31.02
CA HIS R 18 3.89 7.04 -30.54
C HIS R 18 5.01 6.01 -30.47
N SER R 19 6.19 6.38 -30.97
CA SER R 19 7.36 5.50 -30.97
C SER R 19 8.48 6.01 -31.89
N PRO R 20 8.14 6.52 -33.10
CA PRO R 20 9.16 6.99 -34.05
C PRO R 20 10.03 8.13 -33.49
N SER R 21 9.69 9.38 -33.83
CA SER R 21 10.47 10.52 -33.37
C SER R 21 9.66 11.50 -32.53
N ARG R 22 10.29 12.61 -32.14
CA ARG R 22 9.61 13.64 -31.36
C ARG R 22 9.04 14.70 -32.29
N LEU R 23 9.50 14.71 -33.53
CA LEU R 23 9.02 15.65 -34.54
C LEU R 23 8.44 14.88 -35.73
N PHE R 24 7.12 14.89 -35.81
CA PHE R 24 6.36 14.15 -36.83
C PHE R 24 5.78 15.07 -37.91
N ASP R 25 5.93 16.39 -37.75
CA ASP R 25 5.32 17.32 -38.69
C ASP R 25 6.28 18.07 -39.60
N GLN R 26 7.28 17.40 -40.17
CA GLN R 26 8.20 18.07 -41.10
C GLN R 26 8.80 17.12 -42.13
N PHE R 27 8.99 15.85 -41.76
CA PHE R 27 9.53 14.88 -42.71
C PHE R 27 8.41 14.53 -43.68
N PHE R 28 7.23 14.32 -43.12
CA PHE R 28 6.06 14.01 -43.90
C PHE R 28 5.57 15.28 -44.57
N GLY R 29 5.98 16.42 -44.01
CA GLY R 29 5.60 17.71 -44.56
C GLY R 29 6.49 18.12 -45.71
N GLU R 30 7.76 17.78 -45.62
CA GLU R 30 8.72 18.10 -46.67
C GLU R 30 8.72 17.02 -47.73
N HIS R 31 8.42 15.80 -47.31
CA HIS R 31 8.35 14.68 -48.24
C HIS R 31 7.21 14.94 -49.22
N LEU R 32 6.17 15.57 -48.71
CA LEU R 32 5.02 15.93 -49.52
C LEU R 32 5.33 17.22 -50.28
N LEU R 33 6.27 17.99 -49.76
CA LEU R 33 6.67 19.24 -50.39
C LEU R 33 7.46 18.97 -51.66
N GLU R 34 8.38 18.02 -51.58
CA GLU R 34 9.20 17.63 -52.73
C GLU R 34 8.40 16.76 -53.70
N SER R 35 7.24 16.31 -53.25
CA SER R 35 6.36 15.48 -54.07
C SER R 35 5.20 16.28 -54.63
N ASP R 36 4.88 17.40 -53.98
CA ASP R 36 3.79 18.25 -54.45
C ASP R 36 4.31 19.29 -55.43
N LEU R 37 5.59 19.64 -55.31
CA LEU R 37 6.22 20.60 -56.20
C LEU R 37 6.55 19.92 -57.53
N PHE R 38 6.35 18.61 -57.57
CA PHE R 38 6.61 17.84 -58.78
C PHE R 38 5.29 17.45 -59.45
N PRO R 39 5.18 17.66 -60.78
CA PRO R 39 3.96 17.34 -61.52
C PRO R 39 3.50 15.89 -61.36
N THR R 40 2.72 15.63 -60.32
CA THR R 40 2.18 14.30 -60.06
C THR R 40 0.70 14.29 -60.43
N SER R 41 0.28 13.25 -61.16
CA SER R 41 -1.11 13.14 -61.64
C SER R 41 -1.32 14.16 -62.77
N THR R 42 -1.26 15.44 -62.43
CA THR R 42 -1.39 16.51 -63.43
C THR R 42 -0.02 16.74 -64.09
N SER R 43 0.29 17.96 -64.52
CA SER R 43 1.60 18.21 -65.16
C SER R 43 1.96 19.68 -65.40
N LEU R 44 3.24 20.02 -65.11
CA LEU R 44 3.85 21.35 -65.34
C LEU R 44 3.55 22.42 -64.26
N SER R 45 4.61 23.25 -63.94
CA SER R 45 4.54 24.37 -62.96
C SER R 45 5.91 24.67 -62.27
N PRO R 46 6.89 25.30 -62.97
CA PRO R 46 8.22 25.62 -62.42
C PRO R 46 8.56 27.13 -62.22
N PHE R 47 9.77 27.38 -61.63
CA PHE R 47 10.33 28.75 -61.37
C PHE R 47 11.45 28.69 -60.30
N TYR R 48 12.72 28.98 -60.67
CA TYR R 48 13.84 28.91 -59.68
C TYR R 48 15.04 29.83 -60.02
N LEU R 49 16.13 29.66 -59.24
CA LEU R 49 17.40 30.40 -59.40
C LEU R 49 18.59 29.47 -59.14
N ARG R 50 19.82 30.00 -59.12
CA ARG R 50 21.01 29.15 -58.89
C ARG R 50 22.24 29.96 -58.42
N PRO R 51 22.61 29.85 -57.12
CA PRO R 51 23.77 30.54 -56.56
C PRO R 51 25.03 29.65 -56.52
N PRO R 52 26.20 30.20 -56.14
CA PRO R 52 27.45 29.43 -56.07
C PRO R 52 27.37 28.31 -55.04
N SER R 53 27.99 27.17 -55.36
CA SER R 53 27.97 26.02 -54.46
C SER R 53 29.27 25.23 -54.56
N PHE R 54 29.52 24.40 -53.55
CA PHE R 54 30.72 23.56 -53.52
C PHE R 54 30.41 22.19 -54.10
N LEU R 55 29.11 21.88 -54.21
CA LEU R 55 28.66 20.61 -54.74
C LEU R 55 28.99 20.49 -56.22
N ARG R 56 29.52 19.33 -56.61
CA ARG R 56 29.88 19.10 -58.00
C ARG R 56 28.85 18.21 -58.69
N ALA R 57 28.43 17.15 -58.00
CA ALA R 57 27.44 16.23 -58.56
C ALA R 57 26.05 16.89 -58.58
N PRO R 58 25.55 17.36 -57.42
CA PRO R 58 24.25 18.02 -57.34
C PRO R 58 24.38 19.53 -57.49
N SER R 59 23.32 20.24 -57.15
CA SER R 59 23.33 21.70 -57.25
C SER R 59 22.33 22.31 -56.26
N TRP R 60 22.76 23.36 -55.58
CA TRP R 60 21.91 24.04 -54.62
C TRP R 60 21.22 25.23 -55.27
N PHE R 61 19.90 25.13 -55.42
CA PHE R 61 19.12 26.19 -56.04
C PHE R 61 18.33 26.98 -54.99
N ASP R 62 18.51 28.30 -54.99
CA ASP R 62 17.80 29.16 -54.05
C ASP R 62 16.35 29.30 -54.49
N THR R 63 15.46 28.59 -53.80
CA THR R 63 14.04 28.62 -54.14
C THR R 63 13.41 29.98 -53.85
N GLY R 64 12.45 30.36 -54.69
CA GLY R 64 11.77 31.63 -54.53
C GLY R 64 10.59 31.77 -55.47
N LEU R 65 9.60 32.56 -55.07
CA LEU R 65 8.41 32.78 -55.88
C LEU R 65 7.92 34.21 -55.76
N SER R 66 6.68 34.46 -56.20
CA SER R 66 6.07 35.78 -56.14
C SER R 66 4.68 35.74 -56.80
N GLU R 67 3.70 36.39 -56.16
CA GLU R 67 2.35 36.42 -56.72
C GLU R 67 1.43 37.38 -55.98
N MET R 68 0.25 37.56 -56.56
CA MET R 68 -0.79 38.43 -56.00
C MET R 68 -2.09 38.17 -56.76
N ARG R 69 -3.24 38.23 -56.07
CA ARG R 69 -4.51 37.97 -56.75
C ARG R 69 -5.72 38.48 -55.95
N LEU R 70 -6.82 37.72 -56.01
CA LEU R 70 -8.08 38.07 -55.37
C LEU R 70 -7.88 38.67 -53.97
N GLU R 71 -7.90 37.82 -52.93
CA GLU R 71 -7.74 38.31 -51.57
C GLU R 71 -7.00 37.30 -50.71
N LYS R 72 -6.28 36.39 -51.34
CA LYS R 72 -5.53 35.39 -50.61
C LYS R 72 -4.43 34.76 -51.49
N ASP R 73 -3.30 34.44 -50.87
CA ASP R 73 -2.17 33.84 -51.59
C ASP R 73 -1.09 33.37 -50.61
N ARG R 74 -0.42 32.28 -50.97
CA ARG R 74 0.64 31.71 -50.13
C ARG R 74 2.02 32.11 -50.65
N PHE R 75 3.05 31.78 -49.88
CA PHE R 75 4.42 32.09 -50.24
C PHE R 75 5.41 31.30 -49.40
N SER R 76 6.66 31.22 -49.85
CA SER R 76 7.68 30.48 -49.12
C SER R 76 9.08 30.96 -49.47
N VAL R 77 9.85 31.34 -48.45
CA VAL R 77 11.22 31.79 -48.63
C VAL R 77 12.18 30.70 -48.14
N ASN R 78 13.36 30.63 -48.74
CA ASN R 78 14.34 29.61 -48.35
C ASN R 78 15.64 30.23 -47.89
N LEU R 79 16.01 29.96 -46.64
CA LEU R 79 17.27 30.45 -46.09
C LEU R 79 18.41 29.59 -46.61
N ASP R 80 19.65 29.92 -46.27
CA ASP R 80 20.78 29.16 -46.78
C ASP R 80 21.66 28.58 -45.69
N VAL R 81 21.76 27.25 -45.70
CA VAL R 81 22.60 26.50 -44.79
C VAL R 81 23.05 25.23 -45.51
N LYS R 82 24.02 25.38 -46.41
CA LYS R 82 24.52 24.27 -47.22
C LYS R 82 24.74 22.99 -46.41
N HIS R 83 25.34 23.12 -45.25
CA HIS R 83 25.59 21.94 -44.40
C HIS R 83 24.64 21.92 -43.21
N PHE R 84 24.01 20.77 -43.01
CA PHE R 84 23.04 20.59 -41.94
C PHE R 84 23.62 20.86 -40.56
N SER R 85 22.80 21.49 -39.72
CA SER R 85 23.14 21.81 -38.35
C SER R 85 21.87 21.82 -37.50
N PRO R 86 21.07 20.72 -37.55
CA PRO R 86 19.79 20.62 -36.83
C PRO R 86 19.85 21.16 -35.41
N GLU R 87 20.83 20.71 -34.64
CA GLU R 87 20.98 21.13 -33.26
C GLU R 87 21.84 22.38 -33.12
N GLU R 88 22.63 22.68 -34.15
CA GLU R 88 23.54 23.81 -34.10
C GLU R 88 23.05 25.01 -34.90
N LEU R 89 21.73 25.15 -35.07
CA LEU R 89 21.18 26.28 -35.80
C LEU R 89 19.93 26.82 -35.11
N LYS R 90 19.78 28.14 -35.13
CA LYS R 90 18.64 28.79 -34.52
C LYS R 90 17.99 29.78 -35.49
N VAL R 91 16.70 29.59 -35.75
CA VAL R 91 15.96 30.48 -36.63
C VAL R 91 15.22 31.51 -35.81
N LYS R 92 15.32 32.78 -36.21
CA LYS R 92 14.66 33.83 -35.47
C LYS R 92 13.79 34.70 -36.39
N VAL R 93 12.52 34.84 -36.02
CA VAL R 93 11.60 35.66 -36.78
C VAL R 93 11.30 36.95 -36.01
N LEU R 94 12.30 37.83 -35.99
CA LEU R 94 12.17 39.10 -35.28
C LEU R 94 11.39 40.10 -36.13
N GLY R 95 10.07 40.03 -36.04
CA GLY R 95 9.23 40.94 -36.79
C GLY R 95 9.29 40.65 -38.28
N ASP R 96 9.48 41.69 -39.07
CA ASP R 96 9.54 41.55 -40.52
C ASP R 96 10.96 41.21 -40.96
N VAL R 97 11.73 40.61 -40.05
CA VAL R 97 13.11 40.24 -40.34
C VAL R 97 13.37 38.77 -40.02
N ILE R 98 13.67 37.99 -41.06
CA ILE R 98 13.96 36.56 -40.91
C ILE R 98 15.46 36.33 -40.96
N GLU R 99 16.01 35.71 -39.92
CA GLU R 99 17.44 35.44 -39.86
C GLU R 99 17.72 34.02 -39.40
N VAL R 100 18.74 33.41 -40.00
CA VAL R 100 19.14 32.05 -39.64
C VAL R 100 20.58 32.05 -39.14
N HIS R 101 20.83 31.30 -38.07
CA HIS R 101 22.16 31.20 -37.49
C HIS R 101 22.57 29.76 -37.27
N GLY R 102 23.26 29.19 -38.25
CA GLY R 102 23.69 27.81 -38.15
C GLY R 102 25.20 27.66 -38.27
N LYS R 103 25.78 26.89 -37.36
CA LYS R 103 27.22 26.66 -37.35
C LYS R 103 27.54 25.19 -37.15
N HIS R 104 28.24 24.60 -38.10
CA HIS R 104 28.60 23.19 -38.03
C HIS R 104 30.07 22.97 -38.34
N GLU R 105 30.72 22.10 -37.57
CA GLU R 105 32.12 21.79 -37.77
C GLU R 105 32.25 20.61 -38.74
N GLU R 106 32.57 20.92 -40.00
CA GLU R 106 32.70 19.90 -41.02
C GLU R 106 34.15 19.63 -41.37
N ARG R 107 35.01 20.62 -41.17
CA ARG R 107 36.44 20.47 -41.45
C ARG R 107 37.21 20.20 -40.16
N GLN R 108 38.06 19.18 -40.18
CA GLN R 108 38.84 18.81 -39.01
C GLN R 108 40.33 18.72 -39.34
N ASP R 109 41.15 19.13 -38.37
CA ASP R 109 42.60 19.08 -38.52
C ASP R 109 43.21 18.29 -37.37
N GLU R 110 44.53 18.39 -37.22
CA GLU R 110 45.23 17.67 -36.15
C GLU R 110 44.65 18.02 -34.78
N HIS R 111 45.01 19.20 -34.27
CA HIS R 111 44.51 19.66 -32.98
C HIS R 111 43.67 20.90 -33.16
N GLY R 112 43.21 21.12 -34.40
CA GLY R 112 42.39 22.27 -34.70
C GLY R 112 41.12 21.88 -35.43
N PHE R 113 39.99 22.34 -34.93
CA PHE R 113 38.71 22.02 -35.55
C PHE R 113 38.09 23.25 -36.21
N ILE R 114 37.77 23.11 -37.49
CA ILE R 114 37.17 24.21 -38.24
C ILE R 114 35.65 24.14 -38.14
N SER R 115 35.02 25.30 -38.04
CA SER R 115 33.56 25.37 -37.92
C SER R 115 32.99 26.46 -38.81
N ARG R 116 32.31 26.04 -39.88
CA ARG R 116 31.70 26.98 -40.80
C ARG R 116 30.36 27.45 -40.25
N GLU R 117 29.93 28.63 -40.66
CA GLU R 117 28.66 29.19 -40.18
C GLU R 117 27.95 29.98 -41.27
N PHE R 118 26.66 29.71 -41.44
CA PHE R 118 25.84 30.40 -42.42
C PHE R 118 24.85 31.31 -41.72
N HIS R 119 24.86 32.60 -42.06
CA HIS R 119 23.96 33.55 -41.44
C HIS R 119 23.28 34.44 -42.48
N ARG R 120 21.96 34.31 -42.57
CA ARG R 120 21.18 35.09 -43.52
C ARG R 120 20.41 36.21 -42.81
N LYS R 121 20.31 37.34 -43.47
CA LYS R 121 19.58 38.48 -42.93
C LYS R 121 18.53 38.95 -43.93
N TYR R 122 17.28 38.59 -43.67
CA TYR R 122 16.18 38.95 -44.55
C TYR R 122 15.28 40.01 -43.93
N ARG R 123 15.12 41.12 -44.61
CA ARG R 123 14.25 42.20 -44.16
C ARG R 123 13.14 42.40 -45.19
N ILE R 124 12.29 41.38 -45.30
CA ILE R 124 11.18 41.41 -46.26
C ILE R 124 9.81 41.46 -45.59
N PRO R 125 9.36 42.66 -45.17
CA PRO R 125 8.04 42.81 -44.56
C PRO R 125 6.94 42.52 -45.57
N ALA R 126 7.33 42.47 -46.84
CA ALA R 126 6.41 42.21 -47.93
C ALA R 126 6.19 40.71 -48.13
N ASP R 127 7.09 39.91 -47.58
CA ASP R 127 6.99 38.46 -47.69
C ASP R 127 6.95 37.82 -46.31
N VAL R 128 7.06 38.64 -45.27
CA VAL R 128 7.06 38.12 -43.91
C VAL R 128 6.03 38.80 -43.01
N ASP R 129 5.51 38.01 -42.09
CA ASP R 129 4.54 38.44 -41.10
C ASP R 129 4.60 37.45 -39.94
N PRO R 130 5.44 37.74 -38.92
CA PRO R 130 5.67 36.86 -37.78
C PRO R 130 4.40 36.15 -37.27
N LEU R 131 3.26 36.82 -37.37
CA LEU R 131 2.00 36.24 -36.91
C LEU R 131 1.45 35.20 -37.88
N THR R 132 2.31 34.64 -38.73
CA THR R 132 1.84 33.64 -39.69
C THR R 132 3.01 32.91 -40.36
N ILE R 133 4.18 33.52 -40.37
CA ILE R 133 5.35 32.90 -41.00
C ILE R 133 6.02 31.91 -40.07
N THR R 134 6.05 30.65 -40.50
CA THR R 134 6.68 29.59 -39.72
C THR R 134 8.06 29.29 -40.30
N SER R 135 8.66 28.18 -39.87
CA SER R 135 9.97 27.81 -40.36
C SER R 135 10.12 26.30 -40.53
N SER R 136 10.72 25.91 -41.64
CA SER R 136 10.98 24.51 -41.93
C SER R 136 12.48 24.33 -42.13
N LEU R 137 12.95 23.09 -42.17
CA LEU R 137 14.36 22.83 -42.35
C LEU R 137 14.58 21.50 -43.06
N SER R 138 15.72 21.38 -43.74
CA SER R 138 16.06 20.15 -44.46
C SER R 138 17.28 19.49 -43.83
N SER R 139 17.49 18.22 -44.12
CA SER R 139 18.63 17.48 -43.57
C SER R 139 19.93 17.98 -44.16
N ASP R 140 19.82 18.90 -45.10
CA ASP R 140 21.00 19.48 -45.74
C ASP R 140 21.10 20.94 -45.34
N GLY R 141 20.37 21.31 -44.29
CA GLY R 141 20.39 22.66 -43.78
C GLY R 141 19.46 23.59 -44.54
N VAL R 142 18.82 23.08 -45.58
CA VAL R 142 17.91 23.90 -46.38
C VAL R 142 16.73 24.39 -45.54
N LEU R 143 16.82 25.64 -45.09
CA LEU R 143 15.77 26.25 -44.28
C LEU R 143 14.69 26.82 -45.20
N THR R 144 13.43 26.63 -44.82
CA THR R 144 12.33 27.14 -45.64
C THR R 144 11.23 27.77 -44.77
N VAL R 145 11.21 29.09 -44.74
CA VAL R 145 10.20 29.82 -43.97
C VAL R 145 8.96 30.03 -44.82
N ASN R 146 7.96 29.19 -44.60
CA ASN R 146 6.72 29.27 -45.37
C ASN R 146 5.67 30.12 -44.67
N GLY R 147 4.74 30.67 -45.45
CA GLY R 147 3.69 31.50 -44.91
C GLY R 147 3.24 32.57 -45.89
N PRO R 148 2.14 33.30 -45.56
CA PRO R 148 1.61 34.37 -46.42
C PRO R 148 2.59 35.53 -46.61
N ARG R 149 2.06 36.70 -46.96
CA ARG R 149 2.89 37.88 -47.19
C ARG R 149 2.05 39.16 -47.18
N LYS R 150 2.71 40.31 -47.23
CA LYS R 150 2.01 41.59 -47.25
C LYS R 150 2.76 42.62 -48.12
N GLN R 151 3.35 43.65 -47.50
CA GLN R 151 4.09 44.68 -48.26
C GLN R 151 4.95 45.55 -47.35
N VAL R 152 5.54 46.61 -47.95
CA VAL R 152 6.40 47.56 -47.24
C VAL R 152 7.77 46.94 -46.92
N SER R 153 8.80 47.81 -46.85
CA SER R 153 10.15 47.38 -46.54
C SER R 153 11.07 48.58 -46.30
N GLY R 154 11.59 48.70 -45.06
CA GLY R 154 12.47 49.82 -44.75
C GLY R 154 12.87 49.87 -43.28
N PRO R 155 14.17 50.10 -42.96
CA PRO R 155 14.65 50.17 -41.59
C PRO R 155 14.69 51.60 -41.03
N GLU R 156 15.12 52.57 -41.86
CA GLU R 156 15.22 53.98 -41.45
C GLU R 156 14.08 54.41 -40.54
N ARG R 157 14.34 55.42 -39.72
CA ARG R 157 13.34 55.92 -38.77
C ARG R 157 12.91 57.35 -39.10
N THR R 158 13.77 58.31 -38.75
CA THR R 158 13.50 59.73 -39.00
C THR R 158 12.39 60.23 -38.08
N ILE R 159 12.77 60.65 -36.87
CA ILE R 159 11.81 61.16 -35.90
C ILE R 159 12.38 62.33 -35.11
N PRO R 160 12.28 63.57 -35.64
CA PRO R 160 12.78 64.77 -34.97
C PRO R 160 11.82 65.23 -33.87
N ILE R 161 12.38 65.70 -32.75
CA ILE R 161 11.57 66.17 -31.63
C ILE R 161 11.97 67.57 -31.19
N THR R 162 11.01 68.30 -30.63
CA THR R 162 11.24 69.65 -30.12
C THR R 162 11.52 70.65 -31.25
N ARG R 163 12.74 71.21 -31.27
CA ARG R 163 13.15 72.21 -32.27
C ARG R 163 12.59 73.59 -31.93
N GLU R 164 11.45 73.59 -31.23
CA GLU R 164 10.79 74.83 -30.81
C GLU R 164 10.26 75.62 -32.02
N GLU R 165 10.99 76.66 -32.44
CA GLU R 165 10.57 77.48 -33.56
C GLU R 165 9.27 78.22 -33.27
N LYS R 166 8.92 78.34 -31.99
CA LYS R 166 7.69 79.01 -31.60
C LYS R 166 7.95 80.23 -30.69
N PRO R 167 8.55 80.03 -29.49
CA PRO R 167 8.83 81.13 -28.58
C PRO R 167 10.15 81.83 -28.88
N ALA R 168 11.23 81.45 -28.19
CA ALA R 168 12.53 82.06 -28.40
C ALA R 168 13.00 81.90 -29.85
N VAL R 169 13.20 83.03 -30.52
CA VAL R 169 13.63 83.02 -31.92
C VAL R 169 14.75 84.04 -32.15
N THR R 170 15.41 83.95 -33.29
CA THR R 170 16.49 84.87 -33.64
C THR R 170 16.14 85.67 -34.89
N ALA R 171 16.92 86.70 -35.18
CA ALA R 171 16.68 87.55 -36.35
C ALA R 171 17.88 88.42 -36.66
N ALA R 172 17.65 89.48 -37.43
CA ALA R 172 18.72 90.40 -37.81
C ALA R 172 18.14 91.70 -38.36
N PRO R 173 18.94 92.79 -38.41
CA PRO R 173 18.46 94.08 -38.94
C PRO R 173 17.97 93.97 -40.37
N LYS R 174 17.42 95.06 -40.90
CA LYS R 174 16.91 95.08 -42.25
C LYS R 174 16.47 96.49 -42.64
N LYS R 175 16.14 96.68 -43.91
CA LYS R 175 15.69 97.98 -44.41
C LYS R 175 15.11 97.87 -45.81
N MET S 1 18.07 4.35 -17.86
CA MET S 1 17.03 4.50 -18.91
C MET S 1 16.74 5.97 -19.15
N ASP S 2 16.84 6.75 -18.07
CA ASP S 2 16.59 8.19 -18.13
C ASP S 2 15.44 8.50 -19.08
N ILE S 3 14.23 8.11 -18.70
CA ILE S 3 13.06 8.34 -19.52
C ILE S 3 12.89 9.82 -19.83
N ALA S 4 13.46 10.67 -18.99
CA ALA S 4 13.36 12.11 -19.17
C ALA S 4 14.54 12.66 -20.00
N ILE S 5 15.30 11.76 -20.61
CA ILE S 5 16.44 12.16 -21.42
C ILE S 5 16.57 11.29 -22.67
N HIS S 6 16.74 9.99 -22.46
CA HIS S 6 16.88 9.05 -23.56
C HIS S 6 15.65 9.03 -24.46
N HIS S 7 14.46 9.17 -23.87
CA HIS S 7 13.23 9.16 -24.66
C HIS S 7 13.18 10.34 -25.64
N PRO S 8 13.34 11.59 -25.16
CA PRO S 8 13.31 12.77 -26.04
C PRO S 8 14.57 12.91 -26.90
N TRP S 9 15.65 12.24 -26.49
CA TRP S 9 16.91 12.32 -27.24
C TRP S 9 16.95 11.25 -28.34
N ILE S 10 16.46 10.06 -28.03
CA ILE S 10 16.43 8.97 -28.99
C ILE S 10 15.37 9.26 -30.06
N ARG S 11 14.60 10.31 -29.82
CA ARG S 11 13.58 10.74 -30.76
C ARG S 11 14.04 11.98 -31.50
N ARG S 12 15.24 12.45 -31.17
CA ARG S 12 15.79 13.64 -31.81
C ARG S 12 16.24 13.33 -33.24
N PRO S 13 17.32 12.53 -33.44
CA PRO S 13 17.78 12.22 -34.79
C PRO S 13 16.84 11.22 -35.46
N PHE S 14 15.55 11.34 -35.15
CA PHE S 14 14.54 10.44 -35.69
C PHE S 14 13.46 11.24 -36.44
N PHE S 15 13.39 12.55 -36.21
CA PHE S 15 12.35 13.36 -36.85
C PHE S 15 12.33 13.16 -38.36
N PRO S 16 13.41 13.50 -39.07
CA PRO S 16 13.49 13.34 -40.53
C PRO S 16 13.07 11.93 -41.05
N PHE S 17 12.74 11.02 -40.13
CA PHE S 17 12.31 9.65 -40.50
C PHE S 17 10.89 9.41 -39.99
N HIS S 18 10.48 10.25 -39.03
CA HIS S 18 9.17 10.16 -38.42
C HIS S 18 8.07 10.07 -39.46
N SER S 19 6.83 10.00 -39.00
CA SER S 19 5.68 9.88 -39.89
C SER S 19 5.82 8.69 -40.85
N PRO S 20 6.31 7.53 -40.36
CA PRO S 20 6.46 6.34 -41.18
C PRO S 20 5.29 5.40 -40.95
N SER S 21 4.13 5.99 -40.66
CA SER S 21 2.92 5.23 -40.38
C SER S 21 3.07 4.52 -39.04
N ARG S 22 2.27 4.93 -38.06
CA ARG S 22 2.31 4.34 -36.73
C ARG S 22 2.24 2.82 -36.79
N LEU S 23 1.64 2.32 -37.86
CA LEU S 23 1.51 0.89 -38.07
C LEU S 23 2.30 0.46 -39.30
N PHE S 24 3.56 0.87 -39.34
CA PHE S 24 4.45 0.58 -40.46
C PHE S 24 4.69 -0.92 -40.64
N ASP S 25 4.81 -1.63 -39.52
CA ASP S 25 5.06 -3.07 -39.56
C ASP S 25 3.91 -3.86 -40.17
N GLN S 26 2.71 -3.28 -40.14
CA GLN S 26 1.54 -3.97 -40.69
C GLN S 26 1.15 -3.41 -42.05
N PHE S 27 1.29 -2.10 -42.23
CA PHE S 27 0.94 -1.46 -43.49
C PHE S 27 1.75 -2.05 -44.63
N PHE S 28 3.07 -1.92 -44.55
CA PHE S 28 3.95 -2.47 -45.58
C PHE S 28 3.89 -4.00 -45.57
N GLY S 29 3.66 -4.56 -44.39
CA GLY S 29 3.58 -6.00 -44.26
C GLY S 29 2.48 -6.59 -45.12
N GLU S 30 1.43 -5.80 -45.35
CA GLU S 30 0.31 -6.25 -46.17
C GLU S 30 0.67 -6.16 -47.65
N HIS S 31 1.36 -5.10 -48.03
CA HIS S 31 1.76 -4.89 -49.41
C HIS S 31 2.81 -5.92 -49.83
N LEU S 32 3.60 -6.37 -48.87
CA LEU S 32 4.63 -7.37 -49.14
C LEU S 32 4.02 -8.76 -49.19
N LEU S 33 2.89 -8.91 -48.52
CA LEU S 33 2.17 -10.18 -48.50
C LEU S 33 1.36 -10.34 -49.77
N GLU S 34 1.01 -9.22 -50.39
CA GLU S 34 0.24 -9.22 -51.62
C GLU S 34 1.12 -9.59 -52.81
N SER S 35 2.36 -9.11 -52.78
CA SER S 35 3.32 -9.38 -53.84
C SER S 35 3.99 -10.73 -53.64
N ASP S 36 3.69 -11.38 -52.51
CA ASP S 36 4.26 -12.67 -52.19
C ASP S 36 3.34 -13.80 -52.63
N LEU S 37 2.14 -13.43 -53.08
CA LEU S 37 1.16 -14.41 -53.52
C LEU S 37 1.35 -14.72 -55.01
N PHE S 38 1.00 -13.76 -55.85
CA PHE S 38 1.13 -13.91 -57.30
C PHE S 38 2.22 -12.97 -57.82
N PRO S 39 3.06 -13.44 -58.78
CA PRO S 39 4.13 -12.62 -59.36
C PRO S 39 3.58 -11.33 -59.96
N THR S 40 3.36 -10.34 -59.10
CA THR S 40 2.82 -9.06 -59.53
C THR S 40 3.74 -8.38 -60.53
N SER S 41 3.13 -7.74 -61.52
CA SER S 41 3.85 -7.04 -62.59
C SER S 41 5.06 -6.26 -62.08
N THR S 42 6.18 -6.96 -61.94
CA THR S 42 7.43 -6.38 -61.48
C THR S 42 8.59 -7.15 -62.09
N SER S 43 9.80 -6.75 -61.76
CA SER S 43 10.98 -7.45 -62.26
C SER S 43 11.20 -8.69 -61.41
N LEU S 44 10.08 -9.27 -60.96
CA LEU S 44 10.09 -10.43 -60.09
C LEU S 44 10.78 -10.10 -58.78
N SER S 45 10.71 -10.99 -57.81
CA SER S 45 11.33 -10.74 -56.52
C SER S 45 11.28 -11.97 -55.62
N PRO S 46 12.42 -12.56 -55.25
CA PRO S 46 12.43 -13.71 -54.36
C PRO S 46 11.77 -13.33 -53.06
N PHE S 47 12.04 -12.08 -52.65
CA PHE S 47 11.48 -11.50 -51.44
C PHE S 47 11.85 -10.02 -51.36
N TYR S 48 12.01 -9.37 -52.52
CA TYR S 48 12.33 -7.96 -52.55
C TYR S 48 11.18 -7.14 -51.98
N LEU S 49 11.42 -6.49 -50.85
CA LEU S 49 10.39 -5.70 -50.20
C LEU S 49 10.63 -4.21 -50.37
N ARG S 50 9.71 -3.53 -51.08
CA ARG S 50 9.82 -2.10 -51.31
C ARG S 50 9.75 -1.33 -49.99
N PRO S 51 10.91 -0.82 -49.50
CA PRO S 51 10.97 -0.08 -48.25
C PRO S 51 10.96 1.43 -48.45
N PRO S 52 10.68 2.20 -47.37
CA PRO S 52 10.67 3.66 -47.44
C PRO S 52 12.08 4.22 -47.48
N SER S 53 12.46 4.80 -48.61
CA SER S 53 13.79 5.35 -48.77
C SER S 53 13.74 6.82 -49.18
N PHE S 54 14.87 7.51 -49.01
CA PHE S 54 14.97 8.91 -49.35
C PHE S 54 15.42 9.09 -50.79
N LEU S 55 15.84 7.99 -51.41
CA LEU S 55 16.27 8.03 -52.80
C LEU S 55 15.12 8.48 -53.68
N ARG S 56 15.31 9.58 -54.39
CA ARG S 56 14.27 10.15 -55.24
C ARG S 56 14.33 9.59 -56.67
N ALA S 57 15.53 9.44 -57.20
CA ALA S 57 15.70 8.95 -58.57
C ALA S 57 15.45 7.45 -58.69
N PRO S 58 16.19 6.60 -57.94
CA PRO S 58 16.04 5.15 -58.02
C PRO S 58 15.08 4.57 -56.97
N SER S 59 14.57 3.37 -57.28
CA SER S 59 13.66 2.67 -56.37
C SER S 59 14.40 1.51 -55.72
N TRP S 60 14.58 1.58 -54.40
CA TRP S 60 15.30 0.55 -53.67
C TRP S 60 14.37 -0.56 -53.18
N PHE S 61 14.92 -1.77 -53.13
CA PHE S 61 14.18 -2.94 -52.67
C PHE S 61 15.05 -3.81 -51.77
N ASP S 62 14.55 -4.15 -50.59
CA ASP S 62 15.30 -4.97 -49.64
C ASP S 62 15.53 -6.37 -50.21
N THR S 63 16.79 -6.77 -50.35
CA THR S 63 17.13 -8.07 -50.92
C THR S 63 18.27 -8.75 -50.18
N GLY S 64 18.56 -9.99 -50.60
CA GLY S 64 19.64 -10.76 -50.01
C GLY S 64 20.88 -10.75 -50.88
N LEU S 65 21.03 -11.77 -51.73
CA LEU S 65 22.18 -11.89 -52.63
C LEU S 65 23.48 -12.15 -51.87
N SER S 66 23.95 -11.14 -51.15
CA SER S 66 25.20 -11.24 -50.38
C SER S 66 25.02 -12.08 -49.12
N GLU S 67 24.21 -13.13 -49.20
CA GLU S 67 23.97 -14.00 -48.06
C GLU S 67 23.73 -15.44 -48.53
N MET S 68 24.10 -15.71 -49.78
CA MET S 68 23.93 -17.03 -50.37
C MET S 68 25.17 -17.44 -51.16
N ARG S 69 25.52 -16.62 -52.13
CA ARG S 69 26.69 -16.87 -52.99
C ARG S 69 27.67 -15.70 -52.87
N LEU S 70 28.90 -15.89 -53.34
CA LEU S 70 29.90 -14.83 -53.27
C LEU S 70 31.03 -15.03 -54.29
N GLU S 71 32.11 -15.67 -53.87
CA GLU S 71 33.26 -15.90 -54.76
C GLU S 71 33.67 -17.36 -54.81
N LYS S 72 33.11 -18.10 -55.79
CA LYS S 72 33.41 -19.52 -55.95
C LYS S 72 33.62 -19.89 -57.42
N ASP S 73 34.29 -21.02 -57.66
CA ASP S 73 34.55 -21.53 -59.01
C ASP S 73 34.81 -23.03 -58.94
N ARG S 74 34.97 -23.70 -60.09
CA ARG S 74 35.27 -25.13 -60.11
C ARG S 74 36.31 -25.41 -59.04
N PHE S 75 35.87 -25.95 -57.91
CA PHE S 75 36.75 -26.14 -56.77
C PHE S 75 36.91 -27.57 -56.29
N SER S 76 37.61 -27.65 -55.17
CA SER S 76 37.89 -28.89 -54.47
C SER S 76 38.40 -28.55 -53.07
N VAL S 77 37.52 -27.92 -52.29
CA VAL S 77 37.84 -27.50 -50.92
C VAL S 77 38.55 -28.60 -50.15
N ASN S 78 39.33 -28.21 -49.15
CA ASN S 78 40.06 -29.18 -48.34
C ASN S 78 39.97 -28.84 -46.85
N LEU S 79 39.52 -29.81 -46.07
CA LEU S 79 39.37 -29.65 -44.63
C LEU S 79 40.74 -29.54 -43.96
N ASP S 80 40.77 -29.31 -42.66
CA ASP S 80 42.03 -29.16 -41.95
C ASP S 80 42.18 -30.15 -40.79
N VAL S 81 43.22 -30.98 -40.91
CA VAL S 81 43.58 -31.95 -39.89
C VAL S 81 45.10 -32.05 -39.87
N LYS S 82 45.73 -31.03 -39.29
CA LYS S 82 47.18 -30.92 -39.21
C LYS S 82 47.85 -32.24 -38.89
N HIS S 83 47.33 -32.98 -37.92
CA HIS S 83 47.91 -34.26 -37.55
C HIS S 83 47.05 -35.41 -38.03
N PHE S 84 47.70 -36.36 -38.71
CA PHE S 84 47.02 -37.51 -39.29
C PHE S 84 46.19 -38.29 -38.27
N SER S 85 45.01 -38.70 -38.72
CA SER S 85 44.08 -39.48 -37.91
C SER S 85 43.21 -40.34 -38.84
N PRO S 86 43.84 -41.12 -39.74
CA PRO S 86 43.11 -41.96 -40.71
C PRO S 86 41.96 -42.75 -40.10
N GLU S 87 42.25 -43.55 -39.10
CA GLU S 87 41.25 -44.38 -38.44
C GLU S 87 40.45 -43.58 -37.41
N GLU S 88 41.00 -42.46 -36.97
CA GLU S 88 40.34 -41.65 -35.94
C GLU S 88 39.70 -40.39 -36.51
N LEU S 89 39.27 -40.43 -37.77
CA LEU S 89 38.62 -39.28 -38.37
C LEU S 89 37.35 -39.71 -39.11
N LYS S 90 36.34 -38.85 -39.08
CA LYS S 90 35.07 -39.12 -39.74
C LYS S 90 34.59 -37.90 -40.52
N VAL S 91 34.55 -38.02 -41.83
CA VAL S 91 34.08 -36.93 -42.68
C VAL S 91 32.60 -37.10 -42.98
N LYS S 92 31.82 -36.06 -42.72
CA LYS S 92 30.38 -36.13 -42.95
C LYS S 92 29.92 -35.05 -43.90
N VAL S 93 29.19 -35.46 -44.94
CA VAL S 93 28.64 -34.54 -45.91
C VAL S 93 27.13 -34.45 -45.75
N LEU S 94 26.70 -33.69 -44.74
CA LEU S 94 25.29 -33.52 -44.45
C LEU S 94 24.72 -32.37 -45.27
N GLY S 95 24.34 -32.67 -46.51
CA GLY S 95 23.78 -31.64 -47.37
C GLY S 95 24.84 -30.68 -47.85
N ASP S 96 24.56 -29.38 -47.76
CA ASP S 96 25.50 -28.36 -48.18
C ASP S 96 26.44 -27.99 -47.05
N VAL S 97 26.59 -28.92 -46.09
CA VAL S 97 27.46 -28.69 -44.94
C VAL S 97 28.52 -29.78 -44.82
N ILE S 98 29.76 -29.41 -45.09
CA ILE S 98 30.89 -30.34 -44.99
C ILE S 98 31.58 -30.20 -43.65
N GLU S 99 31.71 -31.30 -42.92
CA GLU S 99 32.35 -31.29 -41.62
C GLU S 99 33.37 -32.41 -41.48
N VAL S 100 34.36 -32.20 -40.63
CA VAL S 100 35.39 -33.20 -40.37
C VAL S 100 35.60 -33.37 -38.88
N HIS S 101 35.70 -34.62 -38.43
CA HIS S 101 35.89 -34.91 -37.02
C HIS S 101 37.06 -35.87 -36.82
N GLY S 102 38.25 -35.31 -36.59
CA GLY S 102 39.43 -36.12 -36.39
C GLY S 102 40.10 -35.86 -35.06
N LYS S 103 40.31 -36.92 -34.30
CA LYS S 103 40.94 -36.82 -33.00
C LYS S 103 42.11 -37.79 -32.87
N HIS S 104 43.30 -37.27 -32.59
CA HIS S 104 44.48 -38.10 -32.46
C HIS S 104 45.30 -37.72 -31.23
N GLU S 105 45.78 -38.74 -30.51
CA GLU S 105 46.58 -38.52 -29.32
C GLU S 105 48.05 -38.43 -29.71
N GLU S 106 48.58 -37.21 -29.75
CA GLU S 106 49.98 -37.00 -30.12
C GLU S 106 50.83 -36.64 -28.91
N ARG S 107 50.21 -36.07 -27.89
CA ARG S 107 50.93 -35.69 -26.68
C ARG S 107 50.71 -36.74 -25.59
N GLN S 108 51.79 -37.18 -24.96
CA GLN S 108 51.71 -38.19 -23.92
C GLN S 108 52.42 -37.75 -22.64
N ASP S 109 51.87 -38.14 -21.50
CA ASP S 109 52.45 -37.82 -20.20
C ASP S 109 52.70 -39.09 -19.41
N GLU S 110 52.93 -38.95 -18.10
CA GLU S 110 53.17 -40.09 -17.24
C GLU S 110 51.99 -41.07 -17.28
N HIS S 111 50.89 -40.69 -16.66
CA HIS S 111 49.69 -41.52 -16.65
C HIS S 111 48.52 -40.78 -17.29
N GLY S 112 48.84 -39.72 -18.02
CA GLY S 112 47.83 -38.94 -18.69
C GLY S 112 48.11 -38.80 -20.17
N PHE S 113 47.13 -39.14 -20.99
CA PHE S 113 47.29 -39.06 -22.43
C PHE S 113 46.50 -37.90 -23.01
N ILE S 114 47.18 -37.02 -23.74
CA ILE S 114 46.55 -35.87 -24.36
C ILE S 114 46.05 -36.23 -25.76
N SER S 115 44.89 -35.73 -26.12
CA SER S 115 44.31 -36.00 -27.43
C SER S 115 43.79 -34.73 -28.08
N ARG S 116 44.39 -34.36 -29.20
CA ARG S 116 43.98 -33.17 -29.93
C ARG S 116 42.89 -33.53 -30.93
N GLU S 117 42.03 -32.56 -31.24
CA GLU S 117 40.94 -32.81 -32.18
C GLU S 117 40.69 -31.59 -33.07
N PHE S 118 40.54 -31.86 -34.37
CA PHE S 118 40.26 -30.81 -35.34
C PHE S 118 38.86 -30.99 -35.92
N HIS S 119 38.02 -29.98 -35.73
CA HIS S 119 36.64 -30.05 -36.22
C HIS S 119 36.30 -28.83 -37.07
N ARG S 120 36.04 -29.07 -38.35
CA ARG S 120 35.68 -28.00 -39.28
C ARG S 120 34.20 -28.02 -39.61
N LYS S 121 33.60 -26.85 -39.69
CA LYS S 121 32.19 -26.72 -40.03
C LYS S 121 32.04 -25.80 -41.25
N TYR S 122 31.86 -26.41 -42.41
CA TYR S 122 31.72 -25.67 -43.65
C TYR S 122 30.28 -25.65 -44.15
N ARG S 123 29.71 -24.46 -44.23
CA ARG S 123 28.35 -24.29 -44.74
C ARG S 123 28.42 -23.60 -46.10
N ILE S 124 29.07 -24.26 -47.05
CA ILE S 124 29.24 -23.72 -48.40
C ILE S 124 28.32 -24.40 -49.41
N PRO S 125 27.10 -23.85 -49.61
CA PRO S 125 26.14 -24.41 -50.56
C PRO S 125 26.61 -24.25 -52.00
N ALA S 126 27.19 -23.10 -52.30
CA ALA S 126 27.67 -22.80 -53.65
C ALA S 126 28.99 -23.51 -53.94
N ASP S 127 29.41 -24.37 -53.02
CA ASP S 127 30.65 -25.12 -53.19
C ASP S 127 30.44 -26.60 -52.94
N VAL S 128 29.29 -26.94 -52.37
CA VAL S 128 29.02 -28.34 -52.05
C VAL S 128 27.68 -28.84 -52.59
N ASP S 129 27.70 -30.10 -52.98
CA ASP S 129 26.56 -30.84 -53.48
C ASP S 129 26.74 -32.29 -53.08
N PRO S 130 26.14 -32.70 -51.95
CA PRO S 130 26.27 -34.06 -51.39
C PRO S 130 26.30 -35.17 -52.44
N LEU S 131 25.57 -34.99 -53.52
CA LEU S 131 25.49 -35.98 -54.58
C LEU S 131 26.84 -36.24 -55.26
N THR S 132 27.56 -35.18 -55.57
CA THR S 132 28.83 -35.31 -56.29
C THR S 132 30.07 -35.11 -55.40
N ILE S 133 30.01 -34.14 -54.50
CA ILE S 133 31.15 -33.84 -53.63
C ILE S 133 31.62 -35.09 -52.87
N THR S 134 32.88 -35.44 -53.08
CA THR S 134 33.49 -36.58 -52.43
C THR S 134 34.56 -36.13 -51.45
N SER S 135 35.35 -37.08 -50.95
CA SER S 135 36.42 -36.75 -50.00
C SER S 135 37.67 -37.57 -50.27
N SER S 136 38.83 -36.94 -50.07
CA SER S 136 40.11 -37.59 -50.27
C SER S 136 41.05 -37.23 -49.13
N LEU S 137 41.50 -38.24 -48.38
CA LEU S 137 42.38 -38.00 -47.25
C LEU S 137 43.84 -38.22 -47.61
N SER S 138 44.72 -37.45 -46.95
CA SER S 138 46.15 -37.56 -47.15
C SER S 138 46.77 -38.30 -45.96
N SER S 139 48.08 -38.51 -46.00
CA SER S 139 48.77 -39.22 -44.94
C SER S 139 49.10 -38.30 -43.76
N ASP S 140 49.00 -36.99 -43.99
CA ASP S 140 49.31 -36.02 -42.94
C ASP S 140 48.03 -35.53 -42.27
N GLY S 141 46.89 -35.92 -42.83
CA GLY S 141 45.61 -35.52 -42.28
C GLY S 141 44.88 -34.55 -43.17
N VAL S 142 45.58 -34.05 -44.18
CA VAL S 142 45.00 -33.09 -45.12
C VAL S 142 43.81 -33.68 -45.87
N LEU S 143 42.61 -33.36 -45.40
CA LEU S 143 41.39 -33.85 -46.04
C LEU S 143 41.03 -32.91 -47.18
N THR S 144 40.57 -33.49 -48.29
CA THR S 144 40.21 -32.67 -49.46
C THR S 144 38.91 -33.13 -50.10
N VAL S 145 37.88 -32.30 -49.98
CA VAL S 145 36.59 -32.60 -50.58
C VAL S 145 36.54 -32.00 -51.98
N ASN S 146 36.63 -32.87 -53.00
CA ASN S 146 36.63 -32.41 -54.38
C ASN S 146 35.28 -32.66 -55.06
N GLY S 147 35.02 -31.87 -56.11
CA GLY S 147 33.77 -32.00 -56.84
C GLY S 147 33.25 -30.66 -57.33
N PRO S 148 32.20 -30.66 -58.19
CA PRO S 148 31.60 -29.43 -58.71
C PRO S 148 30.97 -28.59 -57.61
N ARG S 149 29.99 -27.76 -57.97
CA ARG S 149 29.32 -26.91 -56.99
C ARG S 149 28.04 -26.27 -57.54
N LYS S 150 27.74 -25.07 -57.04
CA LYS S 150 26.56 -24.29 -57.43
C LYS S 150 25.32 -24.77 -56.70
N GLN S 151 24.95 -24.02 -55.66
CA GLN S 151 23.77 -24.33 -54.86
C GLN S 151 23.63 -23.33 -53.70
N VAL S 152 22.43 -23.25 -53.14
CA VAL S 152 22.18 -22.35 -52.02
C VAL S 152 21.42 -23.08 -50.91
N SER S 153 21.84 -22.83 -49.67
CA SER S 153 21.21 -23.46 -48.52
C SER S 153 21.24 -22.53 -47.31
N GLY S 154 20.86 -23.06 -46.16
CA GLY S 154 20.85 -22.27 -44.94
C GLY S 154 19.68 -22.64 -44.04
N PRO S 155 19.92 -23.45 -43.00
CA PRO S 155 18.86 -23.89 -42.08
C PRO S 155 18.31 -22.76 -41.21
N GLU S 156 17.03 -22.46 -41.39
CA GLU S 156 16.35 -21.43 -40.61
C GLU S 156 15.14 -22.04 -39.91
N ARG S 157 14.48 -21.28 -39.05
CA ARG S 157 13.32 -21.78 -38.34
C ARG S 157 12.17 -20.77 -38.36
N THR S 158 11.69 -20.47 -39.56
CA THR S 158 10.59 -19.53 -39.73
C THR S 158 9.47 -20.18 -40.53
N ILE S 159 8.58 -20.89 -39.85
CA ILE S 159 7.47 -21.56 -40.52
C ILE S 159 6.17 -21.50 -39.73
N PRO S 160 5.42 -20.38 -39.85
CA PRO S 160 4.13 -20.24 -39.17
C PRO S 160 3.12 -21.22 -39.77
N ILE S 161 2.47 -22.01 -38.93
CA ILE S 161 1.53 -23.01 -39.42
C ILE S 161 0.06 -22.60 -39.23
N THR S 162 -0.32 -22.39 -37.97
CA THR S 162 -1.69 -22.03 -37.63
C THR S 162 -2.28 -20.93 -38.51
N ARG S 163 -3.60 -20.73 -38.36
CA ARG S 163 -4.36 -19.75 -39.13
C ARG S 163 -4.53 -20.26 -40.56
N GLU S 164 -5.78 -20.45 -40.95
CA GLU S 164 -6.04 -21.00 -42.27
C GLU S 164 -7.50 -20.86 -42.72
N GLU S 165 -8.08 -19.67 -42.51
CA GLU S 165 -9.47 -19.40 -42.93
C GLU S 165 -10.49 -20.37 -42.31
N LYS S 166 -11.58 -19.81 -41.77
CA LYS S 166 -12.68 -20.61 -41.18
C LYS S 166 -12.39 -21.24 -39.80
N PRO S 167 -12.24 -20.42 -38.74
CA PRO S 167 -12.03 -20.89 -37.37
C PRO S 167 -13.21 -20.55 -36.45
N ALA S 168 -13.05 -19.44 -35.68
CA ALA S 168 -14.06 -18.91 -34.77
C ALA S 168 -14.00 -19.52 -33.38
N VAL S 169 -13.85 -18.64 -32.39
CA VAL S 169 -13.84 -19.02 -30.98
C VAL S 169 -14.77 -18.09 -30.24
N THR S 170 -14.90 -18.27 -28.93
CA THR S 170 -15.78 -17.41 -28.16
C THR S 170 -15.39 -17.41 -26.69
N ALA S 171 -16.08 -16.58 -25.92
CA ALA S 171 -15.84 -16.46 -24.49
C ALA S 171 -17.05 -15.85 -23.80
N ALA S 172 -16.85 -15.37 -22.59
CA ALA S 172 -17.92 -14.75 -21.83
C ALA S 172 -17.37 -14.06 -20.58
N PRO S 173 -18.13 -13.13 -19.97
CA PRO S 173 -17.69 -12.43 -18.77
C PRO S 173 -17.32 -13.40 -17.65
N LYS S 174 -16.41 -12.98 -16.78
CA LYS S 174 -15.97 -13.82 -15.67
C LYS S 174 -15.50 -12.98 -14.48
N LYS S 175 -15.34 -13.63 -13.33
CA LYS S 175 -14.88 -12.97 -12.11
C LYS S 175 -14.79 -13.97 -10.96
N MET T 1 14.21 -24.00 0.82
CA MET T 1 14.51 -23.59 -0.58
C MET T 1 13.89 -22.24 -0.90
N ASP T 2 14.03 -21.30 0.03
CA ASP T 2 13.48 -19.95 -0.15
C ASP T 2 14.28 -19.20 -1.20
N ILE T 3 13.91 -19.39 -2.46
CA ILE T 3 14.59 -18.73 -3.57
C ILE T 3 14.25 -17.24 -3.62
N ALA T 4 13.07 -16.88 -3.14
CA ALA T 4 12.63 -15.49 -3.13
C ALA T 4 12.80 -14.84 -1.76
N ILE T 5 13.62 -15.46 -0.90
CA ILE T 5 13.86 -14.94 0.43
C ILE T 5 15.33 -15.02 0.82
N HIS T 6 15.86 -16.24 0.84
CA HIS T 6 17.26 -16.46 1.21
C HIS T 6 18.22 -15.98 0.12
N HIS T 7 17.90 -16.28 -1.14
CA HIS T 7 18.76 -15.88 -2.25
C HIS T 7 19.10 -14.39 -2.22
N PRO T 8 18.09 -13.49 -2.12
CA PRO T 8 18.34 -12.05 -2.09
C PRO T 8 18.81 -11.57 -0.71
N TRP T 9 18.79 -12.48 0.26
CA TRP T 9 19.21 -12.16 1.62
C TRP T 9 20.67 -12.56 1.85
N ILE T 10 21.15 -13.51 1.05
CA ILE T 10 22.53 -13.96 1.15
C ILE T 10 23.44 -13.13 0.26
N ARG T 11 22.88 -12.56 -0.80
CA ARG T 11 23.63 -11.73 -1.72
C ARG T 11 23.73 -10.31 -1.18
N ARG T 12 23.00 -10.04 -0.10
CA ARG T 12 22.99 -8.72 0.52
C ARG T 12 24.29 -8.45 1.28
N PRO T 13 24.74 -9.38 2.15
CA PRO T 13 25.97 -9.20 2.92
C PRO T 13 27.20 -9.19 2.02
N PHE T 14 27.01 -9.61 0.78
CA PHE T 14 28.09 -9.64 -0.20
C PHE T 14 28.28 -8.29 -0.85
N PHE T 15 27.21 -7.49 -0.86
CA PHE T 15 27.24 -6.16 -1.47
C PHE T 15 28.37 -5.28 -0.94
N PRO T 16 28.61 -5.25 0.40
CA PRO T 16 29.69 -4.45 0.98
C PRO T 16 31.03 -4.72 0.29
N PHE T 17 31.11 -5.82 -0.45
CA PHE T 17 32.31 -6.19 -1.17
C PHE T 17 31.97 -6.86 -2.50
N HIS T 18 30.82 -6.47 -3.06
CA HIS T 18 30.35 -7.02 -4.33
C HIS T 18 30.37 -5.97 -5.42
N SER T 19 30.80 -6.37 -6.62
CA SER T 19 30.89 -5.47 -7.78
C SER T 19 31.70 -6.10 -8.92
N PRO T 20 32.84 -6.75 -8.62
CA PRO T 20 33.67 -7.37 -9.66
C PRO T 20 32.98 -8.56 -10.33
N SER T 21 33.69 -9.68 -10.49
CA SER T 21 33.11 -10.86 -11.14
C SER T 21 32.28 -11.68 -10.17
N ARG T 22 32.04 -12.93 -10.52
CA ARG T 22 31.26 -13.83 -9.68
C ARG T 22 32.08 -15.05 -9.26
N LEU T 23 33.40 -14.98 -9.44
CA LEU T 23 34.28 -16.09 -9.04
C LEU T 23 35.52 -15.55 -8.32
N PHE T 24 35.29 -14.75 -7.29
CA PHE T 24 36.36 -14.15 -6.47
C PHE T 24 37.16 -15.22 -5.75
N ASP T 25 37.93 -16.02 -6.49
CA ASP T 25 38.71 -17.08 -5.85
C ASP T 25 39.92 -17.54 -6.68
N GLN T 26 39.73 -17.76 -7.97
CA GLN T 26 40.83 -18.27 -8.81
C GLN T 26 41.79 -17.20 -9.34
N PHE T 27 41.35 -15.95 -9.44
CA PHE T 27 42.26 -14.90 -9.93
C PHE T 27 43.30 -14.65 -8.87
N PHE T 28 42.81 -14.36 -7.67
CA PHE T 28 43.68 -14.12 -6.53
C PHE T 28 44.33 -15.42 -6.10
N GLY T 29 43.76 -16.53 -6.55
CA GLY T 29 44.28 -17.84 -6.21
C GLY T 29 45.46 -18.23 -7.06
N GLU T 30 45.36 -17.98 -8.37
CA GLU T 30 46.43 -18.31 -9.29
C GLU T 30 47.48 -17.21 -9.28
N HIS T 31 47.03 -15.99 -8.99
CA HIS T 31 47.96 -14.85 -8.92
C HIS T 31 48.96 -15.12 -7.82
N LEU T 32 48.47 -15.72 -6.74
CA LEU T 32 49.31 -16.08 -5.61
C LEU T 32 50.07 -17.35 -5.92
N LEU T 33 49.55 -18.13 -6.86
CA LEU T 33 50.18 -19.38 -7.27
C LEU T 33 51.44 -19.09 -8.06
N GLU T 34 51.35 -18.14 -8.99
CA GLU T 34 52.49 -17.76 -9.81
C GLU T 34 53.45 -16.87 -9.02
N SER T 35 53.02 -16.43 -7.85
CA SER T 35 53.83 -15.58 -7.00
C SER T 35 54.42 -16.36 -5.84
N ASP T 36 53.79 -17.48 -5.50
CA ASP T 36 54.28 -18.32 -4.40
C ASP T 36 55.26 -19.36 -4.92
N LEU T 37 55.12 -19.71 -6.20
CA LEU T 37 56.02 -20.69 -6.81
C LEU T 37 57.35 -20.02 -7.16
N PHE T 38 57.41 -18.71 -6.95
CA PHE T 38 58.61 -17.94 -7.21
C PHE T 38 59.28 -17.54 -5.90
N PRO T 39 60.61 -17.75 -5.77
CA PRO T 39 61.34 -17.43 -4.55
C PRO T 39 61.20 -15.97 -4.11
N THR T 40 60.14 -15.69 -3.36
CA THR T 40 59.88 -14.36 -2.84
C THR T 40 60.24 -14.33 -1.36
N SER T 41 61.03 -13.33 -0.96
CA SER T 41 61.51 -13.22 0.43
C SER T 41 62.61 -14.25 0.69
N THR T 42 62.26 -15.52 0.50
CA THR T 42 63.23 -16.61 0.65
C THR T 42 63.95 -16.84 -0.67
N SER T 43 64.46 -18.06 -0.94
CA SER T 43 65.16 -18.30 -2.20
C SER T 43 65.30 -19.78 -2.62
N LEU T 44 65.00 -20.05 -3.91
CA LEU T 44 65.15 -21.38 -4.56
C LEU T 44 64.07 -22.43 -4.23
N SER T 45 63.77 -23.29 -5.25
CA SER T 45 62.77 -24.41 -5.15
C SER T 45 62.08 -24.74 -6.51
N PRO T 46 62.77 -25.36 -7.50
CA PRO T 46 62.21 -25.70 -8.82
C PRO T 46 62.02 -27.22 -9.14
N PHE T 47 61.42 -27.49 -10.35
CA PHE T 47 61.18 -28.85 -10.89
C PHE T 47 60.09 -28.82 -12.00
N TYR T 48 60.44 -29.11 -13.28
CA TYR T 48 59.46 -29.06 -14.39
C TYR T 48 59.79 -29.98 -15.59
N LEU T 49 58.99 -29.83 -16.66
CA LEU T 49 59.14 -30.59 -17.93
C LEU T 49 58.87 -29.66 -19.12
N ARG T 50 58.87 -30.20 -20.35
CA ARG T 50 58.62 -29.37 -21.54
C ARG T 50 58.16 -30.19 -22.76
N PRO T 51 56.86 -30.08 -23.14
CA PRO T 51 56.29 -30.78 -24.30
C PRO T 51 56.29 -29.90 -25.56
N PRO T 52 55.90 -30.46 -26.73
CA PRO T 52 55.85 -29.71 -27.99
C PRO T 52 54.79 -28.61 -27.96
N SER T 53 55.12 -27.44 -28.51
CA SER T 53 54.19 -26.32 -28.51
C SER T 53 54.27 -25.54 -29.82
N PHE T 54 53.26 -24.71 -30.06
CA PHE T 54 53.20 -23.88 -31.26
C PHE T 54 53.77 -22.50 -30.97
N LEU T 55 53.86 -22.17 -29.69
CA LEU T 55 54.38 -20.89 -29.26
C LEU T 55 55.87 -20.77 -29.60
N ARG T 56 56.25 -19.62 -30.13
CA ARG T 56 57.64 -19.38 -30.50
C ARG T 56 58.33 -18.49 -29.49
N ALA T 57 57.65 -17.42 -29.07
CA ALA T 57 58.21 -16.50 -28.09
C ALA T 57 58.24 -17.15 -26.71
N PRO T 58 57.08 -17.62 -26.18
CA PRO T 58 57.01 -18.26 -24.88
C PRO T 58 57.16 -19.77 -24.99
N SER T 59 56.83 -20.48 -23.92
CA SER T 59 56.92 -21.94 -23.91
C SER T 59 55.95 -22.53 -22.91
N TRP T 60 55.27 -23.60 -23.32
CA TRP T 60 54.30 -24.26 -22.47
C TRP T 60 54.96 -25.44 -21.76
N PHE T 61 55.15 -25.32 -20.45
CA PHE T 61 55.77 -26.37 -19.66
C PHE T 61 54.74 -27.16 -18.87
N ASP T 62 54.72 -28.47 -19.04
CA ASP T 62 53.79 -29.32 -18.31
C ASP T 62 54.23 -29.46 -16.87
N THR T 63 53.55 -28.75 -15.98
CA THR T 63 53.89 -28.76 -14.56
C THR T 63 53.62 -30.12 -13.93
N GLY T 64 54.47 -30.48 -12.97
CA GLY T 64 54.32 -31.75 -12.26
C GLY T 64 55.28 -31.87 -11.10
N LEU T 65 54.87 -32.61 -10.07
CA LEU T 65 55.70 -32.80 -8.89
C LEU T 65 55.59 -34.23 -8.37
N SER T 66 56.09 -34.45 -7.15
CA SER T 66 56.05 -35.76 -6.50
C SER T 66 56.75 -35.70 -5.16
N GLU T 67 56.16 -36.33 -4.14
CA GLU T 67 56.74 -36.34 -2.80
C GLU T 67 56.12 -37.41 -1.92
N MET T 68 56.76 -37.65 -0.77
CA MET T 68 56.30 -38.66 0.18
C MET T 68 56.97 -38.42 1.53
N ARG T 69 56.16 -38.20 2.57
CA ARG T 69 56.70 -37.97 3.91
C ARG T 69 55.58 -37.85 4.95
N LEU T 70 55.85 -38.33 6.16
CA LEU T 70 54.88 -38.29 7.26
C LEU T 70 53.47 -38.62 6.75
N GLU T 71 52.46 -38.03 7.36
CA GLU T 71 51.08 -38.25 6.92
C GLU T 71 50.49 -36.97 6.36
N LYS T 72 51.30 -36.28 5.57
CA LYS T 72 50.90 -35.02 4.96
C LYS T 72 51.58 -34.85 3.61
N ASP T 73 50.80 -34.58 2.55
CA ASP T 73 51.37 -34.41 1.22
C ASP T 73 50.52 -33.52 0.31
N ARG T 74 51.15 -32.48 -0.25
CA ARG T 74 50.49 -31.56 -1.17
C ARG T 74 50.78 -32.00 -2.60
N PHE T 75 49.88 -31.69 -3.53
CA PHE T 75 50.10 -32.07 -4.93
C PHE T 75 49.20 -31.27 -5.86
N SER T 76 49.60 -31.21 -7.14
CA SER T 76 48.84 -30.48 -8.14
C SER T 76 49.20 -30.94 -9.56
N VAL T 77 48.20 -31.47 -10.26
CA VAL T 77 48.41 -31.92 -11.64
C VAL T 77 47.92 -30.84 -12.59
N ASN T 78 48.49 -30.78 -13.79
CA ASN T 78 48.10 -29.76 -14.77
C ASN T 78 47.62 -30.39 -16.07
N LEU T 79 46.38 -30.09 -16.43
CA LEU T 79 45.81 -30.58 -17.68
C LEU T 79 46.30 -29.72 -18.82
N ASP T 80 45.97 -30.07 -20.07
CA ASP T 80 46.45 -29.29 -21.20
C ASP T 80 45.33 -28.78 -22.09
N VAL T 81 45.27 -27.46 -22.20
CA VAL T 81 44.31 -26.76 -23.05
C VAL T 81 44.96 -25.50 -23.58
N LYS T 82 46.00 -25.69 -24.40
CA LYS T 82 46.81 -24.62 -24.97
C LYS T 82 46.04 -23.31 -25.13
N HIS T 83 44.89 -23.36 -25.79
CA HIS T 83 44.09 -22.16 -25.99
C HIS T 83 42.93 -22.12 -25.03
N PHE T 84 42.67 -20.93 -24.48
CA PHE T 84 41.62 -20.73 -23.50
C PHE T 84 40.22 -21.02 -24.05
N SER T 85 39.43 -21.69 -23.23
CA SER T 85 38.06 -22.04 -23.55
C SER T 85 37.21 -22.00 -22.26
N PRO T 86 37.17 -20.82 -21.60
CA PRO T 86 36.44 -20.64 -20.33
C PRO T 86 35.09 -21.34 -20.28
N GLU T 87 34.18 -20.98 -21.18
CA GLU T 87 32.85 -21.57 -21.19
C GLU T 87 32.75 -22.72 -22.18
N GLU T 88 33.85 -23.01 -22.88
CA GLU T 88 33.83 -24.07 -23.88
C GLU T 88 34.58 -25.32 -23.41
N LEU T 89 34.83 -25.43 -22.11
CA LEU T 89 35.52 -26.60 -21.58
C LEU T 89 34.83 -27.11 -20.33
N LYS T 90 34.85 -28.42 -20.15
CA LYS T 90 34.23 -29.06 -19.00
C LYS T 90 35.19 -30.04 -18.34
N VAL T 91 35.52 -29.79 -17.08
CA VAL T 91 36.41 -30.68 -16.34
C VAL T 91 35.59 -31.70 -15.59
N LYS T 92 35.99 -32.96 -15.65
CA LYS T 92 35.26 -34.02 -14.97
C LYS T 92 36.17 -34.88 -14.11
N VAL T 93 35.82 -35.00 -12.84
CA VAL T 93 36.58 -35.82 -11.90
C VAL T 93 35.81 -37.10 -11.61
N LEU T 94 35.79 -38.01 -12.59
CA LEU T 94 35.08 -39.27 -12.46
C LEU T 94 35.93 -40.27 -11.67
N GLY T 95 35.85 -40.19 -10.35
CA GLY T 95 36.62 -41.08 -9.51
C GLY T 95 38.10 -40.79 -9.57
N ASP T 96 38.89 -41.84 -9.76
CA ASP T 96 40.34 -41.69 -9.84
C ASP T 96 40.77 -41.35 -11.26
N VAL T 97 39.85 -40.78 -12.03
CA VAL T 97 40.15 -40.41 -13.42
C VAL T 97 39.81 -38.95 -13.69
N ILE T 98 40.85 -38.17 -13.98
CA ILE T 98 40.68 -36.75 -14.29
C ILE T 98 40.72 -36.53 -15.80
N GLU T 99 39.67 -35.91 -16.34
CA GLU T 99 39.61 -35.65 -17.78
C GLU T 99 39.15 -34.23 -18.07
N VAL T 100 39.73 -33.63 -19.10
CA VAL T 100 39.38 -32.29 -19.51
C VAL T 100 38.87 -32.29 -20.94
N HIS T 101 37.79 -31.56 -21.19
CA HIS T 101 37.21 -31.49 -22.52
C HIS T 101 36.98 -30.04 -22.94
N GLY T 102 37.96 -29.47 -23.64
CA GLY T 102 37.84 -28.09 -24.09
C GLY T 102 37.94 -27.95 -25.59
N LYS T 103 37.02 -27.18 -26.16
CA LYS T 103 36.98 -26.95 -27.60
C LYS T 103 36.80 -25.47 -27.92
N HIS T 104 37.74 -24.91 -28.66
CA HIS T 104 37.66 -23.49 -29.02
C HIS T 104 37.98 -23.28 -30.50
N GLU T 105 37.19 -22.43 -31.14
CA GLU T 105 37.38 -22.12 -32.55
C GLU T 105 38.35 -20.95 -32.69
N GLU T 106 39.60 -21.26 -33.02
CA GLU T 106 40.63 -20.23 -33.17
C GLU T 106 40.96 -19.97 -34.64
N ARG T 107 40.75 -20.97 -35.48
CA ARG T 107 41.03 -20.84 -36.90
C ARG T 107 39.74 -20.57 -37.66
N GLN T 108 39.76 -19.56 -38.52
CA GLN T 108 38.57 -19.20 -39.29
C GLN T 108 38.88 -19.11 -40.79
N ASP T 109 37.92 -19.54 -41.61
CA ASP T 109 38.05 -19.50 -43.05
C ASP T 109 36.89 -18.72 -43.67
N GLU T 110 36.73 -18.83 -44.99
CA GLU T 110 35.66 -18.13 -45.68
C GLU T 110 34.29 -18.48 -45.09
N HIS T 111 33.78 -19.65 -45.44
CA HIS T 111 32.50 -20.11 -44.92
C HIS T 111 32.68 -21.36 -44.08
N GLY T 112 33.92 -21.56 -43.62
CA GLY T 112 34.22 -22.71 -42.80
C GLY T 112 34.97 -22.31 -41.54
N PHE T 113 34.47 -22.74 -40.39
CA PHE T 113 35.09 -22.41 -39.12
C PHE T 113 35.77 -23.63 -38.51
N ILE T 114 37.05 -23.49 -38.18
CA ILE T 114 37.81 -24.57 -37.58
C ILE T 114 37.72 -24.50 -36.06
N SER T 115 37.63 -25.65 -35.42
CA SER T 115 37.53 -25.71 -33.96
C SER T 115 38.43 -26.79 -33.39
N ARG T 116 39.50 -26.37 -32.72
CA ARG T 116 40.44 -27.30 -32.11
C ARG T 116 39.89 -27.77 -30.77
N GLU T 117 40.30 -28.96 -30.33
CA GLU T 117 39.84 -29.50 -29.07
C GLU T 117 40.93 -30.29 -28.35
N PHE T 118 41.10 -30.00 -27.07
CA PHE T 118 42.10 -30.69 -26.26
C PHE T 118 41.40 -31.59 -25.24
N HIS T 119 41.76 -32.87 -25.23
CA HIS T 119 41.15 -33.82 -24.32
C HIS T 119 42.19 -34.69 -23.64
N ARG T 120 42.30 -34.54 -22.32
CA ARG T 120 43.26 -35.32 -21.54
C ARG T 120 42.56 -36.42 -20.76
N LYS T 121 43.20 -37.57 -20.66
CA LYS T 121 42.67 -38.70 -19.92
C LYS T 121 43.68 -39.16 -18.88
N TYR T 122 43.43 -38.78 -17.62
CA TYR T 122 44.32 -39.15 -16.53
C TYR T 122 43.70 -40.19 -15.62
N ARG T 123 44.40 -41.31 -15.46
CA ARG T 123 43.94 -42.36 -14.57
C ARG T 123 44.98 -42.55 -13.47
N ILE T 124 45.09 -41.54 -12.61
CA ILE T 124 46.06 -41.55 -11.52
C ILE T 124 45.41 -41.59 -10.15
N PRO T 125 45.00 -42.79 -9.69
CA PRO T 125 44.40 -42.94 -8.37
C PRO T 125 45.42 -42.66 -7.27
N ALA T 126 46.69 -42.62 -7.66
CA ALA T 126 47.79 -42.37 -6.75
C ALA T 126 48.03 -40.87 -6.58
N ASP T 127 47.41 -40.07 -7.43
CA ASP T 127 47.56 -38.63 -7.37
C ASP T 127 46.20 -37.95 -7.32
N VAL T 128 45.13 -38.75 -7.41
CA VAL T 128 43.78 -38.20 -7.41
C VAL T 128 42.86 -38.91 -6.42
N ASP T 129 42.00 -38.11 -5.81
CA ASP T 129 41.00 -38.55 -4.86
C ASP T 129 39.83 -37.56 -4.94
N PRO T 130 38.81 -37.87 -5.78
CA PRO T 130 37.66 -36.99 -5.99
C PRO T 130 37.17 -36.27 -4.74
N LEU T 131 37.28 -36.92 -3.58
CA LEU T 131 36.83 -36.31 -2.32
C LEU T 131 37.81 -35.27 -1.80
N THR T 132 38.64 -34.70 -2.69
CA THR T 132 39.60 -33.70 -2.25
C THR T 132 40.24 -32.95 -3.42
N ILE T 133 40.23 -33.57 -4.61
CA ILE T 133 40.82 -32.96 -5.79
C ILE T 133 39.88 -31.94 -6.43
N THR T 134 40.36 -30.72 -6.60
CA THR T 134 39.59 -29.66 -7.22
C THR T 134 40.21 -29.28 -8.56
N SER T 135 39.80 -28.13 -9.10
CA SER T 135 40.34 -27.68 -10.38
C SER T 135 40.53 -26.16 -10.41
N SER T 136 41.54 -25.73 -11.16
CA SER T 136 41.86 -24.31 -11.32
C SER T 136 42.35 -24.06 -12.74
N LEU T 137 41.53 -23.41 -13.54
CA LEU T 137 41.86 -23.14 -14.94
C LEU T 137 42.67 -21.85 -15.08
N SER T 138 43.44 -21.76 -16.18
CA SER T 138 44.26 -20.58 -16.46
C SER T 138 43.70 -19.83 -17.67
N SER T 139 44.05 -18.55 -17.79
CA SER T 139 43.56 -17.71 -18.89
C SER T 139 44.02 -18.25 -20.23
N ASP T 140 45.00 -19.15 -20.20
CA ASP T 140 45.52 -19.74 -21.41
C ASP T 140 45.08 -21.20 -21.51
N GLY T 141 44.00 -21.51 -20.80
CA GLY T 141 43.45 -22.86 -20.82
C GLY T 141 44.23 -23.82 -19.93
N VAL T 142 45.31 -23.35 -19.32
CA VAL T 142 46.12 -24.20 -18.45
C VAL T 142 45.32 -24.64 -17.23
N LEU T 143 44.77 -25.85 -17.30
CA LEU T 143 43.98 -26.39 -16.20
C LEU T 143 44.92 -26.97 -15.14
N THR T 144 44.55 -26.82 -13.86
CA THR T 144 45.37 -27.34 -12.78
C THR T 144 44.51 -27.95 -11.67
N VAL T 145 44.51 -29.28 -11.61
CA VAL T 145 43.77 -29.99 -10.58
C VAL T 145 44.63 -30.18 -9.34
N ASN T 146 44.40 -29.34 -8.34
CA ASN T 146 45.18 -29.39 -7.11
C ASN T 146 44.50 -30.27 -6.06
N GLY T 147 45.32 -30.77 -5.13
CA GLY T 147 44.81 -31.63 -4.06
C GLY T 147 45.81 -32.70 -3.67
N PRO T 148 45.60 -33.38 -2.53
CA PRO T 148 46.51 -34.44 -2.06
C PRO T 148 46.55 -35.64 -3.00
N ARG T 149 47.02 -36.78 -2.49
CA ARG T 149 47.14 -37.99 -3.30
C ARG T 149 47.00 -39.25 -2.44
N LYS T 150 47.15 -40.42 -3.07
CA LYS T 150 47.06 -41.69 -2.36
C LYS T 150 47.90 -42.79 -3.01
N GLN T 151 47.26 -43.71 -3.75
CA GLN T 151 48.00 -44.82 -4.39
C GLN T 151 47.13 -45.63 -5.35
N VAL T 152 47.70 -46.75 -5.84
CA VAL T 152 47.01 -47.65 -6.77
C VAL T 152 46.75 -47.02 -8.14
N SER T 153 46.67 -47.86 -9.18
CA SER T 153 46.41 -47.41 -10.54
C SER T 153 46.17 -48.59 -11.47
N GLY T 154 44.95 -48.69 -12.00
CA GLY T 154 44.62 -49.79 -12.90
C GLY T 154 43.13 -49.92 -13.20
N PRO T 155 42.75 -50.23 -14.46
CA PRO T 155 41.36 -50.38 -14.87
C PRO T 155 40.83 -51.83 -14.84
N GLU T 156 41.64 -52.77 -15.34
CA GLU T 156 41.28 -54.19 -15.40
C GLU T 156 40.40 -54.62 -14.24
N ARG T 157 39.51 -55.58 -14.50
CA ARG T 157 38.57 -56.07 -13.49
C ARG T 157 38.92 -57.49 -13.04
N THR T 158 38.56 -58.47 -13.88
CA THR T 158 38.81 -59.89 -13.59
C THR T 158 37.90 -60.38 -12.47
N ILE T 159 36.70 -60.82 -12.84
CA ILE T 159 35.73 -61.32 -11.87
C ILE T 159 34.93 -62.51 -12.43
N PRO T 160 35.47 -63.74 -12.32
CA PRO T 160 34.79 -64.94 -12.81
C PRO T 160 33.70 -65.40 -11.84
N ILE T 161 32.59 -65.87 -12.39
CA ILE T 161 31.47 -66.33 -11.56
C ILE T 161 31.03 -67.74 -11.96
N THR T 162 30.47 -68.46 -10.99
CA THR T 162 29.96 -69.81 -11.21
C THR T 162 31.08 -70.82 -11.50
N ARG T 163 31.08 -71.39 -12.72
CA ARG T 163 32.08 -72.39 -13.14
C ARG T 163 31.73 -73.76 -12.58
N GLU T 164 31.12 -73.77 -11.40
CA GLU T 164 30.71 -75.00 -10.71
C GLU T 164 31.92 -75.79 -10.20
N GLU T 165 32.32 -76.82 -10.93
CA GLU T 165 33.47 -77.64 -10.54
C GLU T 165 33.19 -78.42 -9.26
N LYS T 166 31.95 -78.38 -8.78
CA LYS T 166 31.58 -79.10 -7.56
C LYS T 166 30.66 -80.30 -7.85
N PRO T 167 29.45 -80.08 -8.42
CA PRO T 167 28.53 -81.17 -8.73
C PRO T 167 28.86 -81.83 -10.07
N ALA T 168 27.90 -81.82 -11.01
CA ALA T 168 28.10 -82.42 -12.33
C ALA T 168 29.50 -82.14 -12.87
N VAL T 169 30.25 -83.21 -13.13
CA VAL T 169 31.61 -83.08 -13.64
C VAL T 169 31.87 -84.08 -14.78
N THR T 170 33.11 -84.13 -15.25
CA THR T 170 33.47 -85.05 -16.33
C THR T 170 34.73 -85.84 -15.97
N ALA T 171 35.02 -86.88 -16.75
CA ALA T 171 36.18 -87.72 -16.51
C ALA T 171 36.48 -88.61 -17.72
N ALA T 172 37.23 -89.68 -17.48
CA ALA T 172 37.60 -90.61 -18.55
C ALA T 172 38.15 -91.91 -17.95
N PRO T 173 38.18 -93.01 -18.73
CA PRO T 173 38.70 -94.29 -18.24
C PRO T 173 40.16 -94.19 -17.82
N LYS T 174 40.69 -95.27 -17.24
CA LYS T 174 42.07 -95.29 -16.77
C LYS T 174 42.46 -96.70 -16.33
N LYS T 175 43.74 -96.88 -16.01
CA LYS T 175 44.25 -98.18 -15.57
C LYS T 175 45.65 -98.04 -14.99
N MET U 1 11.38 -18.49 14.98
CA MET U 1 12.70 -17.80 15.03
C MET U 1 12.52 -16.37 15.49
N ASP U 2 12.02 -16.21 16.71
CA ASP U 2 11.81 -14.88 17.28
C ASP U 2 13.10 -14.08 17.21
N ILE U 3 13.16 -13.14 16.26
CA ILE U 3 14.34 -12.31 16.08
C ILE U 3 14.67 -11.53 17.35
N ALA U 4 13.68 -11.35 18.21
CA ALA U 4 13.86 -10.62 19.45
C ALA U 4 14.23 -11.53 20.61
N ILE U 5 14.53 -12.79 20.31
CA ILE U 5 14.89 -13.76 21.34
C ILE U 5 16.03 -14.67 20.85
N HIS U 6 15.78 -15.38 19.76
CA HIS U 6 16.77 -16.29 19.20
C HIS U 6 18.04 -15.56 18.75
N HIS U 7 17.89 -14.35 18.23
CA HIS U 7 19.05 -13.59 17.78
C HIS U 7 19.99 -13.25 18.94
N PRO U 8 19.49 -12.63 20.03
CA PRO U 8 20.31 -12.27 21.19
C PRO U 8 20.72 -13.50 22.01
N TRP U 9 19.99 -14.60 21.87
CA TRP U 9 20.30 -15.82 22.61
C TRP U 9 21.31 -16.68 21.87
N ILE U 10 21.17 -16.75 20.56
CA ILE U 10 22.08 -17.53 19.73
C ILE U 10 23.43 -16.83 19.66
N ARG U 11 23.48 -15.64 20.25
CA ARG U 11 24.71 -14.87 20.29
C ARG U 11 25.26 -14.85 21.71
N ARG U 12 24.50 -15.42 22.64
CA ARG U 12 24.90 -15.46 24.04
C ARG U 12 26.14 -16.35 24.23
N PRO U 13 26.03 -17.68 24.02
CA PRO U 13 27.18 -18.57 24.18
C PRO U 13 28.06 -18.52 22.95
N PHE U 14 28.25 -17.31 22.41
CA PHE U 14 29.09 -17.12 21.23
C PHE U 14 30.18 -16.11 21.53
N PHE U 15 30.02 -15.34 22.61
CA PHE U 15 30.98 -14.30 22.96
C PHE U 15 32.40 -14.87 23.01
N PRO U 16 32.68 -15.79 23.95
CA PRO U 16 34.01 -16.40 24.09
C PRO U 16 34.62 -16.95 22.77
N PHE U 17 33.87 -16.88 21.66
CA PHE U 17 34.36 -17.36 20.35
C PHE U 17 34.35 -16.24 19.33
N HIS U 18 33.60 -15.17 19.63
CA HIS U 18 33.48 -14.03 18.74
C HIS U 18 34.85 -13.41 18.44
N SER U 19 34.84 -12.17 17.95
CA SER U 19 36.06 -11.49 17.57
C SER U 19 36.95 -12.37 16.68
N PRO U 20 36.35 -13.14 15.72
CA PRO U 20 37.07 -14.00 14.83
C PRO U 20 37.19 -13.41 13.44
N SER U 21 37.23 -12.07 13.38
CA SER U 21 37.31 -11.36 12.11
C SER U 21 35.99 -11.50 11.35
N ARG U 22 35.31 -10.38 11.10
CA ARG U 22 34.04 -10.40 10.39
C ARG U 22 34.16 -11.09 9.04
N LEU U 23 35.40 -11.25 8.57
CA LEU U 23 35.66 -11.89 7.30
C LEU U 23 36.59 -13.09 7.50
N PHE U 24 36.18 -13.96 8.43
CA PHE U 24 36.96 -15.16 8.76
C PHE U 24 37.04 -16.14 7.60
N ASP U 25 35.94 -16.28 6.87
CA ASP U 25 35.87 -17.21 5.75
C ASP U 25 36.83 -16.83 4.62
N GLN U 26 37.21 -15.56 4.54
CA GLN U 26 38.11 -15.09 3.49
C GLN U 26 39.53 -14.90 4.02
N PHE U 27 39.65 -14.44 5.26
CA PHE U 27 40.97 -14.21 5.85
C PHE U 27 41.78 -15.50 5.88
N PHE U 28 41.26 -16.50 6.59
CA PHE U 28 41.94 -17.79 6.68
C PHE U 28 41.93 -18.48 5.33
N GLY U 29 40.88 -18.23 4.54
CA GLY U 29 40.79 -18.83 3.22
C GLY U 29 41.96 -18.47 2.33
N GLU U 30 42.55 -17.31 2.58
CA GLU U 30 43.70 -16.86 1.80
C GLU U 30 44.97 -17.54 2.28
N HIS U 31 45.11 -17.68 3.60
CA HIS U 31 46.27 -18.33 4.18
C HIS U 31 46.32 -19.81 3.84
N LEU U 32 45.14 -20.41 3.69
CA LEU U 32 45.04 -21.82 3.35
C LEU U 32 45.28 -22.03 1.86
N LEU U 33 45.03 -20.97 1.09
CA LEU U 33 45.22 -21.00 -0.35
C LEU U 33 46.70 -20.78 -0.68
N GLU U 34 47.42 -20.16 0.25
CA GLU U 34 48.84 -19.89 0.08
C GLU U 34 49.67 -21.13 0.36
N SER U 35 49.21 -21.92 1.34
CA SER U 35 49.90 -23.15 1.72
C SER U 35 49.49 -24.30 0.82
N ASP U 36 48.51 -24.06 -0.05
CA ASP U 36 48.02 -25.08 -0.96
C ASP U 36 48.72 -24.98 -2.31
N LEU U 37 49.62 -24.00 -2.43
CA LEU U 37 50.36 -23.78 -3.67
C LEU U 37 51.71 -24.51 -3.63
N PHE U 38 52.52 -24.16 -2.64
CA PHE U 38 53.84 -24.76 -2.48
C PHE U 38 54.08 -25.16 -1.02
N PRO U 39 54.71 -26.34 -0.77
CA PRO U 39 55.01 -26.79 0.60
C PRO U 39 55.69 -25.68 1.39
N THR U 40 54.91 -24.93 2.15
CA THR U 40 55.43 -23.80 2.92
C THR U 40 56.14 -24.21 4.22
N SER U 41 57.32 -24.80 4.06
CA SER U 41 58.17 -25.21 5.20
C SER U 41 57.40 -25.83 6.36
N THR U 42 56.26 -26.44 6.08
CA THR U 42 55.48 -27.09 7.13
C THR U 42 55.76 -28.58 7.11
N SER U 43 55.12 -29.31 8.01
CA SER U 43 55.28 -30.76 8.05
C SER U 43 54.41 -31.35 6.96
N LEU U 44 54.30 -30.61 5.85
CA LEU U 44 53.48 -30.98 4.72
C LEU U 44 52.04 -31.03 5.14
N SER U 45 51.12 -31.17 4.19
CA SER U 45 49.71 -31.22 4.52
C SER U 45 48.86 -31.52 3.30
N PRO U 46 48.07 -32.62 3.32
CA PRO U 46 47.19 -32.94 2.22
C PRO U 46 46.19 -31.82 2.05
N PHE U 47 45.78 -31.27 3.19
CA PHE U 47 44.85 -30.16 3.26
C PHE U 47 44.67 -29.69 4.71
N TYR U 48 45.72 -29.84 5.51
CA TYR U 48 45.67 -29.40 6.90
C TYR U 48 45.53 -27.89 6.96
N LEU U 49 44.48 -27.41 7.61
CA LEU U 49 44.23 -25.98 7.71
C LEU U 49 44.29 -25.50 9.16
N ARG U 50 45.14 -24.49 9.41
CA ARG U 50 45.29 -23.93 10.75
C ARG U 50 44.02 -23.19 11.18
N PRO U 51 43.21 -23.78 12.08
CA PRO U 51 41.98 -23.18 12.55
C PRO U 51 42.15 -22.49 13.90
N PRO U 52 41.21 -21.59 14.27
CA PRO U 52 41.27 -20.89 15.55
C PRO U 52 40.90 -21.81 16.70
N SER U 53 41.87 -22.12 17.55
CA SER U 53 41.63 -23.02 18.68
C SER U 53 42.06 -22.37 20.00
N PHE U 54 41.47 -22.85 21.08
CA PHE U 54 41.78 -22.34 22.40
C PHE U 54 43.00 -23.03 22.98
N LEU U 55 43.44 -24.09 22.31
CA LEU U 55 44.62 -24.84 22.73
C LEU U 55 45.83 -23.92 22.73
N ARG U 56 46.47 -23.79 23.88
CA ARG U 56 47.63 -22.91 24.02
C ARG U 56 48.95 -23.64 23.79
N ALA U 57 49.06 -24.85 24.32
CA ALA U 57 50.29 -25.63 24.18
C ALA U 57 50.48 -26.20 22.78
N PRO U 58 49.52 -27.00 22.25
CA PRO U 58 49.64 -27.61 20.93
C PRO U 58 48.97 -26.81 19.82
N SER U 59 49.41 -27.04 18.59
CA SER U 59 48.85 -26.39 17.41
C SER U 59 47.98 -27.38 16.66
N TRP U 60 46.68 -27.11 16.61
CA TRP U 60 45.73 -27.98 15.93
C TRP U 60 45.60 -27.66 14.43
N PHE U 61 45.39 -28.71 13.65
CA PHE U 61 45.22 -28.58 12.20
C PHE U 61 44.04 -29.42 11.73
N ASP U 62 43.16 -28.83 10.93
CA ASP U 62 41.99 -29.54 10.42
C ASP U 62 42.42 -30.58 9.38
N THR U 63 42.13 -31.85 9.65
CA THR U 63 42.54 -32.92 8.74
C THR U 63 41.45 -33.99 8.59
N GLY U 64 41.72 -34.95 7.70
CA GLY U 64 40.81 -36.04 7.45
C GLY U 64 41.21 -37.30 8.19
N LEU U 65 41.96 -38.17 7.52
CA LEU U 65 42.43 -39.44 8.09
C LEU U 65 41.27 -40.40 8.37
N SER U 66 40.45 -40.08 9.35
CA SER U 66 39.31 -40.92 9.72
C SER U 66 38.17 -40.84 8.71
N GLU U 67 38.52 -40.62 7.44
CA GLU U 67 37.52 -40.54 6.38
C GLU U 67 38.03 -41.19 5.10
N MET U 68 39.07 -42.02 5.25
CA MET U 68 39.66 -42.71 4.11
C MET U 68 39.84 -44.20 4.39
N ARG U 69 40.56 -44.50 5.47
CA ARG U 69 40.81 -45.89 5.87
C ARG U 69 40.53 -46.06 7.36
N LEU U 70 40.67 -47.27 7.88
CA LEU U 70 40.45 -47.51 9.30
C LEU U 70 40.99 -48.87 9.76
N GLU U 71 40.20 -49.93 9.63
CA GLU U 71 40.64 -51.26 10.09
C GLU U 71 40.53 -52.32 8.98
N LYS U 72 41.67 -52.67 8.38
CA LYS U 72 41.71 -53.67 7.32
C LYS U 72 43.03 -54.44 7.30
N ASP U 73 43.04 -55.58 6.59
CA ASP U 73 44.23 -56.43 6.46
C ASP U 73 44.22 -57.11 5.09
N ARG U 74 44.90 -58.27 4.95
CA ARG U 74 44.91 -58.98 3.67
C ARG U 74 43.49 -59.03 3.13
N PHE U 75 42.64 -59.65 3.91
CA PHE U 75 41.20 -59.72 3.65
C PHE U 75 40.77 -60.45 2.38
N SER U 76 39.45 -60.64 2.34
CA SER U 76 38.73 -61.29 1.26
C SER U 76 37.24 -61.05 1.48
N VAL U 77 36.83 -59.80 1.28
CA VAL U 77 35.43 -59.37 1.49
C VAL U 77 34.43 -60.35 0.88
N ASN U 78 33.24 -60.40 1.47
CA ASN U 78 32.17 -61.27 0.99
C ASN U 78 30.87 -60.51 0.78
N LEU U 79 30.29 -60.64 -0.40
CA LEU U 79 29.02 -59.99 -0.71
C LEU U 79 27.87 -60.81 -0.12
N ASP U 80 26.67 -60.26 -0.09
CA ASP U 80 25.54 -60.96 0.50
C ASP U 80 24.43 -61.28 -0.51
N VAL U 81 24.17 -62.57 -0.64
CA VAL U 81 23.12 -63.08 -1.51
C VAL U 81 22.54 -64.34 -0.85
N LYS U 82 21.70 -64.11 0.15
CA LYS U 82 21.08 -65.19 0.94
C LYS U 82 20.65 -66.36 0.07
N HIS U 83 19.94 -66.10 -1.01
CA HIS U 83 19.48 -67.16 -1.89
C HIS U 83 20.24 -67.15 -3.22
N PHE U 84 20.65 -68.34 -3.64
CA PHE U 84 21.44 -68.50 -4.87
C PHE U 84 20.76 -67.90 -6.08
N SER U 85 21.58 -67.26 -6.92
CA SER U 85 21.12 -66.64 -8.16
C SER U 85 22.27 -66.62 -9.16
N PRO U 86 22.91 -67.79 -9.42
CA PRO U 86 24.06 -67.89 -10.32
C PRO U 86 23.87 -67.15 -11.64
N GLU U 87 22.82 -67.49 -12.36
CA GLU U 87 22.53 -66.88 -13.65
C GLU U 87 21.83 -65.53 -13.50
N GLU U 88 21.23 -65.31 -12.34
CA GLU U 88 20.48 -64.07 -12.09
C GLU U 88 21.24 -63.08 -11.21
N LEU U 89 22.57 -63.13 -11.23
CA LEU U 89 23.37 -62.20 -10.44
C LEU U 89 24.48 -61.59 -11.29
N LYS U 90 24.79 -60.33 -11.02
CA LYS U 90 25.83 -59.62 -11.76
C LYS U 90 26.72 -58.83 -10.80
N VAL U 91 27.97 -59.26 -10.68
CA VAL U 91 28.93 -58.58 -9.82
C VAL U 91 29.68 -57.53 -10.61
N LYS U 92 29.78 -56.32 -10.08
CA LYS U 92 30.47 -55.24 -10.76
C LYS U 92 31.54 -54.59 -9.89
N VAL U 93 32.75 -54.51 -10.42
CA VAL U 93 33.86 -53.89 -9.71
C VAL U 93 34.19 -52.56 -10.38
N LEU U 94 33.39 -51.54 -10.07
CA LEU U 94 33.58 -50.22 -10.63
C LEU U 94 34.53 -49.40 -9.76
N GLY U 95 35.83 -49.57 -10.00
CA GLY U 95 36.82 -48.85 -9.23
C GLY U 95 36.96 -49.40 -7.83
N ASP U 96 36.92 -48.52 -6.84
CA ASP U 96 37.04 -48.93 -5.45
C ASP U 96 35.66 -49.20 -4.87
N VAL U 97 34.70 -49.49 -5.75
CA VAL U 97 33.34 -49.77 -5.33
C VAL U 97 32.86 -51.14 -5.81
N ILE U 98 32.70 -52.07 -4.87
CA ILE U 98 32.23 -53.41 -5.19
C ILE U 98 30.73 -53.52 -4.95
N GLU U 99 30.00 -53.96 -5.98
CA GLU U 99 28.55 -54.10 -5.86
C GLU U 99 28.09 -55.45 -6.41
N VAL U 100 26.97 -55.92 -5.88
CA VAL U 100 26.38 -57.18 -6.31
C VAL U 100 24.90 -57.00 -6.60
N HIS U 101 24.44 -57.52 -7.73
CA HIS U 101 23.05 -57.42 -8.11
C HIS U 101 22.46 -58.79 -8.44
N GLY U 102 21.83 -59.41 -7.43
CA GLY U 102 21.25 -60.72 -7.64
C GLY U 102 19.77 -60.76 -7.31
N LYS U 103 18.97 -61.23 -8.27
CA LYS U 103 17.53 -61.32 -8.09
C LYS U 103 17.02 -62.71 -8.41
N HIS U 104 16.36 -63.34 -7.44
CA HIS U 104 15.84 -64.69 -7.65
C HIS U 104 14.40 -64.80 -7.14
N GLU U 105 13.57 -65.48 -7.92
CA GLU U 105 12.18 -65.69 -7.54
C GLU U 105 12.05 -66.97 -6.72
N GLU U 106 11.91 -66.82 -5.41
CA GLU U 106 11.80 -67.96 -4.52
C GLU U 106 10.37 -68.14 -4.00
N ARG U 107 9.62 -67.04 -3.95
CA ARG U 107 8.24 -67.10 -3.49
C ARG U 107 7.29 -67.11 -4.69
N GLN U 108 6.32 -68.02 -4.67
CA GLN U 108 5.36 -68.14 -5.76
C GLN U 108 3.92 -68.14 -5.24
N ASP U 109 3.04 -67.54 -6.02
CA ASP U 109 1.62 -67.48 -5.68
C ASP U 109 0.78 -68.08 -6.80
N GLU U 110 -0.52 -67.79 -6.78
CA GLU U 110 -1.43 -68.32 -7.81
C GLU U 110 -0.99 -67.85 -9.20
N HIS U 111 -1.21 -66.56 -9.47
CA HIS U 111 -0.82 -65.99 -10.76
C HIS U 111 0.18 -64.86 -10.55
N GLY U 112 0.77 -64.82 -9.36
CA GLY U 112 1.74 -63.79 -9.05
C GLY U 112 3.03 -64.39 -8.56
N PHE U 113 4.14 -64.01 -9.18
CA PHE U 113 5.44 -64.52 -8.81
C PHE U 113 6.26 -63.47 -8.07
N ILE U 114 6.72 -63.82 -6.86
CA ILE U 114 7.52 -62.91 -6.06
C ILE U 114 9.00 -63.10 -6.37
N SER U 115 9.73 -61.99 -6.43
CA SER U 115 11.15 -62.03 -6.73
C SER U 115 11.94 -61.17 -5.76
N ARG U 116 12.79 -61.82 -4.98
CA ARG U 116 13.63 -61.11 -4.00
C ARG U 116 14.93 -60.68 -4.65
N GLU U 117 15.52 -59.60 -4.17
CA GLU U 117 16.76 -59.10 -4.72
C GLU U 117 17.69 -58.57 -3.63
N PHE U 118 18.98 -58.92 -3.75
CA PHE U 118 19.98 -58.46 -2.80
C PHE U 118 20.99 -57.58 -3.50
N HIS U 119 21.11 -56.34 -3.06
CA HIS U 119 22.05 -55.40 -3.67
C HIS U 119 22.97 -54.77 -2.63
N ARG U 120 24.26 -55.05 -2.75
CA ARG U 120 25.24 -54.51 -1.82
C ARG U 120 26.07 -53.40 -2.49
N LYS U 121 26.34 -52.35 -1.72
CA LYS U 121 27.15 -51.24 -2.20
C LYS U 121 28.34 -51.03 -1.28
N TYR U 122 29.49 -51.53 -1.72
CA TYR U 122 30.71 -51.42 -0.93
C TYR U 122 31.67 -50.39 -1.50
N ARG U 123 31.88 -49.31 -0.75
CA ARG U 123 32.82 -48.28 -1.15
C ARG U 123 34.08 -48.41 -0.30
N ILE U 124 34.74 -49.56 -0.43
CA ILE U 124 35.95 -49.84 0.33
C ILE U 124 37.20 -49.72 -0.54
N PRO U 125 37.83 -48.53 -0.57
CA PRO U 125 39.05 -48.32 -1.35
C PRO U 125 40.24 -49.06 -0.75
N ALA U 126 40.36 -49.02 0.57
CA ALA U 126 41.45 -49.67 1.27
C ALA U 126 41.26 -51.18 1.33
N ASP U 127 40.28 -51.69 0.58
CA ASP U 127 40.00 -53.12 0.55
C ASP U 127 39.87 -53.62 -0.88
N VAL U 128 39.68 -52.70 -1.82
CA VAL U 128 39.50 -53.08 -3.21
C VAL U 128 40.47 -52.38 -4.16
N ASP U 129 40.84 -53.13 -5.19
CA ASP U 129 41.73 -52.66 -6.25
C ASP U 129 41.29 -53.35 -7.55
N PRO U 130 40.49 -52.64 -8.38
CA PRO U 130 39.94 -53.18 -9.63
C PRO U 130 40.80 -54.25 -10.30
N LEU U 131 42.09 -54.01 -10.39
CA LEU U 131 43.01 -54.93 -11.05
C LEU U 131 42.99 -56.34 -10.43
N THR U 132 43.50 -56.44 -9.21
CA THR U 132 43.61 -57.74 -8.54
C THR U 132 42.30 -58.27 -7.96
N ILE U 133 41.51 -57.40 -7.33
CA ILE U 133 40.25 -57.83 -6.73
C ILE U 133 39.38 -58.61 -7.72
N THR U 134 39.13 -59.87 -7.38
CA THR U 134 38.30 -60.73 -8.21
C THR U 134 37.02 -61.11 -7.47
N SER U 135 36.29 -62.09 -8.00
CA SER U 135 35.04 -62.51 -7.37
C SER U 135 34.86 -64.03 -7.46
N SER U 136 34.32 -64.62 -6.40
CA SER U 136 34.06 -66.05 -6.35
C SER U 136 32.67 -66.30 -5.80
N LEU U 137 31.85 -67.00 -6.57
CA LEU U 137 30.48 -67.28 -6.16
C LEU U 137 30.31 -68.69 -5.61
N SER U 138 29.40 -68.82 -4.64
CA SER U 138 29.10 -70.10 -4.03
C SER U 138 27.78 -70.63 -4.58
N SER U 139 27.37 -71.81 -4.15
CA SER U 139 26.13 -72.42 -4.62
C SER U 139 24.92 -71.91 -3.84
N ASP U 140 25.18 -71.23 -2.73
CA ASP U 140 24.10 -70.70 -1.90
C ASP U 140 23.89 -69.22 -2.16
N GLY U 141 24.80 -68.62 -2.93
CA GLY U 141 24.71 -67.21 -3.25
C GLY U 141 25.81 -66.41 -2.58
N VAL U 142 26.52 -67.03 -1.66
CA VAL U 142 27.60 -66.39 -0.94
C VAL U 142 28.70 -65.93 -1.89
N LEU U 143 28.72 -64.64 -2.19
CA LEU U 143 29.72 -64.07 -3.08
C LEU U 143 30.94 -63.67 -2.25
N THR U 144 32.13 -63.82 -2.81
CA THR U 144 33.35 -63.47 -2.09
C THR U 144 34.38 -62.82 -3.00
N VAL U 145 34.63 -61.54 -2.77
CA VAL U 145 35.63 -60.81 -3.53
C VAL U 145 36.98 -60.87 -2.84
N ASN U 146 37.87 -61.71 -3.36
CA ASN U 146 39.18 -61.90 -2.76
C ASN U 146 40.25 -61.10 -3.49
N GLY U 147 41.32 -60.76 -2.76
CA GLY U 147 42.42 -60.00 -3.34
C GLY U 147 43.02 -59.01 -2.35
N PRO U 148 44.22 -58.48 -2.65
CA PRO U 148 44.90 -57.49 -1.78
C PRO U 148 44.12 -56.18 -1.70
N ARG U 149 44.82 -55.08 -1.43
CA ARG U 149 44.18 -53.78 -1.33
C ARG U 149 45.20 -52.64 -1.17
N LYS U 150 44.81 -51.61 -0.40
CA LYS U 150 45.64 -50.45 -0.09
C LYS U 150 45.46 -49.32 -1.11
N GLN U 151 44.58 -48.38 -0.77
CA GLN U 151 44.29 -47.21 -1.60
C GLN U 151 43.07 -46.47 -1.05
N VAL U 152 42.91 -45.22 -1.45
CA VAL U 152 41.77 -44.42 -0.99
C VAL U 152 41.02 -43.83 -2.17
N SER U 153 39.70 -43.74 -2.03
CA SER U 153 38.86 -43.19 -3.08
C SER U 153 37.70 -42.39 -2.47
N GLY U 154 36.75 -42.00 -3.30
CA GLY U 154 35.61 -41.24 -2.83
C GLY U 154 35.16 -40.21 -3.85
N PRO U 155 34.09 -40.48 -4.62
CA PRO U 155 33.60 -39.55 -5.64
C PRO U 155 32.93 -38.31 -5.06
N GLU U 156 33.52 -37.15 -5.35
CA GLU U 156 32.99 -35.86 -4.90
C GLU U 156 32.76 -34.96 -6.11
N ARG U 157 32.15 -33.80 -5.90
CA ARG U 157 31.91 -32.88 -7.00
C ARG U 157 32.34 -31.46 -6.63
N THR U 158 33.62 -31.30 -6.35
CA THR U 158 34.17 -30.00 -6.00
C THR U 158 35.26 -29.60 -6.98
N ILE U 159 34.85 -29.08 -8.12
CA ILE U 159 35.80 -28.66 -9.15
C ILE U 159 35.41 -27.31 -9.76
N PRO U 160 35.74 -26.21 -9.07
CA PRO U 160 35.43 -24.86 -9.57
C PRO U 160 36.24 -24.54 -10.81
N ILE U 161 35.56 -24.25 -11.91
CA ILE U 161 36.22 -23.95 -13.17
C ILE U 161 36.22 -22.44 -13.43
N THR U 162 36.76 -22.03 -14.58
CA THR U 162 36.84 -20.63 -14.96
C THR U 162 37.67 -19.84 -13.97
N ARG U 163 37.66 -18.51 -14.11
CA ARG U 163 38.47 -17.66 -13.24
C ARG U 163 39.93 -18.03 -13.43
N GLU U 164 40.62 -17.26 -14.23
CA GLU U 164 41.98 -17.60 -14.55
C GLU U 164 42.85 -16.39 -14.92
N GLU U 165 42.64 -15.27 -14.23
CA GLU U 165 43.43 -14.06 -14.49
C GLU U 165 43.34 -13.57 -15.93
N LYS U 166 43.50 -12.25 -16.10
CA LYS U 166 43.47 -11.56 -17.40
C LYS U 166 42.06 -11.04 -17.79
N PRO U 167 41.17 -11.84 -18.47
CA PRO U 167 39.83 -11.36 -18.88
C PRO U 167 39.07 -10.53 -17.84
N ALA U 168 37.98 -9.91 -18.31
CA ALA U 168 37.14 -9.06 -17.48
C ALA U 168 35.86 -8.68 -18.22
N VAL U 169 35.04 -7.83 -17.60
CA VAL U 169 33.81 -7.36 -18.22
C VAL U 169 33.61 -5.87 -17.93
N THR U 170 32.47 -5.35 -18.36
CA THR U 170 32.15 -3.95 -18.14
C THR U 170 30.64 -3.75 -18.23
N ALA U 171 30.18 -2.55 -17.93
CA ALA U 171 28.76 -2.25 -17.98
C ALA U 171 28.51 -0.77 -18.20
N ALA U 172 27.28 -0.33 -18.00
CA ALA U 172 26.91 1.06 -18.18
C ALA U 172 25.58 1.35 -17.47
N PRO U 173 25.31 2.63 -17.16
CA PRO U 173 24.06 3.01 -16.47
C PRO U 173 22.85 2.83 -17.37
N LYS U 174 21.73 2.48 -16.75
CA LYS U 174 20.46 2.27 -17.45
C LYS U 174 19.38 1.86 -16.46
N LYS U 175 18.14 1.76 -16.93
CA LYS U 175 17.02 1.37 -16.08
C LYS U 175 15.74 1.19 -16.90
N MET V 1 -5.27 -23.16 -14.81
CA MET V 1 -4.08 -23.64 -14.06
C MET V 1 -3.57 -22.56 -13.11
N ASP V 2 -4.49 -21.92 -12.40
CA ASP V 2 -4.14 -20.86 -11.44
C ASP V 2 -3.41 -21.45 -10.25
N ILE V 3 -2.09 -21.62 -10.39
CA ILE V 3 -1.27 -22.17 -9.32
C ILE V 3 -1.10 -21.17 -8.17
N ALA V 4 -1.17 -19.89 -8.48
CA ALA V 4 -1.02 -18.85 -7.48
C ALA V 4 -2.36 -18.27 -7.05
N ILE V 5 -3.44 -18.99 -7.34
CA ILE V 5 -4.78 -18.53 -6.98
C ILE V 5 -5.63 -19.67 -6.45
N HIS V 6 -5.85 -20.69 -7.28
CA HIS V 6 -6.66 -21.84 -6.90
C HIS V 6 -5.96 -22.71 -5.85
N HIS V 7 -4.67 -22.97 -6.05
CA HIS V 7 -3.92 -23.81 -5.12
C HIS V 7 -4.05 -23.34 -3.68
N PRO V 8 -3.79 -22.05 -3.37
CA PRO V 8 -3.91 -21.52 -2.01
C PRO V 8 -5.36 -21.29 -1.60
N TRP V 9 -6.27 -21.43 -2.55
CA TRP V 9 -7.69 -21.22 -2.29
C TRP V 9 -8.39 -22.55 -1.99
N ILE V 10 -7.81 -23.64 -2.46
CA ILE V 10 -8.37 -24.97 -2.25
C ILE V 10 -7.84 -25.57 -0.95
N ARG V 11 -6.65 -25.13 -0.55
CA ARG V 11 -6.03 -25.62 0.68
C ARG V 11 -6.55 -24.84 1.88
N ARG V 12 -7.35 -23.81 1.60
CA ARG V 12 -7.92 -22.97 2.64
C ARG V 12 -9.07 -23.68 3.36
N PRO V 13 -10.06 -24.24 2.63
CA PRO V 13 -11.19 -24.95 3.24
C PRO V 13 -10.77 -26.20 3.97
N PHE V 14 -9.53 -26.63 3.74
CA PHE V 14 -8.99 -27.83 4.37
C PHE V 14 -8.44 -27.50 5.76
N PHE V 15 -8.07 -26.24 5.96
CA PHE V 15 -7.49 -25.80 7.23
C PHE V 15 -8.36 -26.15 8.44
N PRO V 16 -9.70 -25.97 8.38
CA PRO V 16 -10.58 -26.32 9.50
C PRO V 16 -10.33 -27.73 10.04
N PHE V 17 -9.61 -28.53 9.26
CA PHE V 17 -9.26 -29.90 9.65
C PHE V 17 -7.92 -30.30 9.06
N HIS V 18 -7.05 -29.31 8.86
CA HIS V 18 -5.73 -29.53 8.28
C HIS V 18 -4.63 -29.27 9.32
N SER V 19 -3.66 -30.18 9.35
CA SER V 19 -2.52 -30.08 10.27
C SER V 19 -1.75 -31.41 10.32
N PRO V 20 -2.45 -32.54 10.52
CA PRO V 20 -1.81 -33.86 10.57
C PRO V 20 -1.28 -34.30 9.21
N SER V 21 -1.33 -35.61 8.94
CA SER V 21 -0.83 -36.15 7.68
C SER V 21 -1.40 -35.41 6.48
N ARG V 22 -0.62 -35.35 5.40
CA ARG V 22 -1.05 -34.69 4.19
C ARG V 22 -1.74 -35.69 3.27
N LEU V 23 -1.91 -36.91 3.78
CA LEU V 23 -2.54 -37.97 3.03
C LEU V 23 -3.14 -39.01 3.98
N PHE V 24 -4.25 -38.66 4.60
CA PHE V 24 -4.90 -39.55 5.56
C PHE V 24 -6.05 -40.35 4.97
N ASP V 25 -5.92 -40.74 3.71
CA ASP V 25 -6.99 -41.48 3.06
C ASP V 25 -6.64 -42.97 2.96
N GLN V 26 -5.81 -43.48 3.86
CA GLN V 26 -5.45 -44.89 3.82
C GLN V 26 -5.28 -45.51 5.20
N PHE V 27 -5.03 -44.71 6.24
CA PHE V 27 -4.88 -45.26 7.60
C PHE V 27 -6.25 -45.48 8.16
N PHE V 28 -7.15 -44.53 7.90
CA PHE V 28 -8.51 -44.65 8.36
C PHE V 28 -9.17 -45.77 7.57
N GLY V 29 -8.51 -46.15 6.48
CA GLY V 29 -9.01 -47.21 5.63
C GLY V 29 -8.42 -48.56 5.99
N GLU V 30 -7.14 -48.56 6.39
CA GLU V 30 -6.47 -49.78 6.78
C GLU V 30 -6.80 -50.13 8.22
N HIS V 31 -6.97 -49.11 9.04
CA HIS V 31 -7.32 -49.30 10.44
C HIS V 31 -8.72 -49.89 10.51
N LEU V 32 -9.57 -49.44 9.60
CA LEU V 32 -10.94 -49.94 9.52
C LEU V 32 -10.93 -51.29 8.80
N LEU V 33 -9.89 -51.51 8.00
CA LEU V 33 -9.75 -52.76 7.25
C LEU V 33 -9.42 -53.89 8.21
N GLU V 34 -8.51 -53.63 9.14
CA GLU V 34 -8.11 -54.64 10.12
C GLU V 34 -9.17 -54.77 11.21
N SER V 35 -10.11 -53.84 11.22
CA SER V 35 -11.19 -53.84 12.22
C SER V 35 -12.49 -54.37 11.61
N ASP V 36 -12.60 -54.29 10.29
CA ASP V 36 -13.79 -54.76 9.60
C ASP V 36 -13.65 -56.23 9.23
N LEU V 37 -12.40 -56.67 9.06
CA LEU V 37 -12.14 -58.07 8.72
C LEU V 37 -12.25 -58.93 9.98
N PHE V 38 -12.46 -58.27 11.11
CA PHE V 38 -12.61 -58.96 12.39
C PHE V 38 -14.07 -58.92 12.83
N PRO V 39 -14.63 -60.07 13.25
CA PRO V 39 -16.04 -60.16 13.68
C PRO V 39 -16.39 -59.18 14.80
N THR V 40 -16.74 -57.97 14.43
CA THR V 40 -17.14 -56.95 15.39
C THR V 40 -18.66 -56.79 15.35
N SER V 41 -19.29 -56.84 16.52
CA SER V 41 -20.76 -56.75 16.62
C SER V 41 -21.36 -58.08 16.18
N THR V 42 -21.08 -58.49 14.94
CA THR V 42 -21.56 -59.76 14.41
C THR V 42 -20.56 -60.86 14.76
N SER V 43 -20.49 -61.95 13.97
CA SER V 43 -19.54 -63.02 14.29
C SER V 43 -19.19 -63.97 13.12
N LEU V 44 -17.88 -64.24 12.98
CA LEU V 44 -17.31 -65.21 11.99
C LEU V 44 -17.25 -64.73 10.53
N SER V 45 -16.19 -65.22 9.79
CA SER V 45 -15.96 -64.91 8.34
C SER V 45 -14.45 -64.91 7.96
N PRO V 46 -13.76 -66.09 7.90
CA PRO V 46 -12.33 -66.18 7.55
C PRO V 46 -11.97 -66.86 6.20
N PHE V 47 -10.63 -66.87 5.88
CA PHE V 47 -10.04 -67.49 4.66
C PHE V 47 -8.64 -66.90 4.36
N TYR V 48 -7.55 -67.72 4.48
CA TYR V 48 -6.17 -67.21 4.25
C TYR V 48 -5.16 -68.30 3.79
N LEU V 49 -3.88 -67.88 3.73
CA LEU V 49 -2.74 -68.75 3.34
C LEU V 49 -1.52 -68.41 4.22
N ARG V 50 -0.36 -69.05 3.95
CA ARG V 50 0.85 -68.77 4.76
C ARG V 50 2.15 -69.15 4.03
N PRO V 51 2.93 -68.14 3.58
CA PRO V 51 4.22 -68.35 2.90
C PRO V 51 5.41 -68.28 3.86
N PRO V 52 6.64 -68.58 3.39
CA PRO V 52 7.84 -68.53 4.24
C PRO V 52 8.20 -67.10 4.64
N SER V 53 8.60 -66.94 5.91
CA SER V 53 8.96 -65.62 6.42
C SER V 53 10.15 -65.69 7.36
N PHE V 54 10.72 -64.53 7.68
CA PHE V 54 11.86 -64.45 8.58
C PHE V 54 11.39 -64.16 10.00
N LEU V 55 10.14 -63.72 10.12
CA LEU V 55 9.56 -63.39 11.41
C LEU V 55 9.39 -64.65 12.25
N ARG V 56 9.77 -64.55 13.51
CA ARG V 56 9.66 -65.69 14.42
C ARG V 56 8.47 -65.52 15.37
N ALA V 57 8.32 -64.32 15.92
CA ALA V 57 7.21 -64.05 16.82
C ALA V 57 5.88 -63.98 16.05
N PRO V 58 5.78 -63.11 15.02
CA PRO V 58 4.57 -62.99 14.23
C PRO V 58 4.63 -63.89 12.99
N SER V 59 3.72 -63.65 12.05
CA SER V 59 3.68 -64.43 10.83
C SER V 59 3.06 -63.63 9.69
N TRP V 60 3.67 -63.71 8.51
CA TRP V 60 3.18 -62.99 7.35
C TRP V 60 2.29 -63.91 6.51
N PHE V 61 0.99 -63.61 6.50
CA PHE V 61 0.03 -64.41 5.74
C PHE V 61 -0.36 -63.71 4.44
N ASP V 62 -0.22 -64.41 3.32
CA ASP V 62 -0.58 -63.85 2.02
C ASP V 62 -2.10 -63.85 1.88
N THR V 63 -2.71 -62.69 2.04
CA THR V 63 -4.16 -62.56 1.96
C THR V 63 -4.68 -62.82 0.54
N GLY V 64 -5.87 -63.42 0.46
CA GLY V 64 -6.47 -63.71 -0.82
C GLY V 64 -7.90 -64.21 -0.67
N LEU V 65 -8.73 -63.96 -1.69
CA LEU V 65 -10.12 -64.39 -1.66
C LEU V 65 -10.57 -64.86 -3.04
N SER V 66 -11.88 -64.98 -3.22
CA SER V 66 -12.48 -65.41 -4.49
C SER V 66 -13.99 -65.53 -4.35
N GLU V 67 -14.73 -65.04 -5.34
CA GLU V 67 -16.19 -65.11 -5.30
C GLU V 67 -16.81 -64.71 -6.64
N MET V 68 -18.11 -64.98 -6.76
CA MET V 68 -18.88 -64.66 -7.96
C MET V 68 -20.37 -64.82 -7.69
N ARG V 69 -21.16 -63.80 -8.01
CA ARG V 69 -22.60 -63.85 -7.78
C ARG V 69 -23.32 -62.66 -8.43
N LEU V 70 -24.63 -62.79 -8.58
CA LEU V 70 -25.48 -61.77 -9.19
C LEU V 70 -24.76 -61.10 -10.37
N GLU V 71 -24.14 -59.95 -10.11
CA GLU V 71 -23.41 -59.23 -11.13
C GLU V 71 -22.53 -58.18 -10.48
N LYS V 72 -22.20 -58.42 -9.21
CA LYS V 72 -21.37 -57.50 -8.45
C LYS V 72 -20.55 -58.26 -7.40
N ASP V 73 -19.29 -57.87 -7.24
CA ASP V 73 -18.42 -58.50 -6.25
C ASP V 73 -17.11 -57.74 -6.10
N ARG V 74 -16.66 -57.60 -4.86
CA ARG V 74 -15.41 -56.91 -4.57
C ARG V 74 -14.26 -57.90 -4.44
N PHE V 75 -13.04 -57.38 -4.45
CA PHE V 75 -11.86 -58.23 -4.36
C PHE V 75 -10.66 -57.42 -3.87
N SER V 76 -9.64 -58.12 -3.38
CA SER V 76 -8.43 -57.46 -2.90
C SER V 76 -7.23 -58.38 -2.92
N VAL V 77 -6.22 -58.00 -3.71
CA VAL V 77 -4.99 -58.78 -3.80
C VAL V 77 -3.92 -58.12 -2.94
N ASN V 78 -3.01 -58.91 -2.40
CA ASN V 78 -1.95 -58.37 -1.56
C ASN V 78 -0.56 -58.65 -2.11
N LEU V 79 0.19 -57.60 -2.39
CA LEU V 79 1.54 -57.74 -2.89
C LEU V 79 2.48 -58.05 -1.73
N ASP V 80 3.73 -58.37 -2.01
CA ASP V 80 4.65 -58.73 -0.94
C ASP V 80 5.83 -57.77 -0.80
N VAL V 81 5.90 -57.14 0.36
CA VAL V 81 6.98 -56.23 0.71
C VAL V 81 7.17 -56.31 2.24
N LYS V 82 7.72 -57.44 2.69
CA LYS V 82 7.93 -57.70 4.11
C LYS V 82 8.43 -56.48 4.87
N HIS V 83 9.45 -55.81 4.36
CA HIS V 83 10.00 -54.63 5.02
C HIS V 83 9.48 -53.36 4.37
N PHE V 84 9.04 -52.42 5.19
CA PHE V 84 8.48 -51.17 4.72
C PHE V 84 9.46 -50.35 3.90
N SER V 85 8.94 -49.78 2.83
CA SER V 85 9.71 -48.92 1.93
C SER V 85 8.78 -47.88 1.30
N PRO V 86 8.00 -47.15 2.14
CA PRO V 86 7.03 -46.14 1.68
C PRO V 86 7.56 -45.25 0.57
N GLU V 87 8.72 -44.65 0.81
CA GLU V 87 9.32 -43.74 -0.16
C GLU V 87 10.14 -44.50 -1.21
N GLU V 88 10.54 -45.72 -0.87
CA GLU V 88 11.37 -46.51 -1.77
C GLU V 88 10.59 -47.64 -2.45
N LEU V 89 9.31 -47.40 -2.73
CA LEU V 89 8.50 -48.40 -3.42
C LEU V 89 7.61 -47.74 -4.47
N LYS V 90 7.43 -48.44 -5.58
CA LYS V 90 6.60 -47.93 -6.68
C LYS V 90 5.66 -49.02 -7.18
N VAL V 91 4.36 -48.76 -7.05
CA VAL V 91 3.35 -49.70 -7.52
C VAL V 91 2.87 -49.30 -8.91
N LYS V 92 2.91 -50.24 -9.84
CA LYS V 92 2.49 -49.97 -11.20
C LYS V 92 1.37 -50.88 -11.65
N VAL V 93 0.29 -50.29 -12.15
CA VAL V 93 -0.84 -51.04 -12.65
C VAL V 93 -0.89 -50.95 -14.17
N LEU V 94 0.02 -51.68 -14.82
CA LEU V 94 0.10 -51.68 -16.27
C LEU V 94 -0.93 -52.63 -16.86
N GLY V 95 -2.14 -52.13 -17.02
CA GLY V 95 -3.21 -52.94 -17.57
C GLY V 95 -3.65 -54.03 -16.63
N ASP V 96 -3.71 -55.26 -17.14
CA ASP V 96 -4.11 -56.40 -16.34
C ASP V 96 -2.91 -57.01 -15.62
N VAL V 97 -1.87 -56.20 -15.43
CA VAL V 97 -0.66 -56.65 -14.75
C VAL V 97 -0.29 -55.75 -13.58
N ILE V 98 -0.33 -56.31 -12.37
CA ILE V 98 0.02 -55.57 -11.17
C ILE V 98 1.43 -55.93 -10.71
N GLU V 99 2.28 -54.93 -10.56
CA GLU V 99 3.66 -55.16 -10.13
C GLU V 99 4.09 -54.18 -9.06
N VAL V 100 4.89 -54.66 -8.11
CA VAL V 100 5.40 -53.82 -7.04
C VAL V 100 6.93 -53.80 -7.06
N HIS V 101 7.51 -52.63 -6.83
CA HIS V 101 8.95 -52.48 -6.82
C HIS V 101 9.41 -51.72 -5.58
N GLY V 102 9.74 -52.45 -4.54
CA GLY V 102 10.20 -51.81 -3.30
C GLY V 102 11.57 -52.28 -2.87
N LYS V 103 12.46 -51.32 -2.63
CA LYS V 103 13.83 -51.64 -2.22
C LYS V 103 14.19 -50.85 -0.96
N HIS V 104 14.58 -51.56 0.09
CA HIS V 104 14.96 -50.91 1.34
C HIS V 104 16.24 -51.49 1.90
N GLU V 105 17.11 -50.61 2.40
CA GLU V 105 18.37 -51.03 2.99
C GLU V 105 18.19 -51.30 4.48
N GLU V 106 18.07 -52.57 4.84
CA GLU V 106 17.86 -52.95 6.24
C GLU V 106 19.14 -53.53 6.86
N ARG V 107 20.00 -54.10 6.02
CA ARG V 107 21.25 -54.67 6.50
C ARG V 107 22.40 -53.71 6.25
N GLN V 108 23.21 -53.48 7.29
CA GLN V 108 24.35 -52.57 7.18
C GLN V 108 25.64 -53.21 7.63
N ASP V 109 26.73 -52.86 6.94
CA ASP V 109 28.05 -53.39 7.28
C ASP V 109 29.03 -52.24 7.52
N GLU V 110 30.32 -52.54 7.56
CA GLU V 110 31.33 -51.51 7.79
C GLU V 110 31.23 -50.39 6.75
N HIS V 111 31.73 -50.65 5.55
CA HIS V 111 31.68 -49.67 4.47
C HIS V 111 30.81 -50.18 3.34
N GLY V 112 29.97 -51.17 3.65
CA GLY V 112 29.09 -51.75 2.66
C GLY V 112 27.65 -51.79 3.16
N PHE V 113 26.73 -51.28 2.35
CA PHE V 113 25.33 -51.25 2.73
C PHE V 113 24.52 -52.22 1.89
N ILE V 114 23.78 -53.10 2.55
CA ILE V 114 22.95 -54.08 1.86
C ILE V 114 21.55 -53.51 1.65
N SER V 115 20.97 -53.81 0.49
CA SER V 115 19.64 -53.33 0.16
C SER V 115 18.78 -54.43 -0.46
N ARG V 116 17.81 -54.90 0.30
CA ARG V 116 16.91 -55.95 -0.18
C ARG V 116 15.82 -55.34 -1.05
N GLU V 117 15.26 -56.13 -1.96
CA GLU V 117 14.22 -55.64 -2.85
C GLU V 117 13.18 -56.72 -3.15
N PHE V 118 11.92 -56.34 -3.03
CA PHE V 118 10.81 -57.26 -3.30
C PHE V 118 10.09 -56.82 -4.57
N HIS V 119 9.96 -57.75 -5.53
CA HIS V 119 9.31 -57.45 -6.79
C HIS V 119 8.31 -58.53 -7.18
N ARG V 120 7.03 -58.17 -7.20
CA ARG V 120 5.98 -59.11 -7.56
C ARG V 120 5.47 -58.85 -8.98
N LYS V 121 5.16 -59.92 -9.69
CA LYS V 121 4.64 -59.82 -11.04
C LYS V 121 3.31 -60.55 -11.14
N TYR V 122 2.23 -59.81 -11.14
CA TYR V 122 0.89 -60.38 -11.21
C TYR V 122 0.24 -60.12 -12.56
N ARG V 123 -0.16 -61.19 -13.23
CA ARG V 123 -0.86 -61.08 -14.50
C ARG V 123 -2.24 -61.70 -14.37
N ILE V 124 -3.07 -61.05 -13.56
CA ILE V 124 -4.42 -61.53 -13.29
C ILE V 124 -5.50 -60.61 -13.87
N PRO V 125 -5.81 -60.74 -15.17
CA PRO V 125 -6.86 -59.93 -15.80
C PRO V 125 -8.22 -60.31 -15.25
N ALA V 126 -8.26 -61.43 -14.54
CA ALA V 126 -9.49 -61.93 -13.94
C ALA V 126 -9.74 -61.31 -12.57
N ASP V 127 -8.71 -60.70 -12.00
CA ASP V 127 -8.82 -60.08 -10.70
C ASP V 127 -8.40 -58.61 -10.76
N VAL V 128 -7.97 -58.17 -11.94
CA VAL V 128 -7.52 -56.80 -12.10
C VAL V 128 -8.18 -56.09 -13.29
N ASP V 129 -8.45 -54.81 -13.07
CA ASP V 129 -9.03 -53.92 -14.06
C ASP V 129 -8.53 -52.51 -13.75
N PRO V 130 -7.45 -52.08 -14.44
CA PRO V 130 -6.82 -50.77 -14.20
C PRO V 130 -7.82 -49.63 -13.99
N LEU V 131 -9.00 -49.72 -14.59
CA LEU V 131 -10.00 -48.67 -14.46
C LEU V 131 -10.81 -48.80 -13.17
N THR V 132 -10.24 -49.43 -12.15
CA THR V 132 -10.96 -49.59 -10.90
C THR V 132 -10.06 -50.11 -9.77
N ILE V 133 -8.95 -50.76 -10.13
CA ILE V 133 -8.03 -51.31 -9.14
C ILE V 133 -7.09 -50.23 -8.60
N THR V 134 -7.09 -50.07 -7.28
CA THR V 134 -6.23 -49.10 -6.62
C THR V 134 -5.16 -49.83 -5.80
N SER V 135 -4.49 -49.10 -4.92
CA SER V 135 -3.45 -49.70 -4.08
C SER V 135 -3.43 -49.10 -2.68
N SER V 136 -3.11 -49.93 -1.70
CA SER V 136 -3.02 -49.49 -0.31
C SER V 136 -1.79 -50.11 0.36
N LEU V 137 -0.86 -49.26 0.75
CA LEU V 137 0.38 -49.73 1.39
C LEU V 137 0.21 -49.78 2.91
N SER V 138 0.77 -50.82 3.53
CA SER V 138 0.68 -50.99 4.99
C SER V 138 2.01 -50.71 5.68
N SER V 139 1.98 -50.67 7.01
CA SER V 139 3.18 -50.41 7.82
C SER V 139 4.34 -51.31 7.43
N ASP V 140 4.10 -52.61 7.40
CA ASP V 140 5.14 -53.56 7.06
C ASP V 140 5.23 -53.78 5.55
N GLY V 141 5.09 -52.70 4.80
CA GLY V 141 5.19 -52.78 3.34
C GLY V 141 4.09 -53.64 2.72
N VAL V 142 3.15 -54.10 3.54
CA VAL V 142 2.06 -54.92 3.03
C VAL V 142 1.18 -54.14 2.07
N LEU V 143 1.38 -54.35 0.78
CA LEU V 143 0.59 -53.68 -0.24
C LEU V 143 -0.69 -54.45 -0.51
N THR V 144 -1.77 -53.73 -0.79
CA THR V 144 -3.06 -54.36 -1.06
C THR V 144 -3.81 -53.64 -2.17
N VAL V 145 -3.84 -54.26 -3.35
CA VAL V 145 -4.55 -53.69 -4.49
C VAL V 145 -6.01 -54.13 -4.45
N ASN V 146 -6.87 -53.26 -3.96
CA ASN V 146 -8.30 -53.55 -3.85
C ASN V 146 -9.06 -53.12 -5.10
N GLY V 147 -10.23 -53.72 -5.29
CA GLY V 147 -11.06 -53.40 -6.43
C GLY V 147 -11.79 -54.63 -6.97
N PRO V 148 -12.80 -54.44 -7.85
CA PRO V 148 -13.55 -55.56 -8.43
C PRO V 148 -12.69 -56.48 -9.28
N ARG V 149 -13.32 -57.20 -10.21
CA ARG V 149 -12.59 -58.14 -11.06
C ARG V 149 -13.41 -58.52 -12.30
N LYS V 150 -12.82 -59.33 -13.17
CA LYS V 150 -13.49 -59.79 -14.38
C LYS V 150 -13.07 -61.23 -14.75
N GLN V 151 -12.30 -61.38 -15.84
CA GLN V 151 -11.85 -62.72 -16.26
C GLN V 151 -10.75 -62.65 -17.32
N VAL V 152 -10.39 -63.82 -17.87
CA VAL V 152 -9.34 -63.94 -18.90
C VAL V 152 -7.94 -63.82 -18.30
N SER V 153 -6.97 -64.46 -18.96
CA SER V 153 -5.57 -64.43 -18.51
C SER V 153 -4.65 -65.08 -19.55
N GLY V 154 -3.75 -64.29 -20.14
CA GLY V 154 -2.84 -64.84 -21.14
C GLY V 154 -1.98 -63.77 -21.82
N PRO V 155 -0.66 -64.02 -22.00
CA PRO V 155 0.26 -63.07 -22.63
C PRO V 155 0.43 -63.28 -24.14
N GLU V 156 0.65 -64.54 -24.55
CA GLU V 156 0.84 -64.90 -25.96
C GLU V 156 -0.03 -64.07 -26.90
N ARG V 157 0.47 -63.85 -28.11
CA ARG V 157 -0.26 -63.05 -29.10
C ARG V 157 -0.75 -63.90 -30.28
N THR V 158 0.19 -64.30 -31.15
CA THR V 158 -0.12 -65.11 -32.31
C THR V 158 -0.89 -64.29 -33.35
N ILE V 159 -0.15 -63.63 -34.24
CA ILE V 159 -0.75 -62.82 -35.30
C ILE V 159 0.02 -62.94 -36.61
N PRO V 160 -0.29 -63.96 -37.43
CA PRO V 160 0.38 -64.17 -38.72
C PRO V 160 -0.14 -63.20 -39.77
N ILE V 161 0.76 -62.69 -40.61
CA ILE V 161 0.39 -61.75 -41.66
C ILE V 161 0.91 -62.19 -43.02
N THR V 162 0.18 -61.80 -44.07
CA THR V 162 0.56 -62.13 -45.45
C THR V 162 0.44 -63.62 -45.75
N ARG V 163 1.58 -64.27 -46.04
CA ARG V 163 1.63 -65.70 -46.38
C ARG V 163 1.19 -65.94 -47.82
N GLU V 164 0.35 -65.04 -48.33
CA GLU V 164 -0.16 -65.12 -49.70
C GLU V 164 -1.07 -66.33 -49.88
N GLU V 165 -0.51 -67.42 -50.44
CA GLU V 165 -1.28 -68.64 -50.68
C GLU V 165 -2.30 -68.48 -51.81
N LYS V 166 -2.48 -67.25 -52.29
CA LYS V 166 -3.43 -66.99 -53.37
C LYS V 166 -2.70 -66.92 -54.73
N PRO V 167 -1.82 -65.91 -54.95
CA PRO V 167 -1.07 -65.80 -56.19
C PRO V 167 0.32 -66.40 -56.06
N ALA V 168 1.00 -66.64 -57.18
CA ALA V 168 2.33 -67.23 -57.18
C ALA V 168 2.40 -68.44 -56.25
N VAL V 169 2.08 -69.61 -56.81
CA VAL V 169 2.09 -70.84 -56.03
C VAL V 169 3.08 -71.85 -56.60
N THR V 170 3.26 -72.96 -55.90
CA THR V 170 4.17 -74.02 -56.32
C THR V 170 3.43 -75.34 -56.46
N ALA V 171 4.07 -76.32 -57.10
CA ALA V 171 3.46 -77.63 -57.30
C ALA V 171 4.49 -78.65 -57.76
N ALA V 172 4.01 -79.74 -58.36
CA ALA V 172 4.88 -80.79 -58.85
C ALA V 172 4.11 -81.71 -59.81
N PRO V 173 4.82 -82.51 -60.63
CA PRO V 173 4.19 -83.42 -61.59
C PRO V 173 3.28 -84.44 -60.89
N LYS V 174 2.56 -85.22 -61.67
CA LYS V 174 1.65 -86.23 -61.12
C LYS V 174 1.08 -87.11 -62.23
N LYS V 175 0.36 -88.15 -61.84
CA LYS V 175 -0.24 -89.07 -62.80
C LYS V 175 -1.25 -89.99 -62.12
N MET W 1 -17.98 -13.59 -13.36
CA MET W 1 -18.55 -14.37 -12.24
C MET W 1 -18.95 -13.44 -11.10
N ASP W 2 -19.95 -12.61 -11.36
CA ASP W 2 -20.45 -11.68 -10.36
C ASP W 2 -20.81 -12.42 -9.08
N ILE W 3 -19.95 -12.31 -8.07
CA ILE W 3 -20.20 -12.98 -6.80
C ILE W 3 -21.47 -12.47 -6.14
N ALA W 4 -21.97 -11.34 -6.62
CA ALA W 4 -23.18 -10.74 -6.06
C ALA W 4 -24.43 -11.17 -6.85
N ILE W 5 -24.23 -12.08 -7.80
CA ILE W 5 -25.34 -12.57 -8.62
C ILE W 5 -25.26 -14.09 -8.79
N HIS W 6 -24.15 -14.56 -9.34
CA HIS W 6 -23.94 -15.98 -9.57
C HIS W 6 -23.94 -16.78 -8.27
N HIS W 7 -23.40 -16.20 -7.21
CA HIS W 7 -23.34 -16.90 -5.92
C HIS W 7 -24.75 -17.17 -5.37
N PRO W 8 -25.61 -16.13 -5.24
CA PRO W 8 -26.97 -16.31 -4.73
C PRO W 8 -27.91 -16.95 -5.74
N TRP W 9 -27.52 -16.97 -7.01
CA TRP W 9 -28.37 -17.56 -8.05
C TRP W 9 -28.05 -19.04 -8.22
N ILE W 10 -26.77 -19.38 -8.21
CA ILE W 10 -26.34 -20.76 -8.34
C ILE W 10 -26.68 -21.54 -7.07
N ARG W 11 -27.17 -20.81 -6.07
CA ARG W 11 -27.56 -21.42 -4.82
C ARG W 11 -29.08 -21.46 -4.70
N ARG W 12 -29.77 -21.04 -5.76
CA ARG W 12 -31.23 -21.05 -5.78
C ARG W 12 -31.75 -22.43 -6.14
N PRO W 13 -31.38 -22.98 -7.32
CA PRO W 13 -31.82 -24.31 -7.72
C PRO W 13 -31.11 -25.40 -6.91
N PHE W 14 -30.39 -24.97 -5.86
CA PHE W 14 -29.70 -25.88 -4.96
C PHE W 14 -30.51 -25.99 -3.69
N PHE W 15 -31.40 -25.01 -3.53
CA PHE W 15 -32.28 -24.89 -2.37
C PHE W 15 -32.81 -26.27 -1.95
N PRO W 16 -33.66 -26.92 -2.76
CA PRO W 16 -34.23 -28.25 -2.45
C PRO W 16 -33.21 -29.41 -2.40
N PHE W 17 -31.91 -29.12 -2.50
CA PHE W 17 -30.87 -30.16 -2.46
C PHE W 17 -29.90 -29.88 -1.33
N HIS W 18 -29.95 -28.66 -0.84
CA HIS W 18 -29.06 -28.20 0.21
C HIS W 18 -29.19 -29.07 1.47
N SER W 19 -28.39 -28.76 2.47
CA SER W 19 -28.36 -29.50 3.72
C SER W 19 -27.95 -30.95 3.52
N PRO W 20 -26.98 -31.24 2.62
CA PRO W 20 -26.50 -32.58 2.36
C PRO W 20 -25.22 -32.86 3.12
N SER W 21 -25.15 -32.35 4.35
CA SER W 21 -23.98 -32.50 5.20
C SER W 21 -22.82 -31.69 4.61
N ARG W 22 -22.42 -30.64 5.32
CA ARG W 22 -21.33 -29.78 4.87
C ARG W 22 -20.08 -30.60 4.53
N LEU W 23 -20.00 -31.79 5.11
CA LEU W 23 -18.88 -32.68 4.88
C LEU W 23 -19.36 -33.96 4.21
N PHE W 24 -20.13 -33.80 3.15
CA PHE W 24 -20.70 -34.93 2.41
C PHE W 24 -19.62 -35.81 1.77
N ASP W 25 -18.56 -35.18 1.28
CA ASP W 25 -17.48 -35.90 0.62
C ASP W 25 -16.72 -36.82 1.57
N GLN W 26 -16.78 -36.53 2.87
CA GLN W 26 -16.08 -37.34 3.87
C GLN W 26 -17.04 -38.27 4.61
N PHE W 27 -18.24 -37.78 4.89
CA PHE W 27 -19.24 -38.58 5.60
C PHE W 27 -19.54 -39.87 4.85
N PHE W 28 -20.04 -39.72 3.62
CA PHE W 28 -20.35 -40.88 2.79
C PHE W 28 -19.07 -41.62 2.41
N GLY W 29 -17.98 -40.85 2.25
CA GLY W 29 -16.71 -41.44 1.89
C GLY W 29 -16.25 -42.49 2.88
N GLU W 30 -16.66 -42.32 4.13
CA GLU W 30 -16.31 -43.25 5.19
C GLU W 30 -17.17 -44.51 5.10
N HIS W 31 -18.47 -44.32 4.88
CA HIS W 31 -19.40 -45.44 4.77
C HIS W 31 -19.08 -46.30 3.56
N LEU W 32 -18.53 -45.67 2.52
CA LEU W 32 -18.18 -46.39 1.29
C LEU W 32 -16.85 -47.11 1.49
N LEU W 33 -16.05 -46.61 2.42
CA LEU W 33 -14.76 -47.20 2.72
C LEU W 33 -14.93 -48.40 3.63
N GLU W 34 -16.04 -48.43 4.38
CA GLU W 34 -16.33 -49.53 5.29
C GLU W 34 -16.88 -50.72 4.52
N SER W 35 -17.66 -50.45 3.48
CA SER W 35 -18.24 -51.51 2.65
C SER W 35 -17.24 -51.99 1.61
N ASP W 36 -16.11 -51.29 1.50
CA ASP W 36 -15.09 -51.65 0.53
C ASP W 36 -14.04 -52.56 1.16
N LEU W 37 -14.24 -52.87 2.43
CA LEU W 37 -13.32 -53.73 3.17
C LEU W 37 -13.80 -55.19 3.16
N PHE W 38 -14.99 -55.40 3.70
CA PHE W 38 -15.58 -56.74 3.76
C PHE W 38 -17.03 -56.71 3.28
N PRO W 39 -17.47 -57.73 2.51
CA PRO W 39 -18.85 -57.80 2.01
C PRO W 39 -19.84 -57.60 3.15
N THR W 40 -20.28 -56.36 3.35
CA THR W 40 -21.19 -56.02 4.43
C THR W 40 -22.65 -56.40 4.16
N SER W 41 -22.92 -57.71 4.20
CA SER W 41 -24.27 -58.25 4.02
C SER W 41 -25.07 -57.56 2.92
N THR W 42 -24.39 -57.02 1.92
CA THR W 42 -25.07 -56.36 0.82
C THR W 42 -25.34 -57.38 -0.29
N SER W 43 -26.01 -56.94 -1.35
CA SER W 43 -26.28 -57.83 -2.48
C SER W 43 -25.01 -57.95 -3.33
N LEU W 44 -23.87 -57.85 -2.65
CA LEU W 44 -22.57 -57.92 -3.29
C LEU W 44 -22.42 -56.78 -4.28
N SER W 45 -21.38 -55.98 -4.09
CA SER W 45 -21.13 -54.84 -4.96
C SER W 45 -19.65 -54.70 -5.28
N PRO W 46 -19.31 -54.31 -6.52
CA PRO W 46 -17.92 -54.10 -6.90
C PRO W 46 -17.44 -52.77 -6.35
N PHE W 47 -18.33 -51.77 -6.47
CA PHE W 47 -18.07 -50.43 -5.97
C PHE W 47 -19.37 -49.62 -5.89
N TYR W 48 -20.48 -50.31 -5.61
CA TYR W 48 -21.77 -49.64 -5.49
C TYR W 48 -21.76 -48.74 -4.25
N LEU W 49 -22.05 -47.47 -4.46
CA LEU W 49 -22.05 -46.50 -3.36
C LEU W 49 -23.43 -45.90 -3.15
N ARG W 50 -23.96 -46.04 -1.92
CA ARG W 50 -25.27 -45.50 -1.58
C ARG W 50 -25.26 -43.98 -1.63
N PRO W 51 -25.86 -43.36 -2.66
CA PRO W 51 -25.90 -41.91 -2.81
C PRO W 51 -27.21 -41.32 -2.31
N PRO W 52 -27.23 -40.02 -1.99
CA PRO W 52 -28.44 -39.34 -1.53
C PRO W 52 -29.42 -39.13 -2.67
N SER W 53 -30.47 -39.96 -2.71
CA SER W 53 -31.46 -39.86 -3.77
C SER W 53 -32.82 -39.47 -3.23
N PHE W 54 -33.69 -39.01 -4.12
CA PHE W 54 -35.03 -38.59 -3.75
C PHE W 54 -36.01 -39.74 -3.88
N LEU W 55 -35.55 -40.83 -4.50
CA LEU W 55 -36.38 -42.02 -4.68
C LEU W 55 -36.78 -42.57 -3.31
N ARG W 56 -38.08 -42.64 -3.05
CA ARG W 56 -38.58 -43.12 -1.77
C ARG W 56 -38.82 -44.63 -1.76
N ALA W 57 -39.34 -45.14 -2.87
CA ALA W 57 -39.64 -46.57 -2.96
C ALA W 57 -38.38 -47.43 -3.13
N PRO W 58 -37.56 -47.19 -4.18
CA PRO W 58 -36.36 -47.97 -4.44
C PRO W 58 -35.08 -47.35 -3.87
N SER W 59 -34.07 -48.19 -3.68
CA SER W 59 -32.78 -47.74 -3.18
C SER W 59 -31.76 -47.72 -4.31
N TRP W 60 -31.31 -46.53 -4.68
CA TRP W 60 -30.36 -46.39 -5.77
C TRP W 60 -28.91 -46.52 -5.30
N PHE W 61 -28.07 -47.07 -6.17
CA PHE W 61 -26.65 -47.26 -5.88
C PHE W 61 -25.82 -46.85 -7.09
N ASP W 62 -24.73 -46.12 -6.86
CA ASP W 62 -23.86 -45.68 -7.95
C ASP W 62 -23.17 -46.89 -8.56
N THR W 63 -23.35 -47.10 -9.86
CA THR W 63 -22.77 -48.25 -10.53
C THR W 63 -22.12 -47.92 -11.88
N GLY W 64 -21.45 -48.92 -12.44
CA GLY W 64 -20.81 -48.77 -13.73
C GLY W 64 -21.57 -49.49 -14.82
N LEU W 65 -21.18 -50.75 -15.09
CA LEU W 65 -21.84 -51.59 -16.11
C LEU W 65 -21.68 -51.02 -17.52
N SER W 66 -22.38 -49.91 -17.78
CA SER W 66 -22.34 -49.28 -19.11
C SER W 66 -20.99 -48.60 -19.38
N GLU W 67 -19.92 -49.11 -18.78
CA GLU W 67 -18.59 -48.56 -18.99
C GLU W 67 -17.56 -49.68 -19.11
N MET W 68 -18.06 -50.89 -19.37
CA MET W 68 -17.19 -52.05 -19.52
C MET W 68 -17.52 -52.83 -20.79
N ARG W 69 -18.77 -53.30 -20.89
CA ARG W 69 -19.21 -54.05 -22.06
C ARG W 69 -20.51 -53.43 -22.59
N LEU W 70 -21.01 -53.94 -23.72
CA LEU W 70 -22.26 -53.42 -24.28
C LEU W 70 -22.93 -54.41 -25.23
N GLU W 71 -22.55 -54.41 -26.51
CA GLU W 71 -23.18 -55.30 -27.49
C GLU W 71 -22.15 -56.13 -28.27
N LYS W 72 -21.86 -57.34 -27.77
CA LYS W 72 -20.89 -58.24 -28.41
C LYS W 72 -21.43 -59.67 -28.45
N ASP W 73 -20.73 -60.57 -29.18
CA ASP W 73 -21.14 -61.97 -29.29
C ASP W 73 -19.93 -62.90 -29.44
N ARG W 74 -19.62 -63.29 -30.69
CA ARG W 74 -18.49 -64.16 -30.99
C ARG W 74 -17.45 -63.29 -31.70
N PHE W 75 -17.90 -62.68 -32.78
CA PHE W 75 -17.14 -61.72 -33.55
C PHE W 75 -15.81 -62.18 -34.13
N SER W 76 -15.25 -61.23 -34.86
CA SER W 76 -13.97 -61.34 -35.55
C SER W 76 -13.67 -59.96 -36.15
N VAL W 77 -13.59 -58.96 -35.25
CA VAL W 77 -13.36 -57.56 -35.61
C VAL W 77 -12.41 -57.38 -36.79
N ASN W 78 -12.62 -56.29 -37.54
CA ASN W 78 -11.79 -55.98 -38.70
C ASN W 78 -11.19 -54.58 -38.60
N LEU W 79 -9.89 -54.49 -38.81
CA LEU W 79 -9.21 -53.20 -38.77
C LEU W 79 -9.39 -52.48 -40.10
N ASP W 80 -9.00 -51.22 -40.19
CA ASP W 80 -9.20 -50.46 -41.42
C ASP W 80 -7.89 -49.99 -42.05
N VAL W 81 -7.67 -50.45 -43.27
CA VAL W 81 -6.51 -50.09 -44.07
C VAL W 81 -6.95 -50.04 -45.53
N LYS W 82 -7.61 -48.94 -45.89
CA LYS W 82 -8.15 -48.73 -47.23
C LYS W 82 -7.20 -49.22 -48.32
N HIS W 83 -5.94 -48.81 -48.25
CA HIS W 83 -4.96 -49.21 -49.25
C HIS W 83 -3.97 -50.21 -48.68
N PHE W 84 -3.69 -51.26 -49.45
CA PHE W 84 -2.80 -52.33 -49.04
C PHE W 84 -1.42 -51.82 -48.64
N SER W 85 -0.90 -52.42 -47.56
CA SER W 85 0.42 -52.10 -47.04
C SER W 85 0.99 -53.32 -46.30
N PRO W 86 0.99 -54.50 -46.96
CA PRO W 86 1.46 -55.76 -46.35
C PRO W 86 2.78 -55.61 -45.61
N GLU W 87 3.79 -55.11 -46.31
CA GLU W 87 5.12 -54.94 -45.72
C GLU W 87 5.22 -53.66 -44.90
N GLU W 88 4.32 -52.71 -45.15
CA GLU W 88 4.35 -51.44 -44.45
C GLU W 88 3.28 -51.32 -43.37
N LEU W 89 2.84 -52.45 -42.82
CA LEU W 89 1.84 -52.43 -41.75
C LEU W 89 2.27 -53.31 -40.59
N LYS W 90 1.98 -52.87 -39.38
CA LYS W 90 2.34 -53.61 -38.18
C LYS W 90 1.17 -53.65 -37.21
N VAL W 91 0.58 -54.84 -37.05
CA VAL W 91 -0.54 -55.01 -36.14
C VAL W 91 -0.03 -55.34 -34.74
N LYS W 92 -0.56 -54.66 -33.73
CA LYS W 92 -0.13 -54.90 -32.37
C LYS W 92 -1.31 -55.21 -31.45
N VAL W 93 -1.20 -56.31 -30.72
CA VAL W 93 -2.23 -56.72 -29.77
C VAL W 93 -1.73 -56.53 -28.35
N LEU W 94 -1.75 -55.28 -27.88
CA LEU W 94 -1.29 -54.95 -26.55
C LEU W 94 -2.43 -55.11 -25.54
N GLY W 95 -2.63 -56.33 -25.07
CA GLY W 95 -3.69 -56.59 -24.12
C GLY W 95 -5.05 -56.55 -24.76
N ASP W 96 -5.98 -55.85 -24.12
CA ASP W 96 -7.34 -55.73 -24.64
C ASP W 96 -7.43 -54.54 -25.60
N VAL W 97 -6.29 -54.15 -26.16
CA VAL W 97 -6.24 -53.04 -27.10
C VAL W 97 -5.63 -53.46 -28.44
N ILE W 98 -6.46 -53.49 -29.47
CA ILE W 98 -6.01 -53.86 -30.81
C ILE W 98 -5.74 -52.61 -31.65
N GLU W 99 -4.54 -52.51 -32.20
CA GLU W 99 -4.16 -51.37 -33.02
C GLU W 99 -3.51 -51.80 -34.32
N VAL W 100 -3.64 -50.97 -35.34
CA VAL W 100 -3.04 -51.23 -36.63
C VAL W 100 -2.28 -50.00 -37.13
N HIS W 101 -1.07 -50.22 -37.62
CA HIS W 101 -0.24 -49.12 -38.12
C HIS W 101 0.26 -49.42 -39.53
N GLY W 102 -0.47 -48.91 -40.52
CA GLY W 102 -0.09 -49.13 -41.90
C GLY W 102 0.09 -47.84 -42.67
N LYS W 103 1.24 -47.69 -43.31
CA LYS W 103 1.54 -46.50 -44.08
C LYS W 103 2.02 -46.86 -45.49
N HIS W 104 1.32 -46.36 -46.50
CA HIS W 104 1.67 -46.65 -47.88
C HIS W 104 1.67 -45.38 -48.73
N GLU W 105 2.67 -45.25 -49.59
CA GLU W 105 2.78 -44.10 -50.47
C GLU W 105 2.04 -44.38 -51.78
N GLU W 106 0.84 -43.82 -51.92
CA GLU W 106 0.04 -44.04 -53.11
C GLU W 106 0.02 -42.80 -54.01
N ARG W 107 0.22 -41.63 -53.42
CA ARG W 107 0.24 -40.39 -54.18
C ARG W 107 1.68 -39.96 -54.43
N GLN W 108 1.97 -39.61 -55.69
CA GLN W 108 3.31 -39.19 -56.06
C GLN W 108 3.30 -37.86 -56.82
N ASP W 109 4.33 -37.05 -56.59
CA ASP W 109 4.47 -35.76 -57.25
C ASP W 109 5.81 -35.69 -57.97
N GLU W 110 6.22 -34.48 -58.35
CA GLU W 110 7.49 -34.28 -59.05
C GLU W 110 8.65 -34.80 -58.22
N HIS W 111 8.98 -34.08 -57.14
CA HIS W 111 10.06 -34.47 -56.26
C HIS W 111 9.54 -34.67 -54.84
N GLY W 112 8.22 -34.79 -54.73
CA GLY W 112 7.59 -34.99 -53.44
C GLY W 112 6.71 -36.22 -53.43
N PHE W 113 6.95 -37.11 -52.49
CA PHE W 113 6.17 -38.33 -52.38
C PHE W 113 5.21 -38.28 -51.21
N ILE W 114 3.93 -38.49 -51.49
CA ILE W 114 2.91 -38.46 -50.46
C ILE W 114 2.71 -39.87 -49.88
N SER W 115 2.52 -39.93 -48.57
CA SER W 115 2.32 -41.21 -47.89
C SER W 115 1.15 -41.15 -46.93
N ARG W 116 0.12 -41.93 -47.22
CA ARG W 116 -1.06 -41.98 -46.36
C ARG W 116 -0.89 -43.07 -45.30
N GLU W 117 -1.49 -42.86 -44.14
CA GLU W 117 -1.38 -43.82 -43.06
C GLU W 117 -2.72 -44.01 -42.34
N PHE W 118 -3.04 -45.26 -42.03
CA PHE W 118 -4.26 -45.59 -41.32
C PHE W 118 -3.93 -46.21 -39.97
N HIS W 119 -4.37 -45.55 -38.90
CA HIS W 119 -4.11 -46.03 -37.55
C HIS W 119 -5.40 -46.19 -36.74
N ARG W 120 -5.71 -47.42 -36.36
CA ARG W 120 -6.90 -47.70 -35.58
C ARG W 120 -6.55 -48.01 -34.13
N LYS W 121 -7.36 -47.50 -33.21
CA LYS W 121 -7.16 -47.75 -31.79
C LYS W 121 -8.41 -48.36 -31.19
N TYR W 122 -8.38 -49.68 -31.00
CA TYR W 122 -9.52 -50.41 -30.45
C TYR W 122 -9.28 -50.83 -29.01
N ARG W 123 -10.12 -50.32 -28.11
CA ARG W 123 -10.04 -50.69 -26.70
C ARG W 123 -11.25 -51.54 -26.35
N ILE W 124 -11.34 -52.69 -27.02
CA ILE W 124 -12.45 -53.61 -26.82
C ILE W 124 -12.04 -54.83 -25.98
N PRO W 125 -12.22 -54.76 -24.65
CA PRO W 125 -11.87 -55.88 -23.77
C PRO W 125 -12.82 -57.05 -23.92
N ALA W 126 -14.09 -56.76 -24.11
CA ALA W 126 -15.12 -57.79 -24.25
C ALA W 126 -15.12 -58.38 -25.66
N ASP W 127 -14.13 -57.99 -26.47
CA ASP W 127 -14.03 -58.48 -27.83
C ASP W 127 -12.63 -59.00 -28.11
N VAL W 128 -11.68 -58.64 -27.26
CA VAL W 128 -10.30 -59.06 -27.46
C VAL W 128 -9.69 -59.76 -26.26
N ASP W 129 -8.85 -60.74 -26.58
CA ASP W 129 -8.10 -61.52 -25.62
C ASP W 129 -6.76 -61.86 -26.27
N PRO W 130 -5.71 -61.07 -25.96
CA PRO W 130 -4.39 -61.23 -26.56
C PRO W 130 -3.94 -62.68 -26.70
N LEU W 131 -4.35 -63.51 -25.77
CA LEU W 131 -3.97 -64.93 -25.77
C LEU W 131 -4.53 -65.70 -26.97
N THR W 132 -5.77 -65.40 -27.36
CA THR W 132 -6.39 -66.12 -28.47
C THR W 132 -6.57 -65.27 -29.72
N ILE W 133 -6.99 -64.03 -29.56
CA ILE W 133 -7.21 -63.13 -30.69
C ILE W 133 -5.99 -63.07 -31.62
N THR W 134 -6.21 -63.41 -32.88
CA THR W 134 -5.15 -63.37 -33.89
C THR W 134 -5.42 -62.28 -34.90
N SER W 135 -4.68 -62.30 -36.02
CA SER W 135 -4.86 -61.29 -37.05
C SER W 135 -4.67 -61.87 -38.45
N SER W 136 -5.55 -61.49 -39.37
CA SER W 136 -5.49 -61.94 -40.74
C SER W 136 -5.54 -60.75 -41.69
N LEU W 137 -4.59 -60.67 -42.62
CA LEU W 137 -4.53 -59.55 -43.55
C LEU W 137 -4.99 -59.94 -44.94
N SER W 138 -5.62 -58.98 -45.62
CA SER W 138 -6.10 -59.18 -46.99
C SER W 138 -5.15 -58.50 -47.97
N SER W 139 -5.41 -58.63 -49.26
CA SER W 139 -4.56 -58.05 -50.28
C SER W 139 -4.90 -56.58 -50.52
N ASP W 140 -6.03 -56.13 -50.00
CA ASP W 140 -6.46 -54.75 -50.18
C ASP W 140 -6.16 -53.93 -48.94
N GLY W 141 -5.72 -54.60 -47.88
CA GLY W 141 -5.40 -53.92 -46.63
C GLY W 141 -6.38 -54.24 -45.53
N VAL W 142 -7.49 -54.87 -45.91
CA VAL W 142 -8.52 -55.24 -44.95
C VAL W 142 -7.99 -56.19 -43.89
N LEU W 143 -7.69 -55.65 -42.71
CA LEU W 143 -7.20 -56.46 -41.61
C LEU W 143 -8.38 -57.01 -40.82
N THR W 144 -8.23 -58.23 -40.30
CA THR W 144 -9.32 -58.85 -39.55
C THR W 144 -8.81 -59.64 -38.36
N VAL W 145 -9.05 -59.12 -37.16
CA VAL W 145 -8.65 -59.79 -35.93
C VAL W 145 -9.76 -60.74 -35.48
N ASN W 146 -9.57 -62.02 -35.74
CA ASN W 146 -10.57 -63.03 -35.39
C ASN W 146 -10.21 -63.75 -34.08
N GLY W 147 -11.23 -64.31 -33.44
CA GLY W 147 -11.04 -65.03 -32.20
C GLY W 147 -12.19 -64.83 -31.22
N PRO W 148 -12.20 -65.56 -30.09
CA PRO W 148 -13.24 -65.44 -29.07
C PRO W 148 -13.25 -64.06 -28.42
N ARG W 149 -13.73 -63.97 -27.19
CA ARG W 149 -13.78 -62.69 -26.49
C ARG W 149 -14.18 -62.85 -25.03
N LYS W 150 -14.84 -61.80 -24.49
CA LYS W 150 -15.30 -61.77 -23.10
C LYS W 150 -14.18 -61.37 -22.15
N GLN W 151 -14.18 -60.11 -21.73
CA GLN W 151 -13.18 -59.57 -20.81
C GLN W 151 -13.41 -58.08 -20.57
N VAL W 152 -12.84 -57.56 -19.50
CA VAL W 152 -12.96 -56.14 -19.17
C VAL W 152 -11.60 -55.53 -18.88
N SER W 153 -11.37 -54.33 -19.38
CA SER W 153 -10.10 -53.65 -19.18
C SER W 153 -10.30 -52.13 -19.15
N GLY W 154 -9.20 -51.39 -19.11
CA GLY W 154 -9.27 -49.94 -19.09
C GLY W 154 -8.17 -49.33 -18.24
N PRO W 155 -7.12 -48.76 -18.85
CA PRO W 155 -6.00 -48.16 -18.12
C PRO W 155 -6.37 -46.88 -17.38
N GLU W 156 -6.23 -46.90 -16.06
CA GLU W 156 -6.51 -45.73 -15.23
C GLU W 156 -5.29 -45.44 -14.35
N ARG W 157 -5.31 -44.30 -13.66
CA ARG W 157 -4.20 -43.93 -12.80
C ARG W 157 -4.69 -43.49 -11.43
N THR W 158 -5.35 -44.41 -10.73
CA THR W 158 -5.87 -44.13 -9.40
C THR W 158 -5.27 -45.12 -8.40
N ILE W 159 -4.05 -44.83 -7.95
CA ILE W 159 -3.37 -45.68 -7.00
C ILE W 159 -2.67 -44.88 -5.91
N PRO W 160 -3.44 -44.30 -4.96
CA PRO W 160 -2.86 -43.53 -3.86
C PRO W 160 -2.18 -44.46 -2.87
N ILE W 161 -0.86 -44.58 -3.00
CA ILE W 161 -0.10 -45.47 -2.13
C ILE W 161 0.38 -44.80 -0.86
N THR W 162 1.03 -45.60 -0.03
CA THR W 162 1.58 -45.18 1.24
C THR W 162 0.50 -44.67 2.21
N ARG W 163 0.79 -44.92 3.49
CA ARG W 163 -0.05 -44.62 4.66
C ARG W 163 0.07 -45.84 5.55
N GLU W 164 1.31 -46.29 5.59
CA GLU W 164 1.73 -47.48 6.32
C GLU W 164 1.61 -47.31 7.83
N GLU W 165 0.43 -47.65 8.37
CA GLU W 165 0.12 -47.55 9.81
C GLU W 165 1.37 -47.38 10.70
N LYS W 166 1.25 -46.47 11.68
CA LYS W 166 2.33 -46.19 12.66
C LYS W 166 3.40 -45.23 12.12
N PRO W 167 3.01 -44.02 11.68
CA PRO W 167 3.94 -43.00 11.18
C PRO W 167 4.20 -41.86 12.18
N ALA W 168 3.58 -40.68 11.94
CA ALA W 168 3.69 -39.49 12.77
C ALA W 168 4.93 -38.64 12.47
N VAL W 169 4.75 -37.32 12.56
CA VAL W 169 5.83 -36.36 12.36
C VAL W 169 5.78 -35.34 13.48
N THR W 170 6.53 -34.25 13.34
CA THR W 170 6.55 -33.21 14.35
C THR W 170 7.07 -31.91 13.77
N ALA W 171 6.86 -30.83 14.52
CA ALA W 171 7.31 -29.51 14.09
C ALA W 171 7.56 -28.62 15.30
N ALA W 172 7.69 -27.33 15.06
CA ALA W 172 7.93 -26.37 16.13
C ALA W 172 7.75 -24.94 15.63
N PRO W 173 7.50 -23.97 16.53
CA PRO W 173 7.33 -22.57 16.14
C PRO W 173 8.56 -22.02 15.44
N LYS W 174 8.35 -21.10 14.51
CA LYS W 174 9.45 -20.49 13.77
C LYS W 174 9.13 -19.05 13.39
N LYS W 175 10.10 -18.38 12.77
CA LYS W 175 9.94 -16.98 12.35
C LYS W 175 11.17 -16.52 11.56
N MET X 1 15.33 -11.04 -20.54
CA MET X 1 14.17 -11.97 -20.52
C MET X 1 13.16 -11.56 -19.46
N ASP X 2 12.82 -10.27 -19.44
CA ASP X 2 11.84 -9.76 -18.48
C ASP X 2 10.45 -10.29 -18.80
N ILE X 3 10.16 -11.49 -18.34
CA ILE X 3 8.86 -12.12 -18.58
C ILE X 3 7.74 -11.42 -17.80
N ALA X 4 8.09 -10.82 -16.67
CA ALA X 4 7.11 -10.13 -15.84
C ALA X 4 7.17 -8.61 -16.04
N ILE X 5 7.79 -8.18 -17.14
CA ILE X 5 7.90 -6.75 -17.42
C ILE X 5 7.66 -6.46 -18.90
N HIS X 6 8.50 -7.02 -19.76
CA HIS X 6 8.38 -6.80 -21.20
C HIS X 6 7.17 -7.52 -21.80
N HIS X 7 6.95 -8.76 -21.38
CA HIS X 7 5.83 -9.55 -21.89
C HIS X 7 4.49 -8.79 -21.79
N PRO X 8 4.13 -8.27 -20.59
CA PRO X 8 2.87 -7.54 -20.41
C PRO X 8 2.95 -6.11 -20.95
N TRP X 9 4.16 -5.69 -21.34
CA TRP X 9 4.37 -4.35 -21.87
C TRP X 9 4.33 -4.35 -23.39
N ILE X 10 4.58 -5.51 -23.99
CA ILE X 10 4.56 -5.64 -25.45
C ILE X 10 3.16 -6.00 -25.93
N ARG X 11 2.39 -6.65 -25.06
CA ARG X 11 1.03 -7.03 -25.40
C ARG X 11 0.07 -5.88 -25.14
N ARG X 12 0.60 -4.80 -24.56
CA ARG X 12 -0.19 -3.62 -24.25
C ARG X 12 -0.49 -2.80 -25.51
N PRO X 13 0.54 -2.49 -26.35
CA PRO X 13 0.34 -1.71 -27.58
C PRO X 13 -0.47 -2.48 -28.61
N PHE X 14 -0.70 -3.76 -28.34
CA PHE X 14 -1.47 -4.60 -29.25
C PHE X 14 -2.95 -4.53 -28.94
N PHE X 15 -3.27 -4.18 -27.69
CA PHE X 15 -4.66 -4.11 -27.24
C PHE X 15 -5.54 -3.22 -28.13
N PRO X 16 -5.06 -2.03 -28.57
CA PRO X 16 -5.85 -1.15 -29.45
C PRO X 16 -6.39 -1.89 -30.69
N PHE X 17 -5.88 -3.10 -30.92
CA PHE X 17 -6.32 -3.92 -32.04
C PHE X 17 -6.18 -5.40 -31.71
N HIS X 18 -6.25 -5.71 -30.41
CA HIS X 18 -6.12 -7.08 -29.93
C HIS X 18 -7.45 -7.59 -29.39
N SER X 19 -7.86 -8.79 -29.82
CA SER X 19 -9.11 -9.42 -29.40
C SER X 19 -9.52 -10.57 -30.32
N PRO X 20 -9.36 -10.43 -31.65
CA PRO X 20 -9.75 -11.48 -32.61
C PRO X 20 -9.13 -12.84 -32.30
N SER X 21 -7.92 -13.10 -32.83
CA SER X 21 -7.28 -14.39 -32.62
C SER X 21 -5.80 -14.28 -32.23
N ARG X 22 -5.12 -15.43 -32.22
CA ARG X 22 -3.71 -15.50 -31.89
C ARG X 22 -2.87 -15.35 -33.15
N LEU X 23 -3.34 -15.94 -34.25
CA LEU X 23 -2.65 -15.84 -35.54
C LEU X 23 -3.43 -14.88 -36.43
N PHE X 24 -2.77 -13.79 -36.79
CA PHE X 24 -3.38 -12.72 -37.59
C PHE X 24 -2.76 -12.63 -38.98
N ASP X 25 -1.72 -13.42 -39.24
CA ASP X 25 -1.03 -13.34 -40.52
C ASP X 25 -1.11 -14.61 -41.37
N GLN X 26 -2.30 -15.17 -41.54
CA GLN X 26 -2.46 -16.36 -42.39
C GLN X 26 -3.87 -16.45 -42.99
N PHE X 27 -4.87 -15.92 -42.28
CA PHE X 27 -6.23 -15.93 -42.81
C PHE X 27 -6.33 -14.79 -43.80
N PHE X 28 -5.86 -13.63 -43.38
CA PHE X 28 -5.86 -12.46 -44.24
C PHE X 28 -4.82 -12.65 -45.33
N GLY X 29 -3.87 -13.55 -45.07
CA GLY X 29 -2.83 -13.83 -46.04
C GLY X 29 -3.29 -14.79 -47.11
N GLU X 30 -4.05 -15.81 -46.71
CA GLU X 30 -4.57 -16.79 -47.65
C GLU X 30 -5.84 -16.25 -48.30
N HIS X 31 -6.55 -15.39 -47.59
CA HIS X 31 -7.78 -14.79 -48.12
C HIS X 31 -7.40 -13.92 -49.30
N LEU X 32 -6.23 -13.30 -49.20
CA LEU X 32 -5.71 -12.45 -50.25
C LEU X 32 -5.04 -13.31 -51.32
N LEU X 33 -4.64 -14.52 -50.90
CA LEU X 33 -4.00 -15.46 -51.80
C LEU X 33 -5.00 -16.01 -52.80
N GLU X 34 -6.18 -16.38 -52.30
CA GLU X 34 -7.24 -16.92 -53.14
C GLU X 34 -7.92 -15.81 -53.92
N SER X 35 -7.63 -14.57 -53.54
CA SER X 35 -8.21 -13.41 -54.20
C SER X 35 -7.21 -12.77 -55.17
N ASP X 36 -5.92 -13.02 -54.94
CA ASP X 36 -4.88 -12.46 -55.79
C ASP X 36 -4.58 -13.42 -56.94
N LEU X 37 -4.86 -14.70 -56.74
CA LEU X 37 -4.64 -15.70 -57.77
C LEU X 37 -5.79 -15.68 -58.77
N PHE X 38 -6.79 -14.84 -58.49
CA PHE X 38 -7.95 -14.71 -59.34
C PHE X 38 -7.90 -13.35 -60.07
N PRO X 39 -8.13 -13.35 -61.40
CA PRO X 39 -8.10 -12.11 -62.20
C PRO X 39 -9.03 -11.02 -61.68
N THR X 40 -8.52 -10.24 -60.73
CA THR X 40 -9.28 -9.12 -60.16
C THR X 40 -8.74 -7.81 -60.73
N SER X 41 -9.65 -6.98 -61.25
CA SER X 41 -9.26 -5.71 -61.88
C SER X 41 -8.67 -5.98 -63.25
N THR X 42 -7.59 -6.77 -63.29
CA THR X 42 -6.95 -7.16 -64.54
C THR X 42 -7.61 -8.43 -65.06
N SER X 43 -6.89 -9.26 -65.86
CA SER X 43 -7.51 -10.48 -66.38
C SER X 43 -6.50 -11.56 -66.86
N LEU X 44 -6.80 -12.83 -66.46
CA LEU X 44 -6.04 -14.03 -66.88
C LEU X 44 -4.70 -14.28 -66.14
N SER X 45 -4.36 -15.60 -65.96
CA SER X 45 -3.10 -16.07 -65.30
C SER X 45 -3.26 -17.45 -64.60
N PRO X 46 -3.35 -18.59 -65.36
CA PRO X 46 -3.52 -19.94 -64.78
C PRO X 46 -2.33 -20.93 -64.95
N PHE X 47 -2.47 -22.13 -64.30
CA PHE X 47 -1.49 -23.25 -64.35
C PHE X 47 -1.67 -24.20 -63.13
N TYR X 48 -2.14 -25.46 -63.35
CA TYR X 48 -2.37 -26.41 -62.22
C TYR X 48 -2.27 -27.89 -62.62
N LEU X 49 -2.63 -28.77 -61.64
CA LEU X 49 -2.64 -30.23 -61.81
C LEU X 49 -3.86 -30.83 -61.09
N ARG X 50 -3.99 -32.17 -61.05
CA ARG X 50 -5.14 -32.79 -60.38
C ARG X 50 -4.87 -34.25 -59.98
N PRO X 51 -4.69 -34.53 -58.66
CA PRO X 51 -4.45 -35.88 -58.14
C PRO X 51 -5.75 -36.55 -57.64
N PRO X 52 -5.70 -37.85 -57.26
CA PRO X 52 -6.88 -38.58 -56.77
C PRO X 52 -7.43 -37.97 -55.48
N SER X 53 -8.75 -37.95 -55.35
CA SER X 53 -9.39 -37.40 -54.17
C SER X 53 -10.68 -38.14 -53.82
N PHE X 54 -11.14 -37.96 -52.59
CA PHE X 54 -12.36 -38.61 -52.12
C PHE X 54 -13.54 -37.68 -52.31
N LEU X 55 -13.25 -36.40 -52.53
CA LEU X 55 -14.28 -35.40 -52.72
C LEU X 55 -15.02 -35.62 -54.03
N ARG X 56 -16.34 -35.54 -53.98
CA ARG X 56 -17.17 -35.74 -55.17
C ARG X 56 -17.66 -34.41 -55.72
N ALA X 57 -18.14 -33.53 -54.84
CA ALA X 57 -18.62 -32.23 -55.25
C ALA X 57 -17.46 -31.33 -55.69
N PRO X 58 -16.45 -31.11 -54.82
CA PRO X 58 -15.30 -30.29 -55.15
C PRO X 58 -14.16 -31.13 -55.71
N SER X 59 -12.97 -30.54 -55.76
CA SER X 59 -11.80 -31.24 -56.28
C SER X 59 -10.52 -30.67 -55.70
N TRP X 60 -9.61 -31.54 -55.29
CA TRP X 60 -8.35 -31.12 -54.72
C TRP X 60 -7.26 -31.07 -55.79
N PHE X 61 -6.81 -29.87 -56.13
CA PHE X 61 -5.79 -29.69 -57.15
C PHE X 61 -4.44 -29.38 -56.51
N ASP X 62 -3.43 -30.17 -56.88
CA ASP X 62 -2.08 -29.95 -56.36
C ASP X 62 -1.45 -28.76 -57.06
N THR X 63 -1.38 -27.63 -56.35
CA THR X 63 -0.82 -26.41 -56.90
C THR X 63 0.69 -26.51 -57.12
N GLY X 64 1.16 -25.85 -58.18
CA GLY X 64 2.58 -25.86 -58.51
C GLY X 64 2.90 -24.89 -59.62
N LEU X 65 4.14 -24.40 -59.63
CA LEU X 65 4.59 -23.46 -60.65
C LEU X 65 6.05 -23.71 -61.03
N SER X 66 6.65 -22.73 -61.73
CA SER X 66 8.04 -22.82 -62.15
C SER X 66 8.40 -21.61 -63.00
N GLU X 67 9.59 -21.04 -62.79
CA GLU X 67 10.01 -19.87 -63.56
C GLU X 67 11.47 -19.49 -63.30
N MET X 68 11.96 -18.55 -64.10
CA MET X 68 13.31 -18.03 -64.00
C MET X 68 13.44 -16.78 -64.86
N ARG X 69 14.26 -15.82 -64.43
CA ARG X 69 14.41 -14.58 -65.21
C ARG X 69 15.67 -13.80 -64.78
N LEU X 70 15.53 -12.49 -64.55
CA LEU X 70 16.66 -11.64 -64.17
C LEU X 70 17.43 -12.26 -63.01
N GLU X 71 17.01 -11.93 -61.80
CA GLU X 71 17.63 -12.47 -60.59
C GLU X 71 16.63 -12.41 -59.45
N LYS X 72 15.37 -12.57 -59.82
CA LYS X 72 14.27 -12.55 -58.86
C LYS X 72 13.21 -13.59 -59.25
N ASP X 73 12.79 -14.40 -58.28
CA ASP X 73 11.79 -15.43 -58.56
C ASP X 73 10.98 -15.80 -57.33
N ARG X 74 9.66 -15.83 -57.47
CA ARG X 74 8.76 -16.20 -56.38
C ARG X 74 8.29 -17.63 -56.60
N PHE X 75 8.07 -18.37 -55.52
CA PHE X 75 7.62 -19.75 -55.64
C PHE X 75 6.78 -20.17 -54.45
N SER X 76 5.99 -21.22 -54.64
CA SER X 76 5.14 -21.72 -53.56
C SER X 76 4.73 -23.18 -53.80
N VAL X 77 5.22 -24.06 -52.95
CA VAL X 77 4.89 -25.48 -53.04
C VAL X 77 3.72 -25.79 -52.12
N ASN X 78 2.92 -26.79 -52.47
CA ASN X 78 1.76 -27.15 -51.66
C ASN X 78 1.83 -28.59 -51.17
N LEU X 79 1.86 -28.76 -49.85
CA LEU X 79 1.88 -30.09 -49.26
C LEU X 79 0.49 -30.68 -49.33
N ASP X 80 0.33 -31.95 -48.94
CA ASP X 80 -0.98 -32.58 -49.02
C ASP X 80 -1.50 -33.08 -47.67
N VAL X 81 -2.64 -32.52 -47.29
CA VAL X 81 -3.34 -32.89 -46.06
C VAL X 81 -4.83 -32.66 -46.31
N LYS X 82 -5.45 -33.59 -47.03
CA LYS X 82 -6.87 -33.49 -47.39
C LYS X 82 -7.75 -33.06 -46.22
N HIS X 83 -7.53 -33.65 -45.06
CA HIS X 83 -8.33 -33.30 -43.88
C HIS X 83 -7.53 -32.46 -42.90
N PHE X 84 -8.14 -31.37 -42.46
CA PHE X 84 -7.49 -30.43 -41.54
C PHE X 84 -7.04 -31.07 -40.23
N SER X 85 -5.89 -30.62 -39.77
CA SER X 85 -5.30 -31.08 -38.53
C SER X 85 -4.47 -29.95 -37.93
N PRO X 86 -5.11 -28.79 -37.64
CA PRO X 86 -4.45 -27.60 -37.09
C PRO X 86 -3.39 -27.90 -36.05
N GLU X 87 -3.79 -28.48 -34.93
CA GLU X 87 -2.85 -28.79 -33.85
C GLU X 87 -2.34 -30.23 -33.95
N GLU X 88 -2.79 -30.97 -34.95
CA GLU X 88 -2.39 -32.35 -35.09
C GLU X 88 -1.39 -32.55 -36.24
N LEU X 89 -0.80 -31.48 -36.72
CA LEU X 89 0.19 -31.58 -37.79
C LEU X 89 1.42 -30.73 -37.49
N LYS X 90 2.58 -31.22 -37.92
CA LYS X 90 3.83 -30.52 -37.71
C LYS X 90 4.62 -30.41 -39.01
N VAL X 91 4.89 -29.19 -39.44
CA VAL X 91 5.67 -28.96 -40.65
C VAL X 91 7.13 -28.80 -40.30
N LYS X 92 8.00 -29.51 -41.00
CA LYS X 92 9.43 -29.43 -40.74
C LYS X 92 10.22 -29.09 -41.99
N VAL X 93 11.04 -28.04 -41.89
CA VAL X 93 11.89 -27.63 -42.99
C VAL X 93 13.34 -27.99 -42.69
N LEU X 94 13.64 -29.29 -42.77
CA LEU X 94 14.98 -29.78 -42.50
C LEU X 94 15.88 -29.58 -43.70
N GLY X 95 16.44 -28.37 -43.82
CA GLY X 95 17.31 -28.07 -44.93
C GLY X 95 16.57 -27.98 -46.24
N ASP X 96 17.07 -28.67 -47.25
CA ASP X 96 16.44 -28.67 -48.57
C ASP X 96 15.37 -29.75 -48.64
N VAL X 97 14.84 -30.14 -47.49
CA VAL X 97 13.80 -31.17 -47.43
C VAL X 97 12.57 -30.68 -46.67
N ILE X 98 11.45 -30.62 -47.38
CA ILE X 98 10.18 -30.18 -46.78
C ILE X 98 9.29 -31.39 -46.51
N GLU X 99 8.89 -31.57 -45.25
CA GLU X 99 8.04 -32.69 -44.88
C GLU X 99 6.89 -32.25 -43.98
N VAL X 100 5.72 -32.84 -44.21
CA VAL X 100 4.55 -32.53 -43.40
C VAL X 100 4.06 -33.79 -42.68
N HIS X 101 3.70 -33.65 -41.42
CA HIS X 101 3.23 -34.78 -40.64
C HIS X 101 1.91 -34.44 -39.95
N GLY X 102 0.80 -34.76 -40.60
CA GLY X 102 -0.50 -34.47 -40.02
C GLY X 102 -1.35 -35.72 -39.84
N LYS X 103 -1.95 -35.84 -38.65
CA LYS X 103 -2.79 -36.99 -38.34
C LYS X 103 -4.09 -36.54 -37.68
N HIS X 104 -5.21 -36.91 -38.28
CA HIS X 104 -6.52 -36.54 -37.74
C HIS X 104 -7.47 -37.72 -37.75
N GLU X 105 -8.21 -37.88 -36.65
CA GLU X 105 -9.19 -38.94 -36.53
C GLU X 105 -10.53 -38.50 -37.08
N GLU X 106 -10.84 -38.93 -38.29
CA GLU X 106 -12.10 -38.56 -38.94
C GLU X 106 -13.10 -39.71 -38.95
N ARG X 107 -12.59 -40.94 -38.92
CA ARG X 107 -13.46 -42.11 -38.91
C ARG X 107 -13.60 -42.65 -37.49
N GLN X 108 -14.84 -42.92 -37.08
CA GLN X 108 -15.11 -43.42 -35.74
C GLN X 108 -15.96 -44.69 -35.78
N ASP X 109 -15.68 -45.59 -34.85
CA ASP X 109 -16.41 -46.85 -34.73
C ASP X 109 -16.96 -47.01 -33.32
N GLU X 110 -17.43 -48.21 -32.99
CA GLU X 110 -17.97 -48.47 -31.66
C GLU X 110 -16.95 -48.14 -30.57
N HIS X 111 -15.98 -49.03 -30.38
CA HIS X 111 -14.95 -48.82 -29.38
C HIS X 111 -13.59 -48.68 -30.05
N GLY X 112 -13.62 -48.37 -31.34
CA GLY X 112 -12.40 -48.20 -32.10
C GLY X 112 -12.39 -46.90 -32.89
N PHE X 113 -11.33 -46.12 -32.73
CA PHE X 113 -11.22 -44.85 -33.42
C PHE X 113 -10.16 -44.89 -34.51
N ILE X 114 -10.56 -44.54 -35.73
CA ILE X 114 -9.63 -44.54 -36.85
C ILE X 114 -8.97 -43.17 -36.98
N SER X 115 -7.69 -43.18 -37.33
CA SER X 115 -6.94 -41.93 -37.48
C SER X 115 -6.07 -41.95 -38.74
N ARG X 116 -6.45 -41.16 -39.73
CA ARG X 116 -5.71 -41.08 -40.97
C ARG X 116 -4.52 -40.13 -40.80
N GLU X 117 -3.48 -40.33 -41.60
CA GLU X 117 -2.29 -39.50 -41.51
C GLU X 117 -1.68 -39.25 -42.88
N PHE X 118 -1.42 -37.98 -43.18
CA PHE X 118 -0.80 -37.60 -44.44
C PHE X 118 0.63 -37.16 -44.20
N HIS X 119 1.57 -37.78 -44.91
CA HIS X 119 2.98 -37.45 -44.75
C HIS X 119 3.67 -37.28 -46.10
N ARG X 120 4.11 -36.06 -46.38
CA ARG X 120 4.79 -35.75 -47.62
C ARG X 120 6.30 -35.65 -47.41
N LYS X 121 7.06 -36.06 -48.40
CA LYS X 121 8.52 -36.00 -48.34
C LYS X 121 9.06 -35.31 -49.58
N TYR X 122 9.47 -34.06 -49.43
CA TYR X 122 9.99 -33.29 -50.55
C TYR X 122 11.49 -33.06 -50.45
N ARG X 123 12.19 -33.44 -51.51
CA ARG X 123 13.63 -33.25 -51.59
C ARG X 123 13.93 -32.31 -52.76
N ILE X 124 13.46 -31.06 -52.62
CA ILE X 124 13.63 -30.07 -53.68
C ILE X 124 14.52 -28.91 -53.26
N PRO X 125 15.85 -29.09 -53.31
CA PRO X 125 16.79 -28.02 -52.97
C PRO X 125 16.73 -26.91 -54.01
N ALA X 126 16.08 -27.22 -55.14
CA ALA X 126 15.94 -26.26 -56.24
C ALA X 126 14.73 -25.36 -56.03
N ASP X 127 13.85 -25.77 -55.13
CA ASP X 127 12.65 -24.99 -54.84
C ASP X 127 12.59 -24.62 -53.37
N VAL X 128 13.56 -25.10 -52.60
CA VAL X 128 13.57 -24.84 -51.17
C VAL X 128 14.91 -24.30 -50.67
N ASP X 129 14.80 -23.41 -49.69
CA ASP X 129 15.93 -22.79 -49.02
C ASP X 129 15.47 -22.40 -47.63
N PRO X 130 15.72 -23.26 -46.62
CA PRO X 130 15.30 -23.03 -45.23
C PRO X 130 15.42 -21.59 -44.75
N LEU X 131 16.44 -20.88 -45.25
CA LEU X 131 16.65 -19.49 -44.84
C LEU X 131 15.71 -18.52 -45.56
N THR X 132 14.56 -19.01 -46.01
CA THR X 132 13.61 -18.15 -46.71
C THR X 132 12.25 -18.81 -46.92
N ILE X 133 12.22 -20.14 -46.92
CA ILE X 133 10.97 -20.86 -47.12
C ILE X 133 10.16 -20.96 -45.84
N THR X 134 8.92 -20.47 -45.90
CA THR X 134 8.02 -20.51 -44.76
C THR X 134 6.87 -21.47 -45.03
N SER X 135 5.80 -21.37 -44.25
CA SER X 135 4.66 -22.25 -44.44
C SER X 135 3.34 -21.52 -44.21
N SER X 136 2.29 -22.02 -44.86
CA SER X 136 0.95 -21.46 -44.73
C SER X 136 -0.08 -22.57 -44.88
N LEU X 137 -0.69 -22.95 -43.77
CA LEU X 137 -1.67 -24.03 -43.76
C LEU X 137 -3.07 -23.53 -44.09
N SER X 138 -3.93 -24.44 -44.55
CA SER X 138 -5.32 -24.14 -44.89
C SER X 138 -6.26 -24.88 -43.94
N SER X 139 -7.49 -24.40 -43.83
CA SER X 139 -8.48 -25.02 -42.93
C SER X 139 -8.86 -26.40 -43.43
N ASP X 140 -8.40 -26.74 -44.62
CA ASP X 140 -8.69 -28.05 -45.19
C ASP X 140 -7.41 -28.86 -45.22
N GLY X 141 -6.43 -28.42 -44.44
CA GLY X 141 -5.16 -29.10 -44.35
C GLY X 141 -4.21 -28.74 -45.47
N VAL X 142 -4.70 -27.97 -46.44
CA VAL X 142 -3.87 -27.57 -47.58
C VAL X 142 -2.68 -26.74 -47.12
N LEU X 143 -1.53 -27.39 -47.00
CA LEU X 143 -0.31 -26.71 -46.58
C LEU X 143 0.37 -26.08 -47.79
N THR X 144 0.94 -24.90 -47.60
CA THR X 144 1.62 -24.20 -48.68
C THR X 144 2.91 -23.55 -48.22
N VAL X 145 4.03 -24.13 -48.63
CA VAL X 145 5.34 -23.58 -48.28
C VAL X 145 5.80 -22.59 -49.35
N ASN X 146 5.63 -21.30 -49.05
CA ASN X 146 6.00 -20.24 -49.99
C ASN X 146 7.44 -19.77 -49.77
N GLY X 147 8.00 -19.15 -50.81
CA GLY X 147 9.36 -18.64 -50.74
C GLY X 147 10.10 -18.80 -52.06
N PRO X 148 11.26 -18.14 -52.22
CA PRO X 148 12.05 -18.23 -53.46
C PRO X 148 12.56 -19.64 -53.73
N ARG X 149 13.64 -19.74 -54.51
CA ARG X 149 14.21 -21.04 -54.86
C ARG X 149 15.65 -20.90 -55.37
N LYS X 150 16.27 -22.05 -55.66
CA LYS X 150 17.64 -22.06 -56.18
C LYS X 150 17.86 -23.21 -57.18
N GLN X 151 18.64 -24.23 -56.79
CA GLN X 151 18.90 -25.37 -57.69
C GLN X 151 19.53 -26.57 -56.96
N VAL X 152 19.88 -27.60 -57.74
CA VAL X 152 20.51 -28.83 -57.22
C VAL X 152 19.50 -29.73 -56.51
N SER X 153 19.78 -31.03 -56.51
CA SER X 153 18.92 -32.03 -55.86
C SER X 153 19.60 -33.40 -55.83
N GLY X 154 19.88 -33.90 -54.62
CA GLY X 154 20.53 -35.20 -54.50
C GLY X 154 20.88 -35.57 -53.06
N PRO X 155 20.58 -36.82 -52.62
CA PRO X 155 20.87 -37.28 -51.26
C PRO X 155 22.23 -38.00 -51.12
N GLU X 156 22.57 -38.83 -52.13
CA GLU X 156 23.82 -39.59 -52.12
C GLU X 156 25.00 -38.80 -51.56
N ARG X 157 26.01 -39.51 -51.07
CA ARG X 157 27.19 -38.88 -50.48
C ARG X 157 28.46 -39.20 -51.27
N THR X 158 29.00 -40.40 -51.04
CA THR X 158 30.22 -40.86 -51.72
C THR X 158 31.45 -40.12 -51.20
N ILE X 159 32.02 -40.62 -50.12
CA ILE X 159 33.21 -40.01 -49.53
C ILE X 159 34.20 -41.08 -49.05
N PRO X 160 35.05 -41.60 -49.95
CA PRO X 160 36.05 -42.62 -49.60
C PRO X 160 37.23 -42.01 -48.86
N ILE X 161 37.73 -42.72 -47.85
CA ILE X 161 38.86 -42.23 -47.06
C ILE X 161 39.98 -43.27 -46.98
N THR X 162 41.21 -42.77 -46.82
CA THR X 162 42.40 -43.62 -46.70
C THR X 162 42.72 -44.36 -48.01
N ARG X 163 42.63 -45.71 -47.98
CA ARG X 163 42.92 -46.56 -49.14
C ARG X 163 44.43 -46.73 -49.31
N GLU X 164 45.18 -45.71 -48.91
CA GLU X 164 46.63 -45.71 -48.99
C GLU X 164 47.12 -45.64 -50.44
N GLU X 165 47.45 -46.79 -51.03
CA GLU X 165 47.92 -46.85 -52.41
C GLU X 165 49.31 -46.21 -52.57
N LYS X 166 49.85 -45.67 -51.48
CA LYS X 166 51.17 -45.04 -51.53
C LYS X 166 52.25 -45.98 -50.98
N PRO X 167 52.18 -46.39 -49.70
CA PRO X 167 53.15 -47.30 -49.10
C PRO X 167 52.66 -48.75 -49.17
N ALA X 168 53.40 -49.66 -48.53
CA ALA X 168 53.04 -51.08 -48.52
C ALA X 168 52.88 -51.63 -49.94
N VAL X 169 51.66 -51.54 -50.47
CA VAL X 169 51.34 -52.00 -51.82
C VAL X 169 51.70 -53.47 -52.04
N THR X 170 51.32 -54.00 -53.21
CA THR X 170 51.60 -55.38 -53.57
C THR X 170 51.98 -55.48 -55.05
N ALA X 171 52.31 -56.69 -55.51
CA ALA X 171 52.70 -56.91 -56.89
C ALA X 171 52.77 -58.39 -57.23
N ALA X 172 53.46 -58.71 -58.32
CA ALA X 172 53.62 -60.09 -58.77
C ALA X 172 54.77 -60.21 -59.76
N PRO X 173 55.29 -61.44 -59.99
CA PRO X 173 56.40 -61.66 -60.93
C PRO X 173 56.03 -61.21 -62.35
N LYS X 174 57.02 -61.26 -63.25
CA LYS X 174 56.81 -60.86 -64.64
C LYS X 174 58.02 -61.22 -65.49
N LYS X 175 57.91 -61.02 -66.80
CA LYS X 175 59.00 -61.32 -67.71
C LYS X 175 58.71 -60.77 -69.11
#